data_5VY9
#
_entry.id   5VY9
#
loop_
_entity.id
_entity.type
_entity.pdbx_description
1 polymer 'Heat shock protein 104'
2 polymer Alpha-S1-casein
3 non-polymer 'PHOSPHOTHIOPHOSPHORIC ACID-ADENYLATE ESTER'
#
loop_
_entity_poly.entity_id
_entity_poly.type
_entity_poly.pdbx_seq_one_letter_code
_entity_poly.pdbx_strand_id
1 'polypeptide(L)'
;MNDQTQFTERALTILTLAQKLASDHQHPQLQPIHILAAFIETPEDGSVPYLQNLIEKGRYDYDLFKKVVNRNLVRIPQQQ
PAPAEITPSYALGKVLQDAAKIQKQQKDSFIAQDHILFALFNDSSIQQIFKEAQVDIEAIKQQALELRGNTRIDSRGADT
NTPLEYLSKYAIDMTEQARQGKLDPVIGREEEIRSTIRVLARRIKSNPCLIGEPGIGKTAIIEGVAQRIIDDDVPTILQG
AKLFSLDLAALTAGAKYKGDFEERFKGVLKEIEESKTLIVLFIDEIHMLMGNGKDDAANILKPALSRGQLKVIGATTNNE
YRSIVEKDGAFERRFQKIEVAEPSVRQTVAILRGLQPKYEIHHGVRILDSALVTAAQLAKRYLPYRRLPDSALDLVDISC
AGVAVARDSKPEELDSKERQLQLIQVEIKALERDEDADSTTKDRLKLARQKEASLQEELEPLRQRYNEEKHGHEELTQAK
KKLDELENKALDAERRYDTATAADLRYFAIPDIKKQIEKLEDQVAEEERRAGANSMIQNVVDSDTISETAARLTGIPVKK
LSESENEKLIHMERDLSSEVVGQMDAIKAVSNAVRLSRSGLANPRQPASFLFLGLSGSGKTELAKKVAGFLFNDEDMMIR
VDCSELSEKYAVSKLLGTTAGYVGYDEGGFLTNQLQYKPYSVLLFDEVEKAHPDVLTVMLQMLDDGRITSGQGKTIDCSN
CIVIMTSNLGAEFINSQQGSKIQESTKNLVMGAVRQHFRPEFLNRISSIVIFNKLSRKAIHKIVDIRLKEIEERFEQNDK
HYKLNLTQEAKDFLAKYGYSDDMGARPLNRLIQNEILNKLALRILKNEIKDKETVNVVLKKGKSRDENVPEEAEECLEVL
PNHEATIGADTLGDDDNEDSMEIDDDLD
;
A,B,C,D,E,F
2 'polypeptide(L)'
;(UNK)(UNK)(UNK)(UNK)(UNK)(UNK)(UNK)(UNK)(UNK)(UNK)(UNK)(UNK)(UNK)(UNK)(UNK)(UNK)
(UNK)(UNK)(UNK)(UNK)(UNK)(UNK)(UNK)(UNK)(UNK)(UNK)(UNK)(UNK)
;
P
#
loop_
_chem_comp.id
_chem_comp.type
_chem_comp.name
_chem_comp.formula
AGS non-polymer 'PHOSPHOTHIOPHOSPHORIC ACID-ADENYLATE ESTER' 'C10 H16 N5 O12 P3 S'
#
# COMPACT_ATOMS: atom_id res chain seq x y z
N GLN A 6 38.18 5.07 -20.00
CA GLN A 6 38.46 3.75 -20.55
C GLN A 6 37.48 3.39 -21.67
N PHE A 7 37.23 2.10 -21.82
CA PHE A 7 36.39 1.54 -22.85
C PHE A 7 35.05 1.07 -22.29
N THR A 8 34.04 1.06 -23.15
CA THR A 8 32.73 0.55 -22.77
C THR A 8 32.71 -0.95 -22.97
N GLU A 9 31.57 -1.58 -22.72
CA GLU A 9 31.54 -3.03 -22.78
C GLU A 9 31.82 -3.59 -24.18
N ARG A 10 31.26 -2.95 -25.21
CA ARG A 10 31.49 -3.44 -26.57
C ARG A 10 32.93 -3.19 -27.00
N ALA A 11 33.46 -2.03 -26.60
CA ALA A 11 34.80 -1.61 -26.99
C ALA A 11 35.89 -2.36 -26.23
N LEU A 12 35.65 -2.60 -24.95
CA LEU A 12 36.66 -3.28 -24.18
C LEU A 12 36.67 -4.71 -24.68
N THR A 13 35.49 -5.27 -24.97
CA THR A 13 35.42 -6.63 -25.47
C THR A 13 36.12 -6.77 -26.80
N ILE A 14 35.89 -5.84 -27.74
CA ILE A 14 36.48 -6.04 -29.05
C ILE A 14 38.00 -5.89 -28.99
N LEU A 15 38.48 -5.02 -28.09
CA LEU A 15 39.89 -4.87 -27.87
C LEU A 15 40.45 -6.12 -27.22
N THR A 16 39.73 -6.63 -26.22
CA THR A 16 40.12 -7.82 -25.49
C THR A 16 40.25 -8.97 -26.47
N LEU A 17 39.30 -9.09 -27.40
CA LEU A 17 39.37 -10.16 -28.38
C LEU A 17 40.60 -9.99 -29.26
N ALA A 18 40.97 -8.77 -29.62
CA ALA A 18 42.16 -8.61 -30.44
C ALA A 18 43.38 -9.13 -29.70
N GLN A 19 43.45 -8.77 -28.41
CA GLN A 19 44.55 -9.15 -27.55
C GLN A 19 44.56 -10.65 -27.36
N LYS A 20 43.37 -11.23 -27.22
CA LYS A 20 43.19 -12.64 -27.00
C LYS A 20 43.69 -13.38 -28.21
N LEU A 21 43.33 -12.93 -29.42
CA LEU A 21 43.76 -13.59 -30.63
C LEU A 21 45.27 -13.59 -30.78
N ALA A 22 45.93 -12.47 -30.45
CA ALA A 22 47.39 -12.45 -30.56
C ALA A 22 48.00 -13.47 -29.62
N SER A 23 47.43 -13.65 -28.42
CA SER A 23 48.03 -14.65 -27.53
C SER A 23 47.59 -16.07 -27.90
N ASP A 24 46.37 -16.25 -28.42
CA ASP A 24 45.89 -17.61 -28.74
C ASP A 24 46.63 -18.20 -29.91
N HIS A 25 46.93 -17.37 -30.90
CA HIS A 25 47.61 -17.84 -32.08
C HIS A 25 49.12 -17.72 -31.92
N GLN A 26 49.54 -17.33 -30.71
CA GLN A 26 50.93 -17.18 -30.33
C GLN A 26 51.73 -16.27 -31.28
N HIS A 27 51.19 -15.09 -31.57
CA HIS A 27 51.86 -14.14 -32.47
C HIS A 27 52.91 -13.30 -31.74
N PRO A 28 53.98 -12.82 -32.38
CA PRO A 28 54.99 -11.92 -31.83
C PRO A 28 54.51 -10.48 -31.60
N GLN A 29 53.38 -10.12 -32.19
CA GLN A 29 52.87 -8.76 -32.06
C GLN A 29 51.37 -8.66 -32.31
N LEU A 30 50.71 -7.85 -31.49
CA LEU A 30 49.30 -7.50 -31.63
C LEU A 30 49.21 -6.31 -32.57
N GLN A 31 48.41 -6.41 -33.62
CA GLN A 31 48.42 -5.37 -34.65
C GLN A 31 47.02 -5.21 -35.29
N PRO A 32 46.79 -4.26 -36.24
CA PRO A 32 45.51 -4.01 -36.93
C PRO A 32 44.85 -5.29 -37.42
N ILE A 33 45.62 -6.31 -37.75
CA ILE A 33 45.03 -7.57 -38.19
C ILE A 33 44.18 -8.19 -37.08
N HIS A 34 44.64 -8.10 -35.84
CA HIS A 34 43.96 -8.74 -34.74
C HIS A 34 42.72 -7.98 -34.38
N ILE A 35 42.81 -6.66 -34.39
CA ILE A 35 41.59 -5.91 -34.11
C ILE A 35 40.60 -6.07 -35.26
N LEU A 36 41.08 -6.16 -36.51
CA LEU A 36 40.15 -6.43 -37.57
C LEU A 36 39.55 -7.80 -37.35
N ALA A 37 40.37 -8.78 -36.95
CA ALA A 37 39.89 -10.12 -36.67
C ALA A 37 38.89 -10.12 -35.51
N ALA A 38 39.12 -9.26 -34.51
CA ALA A 38 38.20 -9.17 -33.39
C ALA A 38 36.85 -8.76 -33.88
N PHE A 39 36.83 -7.82 -34.84
CA PHE A 39 35.59 -7.36 -35.44
C PHE A 39 35.02 -8.43 -36.37
N ILE A 40 35.87 -9.08 -37.15
CA ILE A 40 35.39 -10.10 -38.05
C ILE A 40 35.45 -11.43 -37.31
N GLU A 41 34.56 -11.58 -36.34
CA GLU A 41 34.60 -12.76 -35.49
C GLU A 41 34.24 -13.98 -36.31
N THR A 42 33.14 -13.87 -37.05
CA THR A 42 32.67 -14.93 -37.89
C THR A 42 32.29 -14.27 -39.21
N PRO A 43 32.08 -15.05 -40.27
CA PRO A 43 31.49 -14.63 -41.54
C PRO A 43 30.06 -14.05 -41.46
N GLU A 44 29.35 -14.23 -40.34
CA GLU A 44 27.96 -13.77 -40.22
C GLU A 44 27.80 -12.28 -40.48
N ASP A 45 26.94 -11.87 -41.43
CA ASP A 45 26.85 -10.43 -41.69
C ASP A 45 26.10 -9.74 -40.57
N GLY A 46 25.27 -10.54 -39.90
CA GLY A 46 24.44 -10.12 -38.80
C GLY A 46 25.25 -9.81 -37.56
N SER A 47 26.53 -10.16 -37.58
CA SER A 47 27.35 -9.81 -36.46
C SER A 47 27.57 -8.31 -36.56
N VAL A 48 27.15 -7.62 -35.52
CA VAL A 48 27.25 -6.17 -35.48
C VAL A 48 28.68 -5.68 -35.68
N PRO A 49 29.70 -6.31 -35.07
CA PRO A 49 31.10 -6.09 -35.34
C PRO A 49 31.61 -6.41 -36.78
N TYR A 50 30.90 -7.22 -37.59
CA TYR A 50 31.47 -7.58 -38.89
C TYR A 50 30.94 -6.94 -40.18
N LEU A 51 29.67 -7.12 -40.56
CA LEU A 51 29.26 -6.53 -41.89
C LEU A 51 28.24 -5.47 -41.84
N GLN A 52 27.17 -5.67 -41.06
CA GLN A 52 26.16 -4.60 -40.93
C GLN A 52 26.78 -3.41 -40.15
N ASN A 53 28.00 -3.66 -39.72
CA ASN A 53 28.99 -2.80 -39.13
C ASN A 53 29.41 -1.74 -40.14
N LEU A 54 30.37 -0.96 -39.71
CA LEU A 54 30.96 0.06 -40.53
C LEU A 54 31.72 -0.58 -41.68
N ILE A 55 32.19 -1.81 -41.47
CA ILE A 55 32.97 -2.52 -42.48
C ILE A 55 32.28 -2.69 -43.84
N GLU A 56 31.02 -3.17 -43.93
CA GLU A 56 30.41 -3.25 -45.26
C GLU A 56 29.88 -1.89 -45.67
N LYS A 57 29.29 -1.17 -44.73
CA LYS A 57 28.64 0.08 -45.06
C LYS A 57 29.62 1.15 -45.52
N GLY A 58 30.89 1.02 -45.13
CA GLY A 58 31.94 1.96 -45.49
C GLY A 58 32.55 1.75 -46.90
N ARG A 59 32.05 0.80 -47.71
CA ARG A 59 32.56 0.53 -49.09
C ARG A 59 33.61 -0.60 -49.28
N TYR A 60 34.60 -0.67 -48.40
CA TYR A 60 35.71 -1.62 -48.50
C TYR A 60 35.20 -3.03 -48.81
N ASP A 61 35.86 -3.74 -49.72
CA ASP A 61 35.38 -5.08 -50.01
C ASP A 61 35.68 -5.98 -48.86
N TYR A 62 34.71 -6.08 -47.98
CA TYR A 62 34.81 -6.83 -46.75
C TYR A 62 35.24 -8.28 -46.91
N ASP A 63 35.05 -8.87 -48.10
CA ASP A 63 35.44 -10.26 -48.28
C ASP A 63 36.96 -10.31 -48.21
N LEU A 64 37.59 -9.23 -48.68
CA LEU A 64 39.02 -9.09 -48.69
C LEU A 64 39.49 -8.99 -47.25
N PHE A 65 38.81 -8.18 -46.43
CA PHE A 65 39.25 -8.12 -45.04
C PHE A 65 39.18 -9.49 -44.41
N LYS A 66 38.10 -10.20 -44.65
CA LYS A 66 37.93 -11.51 -44.04
C LYS A 66 39.06 -12.44 -44.44
N LYS A 67 39.32 -12.54 -45.74
CA LYS A 67 40.35 -13.43 -46.22
C LYS A 67 41.74 -13.00 -45.83
N VAL A 68 42.04 -11.71 -45.92
CA VAL A 68 43.36 -11.22 -45.59
C VAL A 68 43.64 -11.35 -44.11
N VAL A 69 42.68 -10.94 -43.30
CA VAL A 69 42.83 -10.98 -41.86
C VAL A 69 42.93 -12.40 -41.34
N ASN A 70 42.04 -13.28 -41.74
CA ASN A 70 42.15 -14.63 -41.22
C ASN A 70 43.41 -15.30 -41.76
N ARG A 71 43.73 -15.04 -43.03
CA ARG A 71 44.95 -15.58 -43.61
C ARG A 71 46.14 -15.06 -42.84
N ASN A 72 46.14 -13.77 -42.46
CA ASN A 72 47.24 -13.23 -41.69
C ASN A 72 47.28 -13.84 -40.30
N LEU A 73 46.16 -14.20 -39.70
CA LEU A 73 46.29 -14.82 -38.38
C LEU A 73 47.12 -16.10 -38.54
N VAL A 74 46.93 -16.78 -39.67
CA VAL A 74 47.69 -17.99 -39.98
C VAL A 74 49.15 -17.69 -40.40
N ARG A 75 49.35 -16.68 -41.27
CA ARG A 75 50.68 -16.30 -41.77
C ARG A 75 51.61 -15.63 -40.76
N ILE A 76 51.05 -14.87 -39.83
CA ILE A 76 51.86 -14.20 -38.84
C ILE A 76 52.60 -15.29 -38.05
N PRO A 77 53.94 -15.21 -37.92
CA PRO A 77 54.77 -16.18 -37.25
C PRO A 77 54.24 -16.58 -35.91
N GLN A 78 54.41 -17.85 -35.60
CA GLN A 78 53.99 -18.41 -34.33
C GLN A 78 55.18 -18.35 -33.38
N GLN A 79 54.90 -18.18 -32.08
CA GLN A 79 55.90 -18.03 -31.03
C GLN A 79 55.64 -18.91 -29.81
N GLN A 80 56.60 -18.93 -28.89
CA GLN A 80 56.42 -19.61 -27.61
C GLN A 80 55.52 -18.71 -26.74
N PRO A 81 54.81 -19.24 -25.73
CA PRO A 81 53.99 -18.48 -24.80
C PRO A 81 54.65 -17.25 -24.19
N ALA A 82 55.95 -17.29 -23.91
CA ALA A 82 56.58 -16.11 -23.35
C ALA A 82 56.62 -14.96 -24.40
N PRO A 83 57.06 -15.20 -25.66
CA PRO A 83 57.01 -14.23 -26.76
C PRO A 83 55.62 -14.06 -27.38
N ALA A 84 54.64 -14.86 -26.99
CA ALA A 84 53.30 -14.65 -27.54
C ALA A 84 52.79 -13.23 -27.18
N GLU A 85 52.09 -12.61 -28.12
CA GLU A 85 51.44 -11.28 -28.03
C GLU A 85 52.42 -10.08 -27.90
N ILE A 86 53.17 -10.05 -26.79
CA ILE A 86 54.17 -9.02 -26.46
C ILE A 86 53.68 -7.57 -26.33
N THR A 87 53.16 -6.99 -27.41
CA THR A 87 52.75 -5.59 -27.41
C THR A 87 51.71 -5.25 -28.49
N PRO A 88 50.84 -4.23 -28.26
CA PRO A 88 49.95 -3.57 -29.24
C PRO A 88 50.70 -2.69 -30.22
N SER A 89 51.97 -2.38 -29.88
CA SER A 89 52.78 -1.49 -30.69
C SER A 89 52.22 -0.10 -30.81
N TYR A 90 52.98 0.73 -31.50
CA TYR A 90 52.60 2.06 -31.87
C TYR A 90 51.31 1.96 -32.62
N ALA A 91 51.27 0.98 -33.53
CA ALA A 91 50.14 0.81 -34.40
C ALA A 91 48.81 0.83 -33.64
N LEU A 92 48.65 0.00 -32.60
CA LEU A 92 47.35 0.05 -31.95
C LEU A 92 47.33 1.06 -30.84
N GLY A 93 48.50 1.47 -30.34
CA GLY A 93 48.53 2.50 -29.33
C GLY A 93 47.84 3.71 -29.93
N LYS A 94 48.33 4.12 -31.10
CA LYS A 94 47.78 5.27 -31.81
C LYS A 94 46.29 5.08 -32.07
N VAL A 95 45.87 3.90 -32.55
CA VAL A 95 44.46 3.69 -32.81
C VAL A 95 43.61 3.91 -31.57
N LEU A 96 44.01 3.35 -30.45
CA LEU A 96 43.23 3.49 -29.24
C LEU A 96 43.23 4.93 -28.73
N GLN A 97 44.35 5.61 -28.87
CA GLN A 97 44.44 6.99 -28.44
C GLN A 97 43.55 7.87 -29.33
N ASP A 98 43.53 7.57 -30.63
CA ASP A 98 42.66 8.32 -31.51
C ASP A 98 41.20 8.01 -31.20
N ALA A 99 40.91 6.77 -30.79
CA ALA A 99 39.55 6.43 -30.43
C ALA A 99 39.10 7.36 -29.28
N ALA A 100 40.01 7.67 -28.35
CA ALA A 100 39.70 8.61 -27.28
C ALA A 100 39.38 10.00 -27.86
N LYS A 101 40.08 10.40 -28.92
CA LYS A 101 39.81 11.70 -29.54
C LYS A 101 38.38 11.68 -30.09
N ILE A 102 37.95 10.52 -30.56
CA ILE A 102 36.60 10.39 -31.08
C ILE A 102 35.60 10.60 -29.93
N GLN A 103 35.92 10.11 -28.72
CA GLN A 103 35.00 10.33 -27.60
C GLN A 103 34.75 11.81 -27.43
N LYS A 104 35.82 12.60 -27.58
CA LYS A 104 35.70 14.04 -27.42
C LYS A 104 34.78 14.59 -28.49
N GLN A 105 34.91 14.05 -29.70
CA GLN A 105 34.09 14.48 -30.82
C GLN A 105 32.61 14.13 -30.61
N GLN A 106 32.33 12.97 -30.04
CA GLN A 106 30.97 12.50 -29.83
C GLN A 106 30.29 12.77 -28.48
N LYS A 107 31.05 13.26 -27.48
CA LYS A 107 30.53 13.46 -26.11
C LYS A 107 30.26 12.10 -25.47
N ASP A 108 31.07 11.11 -25.81
CA ASP A 108 30.93 9.75 -25.28
C ASP A 108 31.80 9.52 -24.05
N SER A 109 31.17 9.18 -22.92
CA SER A 109 31.87 8.97 -21.66
C SER A 109 32.87 7.81 -21.68
N PHE A 110 32.68 6.87 -22.59
CA PHE A 110 33.57 5.72 -22.77
C PHE A 110 33.96 5.53 -24.23
N ILE A 111 35.08 4.88 -24.48
CA ILE A 111 35.44 4.57 -25.85
C ILE A 111 34.53 3.49 -26.39
N ALA A 112 33.97 3.74 -27.58
CA ALA A 112 33.07 2.81 -28.27
C ALA A 112 33.80 1.99 -29.31
N GLN A 113 33.23 0.84 -29.67
CA GLN A 113 33.85 0.00 -30.71
C GLN A 113 33.94 0.76 -32.03
N ASP A 114 33.03 1.71 -32.24
CA ASP A 114 33.01 2.46 -33.47
C ASP A 114 34.12 3.48 -33.47
N HIS A 115 34.54 3.91 -32.29
CA HIS A 115 35.58 4.91 -32.17
C HIS A 115 36.85 4.20 -32.57
N ILE A 116 36.94 2.94 -32.11
CA ILE A 116 38.08 2.11 -32.42
C ILE A 116 38.10 1.90 -33.92
N LEU A 117 36.95 1.59 -34.51
CA LEU A 117 36.91 1.44 -35.95
C LEU A 117 37.27 2.69 -36.71
N PHE A 118 36.83 3.86 -36.25
CA PHE A 118 37.18 5.05 -37.04
C PHE A 118 38.69 5.23 -37.00
N ALA A 119 39.26 5.06 -35.82
CA ALA A 119 40.69 5.22 -35.65
C ALA A 119 41.45 4.15 -36.43
N LEU A 120 40.93 2.94 -36.42
CA LEU A 120 41.54 1.83 -37.10
C LEU A 120 41.53 2.11 -38.59
N PHE A 121 40.38 2.56 -39.09
CA PHE A 121 40.22 2.87 -40.50
C PHE A 121 41.15 3.99 -40.95
N ASN A 122 41.38 4.99 -40.09
CA ASN A 122 42.29 6.06 -40.46
C ASN A 122 43.74 5.61 -40.65
N ASP A 123 44.19 4.67 -39.81
CA ASP A 123 45.59 4.23 -39.88
C ASP A 123 45.86 2.93 -40.67
N SER A 124 44.93 1.98 -40.64
CA SER A 124 45.12 0.68 -41.26
C SER A 124 44.59 0.62 -42.70
N SER A 125 45.23 -0.18 -43.52
CA SER A 125 44.78 -0.42 -44.88
C SER A 125 45.21 -1.82 -45.27
N ILE A 126 44.58 -2.37 -46.30
CA ILE A 126 44.94 -3.72 -46.71
C ILE A 126 45.88 -3.77 -47.89
N GLN A 127 47.13 -4.07 -47.56
CA GLN A 127 48.20 -4.01 -48.52
C GLN A 127 48.22 -5.23 -49.42
N GLN A 128 47.64 -5.05 -50.59
CA GLN A 128 47.51 -6.06 -51.63
C GLN A 128 47.89 -5.43 -52.95
N ILE A 129 48.18 -6.25 -53.98
CA ILE A 129 48.49 -5.71 -55.31
C ILE A 129 47.33 -4.83 -55.83
N PHE A 130 46.15 -5.08 -55.29
CA PHE A 130 44.90 -4.39 -55.52
C PHE A 130 44.46 -3.77 -54.20
N LYS A 131 45.41 -3.14 -53.51
CA LYS A 131 45.25 -2.49 -52.20
C LYS A 131 43.99 -1.67 -52.03
N GLU A 132 43.34 -1.88 -50.88
CA GLU A 132 42.11 -1.16 -50.54
C GLU A 132 42.12 -0.50 -49.16
N ALA A 133 41.29 0.53 -49.03
CA ALA A 133 41.08 1.23 -47.78
C ALA A 133 39.62 1.68 -47.70
N GLN A 134 39.16 1.89 -46.48
CA GLN A 134 37.78 2.26 -46.19
C GLN A 134 37.51 3.74 -46.53
N VAL A 135 36.25 4.05 -46.87
CA VAL A 135 35.82 5.42 -47.15
C VAL A 135 36.15 6.25 -45.91
N ASP A 136 36.42 7.52 -46.08
CA ASP A 136 36.79 8.33 -44.95
C ASP A 136 35.80 8.23 -43.83
N ILE A 137 36.27 8.47 -42.61
CA ILE A 137 35.40 8.33 -41.47
C ILE A 137 34.21 9.28 -41.36
N GLU A 138 34.11 10.35 -42.15
CA GLU A 138 32.89 11.13 -41.96
C GLU A 138 31.76 10.33 -42.60
N ALA A 139 32.06 9.74 -43.74
CA ALA A 139 31.09 8.88 -44.42
C ALA A 139 30.80 7.68 -43.55
N ILE A 140 31.83 7.15 -42.90
CA ILE A 140 31.64 5.98 -42.06
C ILE A 140 30.80 6.34 -40.85
N LYS A 141 31.08 7.48 -40.21
CA LYS A 141 30.29 7.94 -39.07
C LYS A 141 28.82 8.02 -39.44
N GLN A 142 28.53 8.44 -40.67
CA GLN A 142 27.12 8.50 -41.06
C GLN A 142 26.52 7.11 -40.93
N GLN A 143 27.32 6.08 -41.23
CA GLN A 143 26.80 4.72 -41.14
C GLN A 143 26.73 4.31 -39.66
N ALA A 144 27.71 4.76 -38.87
CA ALA A 144 27.76 4.42 -37.44
C ALA A 144 26.55 4.91 -36.71
N LEU A 145 26.08 6.07 -37.11
CA LEU A 145 24.96 6.69 -36.46
C LEU A 145 23.63 5.96 -36.68
N GLU A 146 23.60 5.02 -37.65
CA GLU A 146 22.39 4.23 -37.89
C GLU A 146 22.19 3.20 -36.79
N LEU A 147 23.28 2.79 -36.14
CA LEU A 147 23.18 1.76 -35.10
C LEU A 147 23.03 2.41 -33.74
N ARG A 148 21.85 2.25 -33.17
CA ARG A 148 21.46 2.81 -31.87
C ARG A 148 21.35 4.35 -31.88
N GLY A 149 22.43 5.03 -32.24
CA GLY A 149 22.50 6.49 -32.32
C GLY A 149 23.86 6.93 -32.86
N TYR A 166 17.32 0.90 -25.84
CA TYR A 166 16.47 0.42 -24.76
C TYR A 166 15.45 -0.57 -25.30
N LEU A 167 15.02 -0.37 -26.54
CA LEU A 167 13.99 -1.23 -27.10
C LEU A 167 14.48 -2.67 -27.16
N SER A 168 15.76 -2.90 -27.43
CA SER A 168 16.23 -4.28 -27.46
C SER A 168 16.04 -5.04 -26.15
N LYS A 169 15.86 -4.33 -25.03
CA LYS A 169 15.64 -5.00 -23.76
C LYS A 169 14.19 -4.89 -23.28
N TYR A 170 13.40 -4.02 -23.92
CA TYR A 170 12.04 -3.80 -23.44
C TYR A 170 10.94 -3.97 -24.51
N ALA A 171 11.32 -4.25 -25.78
CA ALA A 171 10.32 -4.27 -26.84
C ALA A 171 10.58 -5.22 -28.01
N ILE A 172 9.49 -5.57 -28.72
CA ILE A 172 9.58 -6.40 -29.93
C ILE A 172 9.29 -5.64 -31.22
N ASP A 173 10.20 -5.69 -32.19
CA ASP A 173 9.99 -4.97 -33.44
C ASP A 173 9.05 -5.72 -34.35
N MET A 174 7.78 -5.39 -34.22
CA MET A 174 6.74 -6.08 -34.93
C MET A 174 6.77 -5.86 -36.42
N THR A 175 7.20 -4.68 -36.85
CA THR A 175 7.22 -4.49 -38.30
C THR A 175 8.35 -5.28 -38.92
N GLU A 176 9.47 -5.42 -38.23
CA GLU A 176 10.50 -6.20 -38.88
C GLU A 176 10.07 -7.65 -38.86
N GLN A 177 9.44 -8.09 -37.78
CA GLN A 177 8.98 -9.46 -37.77
C GLN A 177 8.10 -9.66 -38.97
N ALA A 178 7.14 -8.77 -39.17
CA ALA A 178 6.23 -8.90 -40.27
C ALA A 178 6.98 -8.96 -41.60
N ARG A 179 8.03 -8.15 -41.75
CA ARG A 179 8.80 -8.11 -42.99
C ARG A 179 9.46 -9.43 -43.30
N GLN A 180 9.82 -10.18 -42.27
CA GLN A 180 10.52 -11.43 -42.45
C GLN A 180 9.55 -12.61 -42.59
N GLY A 181 8.24 -12.33 -42.59
CA GLY A 181 7.28 -13.40 -42.63
C GLY A 181 7.24 -14.00 -41.24
N LYS A 182 6.75 -15.23 -41.11
CA LYS A 182 6.63 -15.83 -39.78
C LYS A 182 5.75 -14.99 -38.85
N LEU A 183 4.65 -14.49 -39.39
CA LEU A 183 3.66 -13.70 -38.65
C LEU A 183 2.26 -14.05 -39.16
N ASP A 184 1.39 -14.47 -38.25
CA ASP A 184 0.03 -14.85 -38.61
C ASP A 184 -0.67 -13.72 -39.32
N PRO A 185 -1.42 -13.99 -40.40
CA PRO A 185 -2.17 -13.00 -41.12
C PRO A 185 -3.25 -12.51 -40.22
N VAL A 186 -3.48 -11.21 -40.21
CA VAL A 186 -4.56 -10.73 -39.38
C VAL A 186 -5.87 -10.67 -40.13
N ILE A 187 -6.88 -11.32 -39.57
CA ILE A 187 -8.18 -11.48 -40.23
C ILE A 187 -9.37 -10.88 -39.47
N GLY A 188 -10.20 -10.07 -40.12
CA GLY A 188 -11.40 -9.52 -39.46
C GLY A 188 -11.16 -8.26 -38.62
N ARG A 189 -10.02 -7.63 -38.86
CA ARG A 189 -9.60 -6.41 -38.17
C ARG A 189 -9.14 -5.33 -39.13
N GLU A 190 -9.49 -5.45 -40.39
CA GLU A 190 -8.97 -4.53 -41.38
C GLU A 190 -9.28 -3.06 -41.08
N GLU A 191 -10.49 -2.78 -40.58
CA GLU A 191 -10.85 -1.41 -40.27
C GLU A 191 -10.17 -0.93 -39.00
N GLU A 192 -10.08 -1.80 -37.99
CA GLU A 192 -9.46 -1.39 -36.74
C GLU A 192 -8.01 -1.02 -36.99
N ILE A 193 -7.38 -1.76 -37.90
CA ILE A 193 -6.01 -1.50 -38.26
C ILE A 193 -5.93 -0.13 -38.91
N ARG A 194 -6.80 0.11 -39.89
CA ARG A 194 -6.83 1.41 -40.57
C ARG A 194 -7.17 2.55 -39.61
N SER A 195 -8.03 2.30 -38.64
CA SER A 195 -8.44 3.32 -37.70
C SER A 195 -7.26 3.80 -36.89
N THR A 196 -6.40 2.88 -36.46
CA THR A 196 -5.27 3.32 -35.67
C THR A 196 -4.27 4.07 -36.53
N ILE A 197 -4.16 3.68 -37.79
CA ILE A 197 -3.24 4.35 -38.69
C ILE A 197 -3.70 5.78 -38.92
N ARG A 198 -5.00 5.93 -39.14
CA ARG A 198 -5.57 7.26 -39.30
C ARG A 198 -5.28 8.12 -38.10
N VAL A 199 -5.49 7.58 -36.91
CA VAL A 199 -5.22 8.36 -35.73
C VAL A 199 -3.74 8.72 -35.63
N LEU A 200 -2.85 7.76 -35.91
CA LEU A 200 -1.42 8.02 -35.84
C LEU A 200 -1.00 9.14 -36.78
N ALA A 201 -1.70 9.31 -37.90
CA ALA A 201 -1.37 10.36 -38.85
C ALA A 201 -1.55 11.78 -38.24
N ARG A 202 -2.36 11.90 -37.18
CA ARG A 202 -2.69 13.19 -36.53
C ARG A 202 -1.48 13.95 -36.02
N ARG A 203 -1.53 15.28 -36.11
CA ARG A 203 -0.38 16.04 -35.63
C ARG A 203 -0.25 16.05 -34.11
N ILE A 204 -1.36 15.96 -33.39
CA ILE A 204 -1.29 15.95 -31.92
C ILE A 204 -2.23 14.93 -31.34
N LYS A 205 -1.92 14.40 -30.14
CA LYS A 205 -2.87 13.48 -29.47
C LYS A 205 -3.22 12.36 -30.45
N SER A 206 -2.20 11.96 -31.17
CA SER A 206 -2.27 11.01 -32.26
C SER A 206 -2.14 9.58 -31.83
N ASN A 207 -2.23 9.32 -30.56
CA ASN A 207 -2.08 7.97 -30.11
C ASN A 207 -3.44 7.29 -29.97
N PRO A 208 -3.76 6.25 -30.71
CA PRO A 208 -4.99 5.54 -30.54
C PRO A 208 -4.82 4.63 -29.36
N CYS A 209 -5.90 4.27 -28.69
CA CYS A 209 -5.88 3.24 -27.67
C CYS A 209 -6.93 2.20 -27.94
N LEU A 210 -6.53 0.95 -27.99
CA LEU A 210 -7.49 -0.08 -28.29
C LEU A 210 -8.28 -0.37 -27.03
N ILE A 211 -9.59 -0.32 -27.12
CA ILE A 211 -10.44 -0.54 -25.97
C ILE A 211 -11.25 -1.81 -26.11
N GLY A 212 -11.09 -2.73 -25.17
CA GLY A 212 -11.86 -3.97 -25.21
C GLY A 212 -11.29 -5.04 -24.29
N GLU A 213 -12.01 -6.13 -24.13
CA GLU A 213 -11.62 -7.19 -23.23
C GLU A 213 -10.27 -7.81 -23.66
N PRO A 214 -9.47 -8.35 -22.75
CA PRO A 214 -8.24 -9.00 -23.11
C PRO A 214 -8.62 -10.25 -23.86
N GLY A 215 -7.81 -10.64 -24.82
CA GLY A 215 -8.03 -11.85 -25.61
C GLY A 215 -8.92 -11.65 -26.86
N ILE A 216 -9.36 -10.41 -27.13
CA ILE A 216 -10.23 -10.12 -28.28
C ILE A 216 -9.51 -9.87 -29.60
N GLY A 217 -8.20 -9.96 -29.60
CA GLY A 217 -7.41 -9.71 -30.79
C GLY A 217 -6.90 -8.28 -30.82
N LYS A 218 -6.88 -7.62 -29.66
CA LYS A 218 -6.39 -6.26 -29.68
C LYS A 218 -4.92 -6.19 -30.17
N THR A 219 -4.10 -7.22 -29.94
CA THR A 219 -2.75 -7.10 -30.47
C THR A 219 -2.74 -7.64 -31.88
N ALA A 220 -3.80 -8.33 -32.29
CA ALA A 220 -3.86 -8.81 -33.66
C ALA A 220 -3.90 -7.59 -34.54
N ILE A 221 -4.57 -6.54 -34.03
CA ILE A 221 -4.64 -5.29 -34.73
C ILE A 221 -3.24 -4.76 -34.90
N ILE A 222 -2.47 -4.82 -33.83
CA ILE A 222 -1.10 -4.33 -33.88
C ILE A 222 -0.27 -5.14 -34.86
N GLU A 223 -0.45 -6.46 -34.87
CA GLU A 223 0.26 -7.29 -35.83
C GLU A 223 -0.17 -6.86 -37.23
N GLY A 224 -1.45 -6.54 -37.37
CA GLY A 224 -2.03 -6.11 -38.61
C GLY A 224 -1.42 -4.81 -39.06
N VAL A 225 -1.17 -3.91 -38.11
CA VAL A 225 -0.55 -2.65 -38.45
C VAL A 225 0.85 -2.95 -38.94
N ALA A 226 1.55 -3.87 -38.26
CA ALA A 226 2.89 -4.23 -38.68
C ALA A 226 2.86 -4.69 -40.14
N GLN A 227 1.81 -5.45 -40.49
CA GLN A 227 1.66 -5.91 -41.84
C GLN A 227 1.37 -4.71 -42.77
N ARG A 228 0.54 -3.76 -42.33
CA ARG A 228 0.25 -2.60 -43.19
C ARG A 228 1.50 -1.81 -43.46
N ILE A 229 2.40 -1.74 -42.48
CA ILE A 229 3.61 -0.97 -42.69
C ILE A 229 4.43 -1.63 -43.77
N ILE A 230 4.67 -2.93 -43.66
CA ILE A 230 5.48 -3.58 -44.68
C ILE A 230 4.75 -3.72 -46.01
N ASP A 231 3.42 -3.60 -45.98
CA ASP A 231 2.61 -3.64 -47.17
C ASP A 231 2.58 -2.29 -47.86
N ASP A 232 3.16 -1.27 -47.21
CA ASP A 232 3.18 0.10 -47.70
C ASP A 232 1.77 0.68 -47.91
N ASP A 233 0.83 0.26 -47.05
CA ASP A 233 -0.55 0.78 -47.08
C ASP A 233 -0.69 1.98 -46.16
N VAL A 234 0.36 2.21 -45.40
CA VAL A 234 0.46 3.24 -44.39
C VAL A 234 0.86 4.59 -45.00
N PRO A 235 0.20 5.72 -44.67
CA PRO A 235 0.52 7.05 -45.14
C PRO A 235 2.00 7.27 -44.98
N THR A 236 2.62 7.93 -45.95
CA THR A 236 4.08 8.12 -45.93
C THR A 236 4.65 8.65 -44.63
N ILE A 237 3.94 9.60 -44.02
CA ILE A 237 4.37 10.21 -42.78
C ILE A 237 4.53 9.17 -41.65
N LEU A 238 3.81 8.05 -41.78
CA LEU A 238 3.85 6.94 -40.86
C LEU A 238 4.62 5.75 -41.47
N GLN A 239 4.61 5.66 -42.80
CA GLN A 239 5.19 4.55 -43.56
C GLN A 239 6.66 4.33 -43.23
N GLY A 240 7.38 5.43 -43.06
CA GLY A 240 8.80 5.36 -42.76
C GLY A 240 9.11 4.98 -41.29
N ALA A 241 8.06 4.76 -40.49
CA ALA A 241 8.22 4.43 -39.08
C ALA A 241 8.36 2.94 -38.80
N LYS A 242 8.92 2.63 -37.64
CA LYS A 242 8.99 1.25 -37.13
C LYS A 242 7.85 0.98 -36.17
N LEU A 243 7.59 -0.29 -35.84
CA LEU A 243 6.52 -0.62 -34.88
C LEU A 243 6.94 -1.63 -33.83
N PHE A 244 6.84 -1.22 -32.57
CA PHE A 244 7.22 -2.04 -31.43
C PHE A 244 6.13 -2.38 -30.45
N SER A 245 6.23 -3.60 -29.88
CA SER A 245 5.38 -4.07 -28.78
C SER A 245 6.11 -3.92 -27.45
N LEU A 246 5.58 -3.05 -26.60
CA LEU A 246 6.18 -2.63 -25.33
C LEU A 246 5.28 -2.84 -24.13
N ASP A 247 5.83 -2.44 -22.97
CA ASP A 247 5.20 -2.47 -21.67
C ASP A 247 5.70 -3.67 -20.90
N LEU A 248 5.38 -3.70 -19.61
CA LEU A 248 5.68 -4.75 -18.64
C LEU A 248 7.16 -4.81 -18.30
N ALA A 249 8.01 -5.02 -19.31
CA ALA A 249 9.46 -5.06 -19.15
C ALA A 249 9.95 -3.76 -18.53
N ALA A 250 9.24 -2.68 -18.81
CA ALA A 250 9.58 -1.37 -18.30
C ALA A 250 8.43 -0.82 -17.43
N LEU A 251 7.62 -1.70 -16.85
CA LEU A 251 6.49 -1.24 -16.03
C LEU A 251 6.14 -2.09 -14.80
N THR A 252 6.10 -3.40 -14.95
CA THR A 252 5.63 -4.28 -13.88
C THR A 252 6.65 -5.37 -13.54
N ALA A 253 7.67 -5.51 -14.38
CA ALA A 253 8.68 -6.55 -14.27
C ALA A 253 9.37 -6.57 -12.92
N GLY A 254 9.67 -5.42 -12.36
CA GLY A 254 10.28 -5.36 -11.05
C GLY A 254 11.01 -4.06 -10.82
N ALA A 255 11.18 -3.74 -9.55
CA ALA A 255 11.86 -2.53 -9.11
C ALA A 255 12.40 -2.72 -7.72
N LYS A 256 13.44 -1.97 -7.40
CA LYS A 256 13.97 -1.94 -6.05
C LYS A 256 13.70 -0.58 -5.45
N TYR A 257 13.65 0.41 -6.33
CA TYR A 257 13.51 1.79 -5.91
C TYR A 257 12.44 2.60 -6.59
N LYS A 258 12.17 3.76 -6.01
CA LYS A 258 11.23 4.69 -6.58
C LYS A 258 11.75 5.09 -7.95
N GLY A 259 10.89 5.20 -8.93
CA GLY A 259 11.41 5.68 -10.20
C GLY A 259 12.09 4.62 -11.08
N ASP A 260 12.27 3.37 -10.64
CA ASP A 260 12.94 2.42 -11.54
C ASP A 260 12.20 2.25 -12.87
N PHE A 261 10.88 2.27 -12.83
CA PHE A 261 10.17 2.11 -14.07
C PHE A 261 10.20 3.43 -14.83
N GLU A 262 10.04 4.52 -14.10
CA GLU A 262 10.02 5.83 -14.72
C GLU A 262 11.33 6.17 -15.42
N GLU A 263 12.46 5.67 -14.90
CA GLU A 263 13.72 5.87 -15.59
C GLU A 263 13.64 5.23 -16.96
N ARG A 264 13.12 3.99 -17.00
CA ARG A 264 13.03 3.25 -18.25
C ARG A 264 12.07 3.96 -19.20
N PHE A 265 11.01 4.54 -18.64
CA PHE A 265 10.08 5.31 -19.43
C PHE A 265 10.82 6.44 -20.08
N LYS A 266 11.43 7.31 -19.27
CA LYS A 266 12.12 8.46 -19.84
C LYS A 266 13.10 8.01 -20.90
N GLY A 267 13.82 6.92 -20.62
CA GLY A 267 14.79 6.38 -21.55
C GLY A 267 14.15 6.17 -22.91
N VAL A 268 13.09 5.38 -22.95
CA VAL A 268 12.39 5.09 -24.20
C VAL A 268 11.71 6.32 -24.81
N LEU A 269 11.08 7.13 -23.95
CA LEU A 269 10.34 8.32 -24.33
C LEU A 269 11.23 9.30 -25.06
N LYS A 270 12.51 9.36 -24.70
CA LYS A 270 13.44 10.25 -25.38
C LYS A 270 14.34 9.55 -26.41
N GLU A 271 14.73 8.29 -26.22
CA GLU A 271 15.57 7.62 -27.21
C GLU A 271 14.90 7.63 -28.58
N ILE A 272 13.58 7.50 -28.55
CA ILE A 272 12.76 7.51 -29.74
C ILE A 272 12.87 8.75 -30.60
N GLU A 273 13.34 9.86 -30.03
CA GLU A 273 13.45 11.09 -30.78
C GLU A 273 14.77 11.17 -31.58
N GLU A 274 15.68 10.19 -31.42
CA GLU A 274 16.97 10.22 -32.10
C GLU A 274 17.15 9.13 -33.19
N SER A 275 17.64 9.56 -34.36
CA SER A 275 18.03 8.72 -35.52
C SER A 275 16.97 7.88 -36.22
N LYS A 276 16.27 7.04 -35.47
CA LYS A 276 15.35 6.07 -36.06
C LYS A 276 14.04 6.66 -36.54
N THR A 277 14.13 7.43 -37.62
CA THR A 277 13.03 8.13 -38.28
C THR A 277 11.90 8.50 -37.31
N LEU A 278 10.97 7.59 -37.15
CA LEU A 278 9.81 7.69 -36.31
C LEU A 278 9.46 6.30 -35.85
N ILE A 279 9.16 6.13 -34.59
CA ILE A 279 8.79 4.82 -34.15
C ILE A 279 7.42 4.82 -33.54
N VAL A 280 6.62 3.85 -33.94
CA VAL A 280 5.33 3.66 -33.35
C VAL A 280 5.50 2.57 -32.32
N LEU A 281 5.03 2.84 -31.16
CA LEU A 281 5.13 1.93 -30.06
C LEU A 281 3.77 1.32 -29.77
N PHE A 282 3.71 0.19 -29.10
CA PHE A 282 2.45 -0.33 -28.60
C PHE A 282 2.49 -0.71 -27.14
N ILE A 283 1.47 -0.28 -26.38
CA ILE A 283 1.40 -0.59 -24.96
C ILE A 283 0.38 -1.68 -24.65
N ASP A 284 0.84 -2.79 -24.07
CA ASP A 284 -0.11 -3.87 -23.75
C ASP A 284 -1.26 -3.52 -22.81
N GLU A 285 -1.03 -2.73 -21.74
CA GLU A 285 -2.16 -2.40 -20.87
C GLU A 285 -2.07 -1.07 -20.09
N ILE A 286 -2.98 -0.15 -20.40
CA ILE A 286 -3.01 1.18 -19.79
C ILE A 286 -3.35 1.10 -18.33
N HIS A 287 -4.18 0.14 -17.96
CA HIS A 287 -4.56 -0.03 -16.56
C HIS A 287 -3.34 -0.23 -15.67
N MET A 288 -2.24 -0.74 -16.22
CA MET A 288 -1.05 -0.96 -15.42
C MET A 288 -0.25 0.34 -15.30
N LEU A 289 -0.62 1.34 -16.09
CA LEU A 289 0.09 2.60 -16.09
C LEU A 289 -0.58 3.58 -15.17
N MET A 290 -1.86 3.86 -15.40
CA MET A 290 -2.72 4.83 -14.66
C MET A 290 -2.08 6.06 -13.95
N GLY A 291 -1.14 5.81 -13.05
CA GLY A 291 -0.48 6.79 -12.19
C GLY A 291 -0.93 6.52 -10.77
N ASN A 292 0.01 6.11 -9.91
CA ASN A 292 -0.31 5.64 -8.55
C ASN A 292 -0.73 6.77 -7.62
N GLY A 293 -1.90 7.33 -7.86
CA GLY A 293 -2.34 8.52 -7.15
C GLY A 293 -1.56 9.64 -7.82
N LYS A 294 -1.31 9.45 -9.11
CA LYS A 294 -0.51 10.32 -9.97
C LYS A 294 0.97 10.19 -9.60
N ASP A 295 1.32 10.67 -8.39
CA ASP A 295 2.64 10.58 -7.74
C ASP A 295 3.85 10.66 -8.66
N ASP A 296 3.82 11.49 -9.70
CA ASP A 296 4.93 11.55 -10.64
C ASP A 296 5.33 10.13 -11.07
N ALA A 297 4.34 9.26 -11.34
CA ALA A 297 4.62 7.87 -11.67
C ALA A 297 3.86 7.32 -12.88
N ALA A 298 4.51 6.34 -13.51
CA ALA A 298 3.97 5.56 -14.61
C ALA A 298 3.28 6.43 -15.67
N ASN A 299 1.98 6.22 -15.88
CA ASN A 299 1.18 6.91 -16.91
C ASN A 299 1.37 8.39 -17.00
N ILE A 300 1.68 9.04 -15.91
CA ILE A 300 1.78 10.49 -15.90
C ILE A 300 2.88 10.97 -16.85
N LEU A 301 3.83 10.09 -17.20
CA LEU A 301 4.92 10.42 -18.09
C LEU A 301 4.55 10.30 -19.56
N LYS A 302 3.41 9.68 -19.85
CA LYS A 302 2.99 9.50 -21.22
C LYS A 302 2.39 10.79 -21.83
N PRO A 303 1.49 11.58 -21.16
CA PRO A 303 0.89 12.77 -21.72
C PRO A 303 1.93 13.82 -21.98
N ALA A 304 3.03 13.70 -21.25
CA ALA A 304 4.16 14.60 -21.35
C ALA A 304 4.69 14.64 -22.77
N LEU A 305 4.57 13.52 -23.50
CA LEU A 305 5.06 13.45 -24.86
C LEU A 305 3.94 13.19 -25.86
N SER A 306 2.72 13.61 -25.56
CA SER A 306 1.56 13.41 -26.45
C SER A 306 1.55 14.30 -27.70
N ARG A 307 2.57 15.15 -27.83
CA ARG A 307 2.75 16.04 -28.94
C ARG A 307 4.19 15.80 -29.43
N GLY A 308 4.98 15.27 -28.51
CA GLY A 308 6.42 15.06 -28.68
C GLY A 308 6.72 13.77 -29.44
N GLN A 309 6.24 13.68 -30.68
CA GLN A 309 6.32 12.44 -31.43
C GLN A 309 5.78 11.33 -30.54
N LEU A 310 6.61 10.36 -30.20
CA LEU A 310 6.19 9.25 -29.37
C LEU A 310 4.97 8.57 -29.90
N LYS A 311 4.95 8.27 -31.17
CA LYS A 311 3.77 7.64 -31.70
C LYS A 311 3.53 6.34 -30.96
N VAL A 312 2.33 6.18 -30.43
CA VAL A 312 2.04 4.96 -29.71
C VAL A 312 0.59 4.54 -29.79
N ILE A 313 0.38 3.25 -29.89
CA ILE A 313 -0.95 2.69 -29.87
C ILE A 313 -1.11 2.09 -28.49
N GLY A 314 -2.09 2.51 -27.74
CA GLY A 314 -2.25 1.97 -26.40
C GLY A 314 -3.27 0.86 -26.40
N ALA A 315 -3.58 0.34 -25.24
CA ALA A 315 -4.60 -0.68 -25.12
C ALA A 315 -5.09 -0.83 -23.70
N THR A 316 -6.40 -0.99 -23.54
CA THR A 316 -7.03 -1.28 -22.24
C THR A 316 -8.42 -1.86 -22.45
N THR A 317 -9.18 -2.01 -21.37
CA THR A 317 -10.51 -2.56 -21.44
C THR A 317 -11.54 -1.50 -21.27
N ASN A 318 -12.72 -1.73 -21.81
CA ASN A 318 -13.89 -0.89 -21.66
C ASN A 318 -14.22 -0.48 -20.23
N ASN A 319 -14.07 -1.43 -19.33
CA ASN A 319 -14.39 -1.24 -17.94
C ASN A 319 -13.35 -0.42 -17.26
N GLU A 320 -12.10 -0.79 -17.49
CA GLU A 320 -11.08 -0.08 -16.79
C GLU A 320 -10.94 1.29 -17.39
N TYR A 321 -11.13 1.39 -18.71
CA TYR A 321 -11.01 2.63 -19.44
C TYR A 321 -11.83 3.68 -18.78
N ARG A 322 -13.10 3.38 -18.52
CA ARG A 322 -13.88 4.39 -17.88
C ARG A 322 -13.28 4.79 -16.54
N SER A 323 -12.86 3.83 -15.72
CA SER A 323 -12.32 4.27 -14.42
C SER A 323 -10.94 4.93 -14.54
N ILE A 324 -10.18 4.61 -15.59
CA ILE A 324 -8.88 5.20 -15.81
C ILE A 324 -9.06 6.66 -16.12
N VAL A 325 -9.98 6.93 -17.03
CA VAL A 325 -10.26 8.29 -17.42
C VAL A 325 -10.86 9.11 -16.30
N GLU A 326 -11.83 8.54 -15.58
CA GLU A 326 -12.45 9.26 -14.49
C GLU A 326 -11.45 9.64 -13.41
N LYS A 327 -10.53 8.72 -13.10
CA LYS A 327 -9.53 8.99 -12.09
C LYS A 327 -8.40 9.88 -12.61
N ASP A 328 -8.02 9.72 -13.88
CA ASP A 328 -6.90 10.47 -14.46
C ASP A 328 -7.24 11.88 -14.93
N GLY A 329 -8.29 12.01 -15.75
CA GLY A 329 -8.71 13.27 -16.33
C GLY A 329 -7.95 13.73 -17.58
N ALA A 330 -6.80 13.12 -17.90
CA ALA A 330 -6.00 13.55 -19.04
C ALA A 330 -6.00 12.49 -20.11
N PHE A 331 -5.98 11.23 -19.73
CA PHE A 331 -5.81 10.11 -20.66
C PHE A 331 -6.67 10.21 -21.92
N GLU A 332 -7.94 10.57 -21.75
CA GLU A 332 -8.90 10.66 -22.86
C GLU A 332 -8.55 11.75 -23.90
N ARG A 333 -7.59 12.61 -23.55
CA ARG A 333 -7.11 13.66 -24.43
C ARG A 333 -5.70 13.35 -24.91
N ARG A 334 -5.21 12.15 -24.64
CA ARG A 334 -3.87 11.79 -25.07
C ARG A 334 -4.00 10.65 -26.05
N PHE A 335 -4.92 9.76 -25.69
CA PHE A 335 -5.23 8.61 -26.48
C PHE A 335 -6.64 8.61 -27.02
N GLN A 336 -6.82 8.08 -28.22
CA GLN A 336 -8.16 8.02 -28.78
C GLN A 336 -8.89 6.74 -28.42
N LYS A 337 -10.19 6.84 -28.23
CA LYS A 337 -10.98 5.68 -27.83
C LYS A 337 -11.36 4.78 -29.00
N ILE A 338 -10.47 3.86 -29.35
CA ILE A 338 -10.71 2.95 -30.48
C ILE A 338 -11.29 1.65 -29.97
N GLU A 339 -12.52 1.33 -30.33
CA GLU A 339 -13.11 0.12 -29.77
C GLU A 339 -12.76 -1.12 -30.56
N VAL A 340 -12.55 -2.22 -29.85
CA VAL A 340 -12.27 -3.53 -30.44
C VAL A 340 -13.25 -4.53 -29.81
N ALA A 341 -13.84 -5.40 -30.60
CA ALA A 341 -14.80 -6.36 -30.04
C ALA A 341 -14.55 -7.75 -30.57
N GLU A 342 -15.06 -8.75 -29.85
CA GLU A 342 -14.90 -10.12 -30.29
C GLU A 342 -15.65 -10.34 -31.61
N PRO A 343 -15.12 -11.19 -32.50
CA PRO A 343 -15.72 -11.60 -33.74
C PRO A 343 -16.91 -12.49 -33.49
N SER A 344 -17.83 -12.52 -34.43
CA SER A 344 -18.95 -13.42 -34.33
C SER A 344 -18.41 -14.81 -34.53
N VAL A 345 -19.22 -15.81 -34.28
CA VAL A 345 -18.75 -17.16 -34.51
C VAL A 345 -18.33 -17.33 -35.95
N ARG A 346 -19.12 -16.85 -36.88
CA ARG A 346 -18.77 -16.99 -38.28
C ARG A 346 -17.46 -16.27 -38.58
N GLN A 347 -17.27 -15.09 -38.00
CA GLN A 347 -16.03 -14.36 -38.23
C GLN A 347 -14.86 -15.13 -37.64
N THR A 348 -15.11 -15.75 -36.49
CA THR A 348 -14.10 -16.51 -35.82
C THR A 348 -13.70 -17.65 -36.71
N VAL A 349 -14.68 -18.29 -37.33
CA VAL A 349 -14.38 -19.38 -38.20
C VAL A 349 -13.55 -18.88 -39.36
N ALA A 350 -13.88 -17.71 -39.91
CA ALA A 350 -13.07 -17.19 -41.00
C ALA A 350 -11.62 -17.02 -40.57
N ILE A 351 -11.42 -16.58 -39.34
CA ILE A 351 -10.07 -16.42 -38.83
C ILE A 351 -9.42 -17.78 -38.77
N LEU A 352 -10.15 -18.74 -38.22
CA LEU A 352 -9.64 -20.08 -38.07
C LEU A 352 -9.31 -20.70 -39.42
N ARG A 353 -10.13 -20.45 -40.44
CA ARG A 353 -9.89 -20.98 -41.77
C ARG A 353 -8.62 -20.44 -42.36
N GLY A 354 -8.36 -19.16 -42.13
CA GLY A 354 -7.12 -18.60 -42.61
C GLY A 354 -5.95 -19.31 -41.96
N LEU A 355 -6.14 -19.70 -40.70
CA LEU A 355 -5.14 -20.38 -39.94
C LEU A 355 -5.19 -21.91 -40.06
N GLN A 356 -6.28 -22.45 -40.58
CA GLN A 356 -6.42 -23.90 -40.71
C GLN A 356 -5.18 -24.58 -41.29
N PRO A 357 -4.63 -24.18 -42.47
CA PRO A 357 -3.48 -24.81 -43.06
C PRO A 357 -2.22 -24.55 -42.26
N LYS A 358 -2.26 -23.54 -41.39
CA LYS A 358 -1.09 -23.21 -40.63
C LYS A 358 -1.08 -24.21 -39.52
N TYR A 359 -2.26 -24.49 -38.98
CA TYR A 359 -2.37 -25.45 -37.91
C TYR A 359 -1.94 -26.81 -38.44
N GLU A 360 -2.34 -27.12 -39.67
CA GLU A 360 -1.96 -28.43 -40.20
C GLU A 360 -0.44 -28.58 -40.25
N ILE A 361 0.27 -27.57 -40.77
CA ILE A 361 1.73 -27.69 -40.85
C ILE A 361 2.41 -27.49 -39.49
N HIS A 362 1.77 -26.77 -38.59
CA HIS A 362 2.29 -26.53 -37.26
C HIS A 362 2.31 -27.78 -36.44
N HIS A 363 1.33 -28.63 -36.69
CA HIS A 363 1.15 -29.85 -35.94
C HIS A 363 1.45 -31.13 -36.71
N GLY A 364 1.49 -31.08 -38.04
CA GLY A 364 1.75 -32.30 -38.81
C GLY A 364 0.50 -33.15 -38.86
N VAL A 365 -0.66 -32.50 -38.96
CA VAL A 365 -1.95 -33.18 -38.99
C VAL A 365 -2.83 -32.65 -40.10
N ARG A 366 -3.97 -33.30 -40.35
CA ARG A 366 -4.96 -32.70 -41.25
C ARG A 366 -6.13 -32.21 -40.39
N ILE A 367 -6.83 -31.16 -40.83
CA ILE A 367 -7.98 -30.60 -40.10
C ILE A 367 -9.28 -30.47 -40.90
N LEU A 368 -10.41 -30.96 -40.37
CA LEU A 368 -11.70 -30.77 -41.08
C LEU A 368 -12.19 -29.34 -40.91
N ASP A 369 -12.77 -28.75 -41.95
CA ASP A 369 -13.31 -27.39 -41.79
C ASP A 369 -14.40 -27.33 -40.73
N SER A 370 -15.17 -28.40 -40.62
CA SER A 370 -16.24 -28.45 -39.66
C SER A 370 -15.75 -28.43 -38.22
N ALA A 371 -14.45 -28.69 -38.03
CA ALA A 371 -13.84 -28.64 -36.72
C ALA A 371 -13.60 -27.19 -36.33
N LEU A 372 -13.51 -26.31 -37.33
CA LEU A 372 -13.20 -24.94 -37.05
C LEU A 372 -14.53 -24.33 -36.69
N VAL A 373 -15.54 -24.79 -37.41
CA VAL A 373 -16.88 -24.34 -37.18
C VAL A 373 -17.30 -24.76 -35.80
N THR A 374 -17.08 -26.02 -35.48
CA THR A 374 -17.41 -26.50 -34.18
C THR A 374 -16.63 -25.76 -33.13
N ALA A 375 -15.32 -25.59 -33.33
CA ALA A 375 -14.55 -24.95 -32.29
C ALA A 375 -15.05 -23.57 -31.99
N ALA A 376 -15.37 -22.79 -33.00
CA ALA A 376 -15.85 -21.46 -32.72
C ALA A 376 -17.20 -21.49 -32.01
N GLN A 377 -18.09 -22.37 -32.44
CA GLN A 377 -19.43 -22.42 -31.86
C GLN A 377 -19.40 -22.88 -30.42
N LEU A 378 -18.63 -23.92 -30.20
CA LEU A 378 -18.54 -24.57 -28.91
C LEU A 378 -17.78 -23.68 -27.96
N ALA A 379 -16.66 -23.12 -28.42
CA ALA A 379 -15.84 -22.27 -27.58
C ALA A 379 -16.68 -21.12 -27.08
N LYS A 380 -17.57 -20.59 -27.91
CA LYS A 380 -18.36 -19.50 -27.39
C LYS A 380 -19.32 -20.01 -26.33
N ARG A 381 -20.03 -21.09 -26.64
CA ARG A 381 -21.05 -21.60 -25.75
C ARG A 381 -20.56 -21.95 -24.34
N TYR A 382 -19.38 -22.53 -24.21
CA TYR A 382 -18.98 -22.92 -22.87
C TYR A 382 -18.13 -21.89 -22.12
N LEU A 383 -18.02 -20.65 -22.63
CA LEU A 383 -17.14 -19.69 -21.95
C LEU A 383 -17.70 -18.34 -21.55
N PRO A 384 -18.55 -18.24 -20.53
CA PRO A 384 -19.09 -17.00 -20.05
C PRO A 384 -17.99 -16.09 -19.51
N TYR A 385 -16.85 -16.68 -19.14
CA TYR A 385 -15.74 -15.94 -18.59
C TYR A 385 -14.49 -15.92 -19.47
N ARG A 386 -14.62 -16.23 -20.75
CA ARG A 386 -13.42 -16.22 -21.59
C ARG A 386 -13.73 -15.90 -23.05
N ARG A 387 -12.82 -15.17 -23.69
CA ARG A 387 -13.00 -14.71 -25.07
C ARG A 387 -13.07 -15.80 -26.11
N LEU A 388 -13.95 -15.60 -27.07
CA LEU A 388 -14.08 -16.53 -28.18
C LEU A 388 -12.84 -16.68 -29.04
N PRO A 389 -12.19 -15.64 -29.59
CA PRO A 389 -11.09 -15.87 -30.48
C PRO A 389 -9.92 -16.47 -29.75
N ASP A 390 -9.79 -16.20 -28.45
CA ASP A 390 -8.69 -16.80 -27.74
C ASP A 390 -8.93 -18.27 -27.59
N SER A 391 -10.11 -18.60 -27.08
CA SER A 391 -10.41 -19.97 -26.84
C SER A 391 -10.62 -20.77 -28.09
N ALA A 392 -11.10 -20.15 -29.16
CA ALA A 392 -11.29 -20.88 -30.38
C ALA A 392 -9.93 -21.27 -30.93
N LEU A 393 -8.98 -20.33 -30.86
CA LEU A 393 -7.65 -20.60 -31.36
C LEU A 393 -6.97 -21.69 -30.54
N ASP A 394 -7.14 -21.67 -29.21
CA ASP A 394 -6.60 -22.75 -28.39
C ASP A 394 -7.34 -24.03 -28.59
N LEU A 395 -8.64 -23.98 -28.75
CA LEU A 395 -9.37 -25.21 -28.92
C LEU A 395 -8.84 -25.87 -30.18
N VAL A 396 -8.65 -25.10 -31.22
CA VAL A 396 -8.08 -25.70 -32.40
C VAL A 396 -6.60 -26.08 -32.20
N ASP A 397 -5.75 -25.21 -31.64
CA ASP A 397 -4.32 -25.56 -31.52
C ASP A 397 -4.15 -26.78 -30.60
N ILE A 398 -5.00 -26.89 -29.58
CA ILE A 398 -4.92 -28.01 -28.67
C ILE A 398 -5.44 -29.26 -29.30
N SER A 399 -6.60 -29.18 -29.93
CA SER A 399 -7.16 -30.36 -30.53
C SER A 399 -6.30 -30.90 -31.65
N CYS A 400 -5.68 -30.00 -32.42
CA CYS A 400 -4.83 -30.48 -33.49
C CYS A 400 -3.50 -30.93 -32.93
N ALA A 401 -3.09 -30.38 -31.78
CA ALA A 401 -1.91 -30.88 -31.11
C ALA A 401 -2.21 -32.28 -30.63
N GLY A 402 -3.46 -32.50 -30.17
CA GLY A 402 -3.93 -33.78 -29.70
C GLY A 402 -3.77 -34.80 -30.81
N VAL A 403 -4.23 -34.44 -32.00
CA VAL A 403 -4.08 -35.32 -33.14
C VAL A 403 -2.60 -35.51 -33.44
N ALA A 404 -1.80 -34.47 -33.34
CA ALA A 404 -0.38 -34.67 -33.58
C ALA A 404 0.17 -35.67 -32.58
N VAL A 405 -0.26 -35.58 -31.33
CA VAL A 405 0.15 -36.49 -30.28
C VAL A 405 -0.28 -37.88 -30.62
N ALA A 406 -1.47 -38.01 -31.21
CA ALA A 406 -2.05 -39.29 -31.59
C ALA A 406 -1.08 -40.13 -32.42
N ARG A 407 -0.01 -39.53 -32.98
CA ARG A 407 1.00 -40.25 -33.75
C ARG A 407 1.64 -41.34 -32.87
N ASP A 408 1.41 -41.23 -31.54
CA ASP A 408 1.80 -42.20 -30.53
C ASP A 408 1.30 -43.58 -30.89
N SER A 409 0.29 -43.66 -31.77
CA SER A 409 -0.27 -44.91 -32.23
C SER A 409 0.83 -45.81 -32.77
N LYS A 410 1.85 -45.22 -33.40
CA LYS A 410 2.93 -46.01 -33.94
C LYS A 410 3.66 -46.76 -32.83
N PRO A 411 4.26 -46.10 -31.82
CA PRO A 411 4.91 -46.78 -30.73
C PRO A 411 3.89 -47.45 -29.82
N GLU A 412 2.65 -47.04 -29.81
CA GLU A 412 1.71 -47.70 -28.92
C GLU A 412 1.49 -49.13 -29.36
N GLU A 413 1.17 -49.32 -30.63
CA GLU A 413 0.90 -50.65 -31.10
C GLU A 413 2.20 -51.44 -31.18
N LEU A 414 3.25 -50.78 -31.67
CA LEU A 414 4.50 -51.48 -31.83
C LEU A 414 5.10 -51.84 -30.50
N ASP A 415 5.03 -50.95 -29.51
CA ASP A 415 5.59 -51.22 -28.19
C ASP A 415 4.76 -52.21 -27.43
N SER A 416 3.44 -52.17 -27.54
CA SER A 416 2.72 -53.16 -26.76
C SER A 416 3.21 -54.54 -27.16
N LYS A 417 3.36 -54.75 -28.46
CA LYS A 417 3.82 -56.01 -28.96
C LYS A 417 5.32 -56.21 -28.78
N GLU A 418 6.12 -55.19 -29.09
CA GLU A 418 7.58 -55.26 -28.97
C GLU A 418 7.97 -55.44 -27.52
N ARG A 419 7.25 -54.82 -26.62
CA ARG A 419 7.49 -54.98 -25.20
C ARG A 419 7.28 -56.42 -24.86
N GLN A 420 6.19 -57.02 -25.32
CA GLN A 420 6.01 -58.41 -25.00
C GLN A 420 7.13 -59.21 -25.63
N LEU A 421 7.51 -58.84 -26.84
CA LEU A 421 8.61 -59.49 -27.54
C LEU A 421 9.86 -59.40 -26.67
N GLN A 422 10.15 -58.22 -26.13
CA GLN A 422 11.33 -58.05 -25.31
C GLN A 422 11.22 -58.89 -24.05
N LEU A 423 10.03 -59.00 -23.47
CA LEU A 423 9.91 -59.80 -22.26
C LEU A 423 10.22 -61.24 -22.59
N ILE A 424 9.78 -61.66 -23.77
CA ILE A 424 10.04 -62.97 -24.31
C ILE A 424 11.53 -63.13 -24.55
N GLN A 425 12.19 -62.14 -25.13
CA GLN A 425 13.63 -62.23 -25.35
C GLN A 425 14.38 -62.34 -24.05
N VAL A 426 13.91 -61.65 -23.01
CA VAL A 426 14.55 -61.74 -21.72
C VAL A 426 14.41 -63.16 -21.22
N GLU A 427 13.20 -63.72 -21.30
CA GLU A 427 12.99 -65.11 -20.91
C GLU A 427 13.95 -65.99 -21.69
N ILE A 428 14.10 -65.72 -22.97
CA ILE A 428 14.97 -66.53 -23.78
C ILE A 428 16.41 -66.47 -23.34
N LYS A 429 16.96 -65.29 -23.14
CA LYS A 429 18.37 -65.31 -22.75
C LYS A 429 18.52 -65.82 -21.34
N ALA A 430 17.52 -65.57 -20.54
CA ALA A 430 17.51 -66.01 -19.18
C ALA A 430 17.54 -67.53 -19.09
N LEU A 431 16.67 -68.20 -19.82
CA LEU A 431 16.58 -69.64 -19.76
C LEU A 431 17.65 -70.33 -20.59
N GLU A 432 18.12 -69.71 -21.68
CA GLU A 432 19.19 -70.35 -22.46
C GLU A 432 20.43 -70.50 -21.61
N ARG A 433 20.75 -69.49 -20.79
CA ARG A 433 21.95 -69.55 -19.98
C ARG A 433 21.75 -70.33 -18.68
N ASP A 434 21.61 -71.64 -18.83
CA ASP A 434 21.32 -72.55 -17.72
C ASP A 434 21.68 -73.99 -18.09
N GLU A 435 21.55 -74.91 -17.13
CA GLU A 435 21.76 -76.34 -17.35
C GLU A 435 20.38 -76.97 -17.54
N ASP A 436 19.40 -76.34 -16.89
CA ASP A 436 18.04 -76.79 -17.03
C ASP A 436 17.54 -76.41 -18.43
N ALA A 437 18.37 -75.60 -19.11
CA ALA A 437 18.21 -75.17 -20.50
C ALA A 437 18.20 -76.38 -21.42
N ASP A 438 18.94 -77.44 -21.03
CA ASP A 438 18.99 -78.64 -21.86
C ASP A 438 17.83 -79.53 -21.45
N SER A 439 17.49 -79.49 -20.18
CA SER A 439 16.32 -80.21 -19.69
C SER A 439 15.08 -79.59 -20.31
N THR A 440 14.04 -80.38 -20.55
CA THR A 440 12.81 -79.80 -21.04
C THR A 440 12.21 -78.82 -20.02
N THR A 441 12.68 -78.90 -18.78
CA THR A 441 12.26 -77.99 -17.73
C THR A 441 12.32 -76.56 -18.26
N LYS A 442 13.43 -76.18 -18.92
CA LYS A 442 13.49 -74.85 -19.46
C LYS A 442 13.57 -74.89 -20.99
N ASP A 443 13.86 -76.05 -21.62
CA ASP A 443 13.96 -76.11 -23.09
C ASP A 443 12.62 -75.88 -23.77
N ARG A 444 11.52 -75.91 -22.99
CA ARG A 444 10.20 -75.53 -23.52
C ARG A 444 10.23 -74.06 -23.97
N LEU A 445 11.32 -73.37 -23.62
CA LEU A 445 11.67 -72.03 -24.02
C LEU A 445 11.56 -71.86 -25.51
N LYS A 446 11.83 -72.91 -26.27
CA LYS A 446 11.73 -72.76 -27.71
C LYS A 446 10.36 -72.18 -28.11
N LEU A 447 9.32 -72.42 -27.31
CA LEU A 447 8.00 -71.89 -27.60
C LEU A 447 8.05 -70.37 -27.47
N ALA A 448 8.87 -69.87 -26.55
CA ALA A 448 9.02 -68.44 -26.36
C ALA A 448 9.62 -67.88 -27.61
N ARG A 449 10.55 -68.63 -28.21
CA ARG A 449 11.20 -68.19 -29.45
C ARG A 449 10.17 -68.14 -30.57
N GLN A 450 9.22 -69.08 -30.55
CA GLN A 450 8.17 -69.06 -31.57
C GLN A 450 7.34 -67.79 -31.40
N LYS A 451 7.09 -67.41 -30.14
CA LYS A 451 6.31 -66.21 -29.86
C LYS A 451 7.11 -64.96 -30.23
N GLU A 452 8.42 -64.98 -30.00
CA GLU A 452 9.28 -63.85 -30.37
C GLU A 452 9.14 -63.63 -31.85
N ALA A 453 9.30 -64.71 -32.61
CA ALA A 453 9.20 -64.66 -34.05
C ALA A 453 7.81 -64.24 -34.48
N SER A 454 6.78 -64.74 -33.82
CA SER A 454 5.43 -64.40 -34.22
C SER A 454 5.21 -62.92 -34.07
N LEU A 455 5.67 -62.36 -32.96
CA LEU A 455 5.54 -60.94 -32.76
C LEU A 455 6.37 -60.19 -33.77
N GLN A 456 7.55 -60.69 -34.10
CA GLN A 456 8.38 -59.98 -35.06
C GLN A 456 7.68 -59.93 -36.41
N GLU A 457 6.99 -61.01 -36.76
CA GLU A 457 6.26 -61.07 -38.01
C GLU A 457 5.09 -60.10 -38.03
N GLU A 458 4.48 -59.86 -36.87
CA GLU A 458 3.41 -58.86 -36.81
C GLU A 458 4.00 -57.44 -36.83
N LEU A 459 5.07 -57.26 -36.07
CA LEU A 459 5.72 -55.98 -35.92
C LEU A 459 6.30 -55.43 -37.18
N GLU A 460 6.87 -56.26 -38.02
CA GLU A 460 7.45 -55.69 -39.22
C GLU A 460 6.41 -55.03 -40.15
N PRO A 461 5.28 -55.63 -40.54
CA PRO A 461 4.32 -54.98 -41.38
C PRO A 461 3.62 -53.86 -40.64
N LEU A 462 3.53 -53.94 -39.31
CA LEU A 462 2.95 -52.82 -38.60
C LEU A 462 3.88 -51.66 -38.70
N ARG A 463 5.16 -51.93 -38.48
CA ARG A 463 6.18 -50.91 -38.48
C ARG A 463 6.27 -50.28 -39.83
N GLN A 464 6.27 -51.10 -40.88
CA GLN A 464 6.36 -50.53 -42.20
C GLN A 464 5.09 -49.78 -42.53
N ARG A 465 3.93 -50.27 -42.05
CA ARG A 465 2.70 -49.53 -42.27
C ARG A 465 2.90 -48.16 -41.70
N TYR A 466 3.33 -48.10 -40.45
CA TYR A 466 3.49 -46.85 -39.78
C TYR A 466 4.53 -45.97 -40.44
N ASN A 467 5.61 -46.56 -40.95
CA ASN A 467 6.59 -45.75 -41.62
C ASN A 467 5.96 -45.10 -42.84
N GLU A 468 5.21 -45.88 -43.62
CA GLU A 468 4.55 -45.32 -44.80
C GLU A 468 3.58 -44.23 -44.40
N GLU A 469 2.79 -44.49 -43.36
CA GLU A 469 1.79 -43.55 -42.93
C GLU A 469 2.44 -42.23 -42.53
N LYS A 470 3.55 -42.35 -41.80
CA LYS A 470 4.31 -41.22 -41.34
C LYS A 470 4.84 -40.44 -42.51
N HIS A 471 5.46 -41.12 -43.47
CA HIS A 471 6.07 -40.47 -44.61
C HIS A 471 5.02 -39.80 -45.47
N GLY A 472 3.86 -40.42 -45.60
CA GLY A 472 2.80 -39.83 -46.38
C GLY A 472 2.50 -38.43 -45.84
N HIS A 473 2.16 -38.36 -44.55
CA HIS A 473 1.83 -37.06 -44.00
C HIS A 473 3.03 -36.12 -44.03
N GLU A 474 4.19 -36.65 -43.67
CA GLU A 474 5.42 -35.88 -43.63
C GLU A 474 5.67 -35.13 -44.92
N GLU A 475 5.64 -35.85 -46.03
CA GLU A 475 5.96 -35.24 -47.30
C GLU A 475 4.91 -34.20 -47.63
N LEU A 476 3.64 -34.52 -47.33
CA LEU A 476 2.56 -33.58 -47.60
C LEU A 476 2.84 -32.28 -46.86
N THR A 477 3.19 -32.39 -45.59
CA THR A 477 3.48 -31.24 -44.75
C THR A 477 4.64 -30.44 -45.27
N GLN A 478 5.71 -31.11 -45.66
CA GLN A 478 6.89 -30.42 -46.13
C GLN A 478 6.56 -29.63 -47.38
N ALA A 479 5.77 -30.21 -48.28
CA ALA A 479 5.37 -29.50 -49.47
C ALA A 479 4.54 -28.27 -49.11
N LYS A 480 3.65 -28.40 -48.12
CA LYS A 480 2.84 -27.27 -47.73
C LYS A 480 3.71 -26.18 -47.13
N LYS A 481 4.73 -26.56 -46.37
CA LYS A 481 5.60 -25.56 -45.81
C LYS A 481 6.36 -24.86 -46.93
N LYS A 482 6.79 -25.60 -47.95
CA LYS A 482 7.48 -24.97 -49.06
C LYS A 482 6.57 -24.00 -49.76
N LEU A 483 5.31 -24.38 -49.93
CA LEU A 483 4.36 -23.50 -50.58
C LEU A 483 4.24 -22.24 -49.80
N ASP A 484 4.02 -22.35 -48.49
CA ASP A 484 3.86 -21.15 -47.71
C ASP A 484 5.06 -20.25 -47.78
N GLU A 485 6.26 -20.80 -47.81
CA GLU A 485 7.38 -19.89 -47.89
C GLU A 485 7.45 -19.26 -49.27
N LEU A 486 7.07 -19.99 -50.33
CA LEU A 486 7.08 -19.37 -51.64
C LEU A 486 6.04 -18.26 -51.67
N GLU A 487 4.93 -18.49 -50.96
CA GLU A 487 3.87 -17.51 -50.89
C GLU A 487 4.35 -16.30 -50.10
N ASN A 488 5.09 -16.53 -49.02
CA ASN A 488 5.59 -15.41 -48.23
C ASN A 488 6.51 -14.57 -49.10
N LYS A 489 7.32 -15.24 -49.95
CA LYS A 489 8.22 -14.53 -50.83
C LYS A 489 7.43 -13.76 -51.86
N ALA A 490 6.35 -14.36 -52.39
CA ALA A 490 5.54 -13.70 -53.38
C ALA A 490 4.89 -12.48 -52.78
N LEU A 491 4.38 -12.61 -51.57
CA LEU A 491 3.72 -11.50 -50.93
C LEU A 491 4.68 -10.37 -50.68
N ASP A 492 5.93 -10.72 -50.32
CA ASP A 492 6.88 -9.65 -50.09
C ASP A 492 7.26 -9.03 -51.41
N ALA A 493 7.45 -9.86 -52.41
CA ALA A 493 7.81 -9.36 -53.71
C ALA A 493 6.75 -8.44 -54.25
N GLU A 494 5.48 -8.81 -54.07
CA GLU A 494 4.39 -8.00 -54.58
C GLU A 494 4.29 -6.67 -53.85
N ARG A 495 4.28 -6.68 -52.52
CA ARG A 495 4.13 -5.43 -51.77
C ARG A 495 5.34 -4.51 -51.90
N ARG A 496 6.51 -5.08 -52.18
CA ARG A 496 7.71 -4.28 -52.33
C ARG A 496 7.99 -3.97 -53.81
N TYR A 497 7.03 -4.32 -54.67
CA TYR A 497 7.05 -4.11 -56.11
C TYR A 497 8.18 -4.84 -56.85
N ASP A 498 8.67 -5.93 -56.28
CA ASP A 498 9.64 -6.73 -56.96
C ASP A 498 8.89 -7.63 -57.88
N THR A 499 8.56 -7.09 -59.03
CA THR A 499 7.75 -7.80 -59.99
C THR A 499 8.50 -8.98 -60.56
N ALA A 500 9.84 -8.96 -60.54
CA ALA A 500 10.58 -10.09 -61.04
C ALA A 500 10.40 -11.28 -60.12
N THR A 501 10.60 -11.06 -58.82
CA THR A 501 10.44 -12.17 -57.89
C THR A 501 9.00 -12.62 -57.86
N ALA A 502 8.08 -11.65 -57.81
CA ALA A 502 6.69 -12.03 -57.74
C ALA A 502 6.31 -12.83 -58.98
N ALA A 503 6.74 -12.38 -60.15
CA ALA A 503 6.40 -13.09 -61.36
C ALA A 503 6.95 -14.49 -61.36
N ASP A 504 8.19 -14.68 -60.91
CA ASP A 504 8.77 -16.03 -60.92
C ASP A 504 8.03 -16.98 -60.00
N LEU A 505 7.60 -16.46 -58.86
CA LEU A 505 6.88 -17.26 -57.91
C LEU A 505 5.53 -17.64 -58.44
N ARG A 506 4.91 -16.72 -59.16
CA ARG A 506 3.63 -17.00 -59.75
C ARG A 506 3.83 -17.83 -61.03
N TYR A 507 4.98 -17.67 -61.69
CA TYR A 507 5.35 -18.37 -62.91
C TYR A 507 5.74 -19.80 -62.64
N PHE A 508 4.76 -20.54 -62.23
CA PHE A 508 4.83 -21.93 -61.90
C PHE A 508 5.58 -22.29 -60.61
N ALA A 509 6.35 -21.41 -59.95
CA ALA A 509 6.94 -21.98 -58.73
C ALA A 509 5.86 -22.39 -57.75
N ILE A 510 4.94 -21.47 -57.50
CA ILE A 510 3.87 -21.76 -56.59
C ILE A 510 2.89 -22.78 -57.19
N PRO A 511 2.39 -22.62 -58.43
CA PRO A 511 1.55 -23.64 -59.01
C PRO A 511 2.18 -25.03 -58.99
N ASP A 512 3.50 -25.13 -59.16
CA ASP A 512 4.10 -26.43 -59.15
C ASP A 512 4.18 -27.02 -57.77
N ILE A 513 4.48 -26.21 -56.74
CA ILE A 513 4.45 -26.82 -55.43
C ILE A 513 3.02 -27.24 -55.13
N LYS A 514 2.02 -26.49 -55.62
CA LYS A 514 0.65 -26.90 -55.39
C LYS A 514 0.44 -28.26 -56.04
N LYS A 515 0.95 -28.45 -57.26
CA LYS A 515 0.82 -29.74 -57.94
C LYS A 515 1.49 -30.82 -57.12
N GLN A 516 2.65 -30.53 -56.53
CA GLN A 516 3.34 -31.52 -55.73
C GLN A 516 2.48 -31.90 -54.54
N ILE A 517 1.82 -30.91 -53.94
CA ILE A 517 0.96 -31.16 -52.80
C ILE A 517 -0.16 -32.08 -53.24
N GLU A 518 -0.73 -31.81 -54.39
CA GLU A 518 -1.80 -32.64 -54.91
C GLU A 518 -1.27 -34.06 -55.19
N LYS A 519 -0.02 -34.18 -55.66
CA LYS A 519 0.51 -35.52 -55.89
C LYS A 519 0.74 -36.19 -54.54
N LEU A 520 1.08 -35.40 -53.54
CA LEU A 520 1.24 -35.96 -52.23
C LEU A 520 -0.12 -36.40 -51.71
N GLU A 521 -1.19 -35.68 -52.06
CA GLU A 521 -2.52 -36.14 -51.68
C GLU A 521 -2.76 -37.49 -52.37
N ASP A 522 -2.28 -37.66 -53.62
CA ASP A 522 -2.41 -38.96 -54.25
C ASP A 522 -1.68 -40.01 -53.40
N GLN A 523 -0.52 -39.62 -52.82
CA GLN A 523 0.22 -40.54 -51.95
C GLN A 523 -0.48 -40.74 -50.59
N VAL A 524 -1.32 -39.78 -50.18
CA VAL A 524 -2.15 -39.96 -48.98
C VAL A 524 -3.02 -41.15 -49.30
N ALA A 525 -3.45 -41.20 -50.55
CA ALA A 525 -4.14 -42.34 -51.05
C ALA A 525 -5.28 -42.75 -50.18
N GLU A 526 -6.24 -41.87 -49.98
CA GLU A 526 -7.34 -42.27 -49.15
C GLU A 526 -7.83 -43.61 -49.69
N GLU A 527 -7.95 -44.60 -48.82
CA GLU A 527 -8.37 -45.94 -49.20
C GLU A 527 -9.80 -46.08 -48.77
N GLU A 528 -10.56 -46.91 -49.44
CA GLU A 528 -11.95 -47.11 -49.05
C GLU A 528 -12.08 -47.56 -47.58
N ARG A 529 -11.10 -48.34 -47.12
CA ARG A 529 -11.07 -48.86 -45.76
C ARG A 529 -10.39 -47.92 -44.73
N ARG A 530 -9.70 -46.89 -45.23
CA ARG A 530 -8.93 -45.93 -44.43
C ARG A 530 -8.94 -44.59 -45.15
N ALA A 531 -9.83 -43.67 -44.76
CA ALA A 531 -10.02 -42.41 -45.50
C ALA A 531 -8.88 -41.41 -45.23
N GLY A 532 -7.71 -41.82 -45.68
CA GLY A 532 -6.39 -41.24 -45.53
C GLY A 532 -5.57 -42.42 -45.12
N ALA A 533 -4.54 -42.81 -45.86
CA ALA A 533 -3.77 -43.98 -45.47
C ALA A 533 -2.78 -43.62 -44.36
N ASN A 534 -3.33 -43.25 -43.19
CA ASN A 534 -2.53 -42.81 -42.06
C ASN A 534 -3.26 -42.83 -40.73
N SER A 535 -3.26 -43.94 -40.01
CA SER A 535 -3.95 -44.03 -38.73
C SER A 535 -3.24 -43.22 -37.64
N MET A 536 -2.01 -42.78 -37.91
CA MET A 536 -1.27 -41.97 -36.96
C MET A 536 -1.91 -40.60 -36.91
N ILE A 537 -2.43 -40.14 -38.06
CA ILE A 537 -3.09 -38.86 -38.17
C ILE A 537 -4.57 -39.06 -38.26
N GLN A 538 -5.18 -39.09 -37.10
CA GLN A 538 -6.61 -39.29 -36.98
C GLN A 538 -7.38 -38.16 -37.64
N ASN A 539 -6.74 -37.00 -37.73
CA ASN A 539 -7.26 -35.77 -38.30
C ASN A 539 -8.08 -35.09 -37.25
N VAL A 540 -8.28 -33.80 -37.37
CA VAL A 540 -9.17 -33.17 -36.41
C VAL A 540 -10.56 -33.35 -36.91
N VAL A 541 -11.22 -34.35 -36.36
CA VAL A 541 -12.45 -34.75 -36.97
C VAL A 541 -13.66 -34.09 -36.43
N ASP A 542 -14.02 -33.02 -37.09
CA ASP A 542 -15.24 -32.32 -36.81
C ASP A 542 -15.33 -32.07 -35.31
N SER A 543 -16.52 -32.25 -34.78
CA SER A 543 -16.81 -32.14 -33.40
C SER A 543 -16.38 -33.33 -32.58
N ASP A 544 -15.92 -34.43 -33.19
CA ASP A 544 -15.53 -35.53 -32.32
C ASP A 544 -14.24 -35.12 -31.65
N THR A 545 -13.31 -34.64 -32.45
CA THR A 545 -12.05 -34.22 -31.92
C THR A 545 -12.22 -32.95 -31.08
N ILE A 546 -13.03 -32.02 -31.57
CA ILE A 546 -13.21 -30.77 -30.86
C ILE A 546 -14.00 -30.90 -29.56
N SER A 547 -15.11 -31.64 -29.56
CA SER A 547 -15.86 -31.78 -28.33
C SER A 547 -15.02 -32.52 -27.34
N GLU A 548 -14.30 -33.55 -27.79
CA GLU A 548 -13.45 -34.27 -26.88
C GLU A 548 -12.47 -33.31 -26.25
N THR A 549 -11.83 -32.49 -27.07
CA THR A 549 -10.85 -31.58 -26.56
C THR A 549 -11.46 -30.61 -25.57
N ALA A 550 -12.58 -30.01 -25.93
CA ALA A 550 -13.18 -29.06 -25.02
C ALA A 550 -13.52 -29.73 -23.72
N ALA A 551 -14.04 -30.94 -23.80
CA ALA A 551 -14.42 -31.64 -22.60
C ALA A 551 -13.21 -31.95 -21.73
N ARG A 552 -12.11 -32.36 -22.36
CA ARG A 552 -10.89 -32.63 -21.61
C ARG A 552 -10.40 -31.39 -20.88
N LEU A 553 -10.64 -30.24 -21.47
CA LEU A 553 -10.22 -28.98 -20.92
C LEU A 553 -11.20 -28.41 -19.88
N THR A 554 -12.51 -28.68 -20.05
CA THR A 554 -13.51 -28.04 -19.20
C THR A 554 -14.49 -28.91 -18.37
N GLY A 555 -14.54 -30.20 -18.60
CA GLY A 555 -15.52 -31.07 -17.94
C GLY A 555 -16.32 -31.71 -19.02
N ILE A 556 -17.13 -32.71 -18.72
CA ILE A 556 -17.82 -33.39 -19.81
C ILE A 556 -19.35 -33.27 -19.79
N PRO A 557 -19.93 -32.24 -20.42
CA PRO A 557 -21.36 -31.97 -20.52
C PRO A 557 -22.04 -32.75 -21.63
N VAL A 558 -23.36 -32.78 -21.60
CA VAL A 558 -24.17 -33.32 -22.71
C VAL A 558 -23.86 -32.57 -24.00
N LYS A 559 -23.55 -31.29 -23.84
CA LYS A 559 -23.22 -30.34 -24.89
C LYS A 559 -22.13 -30.84 -25.81
N LYS A 560 -21.33 -31.81 -25.35
CA LYS A 560 -20.25 -32.39 -26.12
C LYS A 560 -20.79 -33.09 -27.37
N LEU A 561 -22.07 -33.49 -27.35
CA LEU A 561 -22.65 -34.25 -28.42
C LEU A 561 -22.97 -33.47 -29.68
N SER A 562 -22.72 -34.10 -30.81
CA SER A 562 -22.99 -33.55 -32.14
C SER A 562 -24.46 -33.71 -32.51
N GLU A 563 -25.30 -33.10 -31.71
CA GLU A 563 -26.74 -33.20 -31.83
C GLU A 563 -27.40 -31.83 -31.91
N SER A 564 -28.56 -31.77 -32.57
CA SER A 564 -29.31 -30.52 -32.68
C SER A 564 -29.86 -30.16 -31.33
N GLU A 565 -30.34 -28.93 -31.19
CA GLU A 565 -30.86 -28.55 -29.90
C GLU A 565 -32.09 -29.38 -29.56
N ASN A 566 -32.90 -29.67 -30.59
CA ASN A 566 -34.08 -30.46 -30.33
C ASN A 566 -33.71 -31.87 -29.98
N GLU A 567 -32.75 -32.47 -30.67
CA GLU A 567 -32.44 -33.84 -30.32
C GLU A 567 -31.81 -33.97 -28.95
N LYS A 568 -30.94 -33.03 -28.58
CA LYS A 568 -30.33 -33.12 -27.26
C LYS A 568 -31.43 -33.05 -26.23
N LEU A 569 -32.37 -32.13 -26.46
CA LEU A 569 -33.47 -31.95 -25.57
C LEU A 569 -34.33 -33.20 -25.49
N ILE A 570 -34.71 -33.75 -26.63
CA ILE A 570 -35.59 -34.91 -26.69
C ILE A 570 -34.99 -36.11 -26.01
N HIS A 571 -33.71 -36.37 -26.21
CA HIS A 571 -33.16 -37.52 -25.53
C HIS A 571 -33.26 -37.28 -24.02
N MET A 572 -32.98 -36.05 -23.59
CA MET A 572 -33.06 -35.72 -22.19
C MET A 572 -34.51 -35.73 -21.67
N GLU A 573 -35.48 -35.36 -22.51
CA GLU A 573 -36.91 -35.35 -22.13
C GLU A 573 -37.34 -36.76 -21.81
N ARG A 574 -36.83 -37.72 -22.56
CA ARG A 574 -37.16 -39.11 -22.32
C ARG A 574 -36.61 -39.52 -20.96
N ASP A 575 -35.38 -39.10 -20.65
CA ASP A 575 -34.82 -39.42 -19.33
C ASP A 575 -35.63 -38.72 -18.24
N LEU A 576 -36.04 -37.49 -18.50
CA LEU A 576 -36.82 -36.70 -17.57
C LEU A 576 -38.12 -37.40 -17.24
N SER A 577 -38.80 -37.86 -18.28
CA SER A 577 -40.07 -38.56 -18.12
C SER A 577 -39.87 -39.81 -17.28
N SER A 578 -38.76 -40.52 -17.50
CA SER A 578 -38.47 -41.72 -16.74
C SER A 578 -38.08 -41.45 -15.28
N GLU A 579 -37.29 -40.39 -15.03
CA GLU A 579 -36.80 -40.07 -13.70
C GLU A 579 -37.87 -39.48 -12.76
N VAL A 580 -38.78 -38.69 -13.29
CA VAL A 580 -39.81 -38.05 -12.50
C VAL A 580 -40.99 -39.01 -12.32
N VAL A 581 -41.52 -39.16 -11.11
CA VAL A 581 -42.61 -40.09 -10.97
C VAL A 581 -43.93 -39.48 -11.37
N GLY A 582 -44.52 -40.00 -12.44
CA GLY A 582 -45.73 -39.39 -12.95
C GLY A 582 -45.33 -38.02 -13.47
N GLN A 583 -46.27 -37.10 -13.53
CA GLN A 583 -46.02 -35.74 -14.01
C GLN A 583 -45.62 -35.71 -15.48
N MET A 584 -45.84 -36.80 -16.18
CA MET A 584 -45.48 -36.88 -17.58
C MET A 584 -46.20 -35.81 -18.37
N ASP A 585 -47.45 -35.55 -18.00
CA ASP A 585 -48.21 -34.52 -18.69
C ASP A 585 -47.51 -33.17 -18.50
N ALA A 586 -47.00 -32.94 -17.29
CA ALA A 586 -46.32 -31.70 -16.99
C ALA A 586 -45.03 -31.60 -17.81
N ILE A 587 -44.34 -32.71 -17.92
CA ILE A 587 -43.09 -32.77 -18.64
C ILE A 587 -43.31 -32.46 -20.09
N LYS A 588 -44.34 -33.05 -20.67
CA LYS A 588 -44.63 -32.81 -22.06
C LYS A 588 -45.00 -31.35 -22.30
N ALA A 589 -45.75 -30.72 -21.39
CA ALA A 589 -46.12 -29.31 -21.58
C ALA A 589 -44.86 -28.44 -21.65
N VAL A 590 -43.93 -28.73 -20.76
CA VAL A 590 -42.68 -27.99 -20.70
C VAL A 590 -41.85 -28.26 -21.92
N SER A 591 -41.74 -29.52 -22.28
CA SER A 591 -40.95 -29.95 -23.40
C SER A 591 -41.38 -29.26 -24.67
N ASN A 592 -42.68 -29.15 -24.87
CA ASN A 592 -43.19 -28.54 -26.07
C ASN A 592 -42.74 -27.09 -26.17
N ALA A 593 -42.91 -26.35 -25.08
CA ALA A 593 -42.51 -24.96 -25.07
C ALA A 593 -41.01 -24.78 -25.22
N VAL A 594 -40.24 -25.65 -24.59
CA VAL A 594 -38.81 -25.51 -24.68
C VAL A 594 -38.39 -25.76 -26.11
N ARG A 595 -38.95 -26.77 -26.77
CA ARG A 595 -38.58 -27.04 -28.14
C ARG A 595 -38.92 -25.83 -29.03
N LEU A 596 -40.09 -25.22 -28.80
CA LEU A 596 -40.48 -24.05 -29.59
C LEU A 596 -39.41 -22.99 -29.46
N SER A 597 -38.95 -22.79 -28.23
CA SER A 597 -37.95 -21.81 -27.94
C SER A 597 -36.58 -22.17 -28.52
N ARG A 598 -36.19 -23.44 -28.43
CA ARG A 598 -34.87 -23.87 -28.90
C ARG A 598 -34.75 -23.68 -30.41
N SER A 599 -35.87 -23.84 -31.10
CA SER A 599 -35.92 -23.71 -32.54
C SER A 599 -35.80 -22.27 -33.02
N GLY A 600 -35.95 -21.32 -32.11
CA GLY A 600 -35.94 -19.92 -32.48
C GLY A 600 -37.30 -19.44 -32.98
N LEU A 601 -38.29 -20.34 -33.05
CA LEU A 601 -39.60 -19.91 -33.52
C LEU A 601 -40.25 -19.00 -32.50
N ALA A 602 -40.13 -19.31 -31.21
CA ALA A 602 -40.69 -18.39 -30.21
C ALA A 602 -39.93 -17.08 -30.33
N ASN A 603 -40.56 -15.95 -30.07
CA ASN A 603 -39.78 -14.72 -30.20
C ASN A 603 -38.62 -14.70 -29.20
N PRO A 604 -37.35 -14.65 -29.64
CA PRO A 604 -36.12 -14.71 -28.84
C PRO A 604 -36.08 -13.78 -27.63
N ARG A 605 -36.89 -12.72 -27.62
CA ARG A 605 -36.91 -11.76 -26.53
C ARG A 605 -37.47 -12.39 -25.25
N GLN A 606 -38.28 -13.44 -25.42
CA GLN A 606 -38.98 -14.05 -24.33
C GLN A 606 -38.32 -15.33 -23.81
N PRO A 607 -37.97 -15.41 -22.53
CA PRO A 607 -37.44 -16.61 -21.93
C PRO A 607 -38.61 -17.56 -21.79
N ALA A 608 -38.40 -18.85 -21.84
CA ALA A 608 -39.55 -19.71 -21.60
C ALA A 608 -39.98 -19.55 -20.16
N SER A 609 -41.28 -19.66 -19.91
CA SER A 609 -41.71 -19.65 -18.53
C SER A 609 -42.95 -20.49 -18.29
N PHE A 610 -43.02 -21.06 -17.10
CA PHE A 610 -44.10 -21.97 -16.80
C PHE A 610 -44.73 -21.78 -15.45
N LEU A 611 -46.00 -22.12 -15.32
CA LEU A 611 -46.58 -22.15 -13.98
C LEU A 611 -46.81 -23.58 -13.53
N PHE A 612 -46.08 -24.03 -12.53
CA PHE A 612 -46.21 -25.39 -12.07
C PHE A 612 -47.26 -25.51 -10.98
N LEU A 613 -48.42 -26.02 -11.37
CA LEU A 613 -49.58 -26.08 -10.51
C LEU A 613 -49.87 -27.51 -10.02
N GLY A 614 -49.86 -27.70 -8.71
CA GLY A 614 -50.04 -29.04 -8.12
C GLY A 614 -50.11 -29.02 -6.59
N LEU A 615 -49.63 -30.10 -5.96
CA LEU A 615 -49.64 -30.21 -4.51
C LEU A 615 -48.31 -29.77 -3.95
N SER A 616 -48.29 -29.25 -2.73
CA SER A 616 -46.96 -29.01 -2.18
C SER A 616 -46.42 -30.41 -1.98
N GLY A 617 -45.12 -30.59 -2.06
CA GLY A 617 -44.57 -31.93 -1.84
C GLY A 617 -44.68 -32.82 -3.10
N SER A 618 -45.29 -32.31 -4.18
CA SER A 618 -45.50 -33.02 -5.43
C SER A 618 -44.29 -33.26 -6.32
N GLY A 619 -43.18 -32.63 -6.04
CA GLY A 619 -42.03 -32.81 -6.89
C GLY A 619 -41.93 -31.71 -7.94
N LYS A 620 -42.85 -30.74 -7.94
CA LYS A 620 -42.75 -29.62 -8.90
C LYS A 620 -41.36 -28.99 -8.93
N THR A 621 -40.77 -28.81 -7.75
CA THR A 621 -39.43 -28.22 -7.66
C THR A 621 -38.44 -29.14 -8.35
N GLU A 622 -38.57 -30.43 -8.09
CA GLU A 622 -37.66 -31.37 -8.67
C GLU A 622 -37.85 -31.43 -10.15
N LEU A 623 -39.07 -31.25 -10.64
CA LEU A 623 -39.21 -31.24 -12.07
C LEU A 623 -38.36 -30.13 -12.60
N ALA A 624 -38.52 -28.95 -12.03
CA ALA A 624 -37.76 -27.83 -12.50
C ALA A 624 -36.26 -28.09 -12.38
N LYS A 625 -35.83 -28.71 -11.28
CA LYS A 625 -34.42 -29.02 -11.10
C LYS A 625 -33.95 -29.99 -12.13
N LYS A 626 -34.78 -30.94 -12.50
CA LYS A 626 -34.38 -31.89 -13.50
C LYS A 626 -34.29 -31.19 -14.82
N VAL A 627 -35.20 -30.24 -15.07
CA VAL A 627 -35.11 -29.50 -16.30
C VAL A 627 -33.76 -28.82 -16.32
N ALA A 628 -33.36 -28.19 -15.20
CA ALA A 628 -32.05 -27.58 -15.14
C ALA A 628 -30.96 -28.62 -15.35
N GLY A 629 -31.18 -29.81 -14.77
CA GLY A 629 -30.34 -30.99 -14.84
C GLY A 629 -30.15 -31.49 -16.24
N PHE A 630 -31.08 -31.15 -17.10
CA PHE A 630 -31.02 -31.57 -18.46
C PHE A 630 -30.74 -30.43 -19.38
N LEU A 631 -31.66 -29.50 -19.52
CA LEU A 631 -31.44 -28.42 -20.46
C LEU A 631 -30.14 -27.66 -20.22
N PHE A 632 -29.75 -27.46 -18.94
CA PHE A 632 -28.53 -26.73 -18.69
C PHE A 632 -27.46 -27.66 -18.13
N ASN A 633 -27.78 -28.94 -18.14
CA ASN A 633 -26.95 -30.04 -17.68
C ASN A 633 -26.51 -29.94 -16.23
N ASP A 634 -27.31 -29.29 -15.37
CA ASP A 634 -26.92 -29.18 -13.96
C ASP A 634 -28.05 -28.74 -13.04
N GLU A 635 -28.51 -29.67 -12.21
CA GLU A 635 -29.63 -29.48 -11.31
C GLU A 635 -29.33 -28.39 -10.27
N ASP A 636 -28.05 -28.21 -9.96
CA ASP A 636 -27.64 -27.28 -8.92
C ASP A 636 -27.52 -25.86 -9.41
N MET A 637 -27.79 -25.63 -10.70
CA MET A 637 -27.78 -24.27 -11.20
C MET A 637 -29.12 -23.59 -10.89
N MET A 638 -30.05 -24.33 -10.29
CA MET A 638 -31.35 -23.79 -9.94
C MET A 638 -31.29 -22.57 -9.04
N ILE A 639 -32.04 -21.54 -9.43
CA ILE A 639 -32.12 -20.31 -8.70
C ILE A 639 -33.51 -20.27 -8.08
N ARG A 640 -33.64 -20.02 -6.77
CA ARG A 640 -34.97 -20.09 -6.17
C ARG A 640 -35.43 -18.83 -5.43
N VAL A 641 -36.73 -18.58 -5.50
CA VAL A 641 -37.38 -17.45 -4.83
C VAL A 641 -38.49 -17.80 -3.84
N ASP A 642 -38.35 -17.40 -2.58
CA ASP A 642 -39.44 -17.62 -1.65
C ASP A 642 -40.46 -16.51 -1.83
N CYS A 643 -41.62 -16.83 -2.37
CA CYS A 643 -42.58 -15.79 -2.66
C CYS A 643 -43.56 -15.58 -1.53
N SER A 644 -43.48 -16.41 -0.49
CA SER A 644 -44.45 -16.25 0.58
C SER A 644 -43.91 -15.26 1.58
N GLU A 645 -42.60 -15.25 1.75
CA GLU A 645 -41.98 -14.29 2.66
C GLU A 645 -41.73 -13.03 1.87
N LEU A 646 -42.82 -12.38 1.49
CA LEU A 646 -42.73 -11.31 0.55
C LEU A 646 -43.79 -10.23 0.68
N SER A 647 -43.33 -9.00 0.75
CA SER A 647 -44.18 -7.85 0.87
C SER A 647 -43.79 -6.77 -0.14
N GLU A 648 -44.32 -5.58 0.09
CA GLU A 648 -44.19 -4.42 -0.79
C GLU A 648 -42.75 -3.96 -1.05
N LYS A 649 -41.81 -4.39 -0.23
CA LYS A 649 -40.42 -3.96 -0.31
C LYS A 649 -39.52 -4.82 -1.20
N TYR A 650 -40.07 -5.87 -1.81
CA TYR A 650 -39.32 -6.76 -2.72
C TYR A 650 -38.12 -6.10 -3.40
N ALA A 651 -36.90 -6.46 -2.97
CA ALA A 651 -35.67 -5.82 -3.46
C ALA A 651 -34.51 -6.81 -3.68
N VAL A 652 -33.56 -6.84 -2.74
CA VAL A 652 -32.32 -7.65 -2.80
C VAL A 652 -32.57 -9.12 -2.92
N SER A 653 -33.58 -9.59 -2.21
CA SER A 653 -33.93 -10.98 -2.24
C SER A 653 -34.46 -11.42 -3.61
N LYS A 654 -34.72 -10.46 -4.50
CA LYS A 654 -35.24 -10.75 -5.79
C LYS A 654 -34.26 -10.36 -6.89
N LEU A 655 -34.75 -9.55 -7.83
CA LEU A 655 -33.93 -9.08 -8.93
C LEU A 655 -33.55 -7.63 -8.82
N LEU A 656 -34.46 -6.84 -8.26
CA LEU A 656 -34.26 -5.41 -8.32
C LEU A 656 -33.19 -4.90 -7.41
N GLY A 657 -33.06 -5.46 -6.23
CA GLY A 657 -32.11 -4.84 -5.34
C GLY A 657 -32.75 -3.62 -4.83
N THR A 658 -32.11 -2.90 -3.94
CA THR A 658 -32.73 -1.66 -3.62
C THR A 658 -32.18 -0.75 -4.68
N THR A 659 -32.74 0.41 -4.86
CA THR A 659 -32.18 1.26 -5.89
C THR A 659 -30.79 1.72 -5.44
N ALA A 660 -29.77 1.64 -6.30
CA ALA A 660 -28.48 2.11 -5.79
C ALA A 660 -28.73 3.56 -5.41
N GLY A 661 -28.12 4.02 -4.33
CA GLY A 661 -28.41 5.33 -3.78
C GLY A 661 -29.22 5.11 -2.51
N TYR A 662 -29.46 3.82 -2.24
CA TYR A 662 -30.16 3.31 -1.07
C TYR A 662 -29.45 2.04 -0.65
N VAL A 663 -29.35 1.81 0.65
CA VAL A 663 -28.65 0.63 1.14
C VAL A 663 -29.25 -0.62 0.53
N GLY A 664 -28.40 -1.56 0.13
CA GLY A 664 -28.87 -2.78 -0.54
C GLY A 664 -28.20 -2.88 -1.91
N TYR A 665 -26.89 -2.55 -1.90
CA TYR A 665 -25.97 -2.53 -3.04
C TYR A 665 -25.87 -3.88 -3.74
N ASP A 666 -26.16 -4.94 -3.00
CA ASP A 666 -26.09 -6.28 -3.56
C ASP A 666 -27.37 -6.45 -4.36
N GLU A 667 -27.41 -5.82 -5.52
CA GLU A 667 -28.66 -5.73 -6.22
C GLU A 667 -29.14 -7.02 -6.79
N GLY A 668 -30.32 -7.41 -6.32
CA GLY A 668 -30.91 -8.65 -6.72
C GLY A 668 -30.01 -9.73 -6.22
N GLY A 669 -29.40 -9.47 -5.07
CA GLY A 669 -28.42 -10.30 -4.43
C GLY A 669 -28.71 -11.76 -4.60
N PHE A 670 -29.95 -12.17 -4.39
CA PHE A 670 -30.20 -13.58 -4.56
C PHE A 670 -30.42 -13.96 -6.03
N LEU A 671 -31.33 -13.31 -6.73
CA LEU A 671 -31.66 -13.86 -8.04
C LEU A 671 -30.82 -13.26 -9.13
N THR A 672 -30.69 -11.93 -9.12
CA THR A 672 -29.94 -11.30 -10.19
C THR A 672 -28.55 -11.82 -10.20
N ASN A 673 -27.95 -11.94 -9.04
CA ASN A 673 -26.61 -12.45 -9.07
C ASN A 673 -26.58 -13.82 -9.67
N GLN A 674 -27.47 -14.71 -9.28
CA GLN A 674 -27.30 -16.01 -9.88
C GLN A 674 -27.57 -15.99 -11.38
N LEU A 675 -28.53 -15.19 -11.82
CA LEU A 675 -28.87 -15.13 -13.24
C LEU A 675 -27.75 -14.56 -14.07
N GLN A 676 -27.06 -13.57 -13.52
CA GLN A 676 -26.03 -12.91 -14.28
C GLN A 676 -24.76 -13.74 -14.32
N TYR A 677 -24.58 -14.61 -13.34
CA TYR A 677 -23.40 -15.44 -13.35
C TYR A 677 -23.74 -16.83 -13.91
N LYS A 678 -25.05 -17.12 -14.04
CA LYS A 678 -25.55 -18.35 -14.65
C LYS A 678 -26.67 -18.05 -15.66
N PRO A 679 -26.39 -17.34 -16.79
CA PRO A 679 -27.36 -16.91 -17.80
C PRO A 679 -28.17 -18.05 -18.41
N TYR A 680 -27.67 -19.26 -18.28
CA TYR A 680 -28.27 -20.45 -18.79
C TYR A 680 -28.71 -21.32 -17.63
N SER A 681 -29.93 -21.11 -17.15
CA SER A 681 -30.39 -21.79 -15.95
C SER A 681 -31.92 -21.79 -15.81
N VAL A 682 -32.38 -22.11 -14.61
CA VAL A 682 -33.80 -22.11 -14.29
C VAL A 682 -34.02 -21.33 -12.99
N LEU A 683 -35.01 -20.44 -13.00
CA LEU A 683 -35.38 -19.62 -11.85
C LEU A 683 -36.76 -19.96 -11.34
N LEU A 684 -36.89 -20.24 -10.03
CA LEU A 684 -38.19 -20.61 -9.50
C LEU A 684 -38.86 -19.56 -8.66
N PHE A 685 -40.17 -19.47 -8.79
CA PHE A 685 -40.98 -18.65 -7.89
C PHE A 685 -41.81 -19.56 -7.00
N ASP A 686 -41.33 -19.74 -5.79
CA ASP A 686 -41.91 -20.73 -4.91
C ASP A 686 -43.18 -20.20 -4.26
N GLU A 687 -44.30 -20.83 -4.59
CA GLU A 687 -45.65 -20.41 -4.15
C GLU A 687 -45.91 -18.97 -4.56
N VAL A 688 -45.81 -18.74 -5.86
CA VAL A 688 -45.92 -17.42 -6.45
C VAL A 688 -47.28 -16.76 -6.20
N GLU A 689 -48.33 -17.57 -5.97
CA GLU A 689 -49.66 -17.01 -5.72
C GLU A 689 -49.72 -16.21 -4.42
N LYS A 690 -48.71 -16.39 -3.56
CA LYS A 690 -48.65 -15.68 -2.31
C LYS A 690 -47.86 -14.39 -2.44
N ALA A 691 -47.29 -14.14 -3.62
CA ALA A 691 -46.47 -12.97 -3.81
C ALA A 691 -47.28 -11.70 -3.67
N HIS A 692 -46.65 -10.65 -3.18
CA HIS A 692 -47.32 -9.37 -3.06
C HIS A 692 -47.76 -8.92 -4.45
N PRO A 693 -48.96 -8.34 -4.64
CA PRO A 693 -49.45 -7.82 -5.90
C PRO A 693 -48.46 -6.96 -6.68
N ASP A 694 -47.63 -6.20 -5.99
CA ASP A 694 -46.70 -5.35 -6.73
C ASP A 694 -45.63 -6.21 -7.37
N VAL A 695 -45.30 -7.31 -6.72
CA VAL A 695 -44.30 -8.22 -7.24
C VAL A 695 -44.87 -8.88 -8.44
N LEU A 696 -46.15 -9.21 -8.36
CA LEU A 696 -46.79 -9.86 -9.49
C LEU A 696 -46.75 -8.92 -10.70
N THR A 697 -46.83 -7.60 -10.51
CA THR A 697 -46.70 -6.75 -11.71
C THR A 697 -45.26 -6.81 -12.23
N VAL A 698 -44.29 -7.00 -11.31
CA VAL A 698 -42.91 -7.15 -11.74
C VAL A 698 -42.86 -8.45 -12.51
N MET A 699 -43.57 -9.46 -12.02
CA MET A 699 -43.63 -10.73 -12.69
C MET A 699 -44.08 -10.54 -14.11
N LEU A 700 -45.12 -9.76 -14.33
CA LEU A 700 -45.52 -9.57 -15.71
C LEU A 700 -44.31 -9.12 -16.52
N GLN A 701 -43.54 -8.16 -15.98
CA GLN A 701 -42.34 -7.69 -16.66
C GLN A 701 -41.44 -8.91 -16.90
N MET A 702 -41.29 -9.75 -15.89
CA MET A 702 -40.41 -10.92 -15.93
C MET A 702 -40.86 -12.01 -16.90
N LEU A 703 -42.13 -12.04 -17.25
CA LEU A 703 -42.64 -13.12 -18.08
C LEU A 703 -42.37 -12.95 -19.57
N ASP A 704 -41.81 -11.81 -19.98
CA ASP A 704 -41.50 -11.54 -21.38
C ASP A 704 -40.51 -10.42 -21.46
N ASP A 705 -40.03 -10.11 -22.64
CA ASP A 705 -39.13 -8.98 -22.77
C ASP A 705 -38.04 -9.07 -21.71
N GLY A 706 -37.18 -10.08 -21.83
CA GLY A 706 -36.18 -10.45 -20.81
C GLY A 706 -35.28 -9.32 -20.28
N ARG A 707 -35.38 -8.14 -20.83
CA ARG A 707 -34.61 -7.00 -20.38
C ARG A 707 -35.27 -6.46 -19.10
N ILE A 708 -35.16 -7.25 -18.04
CA ILE A 708 -35.82 -6.97 -16.78
C ILE A 708 -34.94 -6.01 -16.04
N THR A 709 -35.52 -4.99 -15.47
CA THR A 709 -34.76 -3.94 -14.80
C THR A 709 -34.15 -4.33 -13.46
N SER A 710 -33.25 -3.46 -12.97
CA SER A 710 -32.63 -3.58 -11.66
C SER A 710 -32.24 -2.20 -11.13
N GLY A 711 -31.92 -2.13 -9.84
CA GLY A 711 -31.53 -0.91 -9.13
C GLY A 711 -30.36 -0.10 -9.73
N GLN A 712 -29.42 -0.77 -10.37
CA GLN A 712 -28.25 -0.14 -11.00
C GLN A 712 -28.57 0.38 -12.40
N GLY A 713 -29.74 0.00 -12.94
CA GLY A 713 -30.13 0.37 -14.29
C GLY A 713 -29.80 -0.69 -15.35
N LYS A 714 -29.02 -1.69 -14.98
CA LYS A 714 -28.67 -2.77 -15.89
C LYS A 714 -29.77 -3.79 -15.98
N THR A 715 -30.12 -4.20 -17.18
CA THR A 715 -31.14 -5.22 -17.29
C THR A 715 -30.62 -6.65 -17.22
N ILE A 716 -31.56 -7.58 -17.01
CA ILE A 716 -31.27 -9.01 -16.92
C ILE A 716 -31.02 -9.68 -18.27
N ASP A 717 -31.85 -9.36 -19.26
CA ASP A 717 -31.79 -9.94 -20.61
C ASP A 717 -31.99 -11.43 -20.57
N CYS A 718 -32.98 -11.82 -19.76
CA CYS A 718 -33.32 -13.21 -19.57
C CYS A 718 -33.81 -13.82 -20.88
N SER A 719 -33.13 -14.86 -21.31
CA SER A 719 -33.44 -15.52 -22.56
C SER A 719 -33.29 -17.01 -22.34
N ASN A 720 -32.08 -17.38 -21.94
CA ASN A 720 -31.73 -18.77 -21.70
C ASN A 720 -31.96 -19.18 -20.26
N CYS A 721 -32.72 -18.40 -19.51
CA CYS A 721 -33.08 -18.85 -18.19
C CYS A 721 -34.57 -19.14 -18.16
N ILE A 722 -34.92 -20.37 -17.86
CA ILE A 722 -36.33 -20.70 -17.83
C ILE A 722 -36.87 -20.20 -16.52
N VAL A 723 -38.00 -19.52 -16.55
CA VAL A 723 -38.53 -19.08 -15.29
C VAL A 723 -39.77 -19.88 -14.96
N ILE A 724 -39.74 -20.56 -13.85
CA ILE A 724 -40.85 -21.39 -13.46
C ILE A 724 -41.48 -20.91 -12.19
N MET A 725 -42.70 -20.56 -12.29
CA MET A 725 -43.42 -20.10 -11.15
C MET A 725 -44.07 -21.33 -10.64
N THR A 726 -44.25 -21.46 -9.35
CA THR A 726 -44.93 -22.63 -8.86
C THR A 726 -46.15 -22.20 -8.06
N SER A 727 -47.14 -23.09 -7.98
CA SER A 727 -48.35 -22.78 -7.24
C SER A 727 -49.07 -23.99 -6.63
N ASN A 728 -49.64 -23.78 -5.43
CA ASN A 728 -50.45 -24.78 -4.75
C ASN A 728 -51.88 -24.28 -4.72
N LEU A 729 -52.15 -23.26 -5.53
CA LEU A 729 -53.43 -22.59 -5.60
C LEU A 729 -54.60 -23.56 -5.78
N GLY A 730 -54.40 -24.55 -6.63
CA GLY A 730 -55.41 -25.55 -6.93
C GLY A 730 -55.09 -26.91 -6.30
N ALA A 731 -54.23 -26.94 -5.28
CA ALA A 731 -53.81 -28.20 -4.67
C ALA A 731 -54.99 -29.04 -4.20
N GLU A 732 -56.04 -28.39 -3.71
CA GLU A 732 -57.20 -29.11 -3.22
C GLU A 732 -57.93 -29.87 -4.33
N PHE A 733 -57.87 -29.38 -5.55
CA PHE A 733 -58.58 -30.10 -6.60
C PHE A 733 -57.74 -31.31 -6.96
N ILE A 734 -56.43 -31.15 -6.90
CA ILE A 734 -55.51 -32.23 -7.23
C ILE A 734 -55.70 -33.37 -6.21
N ASN A 735 -55.92 -32.99 -4.94
CA ASN A 735 -56.19 -33.92 -3.85
C ASN A 735 -57.42 -34.82 -4.09
N SER A 736 -58.26 -34.49 -5.08
CA SER A 736 -59.45 -35.25 -5.43
C SER A 736 -59.16 -36.66 -5.92
N GLN A 737 -57.91 -36.91 -6.29
CA GLN A 737 -57.48 -38.20 -6.83
C GLN A 737 -58.24 -38.56 -8.09
N GLN A 738 -58.66 -37.57 -8.88
CA GLN A 738 -59.36 -37.88 -10.12
C GLN A 738 -58.41 -38.26 -11.25
N GLY A 739 -57.89 -39.47 -11.12
CA GLY A 739 -56.94 -40.11 -12.02
C GLY A 739 -55.50 -39.95 -11.55
N SER A 740 -54.64 -40.94 -11.89
CA SER A 740 -53.21 -40.89 -11.55
C SER A 740 -52.51 -39.83 -12.40
N LYS A 741 -53.22 -39.40 -13.43
CA LYS A 741 -52.93 -38.32 -14.34
C LYS A 741 -54.23 -37.55 -14.24
N ILE A 742 -54.17 -36.27 -13.90
CA ILE A 742 -55.40 -35.56 -13.59
C ILE A 742 -56.34 -35.38 -14.76
N GLN A 743 -57.58 -35.71 -14.52
CA GLN A 743 -58.62 -35.66 -15.52
C GLN A 743 -59.42 -34.37 -15.55
N GLU A 744 -60.27 -34.29 -16.56
CA GLU A 744 -61.11 -33.14 -16.77
C GLU A 744 -61.99 -33.00 -15.55
N SER A 745 -62.41 -31.77 -15.29
CA SER A 745 -63.24 -31.39 -14.12
C SER A 745 -62.40 -31.26 -12.86
N THR A 746 -61.12 -31.62 -12.93
CA THR A 746 -60.21 -31.46 -11.82
C THR A 746 -59.13 -30.50 -12.25
N LYS A 747 -58.39 -30.85 -13.31
CA LYS A 747 -57.35 -29.95 -13.81
C LYS A 747 -57.95 -28.64 -14.34
N ASN A 748 -59.23 -28.67 -14.68
CA ASN A 748 -59.88 -27.48 -15.15
C ASN A 748 -60.17 -26.54 -13.99
N LEU A 749 -60.21 -27.08 -12.77
CA LEU A 749 -60.52 -26.30 -11.61
C LEU A 749 -59.26 -25.71 -11.06
N VAL A 750 -58.13 -26.38 -11.27
CA VAL A 750 -56.93 -25.75 -10.79
C VAL A 750 -56.64 -24.61 -11.74
N MET A 751 -56.98 -24.79 -13.03
CA MET A 751 -56.83 -23.69 -13.97
C MET A 751 -57.87 -22.62 -13.69
N GLY A 752 -59.05 -23.03 -13.22
CA GLY A 752 -60.07 -22.08 -12.86
C GLY A 752 -59.50 -21.16 -11.80
N ALA A 753 -58.93 -21.75 -10.75
CA ALA A 753 -58.36 -20.97 -9.66
C ALA A 753 -57.25 -20.06 -10.19
N VAL A 754 -56.46 -20.54 -11.15
CA VAL A 754 -55.43 -19.71 -11.74
C VAL A 754 -56.04 -18.52 -12.44
N ARG A 755 -57.10 -18.75 -13.21
CA ARG A 755 -57.77 -17.65 -13.89
C ARG A 755 -58.35 -16.64 -12.90
N GLN A 756 -58.85 -17.12 -11.75
CA GLN A 756 -59.41 -16.23 -10.74
C GLN A 756 -58.33 -15.36 -10.08
N HIS A 757 -57.18 -15.97 -9.79
CA HIS A 757 -56.07 -15.32 -9.10
C HIS A 757 -55.19 -14.44 -9.98
N PHE A 758 -54.69 -15.03 -11.06
CA PHE A 758 -53.70 -14.38 -11.88
C PHE A 758 -54.37 -13.58 -12.95
N ARG A 759 -53.84 -12.41 -13.22
CA ARG A 759 -54.41 -11.64 -14.28
C ARG A 759 -54.18 -12.40 -15.57
N PRO A 760 -55.11 -12.37 -16.54
CA PRO A 760 -54.96 -12.92 -17.87
C PRO A 760 -53.65 -12.47 -18.49
N GLU A 761 -53.23 -11.27 -18.11
CA GLU A 761 -52.01 -10.67 -18.59
C GLU A 761 -50.80 -11.51 -18.26
N PHE A 762 -50.83 -12.16 -17.10
CA PHE A 762 -49.71 -12.99 -16.70
C PHE A 762 -49.83 -14.26 -17.51
N LEU A 763 -51.05 -14.74 -17.56
CA LEU A 763 -51.36 -16.03 -18.15
C LEU A 763 -51.08 -16.01 -19.66
N ASN A 764 -51.15 -14.81 -20.25
CA ASN A 764 -50.92 -14.57 -21.66
C ASN A 764 -49.44 -14.45 -22.02
N ARG A 765 -48.57 -14.51 -21.01
CA ARG A 765 -47.15 -14.42 -21.24
C ARG A 765 -46.51 -15.76 -20.94
N ILE A 766 -47.07 -16.47 -19.96
CA ILE A 766 -46.51 -17.74 -19.51
C ILE A 766 -46.56 -18.72 -20.67
N SER A 767 -45.44 -19.41 -20.95
CA SER A 767 -45.37 -20.32 -22.08
C SER A 767 -46.43 -21.38 -21.93
N SER A 768 -46.57 -21.87 -20.71
CA SER A 768 -47.62 -22.85 -20.41
C SER A 768 -47.94 -22.92 -18.94
N ILE A 769 -49.20 -23.18 -18.66
CA ILE A 769 -49.61 -23.49 -17.31
C ILE A 769 -49.45 -24.98 -17.29
N VAL A 770 -48.69 -25.47 -16.35
CA VAL A 770 -48.33 -26.87 -16.31
C VAL A 770 -48.99 -27.55 -15.11
N ILE A 771 -49.78 -28.59 -15.37
CA ILE A 771 -50.52 -29.22 -14.28
C ILE A 771 -49.98 -30.60 -13.92
N PHE A 772 -49.72 -30.74 -12.64
CA PHE A 772 -49.15 -31.90 -11.99
C PHE A 772 -50.20 -32.80 -11.37
N ASN A 773 -49.87 -34.07 -11.25
CA ASN A 773 -50.80 -35.02 -10.67
C ASN A 773 -50.41 -35.54 -9.31
N LYS A 774 -51.41 -35.99 -8.57
CA LYS A 774 -51.20 -36.70 -7.33
C LYS A 774 -50.71 -38.09 -7.72
N LEU A 775 -49.70 -38.62 -7.04
CA LEU A 775 -49.25 -39.95 -7.40
C LEU A 775 -49.01 -40.78 -6.14
N SER A 776 -49.63 -41.95 -6.09
CA SER A 776 -49.54 -42.83 -4.93
C SER A 776 -48.18 -43.51 -4.81
N ARG A 777 -48.05 -44.19 -3.70
CA ARG A 777 -46.88 -44.96 -3.40
C ARG A 777 -46.55 -46.03 -4.45
N LYS A 778 -47.46 -46.35 -5.38
CA LYS A 778 -47.15 -47.37 -6.37
C LYS A 778 -45.86 -47.05 -7.14
N ALA A 779 -45.49 -45.75 -7.22
CA ALA A 779 -44.28 -45.38 -7.91
C ALA A 779 -43.48 -44.46 -7.01
N ILE A 780 -44.11 -43.86 -6.01
CA ILE A 780 -43.31 -43.03 -5.12
C ILE A 780 -42.30 -43.94 -4.42
N HIS A 781 -42.66 -45.20 -4.17
CA HIS A 781 -41.70 -46.13 -3.59
C HIS A 781 -40.38 -46.13 -4.40
N LYS A 782 -40.45 -45.88 -5.73
CA LYS A 782 -39.25 -45.90 -6.54
C LYS A 782 -38.36 -44.78 -6.06
N ILE A 783 -38.97 -43.66 -5.72
CA ILE A 783 -38.22 -42.52 -5.23
C ILE A 783 -37.54 -42.87 -3.94
N VAL A 784 -38.28 -43.56 -3.09
CA VAL A 784 -37.73 -43.93 -1.81
C VAL A 784 -36.49 -44.78 -2.03
N ASP A 785 -36.60 -45.77 -2.92
CA ASP A 785 -35.47 -46.63 -3.22
C ASP A 785 -34.31 -45.86 -3.83
N ILE A 786 -34.61 -44.92 -4.71
CA ILE A 786 -33.56 -44.15 -5.33
C ILE A 786 -32.79 -43.39 -4.29
N ARG A 787 -33.52 -42.77 -3.38
CA ARG A 787 -32.87 -42.04 -2.33
C ARG A 787 -32.05 -42.97 -1.47
N LEU A 788 -32.55 -44.14 -1.15
CA LEU A 788 -31.76 -45.04 -0.32
C LEU A 788 -30.47 -45.41 -1.04
N LYS A 789 -30.56 -45.61 -2.35
CA LYS A 789 -29.36 -45.95 -3.09
C LYS A 789 -28.40 -44.80 -3.07
N GLU A 790 -28.90 -43.58 -3.26
CA GLU A 790 -28.03 -42.42 -3.23
C GLU A 790 -27.35 -42.31 -1.89
N ILE A 791 -28.12 -42.51 -0.84
CA ILE A 791 -27.62 -42.35 0.50
C ILE A 791 -26.50 -43.31 0.82
N GLU A 792 -26.65 -44.58 0.46
CA GLU A 792 -25.54 -45.45 0.77
C GLU A 792 -24.37 -45.19 -0.19
N GLU A 793 -24.65 -44.92 -1.46
CA GLU A 793 -23.61 -44.74 -2.46
C GLU A 793 -22.79 -43.51 -2.24
N ARG A 794 -23.40 -42.45 -1.75
CA ARG A 794 -22.70 -41.20 -1.53
C ARG A 794 -21.70 -41.30 -0.38
N PHE A 795 -21.62 -42.41 0.36
CA PHE A 795 -20.61 -42.41 1.38
C PHE A 795 -19.25 -42.59 0.73
N GLU A 796 -18.60 -41.48 0.49
CA GLU A 796 -17.35 -41.42 -0.26
C GLU A 796 -16.23 -42.28 0.30
N GLN A 797 -16.20 -42.46 1.62
CA GLN A 797 -15.10 -43.21 2.21
C GLN A 797 -15.37 -44.68 2.54
N ASN A 798 -16.54 -45.22 2.20
CA ASN A 798 -16.73 -46.64 2.55
C ASN A 798 -17.94 -47.27 1.88
N ASP A 799 -18.18 -48.54 2.17
CA ASP A 799 -19.33 -49.25 1.61
C ASP A 799 -19.89 -50.30 2.55
N LYS A 800 -20.17 -49.90 3.78
CA LYS A 800 -20.74 -50.86 4.73
C LYS A 800 -22.23 -50.93 4.45
N HIS A 801 -22.54 -51.57 3.34
CA HIS A 801 -23.83 -51.66 2.69
C HIS A 801 -24.85 -52.36 3.57
N TYR A 802 -26.08 -51.90 3.52
CA TYR A 802 -27.09 -52.58 4.27
C TYR A 802 -27.55 -53.86 3.64
N LYS A 803 -27.96 -54.77 4.50
CA LYS A 803 -28.78 -55.87 4.07
C LYS A 803 -30.10 -55.16 4.11
N LEU A 804 -30.44 -54.54 2.98
CA LEU A 804 -31.50 -53.57 2.94
C LEU A 804 -32.86 -54.26 2.92
N ASN A 805 -33.19 -54.82 4.08
CA ASN A 805 -34.36 -55.61 4.34
C ASN A 805 -35.51 -54.70 4.63
N LEU A 806 -35.80 -53.89 3.66
CA LEU A 806 -36.86 -52.94 3.79
C LEU A 806 -38.15 -53.68 3.94
N THR A 807 -38.26 -54.76 3.18
CA THR A 807 -39.47 -55.54 3.06
C THR A 807 -40.65 -54.58 2.95
N GLN A 808 -41.83 -55.13 3.00
CA GLN A 808 -43.00 -54.29 2.82
C GLN A 808 -43.13 -53.32 3.99
N GLU A 809 -42.68 -53.73 5.17
CA GLU A 809 -42.84 -52.87 6.33
C GLU A 809 -42.09 -51.55 6.18
N ALA A 810 -40.87 -51.53 5.64
CA ALA A 810 -40.22 -50.23 5.46
C ALA A 810 -40.81 -49.51 4.28
N LYS A 811 -41.27 -50.26 3.27
CA LYS A 811 -41.80 -49.57 2.11
C LYS A 811 -42.97 -48.71 2.57
N ASP A 812 -43.81 -49.26 3.43
CA ASP A 812 -44.92 -48.48 3.92
C ASP A 812 -44.54 -47.59 5.08
N PHE A 813 -43.64 -48.01 5.97
CA PHE A 813 -43.27 -47.13 7.06
C PHE A 813 -42.72 -45.85 6.49
N LEU A 814 -41.78 -45.97 5.57
CA LEU A 814 -41.20 -44.79 4.97
C LEU A 814 -42.28 -44.00 4.23
N ALA A 815 -43.22 -44.68 3.56
CA ALA A 815 -44.31 -44.00 2.87
C ALA A 815 -45.52 -43.63 3.78
N LYS A 816 -45.51 -44.04 5.06
CA LYS A 816 -46.62 -43.78 6.00
C LYS A 816 -46.29 -42.77 7.07
N TYR A 817 -45.14 -42.94 7.72
CA TYR A 817 -44.70 -42.05 8.80
C TYR A 817 -43.70 -41.05 8.25
N GLY A 818 -43.46 -41.16 6.96
CA GLY A 818 -42.49 -40.36 6.25
C GLY A 818 -43.11 -39.58 5.14
N TYR A 819 -42.98 -40.10 3.94
CA TYR A 819 -43.41 -39.39 2.75
C TYR A 819 -44.78 -38.82 2.99
N SER A 820 -44.92 -37.54 2.74
CA SER A 820 -46.20 -36.91 2.98
C SER A 820 -46.80 -36.30 1.75
N ASP A 821 -48.10 -36.41 1.64
CA ASP A 821 -48.80 -35.77 0.52
C ASP A 821 -48.56 -34.28 0.45
N ASP A 822 -48.19 -33.66 1.58
CA ASP A 822 -47.94 -32.22 1.63
C ASP A 822 -46.44 -31.86 1.56
N MET A 823 -45.55 -32.81 1.90
CA MET A 823 -44.12 -32.46 2.01
C MET A 823 -43.21 -33.42 1.25
N GLY A 824 -43.81 -34.34 0.55
CA GLY A 824 -43.10 -35.29 -0.27
C GLY A 824 -42.07 -36.05 0.51
N ALA A 825 -40.87 -36.11 -0.07
CA ALA A 825 -39.73 -36.81 0.49
C ALA A 825 -39.07 -36.13 1.68
N ARG A 826 -39.38 -34.88 1.97
CA ARG A 826 -38.70 -34.25 3.09
C ARG A 826 -38.70 -35.13 4.36
N PRO A 827 -39.85 -35.66 4.80
CA PRO A 827 -39.91 -36.53 5.94
C PRO A 827 -39.27 -37.90 5.71
N LEU A 828 -39.06 -38.32 4.46
CA LEU A 828 -38.42 -39.61 4.28
C LEU A 828 -37.01 -39.45 4.71
N ASN A 829 -36.46 -38.32 4.30
CA ASN A 829 -35.08 -38.04 4.58
C ASN A 829 -34.90 -37.97 6.06
N ARG A 830 -35.84 -37.34 6.75
CA ARG A 830 -35.71 -37.25 8.18
C ARG A 830 -35.88 -38.61 8.86
N LEU A 831 -36.81 -39.46 8.37
CA LEU A 831 -36.93 -40.77 8.99
C LEU A 831 -35.67 -41.55 8.81
N ILE A 832 -35.09 -41.46 7.63
CA ILE A 832 -33.90 -42.20 7.37
C ILE A 832 -32.77 -41.70 8.25
N GLN A 833 -32.63 -40.38 8.37
CA GLN A 833 -31.56 -39.88 9.22
C GLN A 833 -31.72 -40.35 10.64
N ASN A 834 -32.94 -40.36 11.18
CA ASN A 834 -33.12 -40.74 12.56
C ASN A 834 -33.24 -42.22 12.86
N GLU A 835 -33.94 -42.95 12.02
CA GLU A 835 -34.19 -44.34 12.31
C GLU A 835 -33.12 -45.24 11.73
N ILE A 836 -32.35 -44.71 10.78
CA ILE A 836 -31.31 -45.51 10.17
C ILE A 836 -29.92 -44.92 10.43
N LEU A 837 -29.64 -43.71 9.97
CA LEU A 837 -28.26 -43.21 10.09
C LEU A 837 -27.82 -42.90 11.51
N ASN A 838 -28.70 -42.34 12.32
CA ASN A 838 -28.37 -42.07 13.71
C ASN A 838 -28.26 -43.36 14.53
N LYS A 839 -29.01 -44.41 14.12
CA LYS A 839 -28.97 -45.67 14.84
C LYS A 839 -27.68 -46.36 14.47
N LEU A 840 -27.31 -46.18 13.20
CA LEU A 840 -26.13 -46.74 12.61
C LEU A 840 -24.92 -46.07 13.25
N ALA A 841 -24.96 -44.74 13.37
CA ALA A 841 -23.83 -44.01 13.92
C ALA A 841 -23.50 -44.50 15.29
N LEU A 842 -24.53 -44.71 16.11
CA LEU A 842 -24.28 -45.14 17.45
C LEU A 842 -23.60 -46.50 17.47
N ARG A 843 -24.15 -47.48 16.77
CA ARG A 843 -23.54 -48.81 16.78
C ARG A 843 -22.16 -48.84 16.12
N ILE A 844 -21.88 -47.90 15.21
CA ILE A 844 -20.54 -47.81 14.66
C ILE A 844 -19.57 -47.42 15.78
N LEU A 845 -19.95 -46.42 16.55
CA LEU A 845 -19.12 -45.92 17.65
C LEU A 845 -18.97 -46.97 18.75
N LYS A 846 -19.98 -47.83 18.91
CA LYS A 846 -19.93 -48.94 19.87
C LYS A 846 -19.04 -50.07 19.37
N ASN A 847 -18.53 -49.95 18.14
CA ASN A 847 -17.73 -50.96 17.47
C ASN A 847 -18.51 -52.24 17.30
N GLU A 848 -19.81 -52.11 17.04
CA GLU A 848 -20.67 -53.26 16.82
C GLU A 848 -20.77 -53.65 15.36
N ILE A 849 -20.14 -52.86 14.50
CA ILE A 849 -20.10 -53.10 13.06
C ILE A 849 -18.68 -53.27 12.59
N LYS A 850 -18.45 -54.35 11.87
CA LYS A 850 -17.13 -54.60 11.31
C LYS A 850 -17.26 -54.26 9.84
N ASP A 851 -18.37 -54.71 9.27
CA ASP A 851 -18.75 -54.44 7.90
C ASP A 851 -20.25 -54.71 7.80
N LYS A 852 -20.85 -54.07 6.80
CA LYS A 852 -22.28 -54.13 6.47
C LYS A 852 -23.18 -53.90 7.69
N GLU A 853 -24.49 -53.92 7.49
CA GLU A 853 -25.43 -53.80 8.62
C GLU A 853 -26.79 -54.39 8.24
N THR A 854 -27.54 -54.85 9.24
CA THR A 854 -28.86 -55.44 9.00
C THR A 854 -30.08 -54.54 9.23
N VAL A 855 -30.95 -54.39 8.25
CA VAL A 855 -32.18 -53.64 8.46
C VAL A 855 -33.20 -54.49 9.20
N ASN A 856 -33.84 -53.91 10.22
CA ASN A 856 -34.85 -54.65 10.98
C ASN A 856 -35.97 -53.74 11.35
N VAL A 857 -36.97 -53.67 10.49
CA VAL A 857 -38.04 -52.74 10.76
C VAL A 857 -38.89 -53.35 11.86
N VAL A 858 -39.08 -52.64 12.97
CA VAL A 858 -39.90 -53.18 14.02
C VAL A 858 -41.05 -52.24 14.31
N LEU A 859 -42.25 -52.73 14.05
CA LEU A 859 -43.48 -51.96 14.22
C LEU A 859 -44.10 -52.18 15.59
N GLU A 874 -42.05 -48.71 15.06
CA GLU A 874 -41.73 -47.89 13.90
C GLU A 874 -40.61 -48.48 13.01
N GLU A 875 -39.35 -48.15 13.28
CA GLU A 875 -38.27 -48.65 12.44
C GLU A 875 -36.92 -48.70 13.15
N CYS A 876 -36.12 -49.71 12.83
CA CYS A 876 -34.79 -49.80 13.39
C CYS A 876 -33.87 -50.69 12.60
N LEU A 877 -32.63 -50.73 13.06
CA LEU A 877 -31.60 -51.57 12.48
C LEU A 877 -31.20 -52.65 13.49
N GLU A 878 -30.94 -53.85 13.01
CA GLU A 878 -30.45 -54.91 13.87
C GLU A 878 -28.94 -54.84 13.82
N VAL A 879 -28.26 -55.30 14.85
CA VAL A 879 -26.82 -55.27 14.77
C VAL A 879 -26.33 -56.53 14.08
N LEU A 880 -25.63 -56.37 12.95
CA LEU A 880 -25.16 -57.53 12.21
C LEU A 880 -24.15 -58.43 12.98
N PRO A 881 -23.00 -57.94 13.49
CA PRO A 881 -22.15 -58.69 14.40
C PRO A 881 -22.90 -58.92 15.71
N ASN A 882 -22.53 -59.91 16.50
CA ASN A 882 -23.25 -60.08 17.78
C ASN A 882 -22.77 -59.09 18.84
N HIS A 883 -23.02 -57.81 18.60
CA HIS A 883 -22.56 -56.72 19.47
C HIS A 883 -21.05 -56.81 19.69
N GLU A 884 -20.35 -57.17 18.63
CA GLU A 884 -18.90 -57.38 18.65
C GLU A 884 -18.08 -56.11 18.59
N GLN B 6 22.09 29.21 -38.28
CA GLN B 6 23.44 28.68 -38.41
C GLN B 6 24.18 28.72 -37.09
N PHE B 7 24.09 29.86 -36.40
CA PHE B 7 24.78 30.09 -35.13
C PHE B 7 23.82 30.22 -33.96
N THR B 8 24.28 29.79 -32.77
CA THR B 8 23.50 29.94 -31.55
C THR B 8 23.51 31.37 -31.10
N GLU B 9 22.63 31.71 -30.16
CA GLU B 9 22.56 33.07 -29.64
C GLU B 9 23.85 33.47 -28.95
N ARG B 10 24.56 32.47 -28.43
CA ARG B 10 25.81 32.70 -27.73
C ARG B 10 26.88 32.97 -28.75
N ALA B 11 26.92 32.15 -29.81
CA ALA B 11 27.92 32.35 -30.85
C ALA B 11 27.68 33.67 -31.52
N LEU B 12 26.42 34.01 -31.75
CA LEU B 12 26.09 35.26 -32.38
C LEU B 12 26.51 36.41 -31.49
N THR B 13 26.35 36.28 -30.19
CA THR B 13 26.79 37.33 -29.31
C THR B 13 28.27 37.55 -29.49
N ILE B 14 29.03 36.46 -29.46
CA ILE B 14 30.46 36.54 -29.58
C ILE B 14 30.93 37.07 -30.90
N LEU B 15 30.32 36.63 -31.98
CA LEU B 15 30.75 37.10 -33.27
C LEU B 15 30.32 38.54 -33.50
N THR B 16 29.19 38.93 -32.93
CA THR B 16 28.77 40.30 -33.05
C THR B 16 29.82 41.13 -32.38
N LEU B 17 30.21 40.71 -31.18
CA LEU B 17 31.22 41.39 -30.44
C LEU B 17 32.56 41.36 -31.15
N ALA B 18 32.92 40.24 -31.76
CA ALA B 18 34.21 40.19 -32.42
C ALA B 18 34.28 41.20 -33.55
N GLN B 19 33.21 41.23 -34.36
CA GLN B 19 33.18 42.13 -35.50
C GLN B 19 33.13 43.56 -34.98
N LYS B 20 32.40 43.76 -33.88
CA LYS B 20 32.29 45.05 -33.24
C LYS B 20 33.67 45.53 -32.83
N LEU B 21 34.45 44.64 -32.20
CA LEU B 21 35.78 44.99 -31.75
C LEU B 21 36.68 45.38 -32.90
N ALA B 22 36.56 44.70 -34.04
CA ALA B 22 37.38 45.10 -35.18
C ALA B 22 37.06 46.56 -35.52
N SER B 23 35.79 46.97 -35.40
CA SER B 23 35.47 48.37 -35.69
C SER B 23 35.76 49.29 -34.49
N ASP B 24 35.73 48.77 -33.26
CA ASP B 24 35.98 49.63 -32.09
C ASP B 24 37.44 50.01 -31.99
N HIS B 25 38.31 49.08 -32.37
CA HIS B 25 39.74 49.31 -32.32
C HIS B 25 40.25 49.75 -33.68
N GLN B 26 39.33 49.88 -34.63
CA GLN B 26 39.60 50.28 -35.99
C GLN B 26 40.70 49.45 -36.66
N HIS B 27 40.58 48.15 -36.57
CA HIS B 27 41.57 47.24 -37.12
C HIS B 27 41.35 46.95 -38.61
N PRO B 28 42.38 46.63 -39.41
CA PRO B 28 42.28 46.29 -40.84
C PRO B 28 41.46 45.04 -41.15
N GLN B 29 41.30 44.16 -40.18
CA GLN B 29 40.49 42.96 -40.39
C GLN B 29 40.19 42.30 -39.06
N LEU B 30 39.10 41.55 -39.02
CA LEU B 30 38.80 40.75 -37.86
C LEU B 30 39.80 39.60 -37.77
N GLN B 31 40.40 39.36 -36.60
CA GLN B 31 41.38 38.30 -36.39
C GLN B 31 40.99 37.41 -35.19
N PRO B 32 41.60 36.21 -35.03
CA PRO B 32 41.41 35.34 -33.89
C PRO B 32 41.52 36.11 -32.57
N ILE B 33 42.32 37.15 -32.56
CA ILE B 33 42.53 37.98 -31.39
C ILE B 33 41.25 38.69 -31.00
N HIS B 34 40.46 39.11 -32.00
CA HIS B 34 39.23 39.83 -31.72
C HIS B 34 38.22 38.86 -31.21
N ILE B 35 38.24 37.64 -31.73
CA ILE B 35 37.28 36.72 -31.19
C ILE B 35 37.68 36.42 -29.74
N LEU B 36 38.98 36.24 -29.48
CA LEU B 36 39.36 36.00 -28.09
C LEU B 36 38.91 37.19 -27.25
N ALA B 37 39.10 38.39 -27.77
CA ALA B 37 38.67 39.59 -27.09
C ALA B 37 37.15 39.60 -26.93
N ALA B 38 36.41 39.08 -27.91
CA ALA B 38 34.96 39.02 -27.85
C ALA B 38 34.53 38.13 -26.71
N PHE B 39 35.26 37.04 -26.54
CA PHE B 39 34.99 36.13 -25.45
C PHE B 39 35.26 36.88 -24.16
N ILE B 40 36.29 37.71 -24.15
CA ILE B 40 36.54 38.54 -22.99
C ILE B 40 35.73 39.79 -23.15
N GLU B 41 34.42 39.66 -23.05
CA GLU B 41 33.53 40.79 -23.29
C GLU B 41 33.80 41.85 -22.26
N THR B 42 33.81 41.36 -21.05
CA THR B 42 33.98 42.11 -19.85
C THR B 42 34.12 41.04 -18.78
N PRO B 43 34.81 41.27 -17.68
CA PRO B 43 34.91 40.32 -16.57
C PRO B 43 33.62 40.23 -15.75
N GLU B 44 32.56 39.75 -16.39
CA GLU B 44 31.25 39.53 -15.78
C GLU B 44 31.30 38.21 -15.02
N ASP B 45 30.70 38.16 -13.83
CA ASP B 45 30.67 36.90 -13.06
C ASP B 45 30.06 35.73 -13.85
N GLY B 46 29.13 36.06 -14.75
CA GLY B 46 28.41 35.13 -15.61
C GLY B 46 29.17 34.85 -16.91
N SER B 47 30.41 35.34 -17.01
CA SER B 47 31.18 35.21 -18.23
C SER B 47 31.77 33.83 -18.42
N VAL B 48 30.94 32.96 -18.97
CA VAL B 48 31.30 31.59 -19.22
C VAL B 48 32.60 31.40 -20.01
N PRO B 49 32.83 32.09 -21.14
CA PRO B 49 34.05 31.96 -21.92
C PRO B 49 35.25 32.71 -21.35
N TYR B 50 35.07 33.49 -20.27
CA TYR B 50 36.22 34.22 -19.76
C TYR B 50 36.50 34.03 -18.28
N LEU B 51 35.59 34.37 -17.39
CA LEU B 51 35.95 34.23 -15.98
C LEU B 51 35.79 32.81 -15.51
N GLN B 52 34.83 32.12 -16.09
CA GLN B 52 34.49 30.76 -15.72
C GLN B 52 35.04 29.82 -16.76
N ASN B 53 35.99 30.29 -17.54
CA ASN B 53 36.39 29.52 -18.68
C ASN B 53 37.32 28.37 -18.47
N LEU B 54 37.67 27.82 -19.63
CA LEU B 54 38.39 26.61 -19.90
C LEU B 54 39.90 26.75 -19.68
N ILE B 55 40.34 27.98 -19.46
CA ILE B 55 41.74 28.33 -19.31
C ILE B 55 42.00 28.56 -17.83
N GLU B 56 41.14 29.37 -17.20
CA GLU B 56 41.22 29.68 -15.77
C GLU B 56 41.07 28.45 -14.91
N LYS B 57 40.16 27.56 -15.32
CA LYS B 57 39.94 26.33 -14.60
C LYS B 57 40.85 25.23 -15.13
N GLY B 58 41.72 25.61 -16.06
CA GLY B 58 42.64 24.73 -16.74
C GLY B 58 44.06 24.97 -16.27
N ARG B 59 44.73 25.97 -16.86
CA ARG B 59 46.12 26.24 -16.55
C ARG B 59 46.51 27.72 -16.34
N TYR B 60 45.80 28.67 -16.96
CA TYR B 60 46.31 30.05 -16.91
C TYR B 60 45.31 31.10 -16.41
N ASP B 61 45.82 32.12 -15.73
CA ASP B 61 45.06 33.24 -15.14
C ASP B 61 44.34 34.11 -16.17
N TYR B 62 43.00 34.14 -16.07
CA TYR B 62 42.15 34.94 -16.96
C TYR B 62 42.62 36.40 -17.09
N ASP B 63 43.18 36.97 -16.03
CA ASP B 63 43.57 38.37 -16.06
C ASP B 63 44.78 38.56 -16.96
N LEU B 64 45.67 37.58 -16.96
CA LEU B 64 46.89 37.73 -17.71
C LEU B 64 46.62 37.42 -19.16
N PHE B 65 45.71 36.47 -19.38
CA PHE B 65 45.32 36.07 -20.72
C PHE B 65 44.80 37.34 -21.41
N LYS B 66 43.87 38.01 -20.73
CA LYS B 66 43.32 39.26 -21.20
C LYS B 66 44.38 40.28 -21.57
N LYS B 67 45.37 40.46 -20.72
CA LYS B 67 46.40 41.43 -21.00
C LYS B 67 47.15 41.08 -22.28
N VAL B 68 47.37 39.78 -22.53
CA VAL B 68 48.04 39.43 -23.78
C VAL B 68 47.18 39.78 -24.95
N VAL B 69 45.89 39.46 -24.84
CA VAL B 69 44.96 39.72 -25.91
C VAL B 69 44.92 41.21 -26.16
N ASN B 70 44.88 42.00 -25.09
CA ASN B 70 44.87 43.43 -25.24
C ASN B 70 46.14 43.90 -25.93
N ARG B 71 47.28 43.32 -25.58
CA ARG B 71 48.51 43.72 -26.27
C ARG B 71 48.39 43.39 -27.74
N ASN B 72 47.77 42.27 -28.07
CA ASN B 72 47.60 41.92 -29.46
C ASN B 72 46.64 42.86 -30.14
N LEU B 73 45.63 43.37 -29.43
CA LEU B 73 44.70 44.32 -30.03
C LEU B 73 45.44 45.63 -30.33
N VAL B 74 46.41 45.96 -29.48
CA VAL B 74 47.24 47.13 -29.71
C VAL B 74 48.18 46.90 -30.90
N ARG B 75 48.79 45.71 -30.96
CA ARG B 75 49.71 45.36 -32.02
C ARG B 75 49.04 45.33 -33.40
N ILE B 76 47.78 44.91 -33.48
CA ILE B 76 47.08 44.96 -34.76
C ILE B 76 46.82 46.45 -35.01
N PRO B 77 47.33 47.05 -36.12
CA PRO B 77 47.28 48.47 -36.40
C PRO B 77 45.90 49.06 -36.37
N GLN B 78 45.81 50.30 -35.86
CA GLN B 78 44.54 51.00 -35.82
C GLN B 78 44.56 51.98 -36.98
N GLN B 79 43.49 51.97 -37.77
CA GLN B 79 43.42 52.74 -38.99
C GLN B 79 42.20 53.66 -39.03
N GLN B 80 42.09 54.43 -40.09
CA GLN B 80 40.96 55.34 -40.28
C GLN B 80 39.68 54.54 -40.54
N PRO B 81 38.47 55.06 -40.28
CA PRO B 81 37.17 54.42 -40.52
C PRO B 81 37.01 53.75 -41.88
N ALA B 82 37.60 54.30 -42.94
CA ALA B 82 37.44 53.67 -44.24
C ALA B 82 38.24 52.34 -44.31
N PRO B 83 39.54 52.30 -43.92
CA PRO B 83 40.32 51.06 -43.82
C PRO B 83 39.99 50.25 -42.56
N ALA B 84 39.28 50.84 -41.62
CA ALA B 84 38.92 50.12 -40.42
C ALA B 84 37.94 49.00 -40.70
N GLU B 85 38.02 47.95 -39.89
CA GLU B 85 37.14 46.78 -39.89
C GLU B 85 37.27 45.91 -41.14
N ILE B 86 36.82 46.44 -42.29
CA ILE B 86 36.86 45.82 -43.63
C ILE B 86 36.22 44.43 -43.81
N THR B 87 36.75 43.42 -43.12
CA THR B 87 36.35 42.03 -43.31
C THR B 87 36.39 41.12 -42.07
N PRO B 88 35.55 40.07 -42.04
CA PRO B 88 35.62 38.94 -41.13
C PRO B 88 36.95 38.17 -41.18
N SER B 89 37.69 38.32 -42.30
CA SER B 89 39.01 37.70 -42.58
C SER B 89 38.97 36.22 -42.92
N TYR B 90 39.84 35.86 -43.87
CA TYR B 90 40.06 34.47 -44.26
C TYR B 90 40.39 33.60 -43.05
N ALA B 91 41.04 34.22 -42.06
CA ALA B 91 41.46 33.50 -40.88
C ALA B 91 40.27 32.97 -40.13
N LEU B 92 39.19 33.75 -40.11
CA LEU B 92 38.06 33.34 -39.36
C LEU B 92 37.08 32.65 -40.24
N GLY B 93 37.20 32.84 -41.54
CA GLY B 93 36.37 32.05 -42.42
C GLY B 93 36.75 30.60 -42.11
N LYS B 94 38.06 30.37 -41.91
CA LYS B 94 38.56 29.06 -41.55
C LYS B 94 38.12 28.66 -40.14
N VAL B 95 38.31 29.52 -39.14
CA VAL B 95 37.92 29.16 -37.76
C VAL B 95 36.45 28.84 -37.63
N LEU B 96 35.60 29.66 -38.23
CA LEU B 96 34.19 29.44 -38.10
C LEU B 96 33.75 28.23 -38.91
N GLN B 97 34.37 27.97 -40.06
CA GLN B 97 34.00 26.77 -40.78
C GLN B 97 34.45 25.56 -39.96
N ASP B 98 35.61 25.67 -39.32
CA ASP B 98 36.05 24.57 -38.48
C ASP B 98 35.08 24.40 -37.31
N ALA B 99 34.56 25.52 -36.77
CA ALA B 99 33.58 25.40 -35.70
C ALA B 99 32.37 24.64 -36.21
N ALA B 100 31.98 24.89 -37.46
CA ALA B 100 30.86 24.18 -38.07
C ALA B 100 31.18 22.68 -38.15
N LYS B 101 32.42 22.33 -38.45
CA LYS B 101 32.79 20.92 -38.54
C LYS B 101 32.62 20.30 -37.17
N ILE B 102 32.98 21.06 -36.14
CA ILE B 102 32.85 20.58 -34.78
C ILE B 102 31.38 20.33 -34.50
N GLN B 103 30.51 21.22 -34.95
CA GLN B 103 29.09 21.01 -34.71
C GLN B 103 28.63 19.69 -35.27
N LYS B 104 29.20 19.30 -36.40
CA LYS B 104 28.74 18.05 -36.98
C LYS B 104 29.29 16.91 -36.14
N GLN B 105 30.51 17.07 -35.65
CA GLN B 105 31.13 16.04 -34.83
C GLN B 105 30.31 15.81 -33.57
N GLN B 106 29.79 16.91 -33.03
CA GLN B 106 29.03 16.97 -31.79
C GLN B 106 27.52 16.76 -31.92
N LYS B 107 27.01 16.55 -33.14
CA LYS B 107 25.57 16.41 -33.40
C LYS B 107 24.71 17.63 -32.98
N ASP B 108 25.27 18.84 -33.05
CA ASP B 108 24.53 20.06 -32.68
C ASP B 108 24.18 20.94 -33.89
N SER B 109 22.89 21.19 -34.12
CA SER B 109 22.45 21.95 -35.31
C SER B 109 22.91 23.42 -35.44
N PHE B 110 23.22 24.10 -34.34
CA PHE B 110 23.68 25.50 -34.42
C PHE B 110 25.06 25.67 -33.84
N ILE B 111 25.84 26.60 -34.39
CA ILE B 111 27.20 26.78 -33.89
C ILE B 111 27.29 27.32 -32.49
N ALA B 112 27.97 26.54 -31.64
CA ALA B 112 28.15 26.92 -30.25
C ALA B 112 29.36 27.80 -30.13
N GLN B 113 29.32 28.77 -29.22
CA GLN B 113 30.49 29.62 -29.03
C GLN B 113 31.65 28.76 -28.54
N ASP B 114 31.34 27.63 -27.94
CA ASP B 114 32.32 26.73 -27.42
C ASP B 114 33.10 26.10 -28.54
N HIS B 115 32.42 25.87 -29.64
CA HIS B 115 33.04 25.20 -30.76
C HIS B 115 33.93 26.21 -31.43
N ILE B 116 33.50 27.46 -31.35
CA ILE B 116 34.32 28.54 -31.84
C ILE B 116 35.56 28.59 -30.96
N LEU B 117 35.42 28.45 -29.64
CA LEU B 117 36.60 28.47 -28.77
C LEU B 117 37.57 27.39 -29.18
N PHE B 118 37.10 26.21 -29.54
CA PHE B 118 38.08 25.19 -29.90
C PHE B 118 38.74 25.51 -31.22
N ALA B 119 37.95 25.85 -32.23
CA ALA B 119 38.51 26.12 -33.54
C ALA B 119 39.48 27.31 -33.47
N LEU B 120 39.09 28.30 -32.69
CA LEU B 120 39.82 29.52 -32.49
C LEU B 120 41.13 29.26 -31.81
N PHE B 121 41.04 28.52 -30.71
CA PHE B 121 42.21 28.26 -29.92
C PHE B 121 43.24 27.52 -30.74
N ASN B 122 42.80 26.57 -31.56
CA ASN B 122 43.70 25.77 -32.37
C ASN B 122 44.54 26.61 -33.31
N ASP B 123 43.96 27.67 -33.85
CA ASP B 123 44.72 28.55 -34.73
C ASP B 123 45.71 29.41 -33.95
N SER B 124 45.27 29.93 -32.81
CA SER B 124 46.05 30.86 -32.01
C SER B 124 47.17 30.17 -31.24
N SER B 125 48.13 30.93 -30.73
CA SER B 125 49.13 30.33 -29.85
C SER B 125 49.93 31.38 -29.08
N ILE B 126 49.59 31.64 -27.82
CA ILE B 126 50.32 32.70 -27.12
C ILE B 126 51.62 32.18 -26.52
N GLN B 127 52.62 32.11 -27.38
CA GLN B 127 53.91 31.54 -27.06
C GLN B 127 54.87 32.54 -26.45
N GLN B 128 54.47 33.06 -25.33
CA GLN B 128 55.29 33.95 -24.54
C GLN B 128 56.10 33.05 -23.63
N ILE B 129 57.26 33.48 -23.13
CA ILE B 129 57.91 32.62 -22.13
C ILE B 129 56.97 32.56 -20.93
N PHE B 130 56.27 33.67 -20.74
CA PHE B 130 55.22 33.85 -19.79
C PHE B 130 53.98 33.37 -20.52
N LYS B 131 53.92 32.06 -20.77
CA LYS B 131 52.87 31.52 -21.64
C LYS B 131 51.51 31.79 -21.10
N GLU B 132 50.60 32.13 -22.01
CA GLU B 132 49.21 32.30 -21.67
C GLU B 132 48.47 31.49 -22.67
N ALA B 133 49.24 30.87 -23.58
CA ALA B 133 48.64 30.06 -24.62
C ALA B 133 47.62 29.22 -23.95
N GLN B 134 46.47 29.11 -24.55
CA GLN B 134 45.41 28.39 -23.93
C GLN B 134 45.87 27.02 -23.55
N VAL B 135 45.46 26.57 -22.37
CA VAL B 135 45.78 25.24 -21.92
C VAL B 135 45.34 24.34 -23.05
N ASP B 136 46.05 23.26 -23.32
CA ASP B 136 45.65 22.52 -24.49
C ASP B 136 44.32 21.83 -24.32
N ILE B 137 43.96 21.11 -25.37
CA ILE B 137 42.70 20.44 -25.53
C ILE B 137 42.21 19.53 -24.42
N GLU B 138 43.08 18.94 -23.61
CA GLU B 138 42.50 18.06 -22.62
C GLU B 138 41.79 18.87 -21.57
N ALA B 139 42.46 19.90 -21.07
CA ALA B 139 41.84 20.73 -20.05
C ALA B 139 40.69 21.52 -20.65
N ILE B 140 40.86 21.95 -21.89
CA ILE B 140 39.84 22.76 -22.49
C ILE B 140 38.58 21.95 -22.69
N LYS B 141 38.73 20.73 -23.19
CA LYS B 141 37.58 19.91 -23.46
C LYS B 141 36.92 19.43 -22.19
N GLN B 142 37.69 19.04 -21.19
CA GLN B 142 37.03 18.57 -20.00
C GLN B 142 36.20 19.68 -19.42
N GLN B 143 36.76 20.88 -19.38
CA GLN B 143 36.00 21.95 -18.80
C GLN B 143 34.80 22.28 -19.66
N ALA B 144 34.92 22.15 -20.99
CA ALA B 144 33.79 22.44 -21.85
C ALA B 144 32.67 21.46 -21.59
N LEU B 145 33.00 20.19 -21.43
CA LEU B 145 32.01 19.15 -21.20
C LEU B 145 31.29 19.35 -19.87
N GLU B 146 32.01 19.92 -18.91
CA GLU B 146 31.46 20.19 -17.60
C GLU B 146 30.65 21.49 -17.55
N LEU B 147 30.50 22.20 -18.68
CA LEU B 147 29.72 23.43 -18.63
C LEU B 147 28.26 23.20 -18.31
N ARG B 148 27.78 23.90 -17.28
CA ARG B 148 26.39 23.80 -16.84
C ARG B 148 26.04 22.34 -16.66
N GLY B 149 25.11 21.80 -17.45
CA GLY B 149 24.76 20.40 -17.27
C GLY B 149 23.72 20.16 -16.19
N TYR B 166 22.89 21.17 -15.94
CA TYR B 166 21.83 21.06 -14.95
C TYR B 166 20.45 21.18 -15.53
N LEU B 167 19.83 22.37 -15.48
CA LEU B 167 18.42 22.50 -15.83
C LEU B 167 17.94 21.72 -17.06
N SER B 168 18.71 21.68 -18.13
CA SER B 168 18.28 20.99 -19.35
C SER B 168 18.03 19.47 -19.15
N LYS B 169 18.56 18.89 -18.09
CA LYS B 169 18.37 17.49 -17.77
C LYS B 169 17.06 17.30 -17.07
N TYR B 170 16.52 18.42 -16.64
CA TYR B 170 15.32 18.46 -15.88
C TYR B 170 14.26 19.29 -16.60
N ALA B 171 14.58 19.86 -17.76
CA ALA B 171 13.55 20.72 -18.35
C ALA B 171 13.57 20.95 -19.85
N ILE B 172 12.41 21.36 -20.34
CA ILE B 172 12.26 21.78 -21.74
C ILE B 172 12.26 23.29 -21.86
N ASP B 173 13.21 23.82 -22.63
CA ASP B 173 13.27 25.26 -22.77
C ASP B 173 12.26 25.73 -23.78
N MET B 174 11.09 26.07 -23.26
CA MET B 174 9.98 26.45 -24.10
C MET B 174 10.29 27.71 -24.85
N THR B 175 11.03 28.60 -24.21
CA THR B 175 11.38 29.82 -24.93
C THR B 175 12.36 29.59 -26.08
N GLU B 176 13.27 28.63 -25.97
CA GLU B 176 14.10 28.40 -27.14
C GLU B 176 13.25 27.69 -28.17
N GLN B 177 12.41 26.78 -27.71
CA GLN B 177 11.56 26.05 -28.62
C GLN B 177 10.80 27.06 -29.44
N ALA B 178 10.21 28.05 -28.79
CA ALA B 178 9.46 29.07 -29.48
C ALA B 178 10.34 29.77 -30.52
N ARG B 179 11.61 30.05 -30.19
CA ARG B 179 12.49 30.68 -31.18
C ARG B 179 12.73 29.75 -32.37
N GLN B 180 12.70 28.47 -32.11
CA GLN B 180 12.91 27.45 -33.10
C GLN B 180 11.59 26.95 -33.68
N GLY B 181 10.50 27.65 -33.38
CA GLY B 181 9.20 27.19 -33.82
C GLY B 181 8.87 25.92 -33.08
N LYS B 182 8.51 24.86 -33.78
CA LYS B 182 8.16 23.61 -33.10
C LYS B 182 7.11 23.90 -32.04
N LEU B 183 6.24 24.86 -32.31
CA LEU B 183 5.30 25.28 -31.32
C LEU B 183 4.14 26.01 -31.96
N ASP B 184 2.94 25.62 -31.58
CA ASP B 184 1.77 26.28 -32.13
C ASP B 184 1.70 27.72 -31.66
N PRO B 185 1.17 28.64 -32.46
CA PRO B 185 0.93 29.99 -32.07
C PRO B 185 -0.20 29.99 -31.08
N VAL B 186 -0.23 30.98 -30.23
CA VAL B 186 -1.30 31.10 -29.26
C VAL B 186 -2.17 32.31 -29.52
N ILE B 187 -3.45 32.02 -29.71
CA ILE B 187 -4.50 32.96 -30.11
C ILE B 187 -5.69 33.10 -29.14
N GLY B 188 -6.11 34.33 -28.78
CA GLY B 188 -7.33 34.48 -27.95
C GLY B 188 -7.13 34.48 -26.44
N ARG B 189 -5.88 34.52 -26.02
CA ARG B 189 -5.53 34.54 -24.60
C ARG B 189 -4.73 35.76 -24.24
N GLU B 190 -4.85 36.80 -25.02
CA GLU B 190 -4.03 37.96 -24.79
C GLU B 190 -4.18 38.51 -23.39
N GLU B 191 -5.39 38.50 -22.85
CA GLU B 191 -5.54 38.98 -21.49
C GLU B 191 -5.00 38.02 -20.47
N GLU B 192 -5.23 36.74 -20.67
CA GLU B 192 -4.76 35.77 -19.69
C GLU B 192 -3.25 35.84 -19.60
N ILE B 193 -2.64 36.05 -20.76
CA ILE B 193 -1.21 36.17 -20.86
C ILE B 193 -0.80 37.44 -20.14
N ARG B 194 -1.48 38.56 -20.40
CA ARG B 194 -1.13 39.79 -19.70
C ARG B 194 -1.27 39.66 -18.21
N SER B 195 -2.32 39.00 -17.76
CA SER B 195 -2.48 38.83 -16.34
C SER B 195 -1.38 37.97 -15.76
N THR B 196 -1.01 36.91 -16.47
CA THR B 196 0.03 36.03 -16.00
C THR B 196 1.30 36.82 -15.81
N ILE B 197 1.59 37.66 -16.77
CA ILE B 197 2.76 38.51 -16.76
C ILE B 197 2.68 39.49 -15.61
N ARG B 198 1.53 40.11 -15.40
CA ARG B 198 1.36 41.04 -14.30
C ARG B 198 1.59 40.35 -12.98
N VAL B 199 1.19 39.09 -12.88
CA VAL B 199 1.47 38.35 -11.67
C VAL B 199 2.96 38.11 -11.51
N LEU B 200 3.61 37.70 -12.59
CA LEU B 200 5.05 37.46 -12.56
C LEU B 200 5.84 38.73 -12.24
N ALA B 201 5.27 39.88 -12.58
CA ALA B 201 5.90 41.18 -12.34
C ALA B 201 5.89 41.56 -10.83
N ARG B 202 5.21 40.77 -10.00
CA ARG B 202 5.19 40.96 -8.56
C ARG B 202 6.53 40.62 -7.96
N ARG B 203 6.82 41.13 -6.76
CA ARG B 203 8.09 40.77 -6.14
C ARG B 203 7.90 39.71 -5.08
N ILE B 204 6.68 39.60 -4.55
CA ILE B 204 6.39 38.66 -3.49
C ILE B 204 5.28 37.70 -3.87
N LYS B 205 5.49 36.39 -3.69
CA LYS B 205 4.43 35.44 -4.04
C LYS B 205 3.95 35.69 -5.46
N SER B 206 4.93 35.82 -6.34
CA SER B 206 4.71 36.17 -7.73
C SER B 206 4.33 35.02 -8.66
N ASN B 207 4.13 33.83 -8.14
CA ASN B 207 3.77 32.76 -9.05
C ASN B 207 2.32 32.91 -9.50
N PRO B 208 2.01 32.67 -10.76
CA PRO B 208 0.67 32.49 -11.25
C PRO B 208 0.30 31.02 -11.23
N CYS B 209 -0.98 30.75 -11.24
CA CYS B 209 -1.44 29.41 -11.56
C CYS B 209 -2.67 29.49 -12.40
N LEU B 210 -2.69 28.69 -13.44
CA LEU B 210 -3.82 28.64 -14.33
C LEU B 210 -4.79 27.57 -13.87
N ILE B 211 -6.04 27.95 -13.60
CA ILE B 211 -7.04 26.98 -13.14
C ILE B 211 -8.22 26.88 -14.08
N GLY B 212 -8.52 25.69 -14.52
CA GLY B 212 -9.64 25.52 -15.44
C GLY B 212 -10.13 24.10 -15.57
N GLU B 213 -10.22 23.65 -16.80
CA GLU B 213 -10.69 22.33 -17.19
C GLU B 213 -9.88 21.94 -18.42
N PRO B 214 -9.45 20.69 -18.58
CA PRO B 214 -8.64 20.30 -19.70
C PRO B 214 -9.34 20.65 -21.01
N GLY B 215 -8.51 21.10 -21.92
CA GLY B 215 -8.91 21.50 -23.26
C GLY B 215 -9.12 23.01 -23.41
N ILE B 216 -9.17 23.74 -22.28
CA ILE B 216 -9.34 25.18 -22.30
C ILE B 216 -8.17 26.00 -22.86
N GLY B 217 -6.92 25.63 -22.56
CA GLY B 217 -5.78 26.38 -23.09
C GLY B 217 -4.76 26.84 -22.06
N LYS B 218 -4.71 26.20 -20.90
CA LYS B 218 -3.76 26.61 -19.88
C LYS B 218 -2.34 26.52 -20.39
N THR B 219 -1.96 25.37 -20.96
CA THR B 219 -0.61 25.25 -21.43
C THR B 219 -0.43 26.26 -22.52
N ALA B 220 -1.43 26.39 -23.37
CA ALA B 220 -1.36 27.35 -24.45
C ALA B 220 -1.08 28.73 -23.89
N ILE B 221 -1.67 29.09 -22.75
CA ILE B 221 -1.37 30.39 -22.17
C ILE B 221 0.10 30.48 -21.85
N ILE B 222 0.66 29.43 -21.26
CA ILE B 222 2.07 29.44 -20.93
C ILE B 222 2.90 29.65 -22.17
N GLU B 223 2.55 28.92 -23.20
CA GLU B 223 3.24 29.03 -24.47
C GLU B 223 3.04 30.46 -25.00
N GLY B 224 1.87 31.01 -24.76
CA GLY B 224 1.56 32.37 -25.15
C GLY B 224 2.48 33.33 -24.45
N VAL B 225 2.79 33.04 -23.19
CA VAL B 225 3.71 33.88 -22.48
C VAL B 225 5.06 33.75 -23.16
N ALA B 226 5.42 32.51 -23.57
CA ALA B 226 6.68 32.34 -24.26
C ALA B 226 6.69 33.25 -25.48
N GLN B 227 5.56 33.38 -26.16
CA GLN B 227 5.56 34.27 -27.31
C GLN B 227 5.82 35.69 -26.86
N ARG B 228 5.27 36.09 -25.74
CA ARG B 228 5.45 37.47 -25.35
C ARG B 228 6.88 37.76 -24.95
N ILE B 229 7.51 36.82 -24.26
CA ILE B 229 8.88 37.08 -23.89
C ILE B 229 9.80 36.98 -25.11
N ILE B 230 9.50 36.06 -25.99
CA ILE B 230 10.26 35.84 -27.19
C ILE B 230 10.16 36.93 -28.21
N ASP B 231 8.99 37.50 -28.36
CA ASP B 231 8.80 38.55 -29.33
C ASP B 231 9.02 39.94 -28.72
N ASP B 232 9.60 39.98 -27.51
CA ASP B 232 9.94 41.22 -26.80
C ASP B 232 8.73 42.12 -26.47
N ASP B 233 7.63 41.53 -25.97
CA ASP B 233 6.44 42.26 -25.51
C ASP B 233 6.48 42.47 -24.01
N VAL B 234 7.09 41.51 -23.32
CA VAL B 234 7.13 41.49 -21.86
C VAL B 234 7.91 42.69 -21.24
N PRO B 235 7.32 43.41 -20.25
CA PRO B 235 7.89 44.55 -19.56
C PRO B 235 9.27 44.29 -19.00
N THR B 236 10.07 45.36 -18.95
CA THR B 236 11.48 45.33 -18.57
C THR B 236 11.87 44.34 -17.47
N ILE B 237 11.18 44.34 -16.34
CA ILE B 237 11.62 43.45 -15.27
C ILE B 237 11.49 41.97 -15.65
N LEU B 238 10.53 41.65 -16.53
CA LEU B 238 10.35 40.28 -16.98
C LEU B 238 10.90 40.11 -18.39
N GLN B 239 11.32 41.19 -18.99
CA GLN B 239 11.88 41.20 -20.35
C GLN B 239 13.06 40.25 -20.46
N GLY B 240 13.78 40.10 -19.37
CA GLY B 240 14.95 39.23 -19.32
C GLY B 240 14.59 37.77 -18.95
N ALA B 241 13.32 37.42 -18.99
CA ALA B 241 12.89 36.09 -18.59
C ALA B 241 13.06 34.99 -19.63
N LYS B 242 13.12 33.75 -19.11
CA LYS B 242 13.19 32.53 -19.92
C LYS B 242 12.20 31.48 -19.38
N LEU B 243 11.63 30.60 -20.24
CA LEU B 243 10.67 29.58 -19.74
C LEU B 243 11.04 28.13 -19.92
N PHE B 244 10.92 27.40 -18.80
CA PHE B 244 11.26 25.99 -18.79
C PHE B 244 10.21 25.06 -18.17
N SER B 245 9.94 23.92 -18.82
CA SER B 245 9.00 22.91 -18.29
C SER B 245 9.74 21.96 -17.41
N LEU B 246 9.52 22.00 -16.09
CA LEU B 246 10.35 21.24 -15.15
C LEU B 246 9.76 20.06 -14.40
N ASP B 247 8.76 19.39 -14.90
CA ASP B 247 8.17 18.35 -14.08
C ASP B 247 8.30 16.87 -14.48
N LEU B 248 7.70 16.02 -13.64
CA LEU B 248 7.61 14.60 -13.84
C LEU B 248 8.92 13.88 -14.07
N ALA B 249 9.31 13.75 -15.33
CA ALA B 249 10.52 13.04 -15.67
C ALA B 249 11.68 13.74 -15.01
N ALA B 250 11.54 15.04 -14.91
CA ALA B 250 12.49 15.93 -14.30
C ALA B 250 12.68 15.64 -12.84
N LEU B 251 11.63 15.14 -12.22
CA LEU B 251 11.57 15.00 -10.80
C LEU B 251 11.88 13.60 -10.35
N THR B 252 11.08 12.65 -10.84
CA THR B 252 11.17 11.30 -10.31
C THR B 252 11.71 10.27 -11.23
N ALA B 253 11.80 10.53 -12.52
CA ALA B 253 12.36 9.46 -13.37
C ALA B 253 13.75 9.10 -12.85
N GLY B 254 14.46 10.09 -12.31
CA GLY B 254 15.78 9.88 -11.75
C GLY B 254 15.82 9.82 -10.21
N ALA B 255 14.69 9.57 -9.54
CA ALA B 255 14.66 9.56 -8.07
C ALA B 255 14.40 8.18 -7.47
N LYS B 256 15.44 7.57 -6.85
CA LYS B 256 15.35 6.20 -6.33
C LYS B 256 15.33 6.09 -4.80
N TYR B 257 16.25 6.83 -4.18
CA TYR B 257 16.45 6.85 -2.75
C TYR B 257 15.87 8.14 -2.20
N LYS B 258 15.41 8.14 -0.95
CA LYS B 258 15.06 9.43 -0.39
C LYS B 258 16.29 10.32 -0.52
N GLY B 259 16.12 11.51 -1.10
CA GLY B 259 17.23 12.42 -1.33
C GLY B 259 17.57 12.57 -2.81
N ASP B 260 17.21 11.60 -3.64
CA ASP B 260 17.55 11.79 -5.06
C ASP B 260 16.64 12.83 -5.70
N PHE B 261 15.35 12.76 -5.42
CA PHE B 261 14.48 13.76 -5.99
C PHE B 261 14.86 15.12 -5.53
N GLU B 262 15.03 15.21 -4.24
CA GLU B 262 15.32 16.45 -3.62
C GLU B 262 16.67 16.99 -4.10
N GLU B 263 17.65 16.12 -4.35
CA GLU B 263 18.92 16.59 -4.87
C GLU B 263 18.73 17.21 -6.22
N ARG B 264 17.99 16.53 -7.09
CA ARG B 264 17.78 17.01 -8.44
C ARG B 264 17.10 18.36 -8.38
N PHE B 265 16.10 18.44 -7.54
CA PHE B 265 15.29 19.63 -7.42
C PHE B 265 16.05 20.80 -6.83
N LYS B 266 16.75 20.57 -5.73
CA LYS B 266 17.53 21.63 -5.12
C LYS B 266 18.63 22.08 -6.05
N GLY B 267 19.23 21.13 -6.76
CA GLY B 267 20.29 21.45 -7.70
C GLY B 267 19.73 22.52 -8.61
N VAL B 268 18.57 22.25 -9.18
CA VAL B 268 17.93 23.21 -10.03
C VAL B 268 17.57 24.48 -9.32
N LEU B 269 17.03 24.40 -8.11
CA LEU B 269 16.66 25.64 -7.47
C LEU B 269 17.88 26.53 -7.27
N LYS B 270 19.01 25.93 -6.93
CA LYS B 270 20.17 26.75 -6.75
C LYS B 270 20.52 27.40 -8.07
N GLU B 271 20.56 26.61 -9.14
CA GLU B 271 20.95 27.16 -10.42
C GLU B 271 20.05 28.32 -10.84
N ILE B 272 18.73 28.15 -10.73
CA ILE B 272 17.82 29.17 -11.22
C ILE B 272 17.88 30.43 -10.36
N GLU B 273 18.28 30.29 -9.10
CA GLU B 273 18.33 31.43 -8.23
C GLU B 273 19.62 32.21 -8.32
N GLU B 274 20.52 31.81 -9.21
CA GLU B 274 21.77 32.54 -9.28
C GLU B 274 22.12 32.94 -10.71
N SER B 275 22.59 34.19 -10.87
CA SER B 275 23.14 34.75 -12.13
C SER B 275 22.24 34.86 -13.38
N LYS B 276 21.55 33.80 -13.74
CA LYS B 276 20.85 33.71 -15.02
C LYS B 276 19.58 34.48 -15.17
N THR B 277 19.66 35.80 -15.12
CA THR B 277 18.49 36.65 -15.33
C THR B 277 17.19 36.08 -14.76
N LEU B 278 16.08 36.38 -15.42
CA LEU B 278 14.79 35.99 -14.85
C LEU B 278 14.35 34.58 -15.25
N ILE B 279 14.97 33.59 -14.69
CA ILE B 279 14.51 32.27 -15.09
C ILE B 279 13.10 32.05 -14.57
N VAL B 280 12.18 31.68 -15.45
CA VAL B 280 10.82 31.39 -15.07
C VAL B 280 10.55 29.95 -15.45
N LEU B 281 9.99 29.25 -14.53
CA LEU B 281 9.76 27.85 -14.71
C LEU B 281 8.31 27.59 -14.88
N PHE B 282 7.95 26.41 -15.31
CA PHE B 282 6.55 26.09 -15.26
C PHE B 282 6.30 24.62 -15.05
N ILE B 283 5.12 24.37 -14.53
CA ILE B 283 4.62 23.06 -14.21
C ILE B 283 3.25 22.89 -14.80
N ASP B 284 2.98 21.72 -15.34
CA ASP B 284 1.65 21.54 -15.83
C ASP B 284 0.78 21.11 -14.66
N GLU B 285 0.42 19.84 -14.58
CA GLU B 285 -0.44 19.40 -13.50
C GLU B 285 0.20 19.40 -12.14
N ILE B 286 0.13 20.55 -11.48
CA ILE B 286 0.72 20.74 -10.17
C ILE B 286 0.16 19.81 -9.09
N HIS B 287 -0.94 19.13 -9.38
CA HIS B 287 -1.56 18.17 -8.48
C HIS B 287 -0.54 17.09 -8.11
N MET B 288 0.38 16.83 -9.04
CA MET B 288 1.41 15.83 -8.91
C MET B 288 2.38 16.13 -7.75
N LEU B 289 2.46 17.39 -7.37
CA LEU B 289 3.40 17.90 -6.40
C LEU B 289 2.86 17.65 -5.04
N MET B 290 3.65 17.94 -4.02
CA MET B 290 3.19 17.91 -2.63
C MET B 290 3.11 16.50 -2.08
N GLY B 291 2.12 15.74 -2.54
CA GLY B 291 1.95 14.36 -2.09
C GLY B 291 1.00 14.23 -0.89
N ASN B 292 0.62 13.00 -0.58
CA ASN B 292 -0.39 12.71 0.45
C ASN B 292 0.14 12.79 1.88
N GLY B 293 0.40 14.01 2.31
CA GLY B 293 0.99 14.28 3.60
C GLY B 293 2.20 15.15 3.39
N LYS B 294 2.31 15.66 2.18
CA LYS B 294 3.38 16.55 1.76
C LYS B 294 4.73 15.87 1.77
N ASP B 295 5.28 15.66 2.96
CA ASP B 295 6.59 15.05 3.10
C ASP B 295 7.59 15.70 2.14
N ASP B 296 7.42 17.00 1.95
CA ASP B 296 8.18 17.87 1.07
C ASP B 296 8.34 17.43 -0.37
N ALA B 297 7.29 17.05 -1.10
CA ALA B 297 7.55 16.82 -2.52
C ALA B 297 7.60 18.19 -3.21
N ALA B 298 8.75 18.87 -3.02
CA ALA B 298 9.11 20.22 -3.49
C ALA B 298 8.45 21.35 -2.70
N ASN B 299 7.17 21.18 -2.42
CA ASN B 299 6.35 22.20 -1.82
C ASN B 299 6.71 22.68 -0.42
N ILE B 300 7.60 21.98 0.31
CA ILE B 300 7.99 22.50 1.61
C ILE B 300 9.26 23.30 1.42
N LEU B 301 10.14 22.83 0.54
CA LEU B 301 11.37 23.56 0.23
C LEU B 301 11.08 24.89 -0.48
N LYS B 302 10.21 24.84 -1.48
CA LYS B 302 9.91 26.00 -2.31
C LYS B 302 9.47 27.30 -1.64
N PRO B 303 8.54 27.33 -0.64
CA PRO B 303 8.02 28.50 0.01
C PRO B 303 9.04 29.54 0.41
N ALA B 304 10.26 29.15 0.71
CA ALA B 304 11.24 30.14 1.13
C ALA B 304 11.43 31.16 0.02
N LEU B 305 11.33 30.66 -1.19
CA LEU B 305 11.59 31.42 -2.36
C LEU B 305 10.36 32.19 -2.79
N SER B 306 9.29 32.13 -1.99
CA SER B 306 8.11 32.93 -2.29
C SER B 306 8.47 34.39 -2.05
N ARG B 307 9.53 34.57 -1.27
CA ARG B 307 10.08 35.87 -1.04
C ARG B 307 11.30 35.92 -1.92
N GLY B 308 12.12 34.87 -1.84
CA GLY B 308 13.33 34.76 -2.63
C GLY B 308 13.09 34.32 -4.09
N GLN B 309 12.34 35.11 -4.84
CA GLN B 309 12.03 34.87 -6.27
C GLN B 309 11.24 33.59 -6.64
N LEU B 310 11.91 32.54 -7.18
CA LEU B 310 11.22 31.32 -7.64
C LEU B 310 10.01 31.53 -8.53
N LYS B 311 10.18 32.18 -9.67
CA LYS B 311 9.01 32.39 -10.50
C LYS B 311 8.63 31.14 -11.27
N VAL B 312 7.43 30.66 -11.01
CA VAL B 312 6.90 29.44 -11.61
C VAL B 312 5.48 29.62 -12.09
N ILE B 313 5.15 29.17 -13.29
CA ILE B 313 3.76 29.22 -13.72
C ILE B 313 3.21 27.81 -13.59
N GLY B 314 2.22 27.62 -12.75
CA GLY B 314 1.68 26.26 -12.63
C GLY B 314 0.33 26.17 -13.32
N ALA B 315 -0.25 24.97 -13.38
CA ALA B 315 -1.57 24.82 -13.95
C ALA B 315 -2.33 23.67 -13.31
N THR B 316 -3.64 23.83 -13.21
CA THR B 316 -4.54 22.83 -12.67
C THR B 316 -6.00 23.00 -13.06
N THR B 317 -6.83 22.14 -12.50
CA THR B 317 -8.25 22.21 -12.80
C THR B 317 -9.19 22.21 -11.60
N ASN B 318 -10.34 22.79 -11.80
CA ASN B 318 -11.49 22.73 -10.88
C ASN B 318 -11.30 22.08 -9.48
N ASN B 319 -11.60 20.79 -9.37
CA ASN B 319 -11.64 20.15 -8.08
C ASN B 319 -10.34 19.57 -7.64
N GLU B 320 -9.43 19.30 -8.57
CA GLU B 320 -8.19 18.75 -8.06
C GLU B 320 -7.53 19.93 -7.35
N TYR B 321 -7.75 21.13 -7.92
CA TYR B 321 -7.27 22.39 -7.38
C TYR B 321 -7.82 22.54 -6.01
N ARG B 322 -9.12 22.43 -5.90
CA ARG B 322 -9.73 22.54 -4.62
C ARG B 322 -9.08 21.61 -3.61
N SER B 323 -8.91 20.33 -3.96
CA SER B 323 -8.36 19.40 -2.97
C SER B 323 -6.91 19.69 -2.61
N ILE B 324 -6.12 20.20 -3.54
CA ILE B 324 -4.75 20.46 -3.17
C ILE B 324 -4.60 21.75 -2.45
N VAL B 325 -5.46 22.70 -2.74
CA VAL B 325 -5.41 23.96 -2.05
C VAL B 325 -5.70 23.72 -0.60
N GLU B 326 -6.73 22.92 -0.36
CA GLU B 326 -7.12 22.56 0.99
C GLU B 326 -6.02 21.85 1.74
N LYS B 327 -5.40 20.86 1.10
CA LYS B 327 -4.35 20.12 1.77
C LYS B 327 -3.08 20.92 1.93
N ASP B 328 -2.85 21.85 1.03
CA ASP B 328 -1.65 22.62 1.06
C ASP B 328 -1.64 23.81 1.99
N GLY B 329 -2.40 24.86 1.65
CA GLY B 329 -2.43 26.07 2.46
C GLY B 329 -1.17 26.95 2.37
N ALA B 330 -0.22 26.61 1.50
CA ALA B 330 1.04 27.33 1.39
C ALA B 330 1.19 27.78 -0.03
N PHE B 331 1.32 26.83 -0.95
CA PHE B 331 1.36 27.16 -2.35
C PHE B 331 0.12 27.96 -2.55
N GLU B 332 -1.00 27.50 -1.97
CA GLU B 332 -2.25 28.25 -2.05
C GLU B 332 -2.09 29.77 -1.93
N ARG B 333 -1.20 30.21 -1.06
CA ARG B 333 -1.03 31.61 -0.77
C ARG B 333 0.12 32.21 -1.55
N ARG B 334 0.94 31.36 -2.13
CA ARG B 334 2.15 31.79 -2.82
C ARG B 334 2.00 32.03 -4.32
N PHE B 335 0.77 32.00 -4.81
CA PHE B 335 0.55 32.28 -6.22
C PHE B 335 -0.80 32.94 -6.43
N GLN B 336 -0.95 33.57 -7.59
CA GLN B 336 -2.23 34.16 -7.95
C GLN B 336 -3.12 33.19 -8.70
N LYS B 337 -4.31 33.01 -8.16
CA LYS B 337 -5.27 32.16 -8.82
C LYS B 337 -5.72 32.81 -10.10
N ILE B 338 -5.57 32.13 -11.22
CA ILE B 338 -6.07 32.68 -12.46
C ILE B 338 -7.10 31.75 -13.05
N GLU B 339 -8.35 32.18 -13.07
CA GLU B 339 -9.34 31.31 -13.66
C GLU B 339 -9.18 31.42 -15.15
N VAL B 340 -9.17 30.30 -15.85
CA VAL B 340 -9.06 30.38 -17.29
C VAL B 340 -10.36 29.91 -17.91
N ALA B 341 -11.10 30.84 -18.47
CA ALA B 341 -12.40 30.54 -19.05
C ALA B 341 -12.25 29.92 -20.43
N GLU B 342 -13.19 29.07 -20.79
CA GLU B 342 -13.24 28.55 -22.15
C GLU B 342 -13.47 29.73 -23.09
N PRO B 343 -12.73 29.92 -24.19
CA PRO B 343 -12.91 30.97 -25.17
C PRO B 343 -14.29 30.85 -25.80
N SER B 344 -14.79 31.93 -26.35
CA SER B 344 -16.03 31.88 -27.07
C SER B 344 -15.87 31.10 -28.36
N VAL B 345 -16.98 30.76 -29.00
CA VAL B 345 -16.90 30.06 -30.26
C VAL B 345 -16.16 30.91 -31.27
N ARG B 346 -16.44 32.21 -31.29
CA ARG B 346 -15.75 33.09 -32.24
C ARG B 346 -14.26 33.11 -31.98
N GLN B 347 -13.86 33.15 -30.70
CA GLN B 347 -12.44 33.10 -30.39
C GLN B 347 -11.87 31.78 -30.81
N THR B 348 -12.64 30.72 -30.62
CA THR B 348 -12.18 29.42 -31.00
C THR B 348 -11.93 29.39 -32.48
N VAL B 349 -12.83 29.95 -33.26
CA VAL B 349 -12.60 29.94 -34.68
C VAL B 349 -11.32 30.69 -34.97
N ALA B 350 -11.10 31.82 -34.31
CA ALA B 350 -9.88 32.55 -34.55
C ALA B 350 -8.68 31.67 -34.25
N ILE B 351 -8.78 30.85 -33.21
CA ILE B 351 -7.71 29.95 -32.88
C ILE B 351 -7.52 28.96 -33.99
N LEU B 352 -8.62 28.42 -34.48
CA LEU B 352 -8.54 27.39 -35.48
C LEU B 352 -7.89 27.99 -36.72
N ARG B 353 -8.22 29.24 -37.04
CA ARG B 353 -7.65 29.95 -38.17
C ARG B 353 -6.17 30.17 -37.98
N GLY B 354 -5.77 30.50 -36.76
CA GLY B 354 -4.37 30.70 -36.48
C GLY B 354 -3.57 29.42 -36.70
N LEU B 355 -4.21 28.29 -36.42
CA LEU B 355 -3.57 27.01 -36.56
C LEU B 355 -3.82 26.35 -37.91
N GLN B 356 -4.75 26.87 -38.69
CA GLN B 356 -5.02 26.29 -39.99
C GLN B 356 -3.79 25.87 -40.77
N PRO B 357 -2.76 26.71 -40.98
CA PRO B 357 -1.59 26.34 -41.75
C PRO B 357 -0.77 25.27 -41.08
N LYS B 358 -0.91 25.08 -39.79
CA LYS B 358 -0.10 24.07 -39.15
C LYS B 358 -0.73 22.72 -39.41
N TYR B 359 -2.05 22.73 -39.57
CA TYR B 359 -2.75 21.51 -39.90
C TYR B 359 -2.53 21.20 -41.34
N GLU B 360 -2.68 22.21 -42.17
CA GLU B 360 -2.53 21.98 -43.59
C GLU B 360 -1.10 21.51 -43.90
N ILE B 361 -0.10 22.13 -43.25
CA ILE B 361 1.27 21.72 -43.49
C ILE B 361 1.57 20.31 -42.99
N HIS B 362 1.16 20.01 -41.75
CA HIS B 362 1.44 18.68 -41.23
C HIS B 362 0.81 17.60 -42.08
N HIS B 363 -0.48 17.73 -42.32
CA HIS B 363 -1.23 16.74 -43.03
C HIS B 363 -1.04 16.75 -44.52
N GLY B 364 -0.63 17.89 -45.09
CA GLY B 364 -0.44 18.00 -46.53
C GLY B 364 -1.78 18.08 -47.21
N VAL B 365 -2.71 18.81 -46.58
CA VAL B 365 -4.09 18.95 -47.04
C VAL B 365 -4.49 20.41 -47.12
N ARG B 366 -5.66 20.69 -47.68
CA ARG B 366 -6.19 22.04 -47.64
C ARG B 366 -7.48 21.98 -46.85
N ILE B 367 -7.88 23.07 -46.20
CA ILE B 367 -9.18 23.05 -45.55
C ILE B 367 -9.99 24.26 -45.98
N LEU B 368 -11.29 24.26 -45.71
CA LEU B 368 -12.11 25.45 -45.97
C LEU B 368 -12.14 26.39 -44.76
N ASP B 369 -12.26 27.70 -44.96
CA ASP B 369 -12.44 28.53 -43.76
C ASP B 369 -13.71 28.15 -43.02
N SER B 370 -14.74 27.77 -43.76
CA SER B 370 -15.98 27.40 -43.12
C SER B 370 -15.80 26.13 -42.29
N ALA B 371 -14.75 25.36 -42.57
CA ALA B 371 -14.48 24.15 -41.85
C ALA B 371 -14.07 24.54 -40.44
N LEU B 372 -13.31 25.62 -40.35
CA LEU B 372 -12.83 26.09 -39.06
C LEU B 372 -14.03 26.58 -38.27
N VAL B 373 -14.91 27.28 -38.97
CA VAL B 373 -16.09 27.82 -38.33
C VAL B 373 -16.93 26.67 -37.80
N THR B 374 -17.11 25.69 -38.66
CA THR B 374 -17.87 24.51 -38.36
C THR B 374 -17.32 23.74 -37.19
N ALA B 375 -16.02 23.49 -37.15
CA ALA B 375 -15.49 22.73 -36.03
C ALA B 375 -15.76 23.42 -34.71
N ALA B 376 -15.60 24.75 -34.67
CA ALA B 376 -15.82 25.44 -33.40
C ALA B 376 -17.27 25.31 -32.96
N GLN B 377 -18.17 25.44 -33.91
CA GLN B 377 -19.58 25.37 -33.60
C GLN B 377 -20.01 23.97 -33.22
N LEU B 378 -19.51 22.97 -33.95
CA LEU B 378 -19.85 21.60 -33.66
C LEU B 378 -19.35 21.21 -32.33
N ALA B 379 -18.14 21.62 -32.00
CA ALA B 379 -17.60 21.28 -30.71
C ALA B 379 -18.45 21.90 -29.61
N LYS B 380 -18.90 23.13 -29.82
CA LYS B 380 -19.71 23.78 -28.78
C LYS B 380 -20.98 22.99 -28.57
N ARG B 381 -21.56 22.56 -29.66
CA ARG B 381 -22.81 21.83 -29.64
C ARG B 381 -22.71 20.37 -29.19
N TYR B 382 -21.67 19.66 -29.64
CA TYR B 382 -21.59 18.22 -29.44
C TYR B 382 -20.50 17.62 -28.58
N LEU B 383 -19.57 18.42 -28.03
CA LEU B 383 -18.55 17.80 -27.21
C LEU B 383 -18.41 18.40 -25.80
N PRO B 384 -19.50 18.45 -24.99
CA PRO B 384 -19.59 19.12 -23.69
C PRO B 384 -18.91 18.37 -22.57
N TYR B 385 -17.65 18.09 -22.74
CA TYR B 385 -16.88 17.39 -21.76
C TYR B 385 -15.43 17.66 -22.09
N ARG B 386 -15.23 18.20 -23.28
CA ARG B 386 -13.93 18.63 -23.80
C ARG B 386 -14.08 20.11 -24.15
N ARG B 387 -13.27 20.99 -23.59
CA ARG B 387 -13.54 22.41 -23.88
C ARG B 387 -13.13 22.81 -25.32
N LEU B 388 -13.89 23.75 -25.90
CA LEU B 388 -13.71 24.22 -27.28
C LEU B 388 -12.35 24.10 -27.92
N PRO B 389 -11.37 24.98 -27.66
CA PRO B 389 -10.10 24.97 -28.38
C PRO B 389 -9.71 23.56 -28.72
N ASP B 390 -9.59 22.72 -27.72
CA ASP B 390 -9.14 21.37 -27.98
C ASP B 390 -10.18 20.55 -28.73
N SER B 391 -11.45 20.67 -28.37
CA SER B 391 -12.48 19.86 -29.01
C SER B 391 -12.59 20.16 -30.48
N ALA B 392 -12.57 21.43 -30.79
CA ALA B 392 -12.65 21.89 -32.15
C ALA B 392 -11.43 21.43 -32.90
N LEU B 393 -10.28 21.49 -32.25
CA LEU B 393 -9.07 21.04 -32.89
C LEU B 393 -9.11 19.55 -33.11
N ASP B 394 -9.72 18.79 -32.22
CA ASP B 394 -9.84 17.37 -32.49
C ASP B 394 -10.62 17.19 -33.77
N LEU B 395 -11.69 17.96 -33.93
CA LEU B 395 -12.43 17.79 -35.16
C LEU B 395 -11.57 18.16 -36.35
N VAL B 396 -10.79 19.22 -36.23
CA VAL B 396 -9.94 19.63 -37.35
C VAL B 396 -8.86 18.63 -37.67
N ASP B 397 -8.16 18.17 -36.65
CA ASP B 397 -7.03 17.28 -36.81
C ASP B 397 -7.54 15.97 -37.35
N ILE B 398 -8.61 15.46 -36.76
CA ILE B 398 -9.18 14.21 -37.18
C ILE B 398 -9.67 14.31 -38.60
N SER B 399 -10.36 15.40 -38.91
CA SER B 399 -10.85 15.60 -40.25
C SER B 399 -9.71 15.64 -41.25
N CYS B 400 -8.63 16.34 -40.88
CA CYS B 400 -7.48 16.44 -41.75
C CYS B 400 -6.86 15.07 -41.92
N ALA B 401 -6.79 14.29 -40.83
CA ALA B 401 -6.24 12.95 -40.88
C ALA B 401 -7.09 12.10 -41.81
N GLY B 402 -8.40 12.27 -41.74
CA GLY B 402 -9.30 11.55 -42.59
C GLY B 402 -8.89 11.81 -44.02
N VAL B 403 -8.74 13.10 -44.35
CA VAL B 403 -8.34 13.51 -45.69
C VAL B 403 -6.95 13.03 -46.05
N ALA B 404 -6.01 13.13 -45.13
CA ALA B 404 -4.65 12.70 -45.44
C ALA B 404 -4.66 11.23 -45.79
N VAL B 405 -5.45 10.45 -45.06
CA VAL B 405 -5.54 9.05 -45.36
C VAL B 405 -6.19 8.88 -46.71
N ALA B 406 -7.26 9.63 -46.94
CA ALA B 406 -7.95 9.54 -48.21
C ALA B 406 -6.99 9.83 -49.34
N ARG B 407 -6.12 10.82 -49.16
CA ARG B 407 -5.14 11.15 -50.17
C ARG B 407 -4.27 9.95 -50.41
N ASP B 408 -3.77 9.38 -49.34
CA ASP B 408 -2.90 8.24 -49.43
C ASP B 408 -3.62 6.97 -49.86
N SER B 409 -4.96 6.95 -49.81
CA SER B 409 -5.73 5.81 -50.28
C SER B 409 -5.99 5.90 -51.79
N LYS B 410 -5.67 7.04 -52.42
CA LYS B 410 -5.93 7.24 -53.84
C LYS B 410 -5.21 6.20 -54.73
N PRO B 411 -4.00 5.71 -54.37
CA PRO B 411 -3.32 4.68 -55.08
C PRO B 411 -4.20 3.44 -55.21
N GLU B 412 -5.28 3.31 -54.42
CA GLU B 412 -6.15 2.16 -54.57
C GLU B 412 -6.83 2.19 -55.93
N GLU B 413 -7.14 3.38 -56.44
CA GLU B 413 -7.78 3.38 -57.75
C GLU B 413 -6.75 2.88 -58.72
N LEU B 414 -5.52 3.36 -58.53
CA LEU B 414 -4.43 2.98 -59.41
C LEU B 414 -4.14 1.51 -59.28
N ASP B 415 -4.21 1.00 -58.05
CA ASP B 415 -3.92 -0.39 -57.77
C ASP B 415 -5.00 -1.28 -58.34
N SER B 416 -6.26 -0.84 -58.37
CA SER B 416 -7.20 -1.76 -58.95
C SER B 416 -6.82 -2.02 -60.42
N LYS B 417 -6.25 -1.00 -61.08
CA LYS B 417 -5.81 -1.19 -62.45
C LYS B 417 -4.44 -1.91 -62.48
N GLU B 418 -3.54 -1.56 -61.56
CA GLU B 418 -2.20 -2.17 -61.56
C GLU B 418 -2.28 -3.63 -61.20
N ARG B 419 -3.18 -4.00 -60.29
CA ARG B 419 -3.29 -5.40 -59.91
C ARG B 419 -3.74 -6.17 -61.11
N GLN B 420 -4.69 -5.63 -61.88
CA GLN B 420 -5.09 -6.38 -63.06
C GLN B 420 -3.90 -6.47 -64.00
N LEU B 421 -3.16 -5.37 -64.14
CA LEU B 421 -2.02 -5.32 -65.01
C LEU B 421 -0.99 -6.37 -64.60
N GLN B 422 -0.67 -6.42 -63.32
CA GLN B 422 0.30 -7.38 -62.85
C GLN B 422 -0.19 -8.80 -62.99
N LEU B 423 -1.48 -9.05 -62.78
CA LEU B 423 -1.96 -10.41 -62.96
C LEU B 423 -1.76 -10.77 -64.40
N ILE B 424 -2.02 -9.82 -65.28
CA ILE B 424 -1.85 -9.97 -66.69
C ILE B 424 -0.41 -10.14 -67.13
N GLN B 425 0.53 -9.31 -66.67
CA GLN B 425 1.88 -9.48 -67.19
C GLN B 425 2.49 -10.79 -66.68
N VAL B 426 2.10 -11.18 -65.47
CA VAL B 426 2.58 -12.40 -64.91
C VAL B 426 1.96 -13.59 -65.63
N GLU B 427 0.65 -13.52 -65.89
CA GLU B 427 -0.02 -14.61 -66.57
C GLU B 427 0.53 -14.68 -67.98
N ILE B 428 0.79 -13.56 -68.62
CA ILE B 428 1.38 -13.61 -69.95
C ILE B 428 2.71 -14.31 -69.86
N LYS B 429 3.55 -13.98 -68.87
CA LYS B 429 4.80 -14.72 -68.78
C LYS B 429 4.49 -16.22 -68.77
N ALA B 430 3.52 -16.65 -67.97
CA ALA B 430 3.13 -18.07 -67.89
C ALA B 430 2.57 -18.61 -69.23
N LEU B 431 1.80 -17.80 -69.95
CA LEU B 431 1.19 -18.22 -71.20
C LEU B 431 2.19 -18.30 -72.35
N GLU B 432 3.10 -17.33 -72.36
CA GLU B 432 4.12 -17.18 -73.38
C GLU B 432 5.30 -18.13 -73.18
N ARG B 433 5.81 -18.22 -71.96
CA ARG B 433 6.96 -19.10 -71.74
C ARG B 433 6.46 -20.52 -71.44
N ASP B 434 5.99 -21.14 -72.51
CA ASP B 434 5.32 -22.43 -72.54
C ASP B 434 5.43 -23.07 -73.93
N GLU B 435 4.97 -24.30 -74.05
CA GLU B 435 4.89 -25.00 -75.33
C GLU B 435 3.49 -24.79 -75.85
N ASP B 436 2.58 -24.62 -74.91
CA ASP B 436 1.19 -24.38 -75.26
C ASP B 436 1.07 -22.92 -75.78
N ALA B 437 2.18 -22.19 -75.65
CA ALA B 437 2.38 -20.83 -76.15
C ALA B 437 2.28 -20.82 -77.67
N ASP B 438 2.70 -21.93 -78.30
CA ASP B 438 2.65 -22.04 -79.75
C ASP B 438 1.27 -22.53 -80.13
N SER B 439 0.69 -23.35 -79.25
CA SER B 439 -0.67 -23.82 -79.42
C SER B 439 -1.63 -22.66 -79.29
N THR B 440 -2.76 -22.72 -79.98
CA THR B 440 -3.73 -21.67 -79.80
C THR B 440 -4.25 -21.63 -78.35
N THR B 441 -4.02 -22.71 -77.60
CA THR B 441 -4.41 -22.82 -76.21
C THR B 441 -3.98 -21.61 -75.36
N LYS B 442 -2.74 -21.14 -75.50
CA LYS B 442 -2.30 -20.03 -74.65
C LYS B 442 -2.20 -18.73 -75.45
N ASP B 443 -2.72 -18.74 -76.69
CA ASP B 443 -2.67 -17.58 -77.61
C ASP B 443 -3.51 -16.45 -77.08
N ARG B 444 -4.33 -16.75 -76.08
CA ARG B 444 -5.16 -15.81 -75.36
C ARG B 444 -4.29 -14.70 -74.76
N LEU B 445 -2.97 -14.93 -74.66
CA LEU B 445 -2.06 -13.94 -74.13
C LEU B 445 -2.10 -12.67 -74.97
N LYS B 446 -2.53 -12.77 -76.24
CA LYS B 446 -2.60 -11.59 -77.07
C LYS B 446 -3.72 -10.66 -76.60
N LEU B 447 -4.70 -11.23 -75.90
CA LEU B 447 -5.84 -10.48 -75.43
C LEU B 447 -5.42 -9.92 -74.12
N ALA B 448 -4.63 -10.71 -73.42
CA ALA B 448 -4.09 -10.28 -72.15
C ALA B 448 -3.24 -9.04 -72.42
N ARG B 449 -2.48 -9.06 -73.54
CA ARG B 449 -1.68 -7.91 -73.94
C ARG B 449 -2.57 -6.71 -74.31
N GLN B 450 -3.74 -6.96 -74.92
CA GLN B 450 -4.63 -5.84 -75.21
C GLN B 450 -5.02 -5.18 -73.89
N LYS B 451 -5.25 -6.03 -72.88
CA LYS B 451 -5.65 -5.55 -71.57
C LYS B 451 -4.51 -4.87 -70.83
N GLU B 452 -3.26 -5.37 -70.92
CA GLU B 452 -2.22 -4.67 -70.16
C GLU B 452 -2.00 -3.31 -70.79
N ALA B 453 -2.16 -3.25 -72.12
CA ALA B 453 -1.99 -2.00 -72.81
C ALA B 453 -3.09 -1.04 -72.38
N SER B 454 -4.33 -1.54 -72.33
CA SER B 454 -5.45 -0.70 -71.97
C SER B 454 -5.28 -0.17 -70.55
N LEU B 455 -4.83 -1.04 -69.66
CA LEU B 455 -4.63 -0.63 -68.30
C LEU B 455 -3.53 0.40 -68.23
N GLN B 456 -2.46 0.24 -69.01
CA GLN B 456 -1.40 1.21 -69.00
C GLN B 456 -1.89 2.53 -69.58
N GLU B 457 -2.77 2.47 -70.58
CA GLU B 457 -3.31 3.68 -71.18
C GLU B 457 -4.08 4.47 -70.14
N GLU B 458 -4.79 3.79 -69.23
CA GLU B 458 -5.47 4.50 -68.16
C GLU B 458 -4.50 4.92 -67.07
N LEU B 459 -3.60 4.03 -66.67
CA LEU B 459 -2.68 4.30 -65.58
C LEU B 459 -1.77 5.45 -65.86
N GLU B 460 -1.30 5.61 -67.08
CA GLU B 460 -0.42 6.73 -67.32
C GLU B 460 -1.07 8.05 -66.89
N PRO B 461 -2.19 8.54 -67.47
CA PRO B 461 -2.80 9.79 -67.08
C PRO B 461 -3.37 9.73 -65.68
N LEU B 462 -3.72 8.54 -65.17
CA LEU B 462 -4.21 8.50 -63.80
C LEU B 462 -3.06 8.84 -62.88
N ARG B 463 -1.87 8.36 -63.23
CA ARG B 463 -0.66 8.59 -62.48
C ARG B 463 -0.11 9.96 -62.70
N GLN B 464 -0.24 10.49 -63.91
CA GLN B 464 0.25 11.84 -64.13
C GLN B 464 -0.60 12.74 -63.27
N ARG B 465 -1.92 12.47 -63.28
CA ARG B 465 -2.84 13.21 -62.47
C ARG B 465 -2.46 13.06 -61.02
N TYR B 466 -2.33 11.82 -60.55
CA TYR B 466 -2.00 11.56 -59.17
C TYR B 466 -0.75 12.31 -58.76
N ASN B 467 0.31 12.21 -59.53
CA ASN B 467 1.54 12.87 -59.20
C ASN B 467 1.36 14.35 -59.15
N GLU B 468 0.61 14.91 -60.10
CA GLU B 468 0.45 16.34 -60.07
C GLU B 468 -0.39 16.74 -58.88
N GLU B 469 -1.38 15.94 -58.55
CA GLU B 469 -2.20 16.30 -57.44
C GLU B 469 -1.35 16.29 -56.20
N LYS B 470 -0.48 15.29 -56.10
CA LYS B 470 0.42 15.21 -54.97
C LYS B 470 1.29 16.45 -54.98
N HIS B 471 1.74 16.87 -56.16
CA HIS B 471 2.58 18.03 -56.24
C HIS B 471 1.79 19.24 -55.77
N GLY B 472 0.52 19.33 -56.11
CA GLY B 472 -0.26 20.46 -55.65
C GLY B 472 -0.29 20.52 -54.13
N HIS B 473 -0.37 19.36 -53.50
CA HIS B 473 -0.41 19.34 -52.05
C HIS B 473 0.94 19.74 -51.53
N GLU B 474 1.99 19.14 -52.10
CA GLU B 474 3.33 19.39 -51.62
C GLU B 474 3.81 20.78 -51.88
N GLU B 475 3.49 21.35 -53.01
CA GLU B 475 3.98 22.67 -53.25
C GLU B 475 3.25 23.64 -52.34
N LEU B 476 1.96 23.42 -52.09
CA LEU B 476 1.31 24.32 -51.16
C LEU B 476 1.84 24.13 -49.75
N THR B 477 2.08 22.87 -49.39
CA THR B 477 2.58 22.54 -48.07
C THR B 477 3.93 23.16 -47.85
N GLN B 478 4.81 22.94 -48.79
CA GLN B 478 6.16 23.43 -48.71
C GLN B 478 6.17 24.92 -48.79
N ALA B 479 5.33 25.51 -49.64
CA ALA B 479 5.32 26.96 -49.73
C ALA B 479 4.88 27.55 -48.41
N LYS B 480 3.86 26.98 -47.78
CA LYS B 480 3.41 27.49 -46.51
C LYS B 480 4.47 27.28 -45.46
N LYS B 481 5.13 26.13 -45.52
CA LYS B 481 6.17 25.84 -44.57
C LYS B 481 7.26 26.89 -44.71
N LYS B 482 7.69 27.13 -45.95
CA LYS B 482 8.73 28.10 -46.20
C LYS B 482 8.29 29.47 -45.74
N LEU B 483 7.03 29.81 -45.98
CA LEU B 483 6.57 31.11 -45.59
C LEU B 483 6.70 31.25 -44.08
N ASP B 484 6.17 30.28 -43.33
CA ASP B 484 6.26 30.37 -41.89
C ASP B 484 7.70 30.44 -41.44
N GLU B 485 8.56 29.66 -42.08
CA GLU B 485 9.95 29.70 -41.71
C GLU B 485 10.53 31.06 -41.96
N LEU B 486 10.16 31.69 -43.07
CA LEU B 486 10.71 33.00 -43.33
C LEU B 486 10.20 33.99 -42.31
N GLU B 487 8.94 33.87 -41.91
CA GLU B 487 8.44 34.80 -40.90
C GLU B 487 9.13 34.55 -39.59
N ASN B 488 9.42 33.30 -39.27
CA ASN B 488 10.10 32.99 -38.04
C ASN B 488 11.49 33.58 -38.06
N LYS B 489 12.14 33.53 -39.23
CA LYS B 489 13.47 34.06 -39.38
C LYS B 489 13.45 35.57 -39.28
N ALA B 490 12.47 36.19 -39.92
CA ALA B 490 12.35 37.64 -39.89
C ALA B 490 12.09 38.08 -38.49
N LEU B 491 11.23 37.35 -37.81
CA LEU B 491 10.87 37.64 -36.46
C LEU B 491 12.08 37.45 -35.59
N ASP B 492 12.89 36.44 -35.88
CA ASP B 492 14.05 36.28 -35.06
C ASP B 492 14.94 37.47 -35.27
N ALA B 493 15.11 37.89 -36.50
CA ALA B 493 15.95 39.03 -36.75
C ALA B 493 15.42 40.23 -36.00
N GLU B 494 14.10 40.39 -35.93
CA GLU B 494 13.57 41.52 -35.20
C GLU B 494 13.92 41.41 -33.72
N ARG B 495 13.77 40.22 -33.12
CA ARG B 495 14.10 40.10 -31.70
C ARG B 495 15.61 40.16 -31.46
N ARG B 496 16.41 39.90 -32.50
CA ARG B 496 17.85 39.98 -32.39
C ARG B 496 18.31 41.43 -32.57
N TYR B 497 17.36 42.32 -32.90
CA TYR B 497 17.61 43.72 -33.23
C TYR B 497 18.41 43.85 -34.53
N ASP B 498 18.22 42.86 -35.42
CA ASP B 498 18.77 42.80 -36.77
C ASP B 498 17.64 43.10 -37.76
N THR B 499 16.83 44.10 -37.44
CA THR B 499 15.66 44.48 -38.24
C THR B 499 15.97 44.58 -39.72
N ALA B 500 17.13 45.11 -40.08
CA ALA B 500 17.46 45.22 -41.49
C ALA B 500 17.37 43.86 -42.19
N THR B 501 17.75 42.78 -41.50
CA THR B 501 17.73 41.50 -42.14
C THR B 501 16.32 40.95 -42.04
N ALA B 502 15.55 41.50 -41.11
CA ALA B 502 14.15 41.09 -41.04
C ALA B 502 13.47 41.61 -42.29
N ALA B 503 13.83 42.84 -42.65
CA ALA B 503 13.31 43.55 -43.81
C ALA B 503 13.60 42.77 -45.08
N ASP B 504 14.76 42.09 -45.11
CA ASP B 504 15.13 41.25 -46.26
C ASP B 504 14.02 40.23 -46.57
N LEU B 505 13.27 39.84 -45.54
CA LEU B 505 12.22 38.88 -45.73
C LEU B 505 10.84 39.50 -45.66
N ARG B 506 10.65 40.50 -44.78
CA ARG B 506 9.33 41.10 -44.63
C ARG B 506 8.93 41.76 -45.92
N TYR B 507 9.92 42.28 -46.62
CA TYR B 507 9.70 42.82 -47.92
C TYR B 507 10.12 41.73 -48.88
N PHE B 508 9.43 41.63 -49.98
CA PHE B 508 9.76 40.74 -51.09
C PHE B 508 9.64 39.24 -50.82
N ALA B 509 10.50 38.66 -49.97
CA ALA B 509 10.50 37.20 -49.84
C ALA B 509 9.22 36.63 -49.24
N ILE B 510 8.81 37.16 -48.11
CA ILE B 510 7.61 36.62 -47.48
C ILE B 510 6.40 36.81 -48.38
N PRO B 511 6.15 37.99 -48.96
CA PRO B 511 5.03 38.17 -49.86
C PRO B 511 5.25 37.42 -51.17
N ASP B 512 6.50 37.10 -51.53
CA ASP B 512 6.66 36.32 -52.74
C ASP B 512 6.17 34.93 -52.47
N ILE B 513 6.49 34.39 -51.30
CA ILE B 513 6.03 33.05 -51.02
C ILE B 513 4.52 33.10 -50.96
N LYS B 514 3.96 34.15 -50.35
CA LYS B 514 2.51 34.27 -50.31
C LYS B 514 1.95 34.18 -51.72
N LYS B 515 2.53 34.94 -52.64
CA LYS B 515 2.05 34.92 -54.01
C LYS B 515 2.28 33.56 -54.64
N GLN B 516 3.37 32.86 -54.30
CA GLN B 516 3.55 31.54 -54.88
C GLN B 516 2.41 30.66 -54.43
N ILE B 517 2.00 30.81 -53.18
CA ILE B 517 0.91 30.01 -52.65
C ILE B 517 -0.34 30.30 -53.45
N GLU B 518 -0.60 31.57 -53.69
CA GLU B 518 -1.78 31.96 -54.43
C GLU B 518 -1.75 31.38 -55.84
N LYS B 519 -0.57 31.39 -56.47
CA LYS B 519 -0.43 30.85 -57.82
C LYS B 519 -0.70 29.35 -57.79
N LEU B 520 -0.22 28.70 -56.76
CA LEU B 520 -0.44 27.28 -56.63
C LEU B 520 -1.93 27.00 -56.44
N GLU B 521 -2.62 27.84 -55.68
CA GLU B 521 -4.05 27.61 -55.49
C GLU B 521 -4.75 27.72 -56.83
N ASP B 522 -4.31 28.67 -57.67
CA ASP B 522 -4.91 28.81 -58.98
C ASP B 522 -4.71 27.53 -59.79
N GLN B 523 -3.55 26.91 -59.63
CA GLN B 523 -3.27 25.66 -60.34
C GLN B 523 -4.20 24.54 -59.84
N VAL B 524 -4.48 24.55 -58.54
CA VAL B 524 -5.38 23.60 -57.88
C VAL B 524 -6.83 23.77 -58.28
N ALA B 525 -7.21 25.04 -58.44
CA ALA B 525 -8.55 25.50 -58.73
C ALA B 525 -9.15 24.78 -59.91
N GLU B 526 -10.48 24.87 -60.00
CA GLU B 526 -11.26 24.22 -61.03
C GLU B 526 -10.82 24.51 -62.44
N GLU B 527 -11.03 23.51 -63.27
CA GLU B 527 -10.73 23.53 -64.68
C GLU B 527 -12.03 23.28 -65.40
N GLU B 528 -12.12 23.65 -66.67
CA GLU B 528 -13.36 23.37 -67.39
C GLU B 528 -13.66 21.86 -67.40
N ARG B 529 -12.61 21.03 -67.42
CA ARG B 529 -12.76 19.59 -67.42
C ARG B 529 -13.03 18.95 -66.05
N ARG B 530 -12.93 19.70 -64.95
CA ARG B 530 -13.10 19.05 -63.65
C ARG B 530 -13.32 20.01 -62.48
N ALA B 531 -14.16 19.58 -61.54
CA ALA B 531 -14.46 20.36 -60.34
C ALA B 531 -13.29 20.33 -59.36
N GLY B 532 -12.26 21.07 -59.72
CA GLY B 532 -10.99 21.18 -59.02
C GLY B 532 -9.93 20.50 -59.88
N ALA B 533 -8.84 21.20 -60.19
CA ALA B 533 -7.81 20.59 -61.01
C ALA B 533 -7.26 19.37 -60.30
N ASN B 534 -7.07 19.52 -58.98
CA ASN B 534 -6.51 18.44 -58.18
C ASN B 534 -7.53 17.65 -57.30
N SER B 535 -7.94 16.46 -57.80
CA SER B 535 -9.00 15.62 -57.22
C SER B 535 -8.72 15.14 -55.79
N MET B 536 -7.50 14.72 -55.51
CA MET B 536 -7.19 14.28 -54.16
C MET B 536 -7.36 15.36 -53.11
N ILE B 537 -7.26 16.64 -53.45
CA ILE B 537 -7.41 17.59 -52.36
C ILE B 537 -8.86 17.64 -51.99
N GLN B 538 -9.18 17.24 -50.76
CA GLN B 538 -10.57 17.20 -50.38
C GLN B 538 -11.00 18.52 -49.81
N ASN B 539 -10.03 19.37 -49.54
CA ASN B 539 -10.27 20.69 -48.98
C ASN B 539 -11.05 20.63 -47.69
N VAL B 540 -10.79 19.62 -46.82
CA VAL B 540 -11.52 19.45 -45.55
C VAL B 540 -12.80 20.25 -45.52
N VAL B 541 -13.85 19.61 -45.99
CA VAL B 541 -15.10 20.28 -46.16
C VAL B 541 -15.88 20.37 -44.88
N ASP B 542 -16.35 21.55 -44.58
CA ASP B 542 -17.14 21.78 -43.39
C ASP B 542 -18.18 20.68 -43.16
N SER B 543 -18.94 20.34 -44.16
CA SER B 543 -19.91 19.29 -43.99
C SER B 543 -19.38 17.92 -44.38
N ASP B 544 -19.01 17.76 -45.66
CA ASP B 544 -18.58 16.46 -46.17
C ASP B 544 -17.40 15.86 -45.41
N THR B 545 -16.63 16.69 -44.73
CA THR B 545 -15.53 16.17 -43.97
C THR B 545 -15.84 16.40 -42.48
N ILE B 546 -16.10 17.63 -42.04
CA ILE B 546 -16.22 17.84 -40.59
C ILE B 546 -17.56 17.49 -39.97
N SER B 547 -18.70 17.91 -40.55
CA SER B 547 -19.95 17.55 -39.86
C SER B 547 -20.01 16.03 -39.88
N GLU B 548 -19.45 15.45 -40.95
CA GLU B 548 -19.30 14.01 -41.10
C GLU B 548 -18.37 13.45 -40.02
N THR B 549 -17.23 14.09 -39.78
CA THR B 549 -16.33 13.62 -38.74
C THR B 549 -16.98 13.67 -37.38
N ALA B 550 -17.65 14.77 -37.07
CA ALA B 550 -18.27 14.88 -35.78
C ALA B 550 -19.25 13.74 -35.61
N ALA B 551 -20.00 13.42 -36.66
CA ALA B 551 -20.91 12.30 -36.61
C ALA B 551 -20.14 10.98 -36.43
N ARG B 552 -18.97 10.83 -37.05
CA ARG B 552 -18.22 9.59 -36.89
C ARG B 552 -17.77 9.39 -35.43
N LEU B 553 -17.57 10.50 -34.74
CA LEU B 553 -17.12 10.50 -33.35
C LEU B 553 -18.26 10.45 -32.33
N THR B 554 -19.36 11.16 -32.61
CA THR B 554 -20.46 11.31 -31.67
C THR B 554 -21.81 10.80 -32.18
N GLY B 555 -21.89 10.33 -33.41
CA GLY B 555 -23.13 9.85 -34.02
C GLY B 555 -23.97 11.01 -34.51
N ILE B 556 -24.46 11.81 -33.56
CA ILE B 556 -25.26 13.00 -33.76
C ILE B 556 -25.79 13.14 -35.18
N PRO B 557 -26.71 12.26 -35.61
CA PRO B 557 -27.18 12.05 -36.98
C PRO B 557 -27.64 13.31 -37.70
N VAL B 558 -27.94 14.35 -36.95
CA VAL B 558 -28.39 15.59 -37.51
C VAL B 558 -27.36 16.12 -38.49
N LYS B 559 -26.10 15.98 -38.10
CA LYS B 559 -24.98 16.52 -38.85
C LYS B 559 -24.53 15.64 -40.01
N LYS B 560 -25.29 14.58 -40.27
CA LYS B 560 -25.03 13.77 -41.44
C LYS B 560 -25.45 14.59 -42.66
N LEU B 561 -26.56 15.35 -42.52
CA LEU B 561 -27.12 16.18 -43.59
C LEU B 561 -27.37 15.41 -44.90
N SER B 562 -27.73 14.14 -44.78
CA SER B 562 -27.97 13.21 -45.89
C SER B 562 -29.24 13.41 -46.73
N GLU B 563 -29.10 13.12 -48.02
CA GLU B 563 -30.21 13.13 -48.99
C GLU B 563 -31.28 12.09 -48.65
N SER B 564 -30.97 11.19 -47.71
CA SER B 564 -31.87 10.16 -47.25
C SER B 564 -33.06 10.73 -46.51
N GLU B 565 -33.08 12.05 -46.27
CA GLU B 565 -34.28 12.71 -45.73
C GLU B 565 -35.43 12.58 -46.74
N ASN B 566 -35.10 12.25 -47.98
CA ASN B 566 -36.20 12.01 -48.90
C ASN B 566 -37.05 10.88 -48.31
N GLU B 567 -36.40 9.90 -47.67
CA GLU B 567 -37.12 8.81 -47.04
C GLU B 567 -37.43 9.21 -45.61
N LYS B 568 -36.42 9.67 -44.88
CA LYS B 568 -36.59 10.00 -43.49
C LYS B 568 -37.26 11.34 -43.43
N LEU B 569 -38.25 11.51 -42.61
CA LEU B 569 -38.99 12.76 -42.48
C LEU B 569 -39.84 13.14 -43.67
N ILE B 570 -39.29 13.18 -44.89
CA ILE B 570 -40.14 13.60 -45.98
C ILE B 570 -41.19 12.55 -46.34
N HIS B 571 -40.79 11.33 -46.67
CA HIS B 571 -41.80 10.32 -46.91
C HIS B 571 -41.93 9.33 -45.76
N MET B 572 -41.16 9.56 -44.71
CA MET B 572 -41.18 8.69 -43.54
C MET B 572 -42.50 8.58 -42.88
N GLU B 573 -43.36 9.57 -43.03
CA GLU B 573 -44.64 9.45 -42.37
C GLU B 573 -45.31 8.20 -42.90
N ARG B 574 -45.11 7.94 -44.20
CA ARG B 574 -45.71 6.80 -44.84
C ARG B 574 -45.17 5.56 -44.18
N ASP B 575 -43.86 5.48 -44.11
CA ASP B 575 -43.28 4.27 -43.55
C ASP B 575 -43.68 4.10 -42.10
N LEU B 576 -43.73 5.18 -41.33
CA LEU B 576 -44.16 5.04 -39.96
C LEU B 576 -45.58 4.56 -39.87
N SER B 577 -46.46 4.99 -40.78
CA SER B 577 -47.87 4.57 -40.75
C SER B 577 -48.04 3.09 -41.13
N SER B 578 -46.94 2.45 -41.56
CA SER B 578 -46.87 1.04 -41.87
C SER B 578 -46.22 0.31 -40.69
N GLU B 579 -45.13 0.88 -40.15
CA GLU B 579 -44.39 0.29 -39.03
C GLU B 579 -45.27 0.23 -37.78
N VAL B 580 -46.07 1.27 -37.59
CA VAL B 580 -47.13 1.24 -36.62
C VAL B 580 -48.29 1.57 -37.49
N VAL B 581 -49.45 1.08 -37.23
CA VAL B 581 -50.46 1.41 -38.20
C VAL B 581 -51.23 2.66 -37.91
N GLY B 582 -51.26 3.51 -38.93
CA GLY B 582 -51.95 4.77 -38.86
C GLY B 582 -51.33 5.67 -37.81
N GLN B 583 -52.17 6.23 -36.94
CA GLN B 583 -51.73 7.15 -35.89
C GLN B 583 -50.89 8.25 -36.51
N MET B 584 -51.36 8.72 -37.65
CA MET B 584 -50.71 9.73 -38.45
C MET B 584 -50.50 11.00 -37.65
N ASP B 585 -51.46 11.31 -36.80
CA ASP B 585 -51.39 12.49 -35.95
C ASP B 585 -50.15 12.46 -35.05
N ALA B 586 -49.84 11.29 -34.52
CA ALA B 586 -48.73 11.14 -33.62
C ALA B 586 -47.46 11.17 -34.40
N ILE B 587 -47.51 10.55 -35.57
CA ILE B 587 -46.38 10.50 -36.44
C ILE B 587 -45.98 11.88 -36.81
N LYS B 588 -46.94 12.71 -37.17
CA LYS B 588 -46.65 14.07 -37.52
C LYS B 588 -46.12 14.85 -36.35
N ALA B 589 -46.70 14.66 -35.15
CA ALA B 589 -46.21 15.42 -34.02
C ALA B 589 -44.74 15.15 -33.77
N VAL B 590 -44.38 13.88 -33.82
CA VAL B 590 -43.01 13.52 -33.55
C VAL B 590 -42.12 13.92 -34.68
N SER B 591 -42.57 13.68 -35.91
CA SER B 591 -41.77 14.01 -37.05
C SER B 591 -41.42 15.47 -36.98
N ASN B 592 -42.37 16.31 -36.57
CA ASN B 592 -42.09 17.72 -36.48
C ASN B 592 -40.92 17.98 -35.53
N ALA B 593 -40.87 17.26 -34.42
CA ALA B 593 -39.74 17.47 -33.53
C ALA B 593 -38.45 17.13 -34.22
N VAL B 594 -38.48 16.06 -34.99
CA VAL B 594 -37.28 15.62 -35.63
C VAL B 594 -36.88 16.61 -36.70
N ARG B 595 -37.86 17.10 -37.44
CA ARG B 595 -37.62 18.04 -38.52
C ARG B 595 -36.96 19.27 -37.97
N LEU B 596 -37.37 19.73 -36.79
CA LEU B 596 -36.75 20.90 -36.21
C LEU B 596 -35.27 20.63 -35.92
N SER B 597 -34.93 19.40 -35.52
CA SER B 597 -33.51 19.17 -35.29
C SER B 597 -32.77 19.15 -36.60
N ARG B 598 -33.33 18.47 -37.59
CA ARG B 598 -32.63 18.30 -38.85
C ARG B 598 -32.45 19.61 -39.59
N SER B 599 -33.45 20.46 -39.48
CA SER B 599 -33.46 21.76 -40.11
C SER B 599 -32.66 22.82 -39.35
N GLY B 600 -32.18 22.49 -38.15
CA GLY B 600 -31.44 23.46 -37.35
C GLY B 600 -32.35 24.48 -36.69
N LEU B 601 -33.63 24.15 -36.52
CA LEU B 601 -34.58 25.09 -35.96
C LEU B 601 -34.92 24.79 -34.50
N ALA B 602 -34.65 23.57 -34.06
CA ALA B 602 -35.02 23.19 -32.71
C ALA B 602 -34.34 24.08 -31.70
N ASN B 603 -35.03 24.33 -30.60
CA ASN B 603 -34.49 25.10 -29.50
C ASN B 603 -33.30 24.40 -28.90
N PRO B 604 -32.09 24.97 -28.96
CA PRO B 604 -30.85 24.39 -28.49
C PRO B 604 -30.89 23.84 -27.06
N ARG B 605 -31.81 24.34 -26.24
CA ARG B 605 -31.90 23.93 -24.85
C ARG B 605 -33.07 23.00 -24.54
N GLN B 606 -33.96 22.83 -25.51
CA GLN B 606 -35.21 22.12 -25.26
C GLN B 606 -35.37 20.87 -26.10
N PRO B 607 -35.09 19.68 -25.57
CA PRO B 607 -35.25 18.44 -26.28
C PRO B 607 -36.73 18.34 -26.44
N ALA B 608 -37.19 17.70 -27.47
CA ALA B 608 -38.62 17.63 -27.64
C ALA B 608 -39.21 16.64 -26.71
N SER B 609 -40.45 16.84 -26.39
CA SER B 609 -41.09 15.78 -25.65
C SER B 609 -42.55 15.72 -25.93
N PHE B 610 -43.07 14.53 -25.80
CA PHE B 610 -44.46 14.32 -26.01
C PHE B 610 -45.09 13.48 -24.96
N LEU B 611 -46.32 13.80 -24.65
CA LEU B 611 -47.08 12.97 -23.76
C LEU B 611 -48.03 12.17 -24.61
N PHE B 612 -47.86 10.88 -24.61
CA PHE B 612 -48.66 9.99 -25.39
C PHE B 612 -49.81 9.43 -24.60
N LEU B 613 -51.02 9.78 -24.99
CA LEU B 613 -52.18 9.36 -24.25
C LEU B 613 -53.01 8.29 -24.93
N GLY B 614 -53.49 7.34 -24.13
CA GLY B 614 -54.38 6.32 -24.66
C GLY B 614 -54.14 4.92 -24.14
N LEU B 615 -54.94 4.01 -24.68
CA LEU B 615 -54.98 2.60 -24.35
C LEU B 615 -53.63 1.91 -24.48
N SER B 616 -53.28 1.12 -23.49
CA SER B 616 -52.06 0.35 -23.54
C SER B 616 -52.24 -0.69 -24.65
N GLY B 617 -51.20 -1.02 -25.41
CA GLY B 617 -51.35 -2.00 -26.47
C GLY B 617 -51.98 -1.39 -27.70
N SER B 618 -51.73 -0.10 -27.88
CA SER B 618 -52.24 0.70 -28.99
C SER B 618 -51.21 1.11 -30.02
N GLY B 619 -49.96 0.65 -29.89
CA GLY B 619 -48.95 1.09 -30.84
C GLY B 619 -48.32 2.40 -30.39
N LYS B 620 -48.86 3.00 -29.34
CA LYS B 620 -48.39 4.24 -28.80
C LYS B 620 -46.88 4.24 -28.53
N THR B 621 -46.39 3.27 -27.77
CA THR B 621 -44.98 3.20 -27.49
C THR B 621 -44.27 2.64 -28.65
N GLU B 622 -44.91 1.70 -29.32
CA GLU B 622 -44.25 1.10 -30.45
C GLU B 622 -43.84 2.21 -31.40
N LEU B 623 -44.66 3.25 -31.53
CA LEU B 623 -44.27 4.38 -32.35
C LEU B 623 -42.97 4.92 -31.86
N ALA B 624 -42.87 5.16 -30.57
CA ALA B 624 -41.61 5.71 -30.06
C ALA B 624 -40.45 4.80 -30.45
N LYS B 625 -40.67 3.49 -30.43
CA LYS B 625 -39.62 2.55 -30.76
C LYS B 625 -39.29 2.64 -32.22
N LYS B 626 -40.31 2.77 -33.04
CA LYS B 626 -40.09 2.78 -34.45
C LYS B 626 -39.38 4.03 -34.84
N VAL B 627 -39.72 5.12 -34.18
CA VAL B 627 -39.06 6.36 -34.47
C VAL B 627 -37.60 6.22 -34.17
N ALA B 628 -37.26 5.63 -33.02
CA ALA B 628 -35.85 5.43 -32.71
C ALA B 628 -35.20 4.59 -33.81
N GLY B 629 -35.96 3.65 -34.33
CA GLY B 629 -35.50 2.85 -35.43
C GLY B 629 -35.14 3.78 -36.59
N PHE B 630 -36.07 4.61 -37.03
CA PHE B 630 -35.79 5.47 -38.17
C PHE B 630 -34.70 6.50 -37.92
N LEU B 631 -34.67 7.07 -36.72
CA LEU B 631 -33.74 8.15 -36.48
C LEU B 631 -32.33 7.70 -36.19
N PHE B 632 -32.19 6.59 -35.51
CA PHE B 632 -30.87 6.17 -35.08
C PHE B 632 -30.48 4.83 -35.64
N ASN B 633 -31.40 4.20 -36.37
CA ASN B 633 -31.24 2.84 -36.86
C ASN B 633 -31.13 1.92 -35.66
N ASP B 634 -31.87 2.26 -34.60
CA ASP B 634 -31.87 1.46 -33.39
C ASP B 634 -33.14 1.66 -32.58
N GLU B 635 -34.06 0.69 -32.66
CA GLU B 635 -35.33 0.80 -31.96
C GLU B 635 -35.13 0.77 -30.45
N ASP B 636 -33.99 0.25 -30.00
CA ASP B 636 -33.67 0.11 -28.61
C ASP B 636 -32.77 1.23 -28.14
N MET B 637 -32.68 2.30 -28.92
CA MET B 637 -31.90 3.45 -28.51
C MET B 637 -32.42 4.06 -27.23
N MET B 638 -33.73 3.99 -27.05
CA MET B 638 -34.37 4.60 -25.91
C MET B 638 -34.07 3.93 -24.63
N ILE B 639 -34.18 4.70 -23.58
CA ILE B 639 -34.13 4.08 -22.28
C ILE B 639 -35.57 3.92 -21.82
N ARG B 640 -35.98 2.67 -21.61
CA ARG B 640 -37.34 2.33 -21.22
C ARG B 640 -37.55 2.44 -19.73
N VAL B 641 -38.23 3.48 -19.29
CA VAL B 641 -38.31 3.76 -17.87
C VAL B 641 -39.61 3.30 -17.21
N ASP B 642 -39.48 2.42 -16.21
CA ASP B 642 -40.64 1.94 -15.48
C ASP B 642 -41.05 2.93 -14.43
N CYS B 643 -42.08 3.69 -14.69
CA CYS B 643 -42.43 4.75 -13.78
C CYS B 643 -43.36 4.31 -12.68
N SER B 644 -43.78 3.04 -12.69
CA SER B 644 -44.67 2.63 -11.60
C SER B 644 -43.75 2.23 -10.47
N GLU B 645 -42.56 1.77 -10.83
CA GLU B 645 -41.56 1.41 -9.84
C GLU B 645 -40.84 2.69 -9.47
N LEU B 646 -41.56 3.55 -8.75
CA LEU B 646 -41.07 4.87 -8.50
C LEU B 646 -41.63 5.60 -7.29
N SER B 647 -40.71 6.03 -6.45
CA SER B 647 -40.98 6.79 -5.23
C SER B 647 -39.89 7.81 -5.13
N GLU B 648 -39.82 8.48 -3.99
CA GLU B 648 -38.81 9.49 -3.72
C GLU B 648 -37.39 8.93 -3.92
N LYS B 649 -37.25 7.61 -3.84
CA LYS B 649 -35.96 6.97 -3.98
C LYS B 649 -35.31 7.12 -5.35
N TYR B 650 -36.10 7.40 -6.42
CA TYR B 650 -35.71 7.52 -7.85
C TYR B 650 -34.24 7.86 -8.16
N ALA B 651 -33.32 7.03 -7.68
CA ALA B 651 -31.88 7.19 -7.71
C ALA B 651 -31.22 6.66 -8.94
N VAL B 652 -30.35 5.67 -8.82
CA VAL B 652 -29.56 5.23 -9.95
C VAL B 652 -30.41 4.67 -11.04
N SER B 653 -31.44 3.94 -10.65
CA SER B 653 -32.39 3.38 -11.56
C SER B 653 -33.17 4.46 -12.29
N LYS B 654 -33.06 5.73 -11.86
CA LYS B 654 -33.74 6.81 -12.54
C LYS B 654 -32.79 8.00 -12.71
N LEU B 655 -33.07 9.08 -11.98
CA LEU B 655 -32.39 10.37 -12.16
C LEU B 655 -31.57 10.85 -10.97
N LEU B 656 -32.05 10.62 -9.75
CA LEU B 656 -31.39 11.12 -8.55
C LEU B 656 -29.97 10.60 -8.42
N GLY B 657 -29.72 9.39 -8.89
CA GLY B 657 -28.39 8.83 -8.76
C GLY B 657 -28.00 8.67 -7.30
N THR B 658 -26.72 8.81 -7.01
CA THR B 658 -26.28 8.61 -5.64
C THR B 658 -25.53 9.84 -5.33
N THR B 659 -25.44 10.20 -4.09
CA THR B 659 -24.68 11.38 -3.84
C THR B 659 -23.67 10.96 -2.82
N ALA B 660 -22.70 11.80 -2.58
CA ALA B 660 -21.77 11.53 -1.52
C ALA B 660 -22.62 11.37 -0.27
N GLY B 661 -22.17 10.54 0.65
CA GLY B 661 -22.95 10.28 1.84
C GLY B 661 -23.91 9.08 1.70
N TYR B 662 -24.15 8.58 0.47
CA TYR B 662 -25.08 7.47 0.28
C TYR B 662 -24.46 6.30 -0.51
N VAL B 663 -25.07 5.12 -0.40
CA VAL B 663 -24.58 3.87 -1.03
C VAL B 663 -24.60 3.79 -2.56
N GLY B 664 -23.41 3.46 -3.11
CA GLY B 664 -23.19 3.31 -4.55
C GLY B 664 -22.47 4.51 -5.17
N TYR B 665 -21.52 4.26 -6.05
CA TYR B 665 -20.82 5.37 -6.71
C TYR B 665 -21.26 5.57 -8.12
N ASP B 666 -21.22 4.51 -8.95
CA ASP B 666 -21.67 4.73 -10.30
C ASP B 666 -23.06 5.27 -10.10
N GLU B 667 -23.41 6.36 -10.77
CA GLU B 667 -24.70 6.90 -10.46
C GLU B 667 -25.48 7.57 -11.55
N GLY B 668 -26.80 7.47 -11.42
CA GLY B 668 -27.76 8.05 -12.36
C GLY B 668 -27.83 7.10 -13.52
N GLY B 669 -27.22 5.95 -13.29
CA GLY B 669 -27.04 4.83 -14.16
C GLY B 669 -28.02 4.79 -15.28
N PHE B 670 -29.23 4.44 -14.93
CA PHE B 670 -30.24 4.15 -15.88
C PHE B 670 -30.47 5.32 -16.80
N LEU B 671 -30.73 6.51 -16.27
CA LEU B 671 -30.91 7.61 -17.19
C LEU B 671 -29.70 8.49 -17.36
N THR B 672 -29.18 9.12 -16.33
CA THR B 672 -28.22 10.14 -16.68
C THR B 672 -26.86 9.57 -17.02
N ASN B 673 -26.55 8.38 -16.55
CA ASN B 673 -25.23 7.87 -16.89
C ASN B 673 -25.31 7.40 -18.32
N GLN B 674 -26.28 6.56 -18.61
CA GLN B 674 -26.39 6.09 -19.97
C GLN B 674 -26.54 7.28 -20.90
N LEU B 675 -27.32 8.28 -20.52
CA LEU B 675 -27.46 9.45 -21.39
C LEU B 675 -26.14 10.17 -21.57
N GLN B 676 -25.28 10.19 -20.55
CA GLN B 676 -23.98 10.79 -20.66
C GLN B 676 -23.19 10.19 -21.82
N TYR B 677 -23.42 8.91 -22.10
CA TYR B 677 -22.70 8.23 -23.16
C TYR B 677 -23.52 8.02 -24.43
N LYS B 678 -24.63 8.75 -24.54
CA LYS B 678 -25.52 8.70 -25.70
C LYS B 678 -25.70 10.14 -26.23
N PRO B 679 -24.76 10.64 -27.06
CA PRO B 679 -24.62 12.04 -27.53
C PRO B 679 -25.87 12.68 -28.15
N TYR B 680 -26.88 11.87 -28.39
CA TYR B 680 -28.19 12.20 -28.92
C TYR B 680 -29.03 11.06 -28.41
N SER B 681 -30.31 11.27 -28.18
CA SER B 681 -31.09 10.12 -27.68
C SER B 681 -32.58 10.33 -27.66
N VAL B 682 -33.26 9.33 -27.17
CA VAL B 682 -34.66 9.37 -26.88
C VAL B 682 -34.95 8.65 -25.59
N LEU B 683 -36.04 9.02 -24.95
CA LEU B 683 -36.45 8.35 -23.72
C LEU B 683 -37.89 7.93 -23.75
N LEU B 684 -38.21 6.93 -22.95
CA LEU B 684 -39.58 6.49 -22.77
C LEU B 684 -40.02 6.34 -21.32
N PHE B 685 -41.09 7.01 -20.93
CA PHE B 685 -41.58 6.89 -19.57
C PHE B 685 -42.89 6.10 -19.50
N ASP B 686 -42.75 4.83 -19.10
CA ASP B 686 -43.86 3.87 -19.09
C ASP B 686 -44.81 4.12 -17.94
N GLU B 687 -46.10 4.36 -18.25
CA GLU B 687 -47.11 4.60 -17.22
C GLU B 687 -46.63 5.73 -16.35
N VAL B 688 -46.29 6.82 -16.99
CA VAL B 688 -45.71 7.96 -16.33
C VAL B 688 -46.67 8.52 -15.28
N GLU B 689 -47.98 8.34 -15.44
CA GLU B 689 -48.92 8.85 -14.45
C GLU B 689 -48.81 8.10 -13.11
N LYS B 690 -48.13 6.95 -13.10
CA LYS B 690 -47.98 6.18 -11.88
C LYS B 690 -46.77 6.67 -11.12
N ALA B 691 -46.06 7.62 -11.70
CA ALA B 691 -44.86 8.16 -11.12
C ALA B 691 -45.14 8.96 -9.89
N HIS B 692 -44.16 8.99 -9.02
CA HIS B 692 -44.25 9.83 -7.86
C HIS B 692 -44.41 11.27 -8.39
N PRO B 693 -45.29 12.11 -7.81
CA PRO B 693 -45.52 13.46 -8.26
C PRO B 693 -44.30 14.36 -8.18
N ASP B 694 -43.36 14.07 -7.30
CA ASP B 694 -42.22 14.97 -7.28
C ASP B 694 -41.38 14.65 -8.49
N VAL B 695 -41.34 13.38 -8.82
CA VAL B 695 -40.54 12.93 -9.91
C VAL B 695 -41.13 13.47 -11.20
N LEU B 696 -42.45 13.54 -11.25
CA LEU B 696 -43.08 14.14 -12.42
C LEU B 696 -42.57 15.56 -12.61
N THR B 697 -42.29 16.27 -11.52
CA THR B 697 -41.75 17.60 -11.70
C THR B 697 -40.23 17.55 -11.90
N VAL B 698 -39.55 16.47 -11.48
CA VAL B 698 -38.11 16.35 -11.72
C VAL B 698 -37.85 16.41 -13.19
N MET B 699 -38.71 15.74 -13.92
CA MET B 699 -38.64 15.70 -15.36
C MET B 699 -38.61 17.08 -16.01
N LEU B 700 -38.99 18.15 -15.32
CA LEU B 700 -38.96 19.45 -15.94
C LEU B 700 -37.53 19.81 -16.35
N GLN B 701 -36.53 19.19 -15.71
CA GLN B 701 -35.12 19.46 -16.01
C GLN B 701 -34.70 18.84 -17.30
N MET B 702 -35.53 17.96 -17.81
CA MET B 702 -35.22 17.27 -19.02
C MET B 702 -36.12 17.88 -20.05
N LEU B 703 -37.29 18.31 -19.59
CA LEU B 703 -38.33 18.86 -20.44
C LEU B 703 -37.83 20.10 -21.16
N ASP B 704 -37.10 20.94 -20.45
CA ASP B 704 -36.48 22.11 -21.06
C ASP B 704 -35.28 22.50 -20.23
N ASP B 705 -34.44 23.35 -20.82
CA ASP B 705 -33.21 23.81 -20.20
C ASP B 705 -32.56 22.62 -19.57
N GLY B 706 -32.33 21.58 -20.39
CA GLY B 706 -31.91 20.20 -20.06
C GLY B 706 -30.83 19.86 -18.99
N ARG B 707 -30.59 20.72 -18.02
CA ARG B 707 -29.56 20.49 -17.03
C ARG B 707 -29.98 19.61 -15.88
N ILE B 708 -30.06 18.33 -16.18
CA ILE B 708 -30.43 17.38 -15.16
C ILE B 708 -29.40 17.53 -14.08
N THR B 709 -29.81 17.51 -12.83
CA THR B 709 -28.85 17.60 -11.75
C THR B 709 -28.68 16.25 -11.11
N SER B 710 -27.63 15.57 -11.52
CA SER B 710 -27.36 14.23 -11.08
C SER B 710 -26.96 14.27 -9.63
N GLY B 711 -26.86 13.11 -9.02
CA GLY B 711 -26.46 13.00 -7.63
C GLY B 711 -25.13 13.66 -7.33
N GLN B 712 -24.23 13.71 -8.31
CA GLN B 712 -22.92 14.34 -8.14
C GLN B 712 -22.94 15.82 -8.50
N GLY B 713 -24.10 16.35 -8.89
CA GLY B 713 -24.19 17.76 -9.27
C GLY B 713 -23.79 17.98 -10.72
N LYS B 714 -23.57 16.89 -11.42
CA LYS B 714 -23.15 16.85 -12.81
C LYS B 714 -24.37 16.79 -13.70
N THR B 715 -24.23 17.06 -14.98
CA THR B 715 -25.38 16.96 -15.86
C THR B 715 -25.07 16.25 -17.18
N ILE B 716 -26.09 16.18 -18.02
CA ILE B 716 -26.04 15.61 -19.34
C ILE B 716 -26.47 16.62 -20.40
N ASP B 717 -26.96 17.79 -19.96
CA ASP B 717 -27.39 18.81 -20.91
C ASP B 717 -28.37 18.28 -21.95
N CYS B 718 -29.55 17.84 -21.53
CA CYS B 718 -30.47 17.23 -22.47
C CYS B 718 -30.67 18.26 -23.56
N SER B 719 -30.64 17.84 -24.81
CA SER B 719 -30.76 18.77 -25.92
C SER B 719 -31.30 18.09 -27.17
N ASN B 720 -30.42 17.41 -27.90
CA ASN B 720 -30.78 16.75 -29.14
C ASN B 720 -31.46 15.40 -28.91
N CYS B 721 -32.57 15.46 -28.19
CA CYS B 721 -33.31 14.27 -27.86
C CYS B 721 -34.81 14.43 -27.98
N ILE B 722 -35.51 13.29 -28.01
CA ILE B 722 -36.98 13.29 -27.94
C ILE B 722 -37.45 12.38 -26.81
N VAL B 723 -38.24 12.93 -25.92
CA VAL B 723 -38.74 12.16 -24.81
C VAL B 723 -40.22 11.88 -24.92
N ILE B 724 -40.57 10.63 -24.76
CA ILE B 724 -41.96 10.24 -24.80
C ILE B 724 -42.44 9.73 -23.45
N MET B 725 -43.48 10.34 -22.95
CA MET B 725 -44.04 9.92 -21.70
C MET B 725 -45.35 9.26 -22.04
N THR B 726 -45.71 8.18 -21.37
CA THR B 726 -46.99 7.55 -21.69
C THR B 726 -47.96 7.47 -20.51
N SER B 727 -49.26 7.66 -20.78
CA SER B 727 -50.29 7.51 -19.75
C SER B 727 -51.68 7.19 -20.30
N ASN B 728 -52.57 6.72 -19.43
CA ASN B 728 -53.93 6.43 -19.88
C ASN B 728 -54.98 7.15 -19.04
N LEU B 729 -54.60 8.25 -18.39
CA LEU B 729 -55.53 8.96 -17.52
C LEU B 729 -56.76 9.45 -18.25
N GLY B 730 -56.58 9.88 -19.48
CA GLY B 730 -57.68 10.40 -20.28
C GLY B 730 -58.38 9.31 -21.07
N ALA B 731 -58.04 8.04 -20.80
CA ALA B 731 -58.62 6.92 -21.53
C ALA B 731 -60.13 6.93 -21.45
N GLU B 732 -60.68 7.46 -20.37
CA GLU B 732 -62.12 7.51 -20.20
C GLU B 732 -62.80 8.38 -21.27
N PHE B 733 -62.03 9.29 -21.88
CA PHE B 733 -62.59 10.17 -22.89
C PHE B 733 -62.16 9.66 -24.24
N ILE B 734 -60.98 9.08 -24.30
CA ILE B 734 -60.46 8.56 -25.55
C ILE B 734 -61.38 7.42 -25.98
N ASN B 735 -61.78 6.62 -25.00
CA ASN B 735 -62.67 5.50 -25.17
C ASN B 735 -64.12 5.92 -25.43
N SER B 736 -64.37 7.23 -25.62
CA SER B 736 -65.67 7.74 -26.02
C SER B 736 -66.09 7.24 -27.38
N GLN B 737 -65.13 6.73 -28.13
CA GLN B 737 -65.36 6.18 -29.45
C GLN B 737 -65.80 7.23 -30.44
N GLN B 738 -65.51 8.50 -30.19
CA GLN B 738 -65.97 9.53 -31.13
C GLN B 738 -65.17 9.56 -32.42
N GLY B 739 -65.41 8.56 -33.25
CA GLY B 739 -64.70 8.36 -34.50
C GLY B 739 -63.35 7.71 -34.24
N SER B 740 -62.54 7.65 -35.30
CA SER B 740 -61.21 7.03 -35.28
C SER B 740 -60.13 8.12 -35.23
N LYS B 741 -60.55 9.29 -34.77
CA LYS B 741 -59.70 10.46 -34.62
C LYS B 741 -60.16 11.22 -33.37
N ILE B 742 -59.25 11.56 -32.48
CA ILE B 742 -59.65 12.27 -31.28
C ILE B 742 -60.32 13.59 -31.65
N GLN B 743 -61.43 13.87 -30.98
CA GLN B 743 -62.28 15.03 -31.22
C GLN B 743 -62.15 16.16 -30.21
N GLU B 744 -62.70 17.30 -30.61
CA GLU B 744 -62.76 18.48 -29.77
C GLU B 744 -63.59 18.11 -28.56
N SER B 745 -63.39 18.76 -27.41
CA SER B 745 -64.09 18.48 -26.16
C SER B 745 -63.60 17.16 -25.57
N THR B 746 -63.72 16.07 -26.31
CA THR B 746 -63.21 14.81 -25.84
C THR B 746 -61.74 14.99 -25.44
N LYS B 747 -60.96 15.59 -26.34
CA LYS B 747 -59.54 15.84 -26.11
C LYS B 747 -59.29 16.84 -25.00
N ASN B 748 -60.29 17.64 -24.65
CA ASN B 748 -60.10 18.67 -23.66
C ASN B 748 -60.31 18.03 -22.32
N LEU B 749 -61.20 17.06 -22.28
CA LEU B 749 -61.46 16.29 -21.09
C LEU B 749 -60.22 15.47 -20.80
N VAL B 750 -59.57 15.00 -21.88
CA VAL B 750 -58.32 14.29 -21.75
C VAL B 750 -57.28 15.22 -21.16
N MET B 751 -57.18 16.44 -21.68
CA MET B 751 -56.23 17.37 -21.10
C MET B 751 -56.60 17.73 -19.68
N GLY B 752 -57.88 17.71 -19.38
CA GLY B 752 -58.32 17.95 -18.04
C GLY B 752 -57.72 16.90 -17.13
N ALA B 753 -57.93 15.63 -17.50
CA ALA B 753 -57.45 14.51 -16.71
C ALA B 753 -55.96 14.58 -16.48
N VAL B 754 -55.19 14.98 -17.48
CA VAL B 754 -53.77 15.01 -17.19
C VAL B 754 -53.40 16.24 -16.38
N ARG B 755 -54.06 17.37 -16.57
CA ARG B 755 -53.69 18.58 -15.82
C ARG B 755 -54.12 18.52 -14.37
N GLN B 756 -55.04 17.63 -14.08
CA GLN B 756 -55.50 17.43 -12.71
C GLN B 756 -54.69 16.35 -12.01
N HIS B 757 -53.66 15.85 -12.68
CA HIS B 757 -52.82 14.80 -12.15
C HIS B 757 -51.36 15.23 -12.19
N PHE B 758 -50.88 15.50 -13.39
CA PHE B 758 -49.52 15.93 -13.58
C PHE B 758 -49.57 17.37 -13.29
N ARG B 759 -48.54 17.93 -12.71
CA ARG B 759 -48.68 19.35 -12.56
C ARG B 759 -48.76 20.00 -13.93
N PRO B 760 -49.69 20.95 -14.16
CA PRO B 760 -49.83 21.63 -15.43
C PRO B 760 -48.61 22.46 -15.72
N GLU B 761 -47.86 22.81 -14.68
CA GLU B 761 -46.65 23.60 -14.90
C GLU B 761 -45.60 22.77 -15.67
N PHE B 762 -45.75 21.45 -15.60
CA PHE B 762 -44.93 20.50 -16.30
C PHE B 762 -45.56 20.24 -17.65
N LEU B 763 -46.85 19.95 -17.64
CA LEU B 763 -47.48 19.57 -18.89
C LEU B 763 -47.45 20.67 -19.93
N ASN B 764 -47.59 21.91 -19.48
CA ASN B 764 -47.64 23.04 -20.38
C ASN B 764 -46.30 23.28 -21.05
N ARG B 765 -45.25 22.64 -20.57
CA ARG B 765 -43.94 22.76 -21.13
C ARG B 765 -43.60 21.65 -22.14
N ILE B 766 -44.51 20.68 -22.30
CA ILE B 766 -44.36 19.54 -23.22
C ILE B 766 -44.50 20.03 -24.63
N SER B 767 -43.68 19.55 -25.57
CA SER B 767 -43.76 20.06 -26.92
C SER B 767 -45.20 19.88 -27.39
N SER B 768 -45.73 18.68 -27.16
CA SER B 768 -47.12 18.43 -27.46
C SER B 768 -47.67 17.25 -26.70
N ILE B 769 -48.94 17.33 -26.42
CA ILE B 769 -49.61 16.19 -25.85
C ILE B 769 -50.32 15.57 -27.01
N VAL B 770 -50.01 14.31 -27.24
CA VAL B 770 -50.46 13.56 -28.38
C VAL B 770 -51.44 12.51 -27.94
N ILE B 771 -52.62 12.54 -28.51
CA ILE B 771 -53.61 11.57 -28.12
C ILE B 771 -53.75 10.56 -29.22
N PHE B 772 -53.60 9.31 -28.86
CA PHE B 772 -53.68 8.24 -29.84
C PHE B 772 -55.11 7.92 -30.13
N ASN B 773 -55.37 7.57 -31.37
CA ASN B 773 -56.72 7.31 -31.78
C ASN B 773 -57.06 5.83 -31.71
N LYS B 774 -58.32 5.48 -31.55
CA LYS B 774 -58.60 4.06 -31.69
C LYS B 774 -58.31 3.75 -33.14
N LEU B 775 -57.82 2.55 -33.41
CA LEU B 775 -57.55 2.19 -34.80
C LEU B 775 -58.68 1.33 -35.36
N SER B 776 -58.97 0.26 -34.64
CA SER B 776 -59.95 -0.79 -34.92
C SER B 776 -59.69 -1.48 -36.27
N ARG B 777 -60.65 -2.32 -36.67
CA ARG B 777 -60.49 -3.17 -37.85
C ARG B 777 -60.07 -2.43 -39.10
N LYS B 778 -60.60 -1.22 -39.28
CA LYS B 778 -60.37 -0.42 -40.48
C LYS B 778 -58.89 -0.18 -40.79
N ALA B 779 -58.01 -0.48 -39.86
CA ALA B 779 -56.59 -0.33 -40.12
C ALA B 779 -55.87 -1.43 -39.35
N ILE B 780 -56.48 -2.00 -38.33
CA ILE B 780 -55.82 -3.09 -37.62
C ILE B 780 -55.57 -4.23 -38.58
N HIS B 781 -56.47 -4.42 -39.55
CA HIS B 781 -56.29 -5.48 -40.53
C HIS B 781 -54.99 -5.33 -41.34
N LYS B 782 -54.31 -4.18 -41.22
CA LYS B 782 -53.05 -3.93 -41.86
C LYS B 782 -51.96 -4.32 -40.87
N ILE B 783 -52.23 -4.14 -39.57
CA ILE B 783 -51.22 -4.49 -38.57
C ILE B 783 -50.96 -5.96 -38.64
N VAL B 784 -52.03 -6.69 -38.67
CA VAL B 784 -51.91 -8.12 -38.79
C VAL B 784 -51.37 -8.25 -40.17
N ASP B 785 -50.69 -9.32 -40.49
CA ASP B 785 -50.13 -9.45 -41.84
C ASP B 785 -48.91 -8.58 -42.01
N ILE B 786 -48.95 -7.26 -41.80
CA ILE B 786 -47.67 -6.56 -41.93
C ILE B 786 -46.71 -7.07 -40.86
N ARG B 787 -47.17 -7.17 -39.61
CA ARG B 787 -46.27 -7.63 -38.55
C ARG B 787 -45.85 -9.06 -38.82
N LEU B 788 -46.76 -9.86 -39.33
CA LEU B 788 -46.40 -11.23 -39.54
C LEU B 788 -45.35 -11.33 -40.61
N LYS B 789 -45.47 -10.52 -41.67
CA LYS B 789 -44.46 -10.58 -42.70
C LYS B 789 -43.13 -10.26 -42.09
N GLU B 790 -43.07 -9.27 -41.23
CA GLU B 790 -41.79 -8.88 -40.65
C GLU B 790 -41.18 -10.03 -39.86
N ILE B 791 -42.01 -10.77 -39.15
CA ILE B 791 -41.52 -11.91 -38.41
C ILE B 791 -40.91 -12.91 -39.37
N GLU B 792 -41.63 -13.20 -40.44
CA GLU B 792 -41.20 -14.16 -41.44
C GLU B 792 -40.03 -13.65 -42.29
N GLU B 793 -39.94 -12.33 -42.51
CA GLU B 793 -38.87 -11.75 -43.29
C GLU B 793 -37.55 -12.07 -42.64
N ARG B 794 -37.53 -12.05 -41.31
CA ARG B 794 -36.31 -12.44 -40.66
C ARG B 794 -36.28 -13.96 -40.44
N PHE B 795 -37.39 -14.52 -39.96
CA PHE B 795 -37.48 -15.94 -39.61
C PHE B 795 -36.17 -16.25 -38.88
N GLU B 796 -35.50 -17.32 -39.24
CA GLU B 796 -34.14 -17.57 -38.80
C GLU B 796 -33.26 -17.82 -40.01
N GLN B 797 -33.50 -18.96 -40.66
CA GLN B 797 -32.76 -19.35 -41.86
C GLN B 797 -33.49 -18.97 -43.13
N ASN B 798 -34.68 -18.38 -42.97
CA ASN B 798 -35.57 -17.96 -44.06
C ASN B 798 -36.17 -19.07 -44.95
N ASP B 799 -35.40 -20.06 -45.35
CA ASP B 799 -35.85 -21.11 -46.26
C ASP B 799 -37.25 -21.68 -45.96
N LYS B 800 -37.52 -21.97 -44.70
CA LYS B 800 -38.73 -22.59 -44.17
C LYS B 800 -39.82 -21.61 -43.74
N HIS B 801 -39.69 -20.35 -44.11
CA HIS B 801 -40.70 -19.35 -43.72
C HIS B 801 -42.07 -19.64 -44.30
N TYR B 802 -43.07 -19.06 -43.66
CA TYR B 802 -44.47 -19.17 -44.03
C TYR B 802 -44.92 -18.13 -45.04
N LYS B 803 -45.44 -18.61 -46.16
CA LYS B 803 -45.98 -17.73 -47.20
C LYS B 803 -47.32 -17.34 -46.65
N LEU B 804 -47.61 -16.06 -46.53
CA LEU B 804 -48.82 -15.80 -45.79
C LEU B 804 -50.09 -16.20 -46.50
N ASN B 805 -50.97 -16.79 -45.71
CA ASN B 805 -52.27 -17.24 -46.09
C ASN B 805 -53.24 -16.65 -45.09
N LEU B 806 -53.02 -15.39 -44.75
CA LEU B 806 -53.90 -14.78 -43.79
C LEU B 806 -55.17 -14.33 -44.47
N THR B 807 -56.03 -15.31 -44.69
CA THR B 807 -57.28 -15.16 -45.37
C THR B 807 -58.19 -14.32 -44.53
N GLN B 808 -59.33 -13.94 -45.05
CA GLN B 808 -60.20 -13.14 -44.21
C GLN B 808 -60.58 -13.93 -42.98
N GLU B 809 -60.71 -15.26 -43.10
CA GLU B 809 -61.00 -16.07 -41.94
C GLU B 809 -59.86 -15.95 -40.93
N ALA B 810 -58.61 -15.99 -41.41
CA ALA B 810 -57.52 -15.83 -40.45
C ALA B 810 -57.63 -14.48 -39.76
N LYS B 811 -57.97 -13.47 -40.55
CA LYS B 811 -58.05 -12.13 -40.03
C LYS B 811 -59.29 -11.98 -39.16
N ASP B 812 -60.32 -12.81 -39.40
CA ASP B 812 -61.54 -12.81 -38.60
C ASP B 812 -61.22 -13.31 -37.21
N PHE B 813 -60.35 -14.31 -37.11
CA PHE B 813 -59.99 -14.82 -35.80
C PHE B 813 -59.31 -13.70 -35.04
N LEU B 814 -58.45 -13.02 -35.78
CA LEU B 814 -57.74 -11.96 -35.14
C LEU B 814 -58.74 -10.87 -34.78
N ALA B 815 -59.70 -10.58 -35.64
CA ALA B 815 -60.66 -9.55 -35.31
C ALA B 815 -61.49 -9.88 -34.07
N LYS B 816 -61.91 -11.12 -33.94
CA LYS B 816 -62.74 -11.55 -32.83
C LYS B 816 -62.03 -11.67 -31.50
N TYR B 817 -60.77 -12.05 -31.53
CA TYR B 817 -60.03 -12.23 -30.29
C TYR B 817 -58.82 -11.32 -30.22
N GLY B 818 -58.12 -11.21 -31.34
CA GLY B 818 -56.90 -10.44 -31.42
C GLY B 818 -57.09 -8.93 -31.23
N TYR B 819 -58.05 -8.34 -31.95
CA TYR B 819 -58.25 -6.89 -31.93
C TYR B 819 -58.96 -6.43 -30.68
N SER B 820 -58.32 -6.59 -29.55
CA SER B 820 -58.96 -6.19 -28.30
C SER B 820 -58.85 -4.68 -28.11
N ASP B 821 -59.65 -3.96 -28.90
CA ASP B 821 -59.71 -2.49 -28.95
C ASP B 821 -59.99 -1.86 -27.59
N ASP B 822 -60.50 -2.64 -26.65
CA ASP B 822 -60.83 -2.20 -25.30
C ASP B 822 -59.68 -2.40 -24.31
N MET B 823 -58.78 -3.36 -24.59
CA MET B 823 -57.75 -3.73 -23.64
C MET B 823 -56.33 -3.69 -24.22
N GLY B 824 -56.24 -3.41 -25.51
CA GLY B 824 -54.99 -3.37 -26.24
C GLY B 824 -54.99 -4.50 -27.24
N ALA B 825 -54.41 -4.29 -28.42
CA ALA B 825 -54.44 -5.31 -29.48
C ALA B 825 -53.22 -6.21 -29.39
N ARG B 826 -52.55 -6.19 -28.24
CA ARG B 826 -51.41 -7.06 -28.00
C ARG B 826 -51.74 -8.54 -28.20
N PRO B 827 -52.97 -9.03 -27.98
CA PRO B 827 -53.33 -10.39 -28.23
C PRO B 827 -53.00 -10.79 -29.67
N LEU B 828 -52.83 -9.83 -30.58
CA LEU B 828 -52.47 -10.21 -31.93
C LEU B 828 -51.11 -10.85 -31.94
N ASN B 829 -50.21 -10.33 -31.11
CA ASN B 829 -48.85 -10.84 -31.07
C ASN B 829 -48.90 -12.19 -30.40
N ARG B 830 -49.76 -12.25 -29.39
CA ARG B 830 -49.95 -13.47 -28.63
C ARG B 830 -50.37 -14.59 -29.54
N LEU B 831 -51.37 -14.31 -30.36
CA LEU B 831 -51.90 -15.28 -31.29
C LEU B 831 -50.91 -15.62 -32.39
N ILE B 832 -50.13 -14.66 -32.87
CA ILE B 832 -49.19 -15.10 -33.87
C ILE B 832 -48.27 -16.14 -33.28
N GLN B 833 -47.78 -15.91 -32.07
CA GLN B 833 -46.89 -16.92 -31.56
C GLN B 833 -47.63 -18.19 -31.09
N ASN B 834 -48.71 -18.03 -30.32
CA ASN B 834 -49.42 -19.19 -29.79
C ASN B 834 -50.14 -20.01 -30.84
N GLU B 835 -50.56 -19.38 -31.92
CA GLU B 835 -51.24 -20.13 -32.93
C GLU B 835 -50.33 -20.38 -34.12
N ILE B 836 -49.68 -19.36 -34.65
CA ILE B 836 -48.96 -19.61 -35.87
C ILE B 836 -47.58 -20.18 -35.67
N LEU B 837 -46.74 -19.49 -34.90
CA LEU B 837 -45.37 -19.97 -34.78
C LEU B 837 -45.44 -21.32 -34.10
N ASN B 838 -46.30 -21.44 -33.10
CA ASN B 838 -46.52 -22.67 -32.38
C ASN B 838 -47.10 -23.80 -33.18
N LYS B 839 -48.22 -23.60 -33.87
CA LYS B 839 -48.76 -24.77 -34.49
C LYS B 839 -47.94 -25.17 -35.70
N LEU B 840 -47.23 -24.22 -36.29
CA LEU B 840 -46.33 -24.61 -37.35
C LEU B 840 -45.15 -25.35 -36.74
N ALA B 841 -44.74 -24.93 -35.54
CA ALA B 841 -43.64 -25.53 -34.83
C ALA B 841 -43.91 -26.99 -34.60
N LEU B 842 -45.17 -27.34 -34.40
CA LEU B 842 -45.50 -28.73 -34.15
C LEU B 842 -45.02 -29.65 -35.29
N ARG B 843 -44.80 -29.09 -36.48
CA ARG B 843 -44.33 -29.85 -37.63
C ARG B 843 -42.87 -29.49 -37.92
N ILE B 844 -42.51 -28.22 -37.71
CA ILE B 844 -41.14 -27.76 -37.97
C ILE B 844 -40.18 -28.46 -37.03
N LEU B 845 -40.58 -28.57 -35.77
CA LEU B 845 -39.81 -29.20 -34.70
C LEU B 845 -39.61 -30.69 -34.94
N LYS B 846 -40.43 -31.28 -35.81
CA LYS B 846 -40.34 -32.69 -36.14
C LYS B 846 -39.50 -32.86 -37.40
N ASN B 847 -39.02 -31.74 -37.94
CA ASN B 847 -38.25 -31.68 -39.18
C ASN B 847 -39.02 -32.25 -40.35
N GLU B 848 -40.33 -31.97 -40.39
CA GLU B 848 -41.17 -32.44 -41.47
C GLU B 848 -41.17 -31.53 -42.70
N ILE B 849 -40.50 -30.38 -42.60
CA ILE B 849 -40.49 -29.39 -43.67
C ILE B 849 -39.11 -29.11 -44.27
N LYS B 850 -39.01 -29.30 -45.58
CA LYS B 850 -37.78 -28.99 -46.33
C LYS B 850 -37.56 -27.49 -46.42
N ASP B 851 -38.58 -26.80 -46.93
CA ASP B 851 -38.60 -25.36 -47.06
C ASP B 851 -40.04 -24.87 -47.17
N LYS B 852 -40.21 -23.54 -47.22
CA LYS B 852 -41.50 -22.84 -47.29
C LYS B 852 -42.45 -23.32 -46.20
N GLU B 853 -43.65 -22.75 -46.14
CA GLU B 853 -44.67 -23.20 -45.18
C GLU B 853 -46.04 -22.56 -45.49
N THR B 854 -47.12 -23.25 -45.07
CA THR B 854 -48.51 -22.76 -45.18
C THR B 854 -49.39 -22.95 -43.92
N VAL B 855 -50.19 -21.95 -43.59
CA VAL B 855 -51.17 -22.06 -42.51
C VAL B 855 -52.58 -21.99 -43.03
N ASN B 856 -53.36 -22.98 -42.70
CA ASN B 856 -54.77 -23.01 -43.04
C ASN B 856 -55.56 -22.74 -41.76
N VAL B 857 -56.79 -22.26 -41.88
CA VAL B 857 -57.59 -21.90 -40.71
C VAL B 857 -58.87 -22.68 -40.50
N VAL B 858 -59.21 -22.89 -39.21
CA VAL B 858 -60.40 -23.61 -38.77
C VAL B 858 -61.20 -22.90 -37.67
N LEU B 859 -62.51 -22.84 -37.79
CA LEU B 859 -63.26 -22.24 -36.69
C LEU B 859 -63.45 -23.24 -35.55
N GLU B 874 -64.29 -19.82 -31.83
CA GLU B 874 -63.67 -21.13 -31.71
C GLU B 874 -62.47 -21.22 -32.63
N GLU B 875 -61.84 -20.08 -32.83
CA GLU B 875 -60.66 -19.95 -33.68
C GLU B 875 -59.60 -21.01 -33.43
N CYS B 876 -59.10 -21.59 -34.51
CA CYS B 876 -58.01 -22.55 -34.45
C CYS B 876 -57.40 -22.74 -35.84
N LEU B 877 -56.26 -23.43 -35.92
CA LEU B 877 -55.62 -23.64 -37.21
C LEU B 877 -55.68 -25.10 -37.65
N GLU B 878 -55.61 -25.30 -38.96
CA GLU B 878 -55.58 -26.64 -39.56
C GLU B 878 -54.17 -27.20 -39.67
N VAL B 879 -54.09 -28.53 -39.69
CA VAL B 879 -52.84 -29.22 -39.94
C VAL B 879 -52.56 -29.23 -41.43
N LEU B 880 -51.36 -28.82 -41.83
CA LEU B 880 -51.06 -28.79 -43.25
C LEU B 880 -50.53 -30.16 -43.72
N PRO B 881 -51.32 -30.98 -44.46
CA PRO B 881 -51.00 -32.35 -44.82
C PRO B 881 -50.03 -32.48 -45.98
N ASN B 882 -48.91 -31.77 -45.88
CA ASN B 882 -47.83 -31.83 -46.82
C ASN B 882 -46.69 -32.34 -45.99
N HIS B 883 -46.88 -32.14 -44.69
CA HIS B 883 -45.89 -32.45 -43.68
C HIS B 883 -46.63 -33.13 -42.53
N GLU B 884 -45.99 -34.00 -41.75
CA GLU B 884 -46.70 -34.66 -40.64
C GLU B 884 -47.92 -35.41 -41.16
N GLN C 6 42.85 4.76 8.53
CA GLN C 6 42.85 5.34 7.20
C GLN C 6 42.37 6.79 7.22
N PHE C 7 41.85 7.22 6.09
CA PHE C 7 41.36 8.58 5.91
C PHE C 7 39.85 8.60 5.94
N THR C 8 39.29 9.69 6.45
CA THR C 8 37.84 9.83 6.38
C THR C 8 37.49 10.56 5.10
N GLU C 9 36.22 10.78 4.90
CA GLU C 9 35.72 11.37 3.67
C GLU C 9 36.22 12.78 3.42
N ARG C 10 36.39 13.57 4.45
CA ARG C 10 36.85 14.93 4.24
C ARG C 10 38.30 14.91 3.69
N ALA C 11 39.15 14.08 4.30
CA ALA C 11 40.55 13.94 3.87
C ALA C 11 40.62 13.28 2.52
N LEU C 12 39.77 12.28 2.31
CA LEU C 12 39.73 11.57 1.04
C LEU C 12 39.31 12.49 -0.05
N THR C 13 38.42 13.42 0.22
CA THR C 13 38.03 14.34 -0.82
C THR C 13 39.27 15.11 -1.26
N ILE C 14 40.03 15.62 -0.30
CA ILE C 14 41.21 16.37 -0.67
C ILE C 14 42.25 15.53 -1.38
N LEU C 15 42.44 14.32 -0.90
CA LEU C 15 43.41 13.42 -1.47
C LEU C 15 42.98 13.04 -2.88
N THR C 16 41.69 12.77 -3.07
CA THR C 16 41.12 12.43 -4.35
C THR C 16 41.34 13.57 -5.31
N LEU C 17 41.06 14.78 -4.82
CA LEU C 17 41.26 15.95 -5.65
C LEU C 17 42.70 16.09 -6.01
N ALA C 18 43.60 15.83 -5.08
CA ALA C 18 45.00 16.00 -5.42
C ALA C 18 45.38 15.06 -6.54
N GLN C 19 44.94 13.80 -6.46
CA GLN C 19 45.30 12.86 -7.52
C GLN C 19 44.62 13.28 -8.82
N LYS C 20 43.38 13.76 -8.72
CA LYS C 20 42.65 14.19 -9.88
C LYS C 20 43.41 15.32 -10.55
N LEU C 21 43.90 16.25 -9.76
CA LEU C 21 44.63 17.38 -10.24
C LEU C 21 45.89 16.94 -10.95
N ALA C 22 46.56 15.91 -10.45
CA ALA C 22 47.71 15.42 -11.19
C ALA C 22 47.25 15.00 -12.58
N SER C 23 46.08 14.36 -12.66
CA SER C 23 45.59 13.99 -13.98
C SER C 23 45.03 15.18 -14.75
N ASP C 24 44.55 16.22 -14.06
CA ASP C 24 43.99 17.40 -14.73
C ASP C 24 45.11 18.13 -15.43
N HIS C 25 46.31 17.99 -14.89
CA HIS C 25 47.53 18.55 -15.45
C HIS C 25 48.32 17.50 -16.21
N GLN C 26 47.71 16.34 -16.48
CA GLN C 26 48.31 15.24 -17.21
C GLN C 26 49.72 14.91 -16.76
N HIS C 27 49.98 14.99 -15.46
CA HIS C 27 51.32 14.78 -15.01
C HIS C 27 51.47 13.32 -14.55
N PRO C 28 52.60 12.64 -14.84
CA PRO C 28 52.93 11.30 -14.35
C PRO C 28 52.84 11.12 -12.85
N GLN C 29 53.07 12.16 -12.07
CA GLN C 29 53.02 11.95 -10.65
C GLN C 29 52.34 13.05 -9.87
N LEU C 30 51.82 12.65 -8.73
CA LEU C 30 51.24 13.60 -7.81
C LEU C 30 52.33 14.31 -7.03
N GLN C 31 52.29 15.64 -7.03
CA GLN C 31 53.29 16.42 -6.31
C GLN C 31 52.61 17.25 -5.22
N PRO C 32 53.35 17.70 -4.18
CA PRO C 32 52.85 18.58 -3.14
C PRO C 32 52.03 19.74 -3.70
N ILE C 33 52.40 20.23 -4.90
CA ILE C 33 51.67 21.33 -5.52
C ILE C 33 50.25 20.98 -5.89
N HIS C 34 50.01 19.70 -6.19
CA HIS C 34 48.69 19.28 -6.58
C HIS C 34 47.86 19.18 -5.33
N ILE C 35 48.51 18.80 -4.25
CA ILE C 35 47.77 18.76 -3.01
C ILE C 35 47.43 20.18 -2.58
N LEU C 36 48.39 21.09 -2.69
CA LEU C 36 48.07 22.46 -2.31
C LEU C 36 46.92 22.94 -3.19
N ALA C 37 46.96 22.57 -4.46
CA ALA C 37 45.87 22.89 -5.36
C ALA C 37 44.58 22.21 -4.86
N ALA C 38 44.68 20.99 -4.31
CA ALA C 38 43.50 20.31 -3.77
C ALA C 38 42.95 21.09 -2.61
N PHE C 39 43.84 21.71 -1.83
CA PHE C 39 43.38 22.49 -0.69
C PHE C 39 42.54 23.64 -1.23
N ILE C 40 42.99 24.25 -2.32
CA ILE C 40 42.19 25.32 -2.91
C ILE C 40 41.56 24.96 -4.24
N GLU C 41 40.40 24.32 -4.14
CA GLU C 41 39.62 23.86 -5.27
C GLU C 41 38.56 24.84 -5.73
N THR C 42 37.65 25.14 -4.81
CA THR C 42 36.45 25.86 -5.08
C THR C 42 36.08 26.76 -3.91
N PRO C 43 35.41 27.90 -4.13
CA PRO C 43 35.03 28.85 -3.11
C PRO C 43 33.82 28.46 -2.26
N GLU C 44 34.00 27.39 -1.52
CA GLU C 44 32.99 26.88 -0.59
C GLU C 44 33.49 27.11 0.82
N ASP C 45 32.91 28.12 1.48
CA ASP C 45 33.37 28.67 2.75
C ASP C 45 33.84 27.66 3.82
N GLY C 46 33.04 26.63 4.04
CA GLY C 46 33.36 25.62 5.06
C GLY C 46 34.68 24.88 4.81
N SER C 47 35.26 25.06 3.63
CA SER C 47 36.50 24.44 3.32
C SER C 47 37.63 25.08 4.08
N VAL C 48 37.95 24.48 5.20
CA VAL C 48 39.03 24.92 6.06
C VAL C 48 40.34 25.04 5.27
N PRO C 49 40.67 24.11 4.35
CA PRO C 49 41.82 24.21 3.47
C PRO C 49 41.91 25.50 2.61
N TYR C 50 40.80 26.24 2.43
CA TYR C 50 40.81 27.44 1.58
C TYR C 50 40.18 28.72 2.11
N LEU C 51 38.91 28.69 2.53
CA LEU C 51 38.21 29.93 2.91
C LEU C 51 38.04 30.14 4.40
N GLN C 52 37.20 29.35 5.10
CA GLN C 52 37.11 29.52 6.56
C GLN C 52 38.26 28.75 7.15
N ASN C 53 39.42 29.27 6.85
CA ASN C 53 40.68 28.63 7.00
C ASN C 53 41.57 29.13 8.08
N LEU C 54 42.71 28.48 8.13
CA LEU C 54 43.74 28.77 9.09
C LEU C 54 44.54 29.95 8.54
N ILE C 55 44.45 30.12 7.22
CA ILE C 55 45.22 31.11 6.46
C ILE C 55 44.75 32.53 6.80
N GLU C 56 43.44 32.76 6.73
CA GLU C 56 42.84 34.06 7.02
C GLU C 56 43.04 34.33 8.49
N LYS C 57 42.80 33.33 9.32
CA LYS C 57 42.98 33.55 10.74
C LYS C 57 44.43 33.91 11.04
N GLY C 58 45.35 33.31 10.27
CA GLY C 58 46.78 33.53 10.36
C GLY C 58 47.25 34.83 9.67
N ARG C 59 46.28 35.65 9.23
CA ARG C 59 46.45 36.94 8.55
C ARG C 59 47.07 36.87 7.17
N TYR C 60 46.80 35.80 6.44
CA TYR C 60 47.25 35.65 5.07
C TYR C 60 46.12 35.67 4.06
N ASP C 61 46.47 36.12 2.85
CA ASP C 61 45.57 36.16 1.71
C ASP C 61 45.54 34.84 0.95
N TYR C 62 44.48 34.08 1.13
CA TYR C 62 44.34 32.77 0.51
C TYR C 62 44.19 32.81 -1.01
N ASP C 63 43.83 33.97 -1.56
CA ASP C 63 43.71 34.06 -3.01
C ASP C 63 45.08 34.36 -3.55
N LEU C 64 45.85 35.13 -2.81
CA LEU C 64 47.21 35.38 -3.21
C LEU C 64 47.93 34.06 -3.19
N PHE C 65 47.72 33.29 -2.11
CA PHE C 65 48.33 31.98 -2.05
C PHE C 65 47.87 31.17 -3.26
N LYS C 66 46.58 31.19 -3.60
CA LYS C 66 46.17 30.48 -4.81
C LYS C 66 46.97 30.97 -6.03
N LYS C 67 47.32 32.27 -6.10
CA LYS C 67 48.09 32.72 -7.25
C LYS C 67 49.45 32.05 -7.19
N VAL C 68 49.98 31.89 -5.99
CA VAL C 68 51.28 31.24 -5.84
C VAL C 68 51.18 29.81 -6.33
N VAL C 69 50.12 29.15 -5.94
CA VAL C 69 49.93 27.78 -6.33
C VAL C 69 49.83 27.68 -7.83
N ASN C 70 49.06 28.57 -8.45
CA ASN C 70 48.93 28.54 -9.88
C ASN C 70 50.26 28.80 -10.56
N ARG C 71 51.07 29.70 -9.99
CA ARG C 71 52.37 30.01 -10.56
C ARG C 71 53.23 28.78 -10.52
N ASN C 72 53.07 27.98 -9.49
CA ASN C 72 53.80 26.75 -9.40
C ASN C 72 53.21 25.67 -10.32
N LEU C 73 51.88 25.62 -10.46
CA LEU C 73 51.27 24.60 -11.30
C LEU C 73 51.67 24.75 -12.76
N VAL C 74 51.78 25.98 -13.22
CA VAL C 74 52.16 26.18 -14.62
C VAL C 74 53.61 25.79 -14.89
N ARG C 75 54.39 25.53 -13.83
CA ARG C 75 55.79 25.16 -13.96
C ARG C 75 55.95 23.64 -14.00
N ILE C 76 54.83 22.91 -13.98
CA ILE C 76 54.90 21.47 -14.09
C ILE C 76 55.48 21.15 -15.47
N PRO C 77 56.59 20.39 -15.56
CA PRO C 77 57.35 20.12 -16.76
C PRO C 77 56.62 19.41 -17.89
N GLN C 78 55.53 18.71 -17.61
CA GLN C 78 54.84 18.08 -18.71
C GLN C 78 53.38 17.89 -18.45
N GLN C 79 52.65 17.88 -19.54
CA GLN C 79 51.23 17.63 -19.59
C GLN C 79 50.95 16.58 -20.66
N GLN C 80 51.80 15.57 -20.75
CA GLN C 80 51.64 14.58 -21.80
C GLN C 80 50.60 13.53 -21.40
N PRO C 81 49.54 13.30 -22.20
CA PRO C 81 48.45 12.36 -21.93
C PRO C 81 48.84 10.94 -21.53
N ALA C 82 49.45 10.18 -22.44
CA ALA C 82 49.73 8.78 -22.13
C ALA C 82 50.63 8.63 -20.88
N PRO C 83 51.69 9.46 -20.67
CA PRO C 83 52.53 9.46 -19.47
C PRO C 83 51.82 9.78 -18.15
N ALA C 84 50.63 10.36 -18.19
CA ALA C 84 49.94 10.79 -16.99
C ALA C 84 49.54 9.63 -16.07
N GLU C 85 49.42 9.94 -14.77
CA GLU C 85 48.91 9.00 -13.76
C GLU C 85 49.73 7.72 -13.55
N ILE C 86 50.98 7.88 -13.16
CA ILE C 86 51.86 6.76 -12.90
C ILE C 86 51.95 6.48 -11.41
N THR C 87 52.16 7.53 -10.62
CA THR C 87 52.37 7.35 -9.18
C THR C 87 51.87 8.50 -8.28
N PRO C 88 51.53 8.20 -7.02
CA PRO C 88 51.25 9.16 -5.96
C PRO C 88 52.52 9.88 -5.50
N SER C 89 53.69 9.36 -5.88
CA SER C 89 55.04 9.87 -5.56
C SER C 89 55.54 9.62 -4.14
N TYR C 90 56.81 9.25 -4.06
CA TYR C 90 57.51 9.05 -2.80
C TYR C 90 57.39 10.29 -1.91
N ALA C 91 57.31 11.46 -2.55
CA ALA C 91 57.25 12.72 -1.84
C ALA C 91 56.00 12.77 -1.00
N LEU C 92 54.93 12.21 -1.52
CA LEU C 92 53.69 12.27 -0.82
C LEU C 92 53.49 11.03 -0.04
N GLY C 93 54.29 10.02 -0.33
CA GLY C 93 54.29 8.83 0.49
C GLY C 93 54.66 9.37 1.86
N LYS C 94 55.75 10.12 1.90
CA LYS C 94 56.23 10.74 3.13
C LYS C 94 55.13 11.55 3.81
N VAL C 95 54.44 12.40 3.04
CA VAL C 95 53.38 13.21 3.64
C VAL C 95 52.25 12.38 4.22
N LEU C 96 51.79 11.38 3.49
CA LEU C 96 50.68 10.58 3.99
C LEU C 96 51.14 9.78 5.20
N GLN C 97 52.40 9.34 5.19
CA GLN C 97 52.97 8.64 6.32
C GLN C 97 53.03 9.60 7.50
N ASP C 98 53.34 10.86 7.23
CA ASP C 98 53.40 11.85 8.28
C ASP C 98 51.99 12.01 8.83
N ALA C 99 50.97 12.00 7.97
CA ALA C 99 49.62 12.13 8.47
C ALA C 99 49.34 11.01 9.44
N ALA C 100 49.78 9.80 9.11
CA ALA C 100 49.58 8.68 10.01
C ALA C 100 50.27 8.95 11.35
N LYS C 101 51.46 9.57 11.31
CA LYS C 101 52.17 9.87 12.55
C LYS C 101 51.35 10.83 13.39
N ILE C 102 50.66 11.75 12.73
CA ILE C 102 49.87 12.72 13.44
C ILE C 102 48.71 12.01 14.10
N GLN C 103 48.14 11.02 13.42
CA GLN C 103 47.00 10.32 13.98
C GLN C 103 47.42 9.66 15.27
N LYS C 104 48.65 9.16 15.30
CA LYS C 104 49.13 8.53 16.50
C LYS C 104 49.29 9.57 17.59
N GLN C 105 49.82 10.74 17.22
CA GLN C 105 50.03 11.83 18.16
C GLN C 105 48.72 12.31 18.78
N GLN C 106 47.65 12.28 18.00
CA GLN C 106 46.33 12.71 18.42
C GLN C 106 45.36 11.63 18.89
N LYS C 107 45.77 10.35 18.88
CA LYS C 107 44.87 9.22 19.19
C LYS C 107 43.66 9.18 18.24
N ASP C 108 43.84 9.57 16.99
CA ASP C 108 42.76 9.63 16.02
C ASP C 108 42.62 8.42 15.10
N SER C 109 41.43 7.81 15.12
CA SER C 109 41.10 6.63 14.32
C SER C 109 40.99 6.89 12.81
N PHE C 110 40.98 8.15 12.40
CA PHE C 110 40.92 8.49 10.99
C PHE C 110 41.62 9.81 10.69
N ILE C 111 42.10 9.93 9.46
CA ILE C 111 42.75 11.17 9.02
C ILE C 111 41.70 12.11 8.46
N ALA C 112 41.58 13.29 9.06
CA ALA C 112 40.62 14.32 8.65
C ALA C 112 41.34 15.30 7.78
N GLN C 113 40.61 16.22 7.16
CA GLN C 113 41.28 17.20 6.31
C GLN C 113 42.24 18.01 7.20
N ASP C 114 41.94 18.08 8.48
CA ASP C 114 42.72 18.84 9.40
C ASP C 114 44.12 18.25 9.52
N HIS C 115 44.18 16.92 9.46
CA HIS C 115 45.41 16.20 9.64
C HIS C 115 46.18 16.21 8.35
N ILE C 116 45.47 16.06 7.23
CA ILE C 116 46.15 15.96 5.95
C ILE C 116 46.72 17.35 5.64
N LEU C 117 46.02 18.41 6.08
CA LEU C 117 46.54 19.75 5.92
C LEU C 117 47.83 19.89 6.66
N PHE C 118 47.81 19.48 7.92
CA PHE C 118 48.96 19.63 8.77
C PHE C 118 50.16 18.88 8.18
N ALA C 119 49.93 17.63 7.76
CA ALA C 119 51.02 16.82 7.23
C ALA C 119 51.64 17.44 6.00
N LEU C 120 50.82 17.96 5.10
CA LEU C 120 51.46 18.56 3.95
C LEU C 120 52.18 19.80 4.37
N PHE C 121 51.57 20.56 5.26
CA PHE C 121 52.17 21.81 5.66
C PHE C 121 53.57 21.54 6.17
N ASN C 122 53.75 20.45 6.93
CA ASN C 122 55.07 20.09 7.42
C ASN C 122 56.08 19.92 6.27
N ASP C 123 55.62 19.38 5.15
CA ASP C 123 56.47 19.19 3.98
C ASP C 123 56.28 20.24 2.85
N SER C 124 55.44 21.24 3.08
CA SER C 124 55.17 22.24 2.06
C SER C 124 56.20 23.34 2.04
N SER C 125 56.19 24.11 0.96
CA SER C 125 57.00 25.32 0.92
C SER C 125 56.60 26.22 -0.22
N ILE C 126 56.99 27.46 -0.11
CA ILE C 126 56.98 28.37 -1.23
C ILE C 126 58.40 28.78 -1.33
N GLN C 127 58.98 28.73 -2.51
CA GLN C 127 60.35 29.15 -2.60
C GLN C 127 60.39 30.69 -2.68
N GLN C 128 60.15 31.27 -1.51
CA GLN C 128 59.97 32.69 -1.23
C GLN C 128 60.43 32.98 0.20
N ILE C 129 61.14 34.09 0.42
CA ILE C 129 61.55 34.40 1.79
C ILE C 129 60.36 34.83 2.63
N PHE C 130 59.66 35.85 2.16
CA PHE C 130 58.52 36.37 2.86
C PHE C 130 57.31 35.61 2.38
N LYS C 131 57.26 34.36 2.75
CA LYS C 131 56.27 33.49 2.18
C LYS C 131 54.88 33.99 2.40
N GLU C 132 54.09 33.90 1.34
CA GLU C 132 52.66 34.23 1.33
C GLU C 132 51.86 32.94 1.56
N ALA C 133 52.59 31.95 2.04
CA ALA C 133 52.15 30.63 2.35
C ALA C 133 51.18 30.65 3.46
N GLN C 134 50.46 29.56 3.60
CA GLN C 134 49.62 29.45 4.75
C GLN C 134 50.52 29.71 5.94
N VAL C 135 49.97 30.34 6.94
CA VAL C 135 50.69 30.66 8.14
C VAL C 135 51.42 29.42 8.64
N ASP C 136 52.61 29.62 9.18
CA ASP C 136 53.41 28.50 9.62
C ASP C 136 52.70 27.65 10.64
N ILE C 137 53.24 26.45 10.77
CA ILE C 137 52.74 25.41 11.65
C ILE C 137 52.28 25.82 13.04
N GLU C 138 52.97 26.73 13.72
CA GLU C 138 52.49 26.98 15.07
C GLU C 138 51.09 27.59 15.01
N ALA C 139 50.85 28.44 14.04
CA ALA C 139 49.54 29.05 13.91
C ALA C 139 48.59 28.03 13.37
N ILE C 140 49.10 27.15 12.52
CA ILE C 140 48.24 26.12 11.99
C ILE C 140 47.66 25.36 13.16
N LYS C 141 48.49 25.04 14.14
CA LYS C 141 47.99 24.37 15.34
C LYS C 141 47.08 25.27 16.14
N GLN C 142 47.41 26.56 16.26
CA GLN C 142 46.56 27.43 17.07
C GLN C 142 45.14 27.45 16.55
N GLN C 143 44.98 27.41 15.24
CA GLN C 143 43.65 27.46 14.69
C GLN C 143 43.10 26.06 14.40
N ALA C 144 43.95 25.12 14.03
CA ALA C 144 43.48 23.78 13.74
C ALA C 144 42.92 23.16 14.98
N LEU C 145 43.48 23.51 16.13
CA LEU C 145 43.02 22.97 17.40
C LEU C 145 41.70 23.56 17.86
N GLU C 146 41.10 24.46 17.07
CA GLU C 146 39.78 24.97 17.37
C GLU C 146 38.75 23.99 16.80
N LEU C 147 39.23 23.04 16.01
CA LEU C 147 38.37 22.10 15.33
C LEU C 147 38.28 20.80 16.12
N ARG C 148 37.11 20.18 16.13
CA ARG C 148 36.91 18.90 16.80
C ARG C 148 37.47 18.99 18.24
N GLY C 149 38.46 18.19 18.58
CA GLY C 149 39.00 18.18 19.93
C GLY C 149 39.67 16.86 20.27
N TYR C 166 30.54 23.02 8.62
CA TYR C 166 29.93 24.20 9.21
C TYR C 166 28.49 24.39 8.81
N LEU C 167 27.75 25.06 9.68
CA LEU C 167 26.33 25.29 9.49
C LEU C 167 25.93 25.97 8.22
N SER C 168 26.78 26.83 7.69
CA SER C 168 26.45 27.52 6.45
C SER C 168 26.28 26.54 5.29
N LYS C 169 26.75 25.31 5.45
CA LYS C 169 26.61 24.28 4.44
C LYS C 169 25.19 23.77 4.44
N TYR C 170 24.50 24.00 5.54
CA TYR C 170 23.20 23.44 5.75
C TYR C 170 22.13 24.50 6.01
N ALA C 171 22.54 25.75 6.17
CA ALA C 171 21.56 26.77 6.50
C ALA C 171 21.96 28.17 6.11
N ILE C 172 20.95 29.02 5.96
CA ILE C 172 21.20 30.41 5.64
C ILE C 172 21.27 31.30 6.86
N ASP C 173 22.32 32.09 6.97
CA ASP C 173 22.44 32.93 8.15
C ASP C 173 21.54 34.14 8.03
N MET C 174 20.34 33.97 8.59
CA MET C 174 19.27 34.95 8.53
C MET C 174 19.72 36.23 9.20
N THR C 175 20.47 36.09 10.29
CA THR C 175 20.99 37.26 11.00
C THR C 175 21.92 38.05 10.11
N GLU C 176 22.81 37.37 9.40
CA GLU C 176 23.70 38.09 8.53
C GLU C 176 22.92 38.74 7.40
N GLN C 177 21.91 38.06 6.87
CA GLN C 177 21.17 38.70 5.81
C GLN C 177 20.54 39.95 6.35
N ALA C 178 20.00 39.89 7.57
CA ALA C 178 19.39 41.03 8.24
C ALA C 178 20.41 42.14 8.46
N ARG C 179 21.65 41.78 8.80
CA ARG C 179 22.71 42.76 8.99
C ARG C 179 22.93 43.51 7.67
N GLN C 180 22.77 42.78 6.57
CA GLN C 180 22.89 43.26 5.21
C GLN C 180 21.56 43.78 4.67
N GLY C 181 20.61 44.03 5.56
CA GLY C 181 19.27 44.44 5.17
C GLY C 181 18.57 43.22 4.61
N LYS C 182 18.12 43.27 3.37
CA LYS C 182 17.46 42.10 2.81
C LYS C 182 16.36 41.56 3.74
N LEU C 183 15.65 42.45 4.42
CA LEU C 183 14.65 42.10 5.41
C LEU C 183 13.45 43.02 5.38
N ASP C 184 12.26 42.44 5.53
CA ASP C 184 11.03 43.22 5.54
C ASP C 184 10.48 43.42 6.98
N PRO C 185 10.48 44.66 7.52
CA PRO C 185 10.06 45.02 8.88
C PRO C 185 8.65 44.62 9.19
N VAL C 186 8.37 44.44 10.47
CA VAL C 186 7.04 44.04 10.92
C VAL C 186 6.43 45.04 11.87
N ILE C 187 5.12 44.93 12.04
CA ILE C 187 4.37 45.72 12.99
C ILE C 187 3.43 44.80 13.77
N GLY C 188 3.11 45.10 15.04
CA GLY C 188 2.07 44.36 15.79
C GLY C 188 2.58 43.05 16.37
N ARG C 189 3.24 42.29 15.50
CA ARG C 189 3.81 40.98 15.77
C ARG C 189 4.95 41.07 16.75
N GLU C 190 5.31 42.29 17.15
CA GLU C 190 6.31 42.51 18.17
C GLU C 190 5.91 41.76 19.41
N GLU C 191 4.62 41.62 19.67
CA GLU C 191 4.30 40.92 20.88
C GLU C 191 4.65 39.44 20.79
N GLU C 192 4.38 38.80 19.64
CA GLU C 192 4.77 37.40 19.59
C GLU C 192 6.30 37.28 19.54
N ILE C 193 6.97 38.32 19.06
CA ILE C 193 8.42 38.34 19.04
C ILE C 193 8.93 38.42 20.47
N ARG C 194 8.31 39.27 21.27
CA ARG C 194 8.70 39.38 22.65
C ARG C 194 8.46 38.03 23.32
N SER C 195 7.36 37.36 22.96
CA SER C 195 7.10 36.05 23.53
C SER C 195 8.20 35.10 23.09
N THR C 196 8.61 35.20 21.85
CA THR C 196 9.64 34.34 21.30
C THR C 196 10.92 34.53 22.10
N ILE C 197 11.29 35.77 22.36
CA ILE C 197 12.48 36.09 23.11
C ILE C 197 12.35 35.51 24.51
N ARG C 198 11.20 35.69 25.12
CA ARG C 198 10.96 35.17 26.45
C ARG C 198 11.07 33.66 26.47
N VAL C 199 10.60 32.97 25.44
CA VAL C 199 10.74 31.53 25.43
C VAL C 199 12.18 31.13 25.21
N LEU C 200 12.87 31.80 24.28
CA LEU C 200 14.25 31.48 24.02
C LEU C 200 15.10 31.67 25.26
N ALA C 201 14.74 32.65 26.08
CA ALA C 201 15.44 32.96 27.32
C ALA C 201 15.26 31.86 28.39
N ARG C 202 14.33 30.92 28.17
CA ARG C 202 14.08 29.85 29.12
C ARG C 202 15.23 28.88 29.24
N ARG C 203 15.37 28.30 30.43
CA ARG C 203 16.44 27.35 30.65
C ARG C 203 16.11 25.97 30.12
N ILE C 204 14.83 25.56 30.14
CA ILE C 204 14.54 24.20 29.71
C ILE C 204 13.85 24.16 28.35
N LYS C 205 12.60 24.56 28.29
CA LYS C 205 11.90 24.57 27.00
C LYS C 205 12.17 25.86 26.27
N SER C 206 13.35 25.89 25.67
CA SER C 206 13.95 27.01 24.97
C SER C 206 13.40 27.28 23.57
N ASN C 207 12.56 26.39 23.04
CA ASN C 207 12.10 26.53 21.65
C ASN C 207 10.70 27.06 21.37
N PRO C 208 10.47 28.32 21.05
CA PRO C 208 9.16 28.81 20.70
C PRO C 208 8.78 28.36 19.32
N CYS C 209 7.51 28.08 19.11
CA CYS C 209 7.06 27.78 17.76
C CYS C 209 5.87 28.62 17.35
N LEU C 210 5.95 29.10 16.12
CA LEU C 210 4.92 29.98 15.59
C LEU C 210 3.85 29.18 14.91
N ILE C 211 2.67 29.20 15.50
CA ILE C 211 1.59 28.37 15.02
C ILE C 211 0.36 29.18 14.63
N GLY C 212 -0.20 28.87 13.47
CA GLY C 212 -1.39 29.61 13.07
C GLY C 212 -1.77 29.46 11.61
N GLU C 213 -2.56 30.38 11.12
CA GLU C 213 -2.98 30.32 9.73
C GLU C 213 -1.83 30.70 8.83
N PRO C 214 -1.79 30.20 7.60
CA PRO C 214 -0.85 30.61 6.62
C PRO C 214 -1.10 32.07 6.39
N GLY C 215 -0.07 32.80 6.08
CA GLY C 215 -0.20 34.21 5.73
C GLY C 215 -0.25 35.15 6.92
N ILE C 216 -0.35 34.62 8.13
CA ILE C 216 -0.42 35.48 9.28
C ILE C 216 0.81 36.35 9.46
N GLY C 217 1.98 35.81 9.16
CA GLY C 217 3.20 36.56 9.33
C GLY C 217 4.18 35.82 10.21
N LYS C 218 4.21 34.50 10.11
CA LYS C 218 5.10 33.75 10.98
C LYS C 218 6.52 33.84 10.45
N THR C 219 6.66 33.96 9.14
CA THR C 219 8.00 34.12 8.61
C THR C 219 8.33 35.54 8.97
N ALA C 220 7.36 36.41 8.82
CA ALA C 220 7.60 37.79 9.15
C ALA C 220 8.08 37.88 10.60
N ILE C 221 7.49 37.09 11.50
CA ILE C 221 7.99 37.08 12.85
C ILE C 221 9.40 36.63 12.94
N ILE C 222 9.76 35.55 12.28
CA ILE C 222 11.13 35.16 12.43
C ILE C 222 12.07 36.22 11.88
N GLU C 223 11.66 36.94 10.84
CA GLU C 223 12.53 38.03 10.41
C GLU C 223 12.54 39.09 11.48
N GLY C 224 11.40 39.30 12.12
CA GLY C 224 11.31 40.27 13.19
C GLY C 224 12.28 39.89 14.30
N VAL C 225 12.45 38.60 14.54
CA VAL C 225 13.39 38.13 15.52
C VAL C 225 14.77 38.53 15.07
N ALA C 226 15.08 38.31 13.78
CA ALA C 226 16.38 38.70 13.28
C ALA C 226 16.58 40.18 13.49
N GLN C 227 15.54 40.99 13.32
CA GLN C 227 15.72 42.41 13.54
C GLN C 227 16.08 42.70 14.95
N ARG C 228 15.44 42.02 15.89
CA ARG C 228 15.70 42.30 17.29
C ARG C 228 17.15 41.95 17.61
N ILE C 229 17.65 40.89 16.98
CA ILE C 229 19.05 40.52 17.19
C ILE C 229 19.94 41.63 16.64
N ILE C 230 19.67 42.04 15.42
CA ILE C 230 20.42 43.07 14.72
C ILE C 230 20.42 44.42 15.42
N ASP C 231 19.28 44.77 15.98
CA ASP C 231 19.03 46.04 16.65
C ASP C 231 19.43 46.08 18.12
N ASP C 232 19.97 44.98 18.66
CA ASP C 232 20.33 44.92 20.07
C ASP C 232 19.15 45.13 21.03
N ASP C 233 17.97 44.59 20.69
CA ASP C 233 16.77 44.71 21.54
C ASP C 233 16.54 43.46 22.37
N VAL C 234 17.52 42.60 22.33
CA VAL C 234 17.49 41.30 22.94
C VAL C 234 18.54 41.18 24.04
N PRO C 235 18.24 40.60 25.22
CA PRO C 235 19.19 40.39 26.29
C PRO C 235 20.39 39.61 25.75
N THR C 236 21.57 39.92 26.27
CA THR C 236 22.85 39.37 25.78
C THR C 236 22.87 37.88 25.46
N ILE C 237 22.25 37.08 26.30
CA ILE C 237 22.23 35.64 26.12
C ILE C 237 21.54 35.19 24.82
N LEU C 238 20.79 36.09 24.20
CA LEU C 238 20.15 35.86 22.94
C LEU C 238 20.63 36.88 21.93
N GLN C 239 21.09 38.02 22.43
CA GLN C 239 21.51 39.16 21.61
C GLN C 239 22.55 38.79 20.60
N GLY C 240 23.50 37.96 21.03
CA GLY C 240 24.58 37.59 20.13
C GLY C 240 24.23 36.41 19.22
N ALA C 241 23.00 35.93 19.29
CA ALA C 241 22.62 34.75 18.55
C ALA C 241 22.73 34.89 17.07
N LYS C 242 23.14 33.80 16.44
CA LYS C 242 23.19 33.77 14.99
C LYS C 242 22.02 32.92 14.51
N LEU C 243 21.06 33.54 13.85
CA LEU C 243 19.83 32.87 13.42
C LEU C 243 19.94 32.27 12.01
N PHE C 244 19.61 30.98 11.90
CA PHE C 244 19.69 30.27 10.63
C PHE C 244 18.42 29.67 10.04
N SER C 245 18.33 29.64 8.70
CA SER C 245 17.22 28.96 8.00
C SER C 245 17.64 27.54 7.64
N LEU C 246 17.01 26.58 8.31
CA LEU C 246 17.41 25.17 8.29
C LEU C 246 16.71 24.14 7.44
N ASP C 247 17.47 23.07 7.22
CA ASP C 247 17.03 21.80 6.67
C ASP C 247 16.47 21.81 5.25
N LEU C 248 15.45 20.98 5.03
CA LEU C 248 14.80 20.74 3.75
C LEU C 248 15.80 20.34 2.70
N ALA C 249 16.53 21.29 2.19
CA ALA C 249 17.52 20.96 1.22
C ALA C 249 18.64 20.24 1.94
N ALA C 250 19.10 20.83 3.03
CA ALA C 250 20.20 20.25 3.76
C ALA C 250 19.82 18.91 4.30
N LEU C 251 18.57 18.82 4.72
CA LEU C 251 18.04 17.63 5.32
C LEU C 251 17.92 16.53 4.29
N THR C 252 17.19 16.79 3.21
CA THR C 252 16.93 15.74 2.26
C THR C 252 17.71 15.89 0.95
N ALA C 253 17.83 17.09 0.41
CA ALA C 253 18.51 17.19 -0.90
C ALA C 253 19.95 16.71 -0.76
N GLY C 254 20.53 16.96 0.40
CA GLY C 254 21.89 16.53 0.70
C GLY C 254 21.97 15.03 1.04
N ALA C 255 20.83 14.32 1.04
CA ALA C 255 20.76 12.91 1.39
C ALA C 255 20.89 11.98 0.22
N LYS C 256 21.46 10.82 0.50
CA LYS C 256 21.51 9.68 -0.41
C LYS C 256 21.12 8.39 0.30
N TYR C 257 21.68 8.16 1.49
CA TYR C 257 21.56 6.85 2.15
C TYR C 257 21.16 6.90 3.62
N LYS C 258 20.76 5.74 4.11
CA LYS C 258 20.34 5.60 5.49
C LYS C 258 21.41 6.12 6.45
N GLY C 259 20.99 7.00 7.36
CA GLY C 259 21.89 7.57 8.37
C GLY C 259 22.57 8.89 7.99
N ASP C 260 22.55 9.30 6.72
CA ASP C 260 23.28 10.54 6.44
C ASP C 260 22.49 11.80 6.81
N PHE C 261 21.25 11.62 7.28
CA PHE C 261 20.44 12.73 7.71
C PHE C 261 20.93 13.02 9.08
N GLU C 262 21.03 11.95 9.85
CA GLU C 262 21.49 11.99 11.20
C GLU C 262 22.92 12.52 11.27
N GLU C 263 23.72 12.21 10.25
CA GLU C 263 25.08 12.70 10.23
C GLU C 263 25.10 14.21 10.10
N ARG C 264 24.37 14.75 9.13
CA ARG C 264 24.33 16.19 8.95
C ARG C 264 23.70 16.85 10.16
N PHE C 265 22.68 16.20 10.73
CA PHE C 265 22.00 16.73 11.90
C PHE C 265 22.98 16.84 13.01
N LYS C 266 23.58 15.72 13.37
CA LYS C 266 24.53 15.65 14.45
C LYS C 266 25.60 16.68 14.25
N GLY C 267 26.12 16.80 13.03
CA GLY C 267 27.14 17.78 12.73
C GLY C 267 26.68 19.16 13.16
N VAL C 268 25.52 19.59 12.65
CA VAL C 268 25.02 20.89 13.02
C VAL C 268 24.74 21.04 14.48
N LEU C 269 24.13 20.03 15.05
CA LEU C 269 23.75 20.14 16.41
C LEU C 269 24.99 20.33 17.25
N LYS C 270 26.04 19.58 16.95
CA LYS C 270 27.26 19.73 17.70
C LYS C 270 27.80 21.13 17.53
N GLU C 271 27.78 21.64 16.32
CA GLU C 271 28.30 22.97 16.13
C GLU C 271 27.59 23.97 17.03
N ILE C 272 26.26 23.90 17.05
CA ILE C 272 25.54 24.86 17.87
C ILE C 272 25.67 24.58 19.37
N GLU C 273 26.04 23.35 19.74
CA GLU C 273 26.25 23.00 21.14
C GLU C 273 27.42 23.72 21.79
N GLU C 274 28.36 24.24 21.01
CA GLU C 274 29.54 24.76 21.69
C GLU C 274 30.24 25.96 21.10
N SER C 275 31.01 26.60 21.97
CA SER C 275 31.97 27.67 21.67
C SER C 275 31.41 29.00 21.15
N LYS C 276 30.68 28.94 20.06
CA LYS C 276 30.24 30.16 19.41
C LYS C 276 29.04 30.80 20.05
N THR C 277 29.22 31.33 21.26
CA THR C 277 28.13 31.92 22.03
C THR C 277 26.86 31.10 21.88
N LEU C 278 26.00 31.44 20.92
CA LEU C 278 24.87 30.63 20.61
C LEU C 278 24.41 30.86 19.19
N ILE C 279 23.88 29.80 18.65
CA ILE C 279 23.29 29.77 17.34
C ILE C 279 21.87 29.36 17.48
N VAL C 280 20.99 30.06 16.80
CA VAL C 280 19.59 29.71 16.86
C VAL C 280 19.16 29.19 15.53
N LEU C 281 18.56 28.04 15.55
CA LEU C 281 18.15 27.48 14.29
C LEU C 281 16.70 27.80 14.09
N PHE C 282 16.30 28.05 12.87
CA PHE C 282 14.90 28.23 12.58
C PHE C 282 14.32 27.24 11.58
N ILE C 283 13.20 26.65 12.00
CA ILE C 283 12.47 25.68 11.21
C ILE C 283 11.07 26.16 10.91
N ASP C 284 10.88 26.53 9.67
CA ASP C 284 9.64 27.12 9.21
C ASP C 284 8.51 26.15 9.10
N GLU C 285 8.79 25.03 8.50
CA GLU C 285 7.78 24.03 8.28
C GLU C 285 8.15 22.75 9.00
N ILE C 286 7.81 22.68 10.27
CA ILE C 286 8.19 21.56 11.13
C ILE C 286 7.78 20.22 10.55
N HIS C 287 6.72 20.19 9.75
CA HIS C 287 6.23 18.96 9.12
C HIS C 287 7.35 18.25 8.37
N MET C 288 8.40 18.99 8.00
CA MET C 288 9.56 18.46 7.29
C MET C 288 10.27 17.39 8.14
N LEU C 289 10.02 17.40 9.44
CA LEU C 289 10.60 16.50 10.40
C LEU C 289 9.56 15.45 10.66
N MET C 290 9.47 14.96 11.89
CA MET C 290 8.51 13.93 12.27
C MET C 290 8.72 12.57 11.58
N GLY C 291 9.87 12.38 10.96
CA GLY C 291 10.23 11.12 10.34
C GLY C 291 9.20 10.76 9.31
N ASN C 292 8.67 9.56 9.43
CA ASN C 292 7.65 9.05 8.52
C ASN C 292 6.85 8.01 9.27
N GLY C 293 5.82 8.46 10.00
CA GLY C 293 5.22 7.54 10.96
C GLY C 293 6.27 7.41 12.05
N LYS C 294 6.98 8.50 12.26
CA LYS C 294 8.11 8.53 13.15
C LYS C 294 9.15 7.55 12.69
N ASP C 295 9.15 6.36 13.31
CA ASP C 295 10.12 5.30 13.11
C ASP C 295 11.52 5.80 13.42
N ASP C 296 11.60 6.89 14.16
CA ASP C 296 12.85 7.56 14.45
C ASP C 296 13.63 7.76 13.17
N ALA C 297 12.91 8.11 12.10
CA ALA C 297 13.53 8.32 10.81
C ALA C 297 14.23 9.67 10.79
N ALA C 298 15.37 9.70 11.47
CA ALA C 298 16.32 10.81 11.65
C ALA C 298 15.83 11.95 12.55
N ASN C 299 14.62 12.43 12.30
CA ASN C 299 14.05 13.60 12.96
C ASN C 299 14.28 13.66 14.45
N ILE C 300 14.17 12.52 15.10
CA ILE C 300 14.24 12.37 16.52
C ILE C 300 15.52 12.84 17.14
N LEU C 301 16.61 12.86 16.38
CA LEU C 301 17.86 13.31 16.95
C LEU C 301 17.73 14.71 17.50
N LYS C 302 16.94 15.54 16.86
CA LYS C 302 16.89 16.88 17.36
C LYS C 302 16.25 16.89 18.76
N PRO C 303 15.05 16.31 18.98
CA PRO C 303 14.47 16.16 20.29
C PRO C 303 15.39 15.45 21.24
N ALA C 304 16.14 14.48 20.75
CA ALA C 304 17.03 13.73 21.59
C ALA C 304 18.08 14.61 22.23
N LEU C 305 18.62 15.53 21.45
CA LEU C 305 19.66 16.38 21.97
C LEU C 305 19.14 17.71 22.47
N SER C 306 17.86 18.00 22.24
CA SER C 306 17.23 19.27 22.57
C SER C 306 17.39 19.72 24.01
N ARG C 307 17.72 18.82 24.92
CA ARG C 307 17.88 19.22 26.30
C ARG C 307 19.09 20.12 26.49
N GLY C 308 20.09 20.01 25.62
CA GLY C 308 21.33 20.78 25.75
C GLY C 308 21.19 22.21 25.23
N GLN C 309 20.17 22.90 25.73
CA GLN C 309 19.79 24.26 25.36
C GLN C 309 19.32 24.34 23.91
N LEU C 310 20.26 24.15 22.99
CA LEU C 310 20.01 24.11 21.55
C LEU C 310 18.89 25.04 21.18
N LYS C 311 19.11 26.33 21.27
CA LYS C 311 17.99 27.21 21.06
C LYS C 311 17.54 27.14 19.60
N VAL C 312 16.28 26.83 19.44
CA VAL C 312 15.63 26.63 18.17
C VAL C 312 14.30 27.34 18.10
N ILE C 313 13.98 27.95 16.97
CA ILE C 313 12.68 28.55 16.79
C ILE C 313 11.98 27.78 15.70
N GLY C 314 10.74 27.41 15.87
CA GLY C 314 10.11 26.72 14.77
C GLY C 314 8.79 27.34 14.36
N ALA C 315 8.12 26.73 13.42
CA ALA C 315 6.81 27.20 12.99
C ALA C 315 6.04 26.10 12.25
N THR C 316 4.72 26.26 12.23
CA THR C 316 3.83 25.35 11.51
C THR C 316 2.39 25.87 11.34
N THR C 317 1.71 25.45 10.27
CA THR C 317 0.32 25.82 10.09
C THR C 317 -0.44 25.18 11.21
N ASN C 318 -1.36 25.86 11.84
CA ASN C 318 -2.15 25.24 12.89
C ASN C 318 -2.69 23.84 12.51
N ASN C 319 -3.14 23.64 11.28
CA ASN C 319 -3.59 22.31 10.90
C ASN C 319 -2.45 21.34 10.69
N GLU C 320 -1.28 21.83 10.37
CA GLU C 320 -0.16 20.95 10.23
C GLU C 320 0.24 20.55 11.61
N TYR C 321 0.21 21.54 12.52
CA TYR C 321 0.54 21.34 13.91
C TYR C 321 -0.31 20.23 14.34
N ARG C 322 -1.60 20.36 14.09
CA ARG C 322 -2.52 19.34 14.43
C ARG C 322 -2.08 18.00 13.87
N SER C 323 -1.80 17.93 12.57
CA SER C 323 -1.47 16.64 12.01
C SER C 323 -0.18 16.03 12.55
N ILE C 324 0.67 16.80 13.21
CA ILE C 324 1.90 16.23 13.73
C ILE C 324 1.89 16.13 15.27
N VAL C 325 1.17 17.02 15.95
CA VAL C 325 1.12 17.04 17.41
C VAL C 325 0.32 15.83 17.86
N GLU C 326 -0.64 15.45 17.03
CA GLU C 326 -1.49 14.30 17.25
C GLU C 326 -0.69 13.01 17.21
N LYS C 327 0.47 13.05 16.55
CA LYS C 327 1.24 11.87 16.34
C LYS C 327 2.47 11.85 17.21
N ASP C 328 3.00 13.03 17.49
CA ASP C 328 4.26 13.09 18.17
C ASP C 328 4.28 13.05 19.68
N GLY C 329 4.09 14.20 20.32
CA GLY C 329 4.13 14.34 21.78
C GLY C 329 5.55 14.65 22.30
N ALA C 330 6.57 14.30 21.54
CA ALA C 330 7.96 14.46 21.98
C ALA C 330 8.43 15.89 21.83
N PHE C 331 8.15 16.46 20.68
CA PHE C 331 8.58 17.80 20.34
C PHE C 331 7.84 18.79 21.22
N GLU C 332 6.65 18.43 21.64
CA GLU C 332 5.83 19.26 22.51
C GLU C 332 6.51 19.58 23.82
N ARG C 333 7.45 18.75 24.23
CA ARG C 333 8.13 18.97 25.48
C ARG C 333 9.40 19.75 25.24
N ARG C 334 9.66 20.02 23.98
CA ARG C 334 10.81 20.76 23.57
C ARG C 334 10.41 22.17 23.17
N PHE C 335 9.18 22.34 22.68
CA PHE C 335 8.79 23.67 22.25
C PHE C 335 7.60 24.28 22.95
N GLN C 336 7.53 25.62 22.87
CA GLN C 336 6.41 26.39 23.36
C GLN C 336 5.47 26.77 22.26
N LYS C 337 4.26 26.30 22.37
CA LYS C 337 3.26 26.58 21.38
C LYS C 337 2.91 28.07 21.43
N ILE C 338 3.05 28.79 20.32
CA ILE C 338 2.65 30.20 20.31
C ILE C 338 1.68 30.49 19.19
N GLU C 339 0.46 30.86 19.53
CA GLU C 339 -0.47 31.21 18.48
C GLU C 339 -0.08 32.57 17.98
N VAL C 340 -0.20 32.78 16.69
CA VAL C 340 0.09 34.10 16.17
C VAL C 340 -1.21 34.74 15.69
N ALA C 341 -1.54 35.89 16.24
CA ALA C 341 -2.81 36.52 15.90
C ALA C 341 -2.79 37.17 14.52
N GLU C 342 -3.94 37.19 13.88
CA GLU C 342 -4.10 37.91 12.64
C GLU C 342 -4.27 39.38 12.99
N PRO C 343 -3.59 40.33 12.33
CA PRO C 343 -3.72 41.75 12.57
C PRO C 343 -5.07 42.23 12.08
N SER C 344 -5.59 43.26 12.70
CA SER C 344 -6.84 43.89 12.27
C SER C 344 -6.63 44.61 10.98
N VAL C 345 -7.69 45.11 10.37
CA VAL C 345 -7.51 45.84 9.13
C VAL C 345 -6.61 47.04 9.34
N ARG C 346 -6.82 47.78 10.42
CA ARG C 346 -5.98 48.93 10.68
C ARG C 346 -4.53 48.52 10.93
N GLN C 347 -4.34 47.40 11.64
CA GLN C 347 -2.98 46.94 11.88
C GLN C 347 -2.37 46.52 10.56
N THR C 348 -3.19 45.95 9.70
CA THR C 348 -2.74 45.53 8.42
C THR C 348 -2.32 46.77 7.67
N VAL C 349 -3.09 47.84 7.76
CA VAL C 349 -2.64 49.03 7.08
C VAL C 349 -1.29 49.44 7.61
N ALA C 350 -1.11 49.36 8.92
CA ALA C 350 0.19 49.72 9.44
C ALA C 350 1.27 48.88 8.78
N ILE C 351 1.03 47.58 8.55
CA ILE C 351 2.11 46.86 7.89
C ILE C 351 2.27 47.35 6.48
N LEU C 352 1.19 47.74 5.85
CA LEU C 352 1.32 48.17 4.50
C LEU C 352 2.18 49.41 4.47
N ARG C 353 1.99 50.27 5.47
CA ARG C 353 2.74 51.51 5.57
C ARG C 353 4.19 51.23 5.85
N GLY C 354 4.45 50.25 6.70
CA GLY C 354 5.82 49.88 7.01
C GLY C 354 6.54 49.37 5.77
N LEU C 355 5.79 48.65 4.93
CA LEU C 355 6.36 48.10 3.73
C LEU C 355 6.18 49.00 2.53
N GLN C 356 5.42 50.07 2.69
CA GLN C 356 5.25 51.00 1.61
C GLN C 356 6.55 51.33 0.88
N PRO C 357 7.65 51.73 1.54
CA PRO C 357 8.87 52.08 0.86
C PRO C 357 9.48 50.88 0.19
N LYS C 358 9.13 49.67 0.63
CA LYS C 358 9.71 48.52 0.01
C LYS C 358 9.06 48.40 -1.33
N TYR C 359 7.78 48.69 -1.37
CA TYR C 359 7.02 48.57 -2.58
C TYR C 359 7.34 49.67 -3.56
N GLU C 360 7.54 50.88 -3.04
CA GLU C 360 7.84 51.96 -3.94
C GLU C 360 9.18 51.68 -4.61
N ILE C 361 10.13 51.17 -3.82
CA ILE C 361 11.43 50.77 -4.33
C ILE C 361 11.34 49.59 -5.27
N HIS C 362 10.54 48.59 -4.89
CA HIS C 362 10.37 47.39 -5.68
C HIS C 362 10.06 47.68 -7.11
N HIS C 363 9.10 48.56 -7.34
CA HIS C 363 8.69 48.86 -8.70
C HIS C 363 9.04 50.25 -9.22
N GLY C 364 9.56 51.15 -8.37
CA GLY C 364 9.89 52.49 -8.84
C GLY C 364 8.64 53.34 -9.04
N VAL C 365 7.64 53.12 -8.20
CA VAL C 365 6.35 53.79 -8.34
C VAL C 365 5.96 54.42 -7.03
N ARG C 366 5.04 55.38 -7.05
CA ARG C 366 4.52 55.91 -5.81
C ARG C 366 3.22 55.20 -5.49
N ILE C 367 2.89 55.08 -4.21
CA ILE C 367 1.58 54.58 -3.82
C ILE C 367 0.94 55.48 -2.79
N LEU C 368 -0.32 55.73 -2.97
CA LEU C 368 -1.00 56.61 -2.02
C LEU C 368 -1.20 55.95 -0.68
N ASP C 369 -1.09 56.70 0.42
CA ASP C 369 -1.40 56.09 1.70
C ASP C 369 -2.81 55.59 1.70
N SER C 370 -3.69 56.34 1.04
CA SER C 370 -5.06 55.94 0.97
C SER C 370 -5.21 54.62 0.24
N ALA C 371 -4.25 54.26 -0.61
CA ALA C 371 -4.32 53.01 -1.32
C ALA C 371 -4.01 51.90 -0.40
N LEU C 372 -3.12 52.18 0.53
CA LEU C 372 -2.75 51.14 1.43
C LEU C 372 -4.01 50.88 2.28
N VAL C 373 -4.69 51.97 2.63
CA VAL C 373 -5.88 51.88 3.45
C VAL C 373 -7.02 51.17 2.76
N THR C 374 -7.32 51.56 1.53
CA THR C 374 -8.43 50.92 0.88
C THR C 374 -8.07 49.50 0.58
N ALA C 375 -6.80 49.22 0.31
CA ALA C 375 -6.47 47.86 0.02
C ALA C 375 -6.78 47.00 1.22
N ALA C 376 -6.39 47.43 2.41
CA ALA C 376 -6.62 46.59 3.56
C ALA C 376 -8.10 46.38 3.84
N GLN C 377 -8.89 47.42 3.69
CA GLN C 377 -10.30 47.29 4.03
C GLN C 377 -11.00 46.46 2.98
N LEU C 378 -10.75 46.80 1.74
CA LEU C 378 -11.41 46.14 0.65
C LEU C 378 -10.98 44.70 0.57
N ALA C 379 -9.72 44.45 0.83
CA ALA C 379 -9.23 43.10 0.78
C ALA C 379 -10.01 42.22 1.72
N LYS C 380 -10.36 42.73 2.90
CA LYS C 380 -11.14 41.93 3.81
C LYS C 380 -12.44 41.53 3.17
N ARG C 381 -13.07 42.49 2.53
CA ARG C 381 -14.34 42.27 1.87
C ARG C 381 -14.21 41.27 0.74
N TYR C 382 -13.10 41.34 0.05
CA TYR C 382 -12.86 40.55 -1.13
C TYR C 382 -12.45 39.10 -0.95
N LEU C 383 -11.49 38.85 -0.09
CA LEU C 383 -10.87 37.53 -0.08
C LEU C 383 -10.99 36.67 1.17
N PRO C 384 -12.04 35.84 1.29
CA PRO C 384 -12.31 35.00 2.44
C PRO C 384 -11.26 33.91 2.58
N TYR C 385 -10.47 33.73 1.53
CA TYR C 385 -9.45 32.71 1.52
C TYR C 385 -8.07 33.28 1.75
N ARG C 386 -8.00 34.52 2.17
CA ARG C 386 -6.72 35.11 2.45
C ARG C 386 -6.75 35.81 3.79
N ARG C 387 -5.66 35.72 4.53
CA ARG C 387 -5.63 36.41 5.80
C ARG C 387 -5.47 37.86 5.48
N LEU C 388 -5.81 38.75 6.39
CA LEU C 388 -5.69 40.15 6.07
C LEU C 388 -4.33 40.53 5.55
N PRO C 389 -3.20 40.09 6.12
CA PRO C 389 -1.92 40.45 5.59
C PRO C 389 -1.66 39.87 4.22
N ASP C 390 -2.30 38.78 3.85
CA ASP C 390 -2.01 38.32 2.52
C ASP C 390 -2.83 39.12 1.58
N SER C 391 -4.08 39.26 1.91
CA SER C 391 -5.00 39.87 1.01
C SER C 391 -4.61 41.31 0.72
N ALA C 392 -4.06 41.97 1.72
CA ALA C 392 -3.64 43.34 1.56
C ALA C 392 -2.35 43.42 0.80
N LEU C 393 -1.39 42.56 1.14
CA LEU C 393 -0.11 42.62 0.47
C LEU C 393 -0.31 42.18 -0.96
N ASP C 394 -1.28 41.31 -1.20
CA ASP C 394 -1.57 40.90 -2.53
C ASP C 394 -2.05 42.12 -3.27
N LEU C 395 -3.02 42.85 -2.73
CA LEU C 395 -3.46 43.98 -3.52
C LEU C 395 -2.34 44.99 -3.72
N VAL C 396 -1.51 45.21 -2.71
CA VAL C 396 -0.47 46.19 -2.90
C VAL C 396 0.60 45.75 -3.89
N ASP C 397 1.15 44.55 -3.72
CA ASP C 397 2.19 44.09 -4.63
C ASP C 397 1.63 43.88 -6.02
N ILE C 398 0.39 43.42 -6.12
CA ILE C 398 -0.25 43.25 -7.42
C ILE C 398 -0.44 44.57 -8.09
N SER C 399 -0.94 45.54 -7.35
CA SER C 399 -1.17 46.84 -7.91
C SER C 399 0.12 47.47 -8.33
N CYS C 400 1.15 47.31 -7.52
CA CYS C 400 2.43 47.90 -7.86
C CYS C 400 2.94 47.25 -9.13
N ALA C 401 2.78 45.93 -9.25
CA ALA C 401 3.17 45.19 -10.43
C ALA C 401 2.37 45.66 -11.64
N GLY C 402 1.07 45.90 -11.44
CA GLY C 402 0.21 46.37 -12.49
C GLY C 402 0.74 47.71 -12.99
N VAL C 403 1.05 48.58 -12.04
CA VAL C 403 1.59 49.87 -12.38
C VAL C 403 2.94 49.75 -13.05
N ALA C 404 3.77 48.83 -12.61
CA ALA C 404 5.06 48.66 -13.23
C ALA C 404 4.88 48.43 -14.72
N VAL C 405 3.81 47.72 -15.11
CA VAL C 405 3.56 47.56 -16.52
C VAL C 405 3.23 48.94 -17.08
N ALA C 406 2.38 49.66 -16.33
CA ALA C 406 1.95 51.02 -16.70
C ALA C 406 3.07 52.04 -16.54
N ARG C 407 4.24 51.61 -16.05
CA ARG C 407 5.41 52.46 -16.02
C ARG C 407 5.71 52.93 -17.43
N ASP C 408 5.37 52.10 -18.43
CA ASP C 408 5.59 52.42 -19.84
C ASP C 408 4.83 53.69 -20.28
N SER C 409 3.80 54.10 -19.52
CA SER C 409 3.02 55.30 -19.81
C SER C 409 3.56 56.51 -19.07
N GLN C 538 3.42 55.32 -14.48
CA GLN C 538 2.31 55.71 -13.62
C GLN C 538 2.54 55.35 -12.14
N ASN C 539 1.52 55.56 -11.31
CA ASN C 539 1.60 55.33 -9.87
C ASN C 539 0.35 54.57 -9.38
N VAL C 540 0.35 54.10 -8.12
CA VAL C 540 -0.80 53.34 -7.60
C VAL C 540 -1.89 54.20 -6.96
N VAL C 541 -3.08 54.08 -7.55
CA VAL C 541 -4.28 54.80 -7.14
C VAL C 541 -5.22 54.00 -6.25
N ASP C 542 -5.48 54.58 -5.09
CA ASP C 542 -6.32 54.06 -4.03
C ASP C 542 -7.67 53.53 -4.40
N SER C 543 -8.24 54.21 -5.35
CA SER C 543 -9.51 53.96 -5.89
C SER C 543 -9.35 53.12 -7.14
N ASP C 544 -9.08 53.74 -8.28
CA ASP C 544 -8.97 53.02 -9.53
C ASP C 544 -7.94 51.90 -9.62
N THR C 545 -6.75 52.04 -9.05
CA THR C 545 -5.81 50.95 -9.27
C THR C 545 -6.22 49.78 -8.44
N ILE C 546 -6.58 50.07 -7.22
CA ILE C 546 -6.94 49.00 -6.33
C ILE C 546 -8.22 48.33 -6.81
N SER C 547 -9.18 49.14 -7.25
CA SER C 547 -10.43 48.61 -7.73
C SER C 547 -10.22 47.78 -8.97
N GLU C 548 -9.38 48.26 -9.87
CA GLU C 548 -9.16 47.56 -11.11
C GLU C 548 -8.38 46.30 -10.94
N THR C 549 -7.34 46.29 -10.11
CA THR C 549 -6.60 45.06 -10.05
C THR C 549 -7.40 44.03 -9.28
N ALA C 550 -8.19 44.49 -8.32
CA ALA C 550 -9.02 43.54 -7.62
C ALA C 550 -10.03 42.96 -8.59
N ALA C 551 -10.65 43.82 -9.39
CA ALA C 551 -11.63 43.39 -10.36
C ALA C 551 -11.00 42.56 -11.47
N ARG C 552 -9.80 42.91 -11.90
CA ARG C 552 -9.15 42.15 -12.93
C ARG C 552 -9.01 40.70 -12.52
N LEU C 553 -8.66 40.49 -11.27
CA LEU C 553 -8.45 39.16 -10.76
C LEU C 553 -9.70 38.45 -10.25
N THR C 554 -10.64 39.18 -9.66
CA THR C 554 -11.81 38.54 -9.07
C THR C 554 -13.12 38.92 -9.75
N GLY C 555 -13.06 39.79 -10.74
CA GLY C 555 -14.23 40.26 -11.46
C GLY C 555 -14.98 41.30 -10.67
N ILE C 556 -15.54 40.88 -9.54
CA ILE C 556 -16.30 41.68 -8.61
C ILE C 556 -16.67 43.03 -9.21
N PRO C 557 -17.59 43.04 -10.19
CA PRO C 557 -17.97 44.14 -11.06
C PRO C 557 -18.44 45.36 -10.32
N VAL C 558 -18.69 45.20 -9.05
CA VAL C 558 -19.13 46.26 -8.22
C VAL C 558 -18.04 47.32 -8.10
N LYS C 559 -16.80 46.91 -8.34
CA LYS C 559 -15.67 47.82 -8.27
C LYS C 559 -15.31 48.36 -9.63
N LYS C 560 -16.06 48.03 -10.66
CA LYS C 560 -15.66 48.54 -11.96
C LYS C 560 -15.90 50.03 -12.00
N LEU C 561 -17.03 50.46 -11.44
CA LEU C 561 -17.38 51.86 -11.40
C LEU C 561 -17.30 52.50 -12.79
N SER C 562 -17.89 51.84 -13.79
CA SER C 562 -17.80 52.29 -15.17
C SER C 562 -18.28 53.69 -15.41
N GLU C 563 -17.57 54.36 -16.31
CA GLU C 563 -17.82 55.69 -16.82
C GLU C 563 -19.08 55.78 -17.68
N SER C 564 -19.68 54.63 -17.99
CA SER C 564 -20.87 54.57 -18.82
C SER C 564 -22.04 53.99 -18.05
N GLU C 565 -22.18 54.47 -16.81
CA GLU C 565 -23.16 54.08 -15.79
C GLU C 565 -24.59 54.22 -16.28
N ASN C 566 -24.77 55.03 -17.30
CA ASN C 566 -26.07 55.23 -17.90
C ASN C 566 -26.57 53.87 -18.34
N GLU C 567 -25.74 53.15 -19.08
CA GLU C 567 -26.13 51.83 -19.48
C GLU C 567 -25.84 50.92 -18.31
N LYS C 568 -24.69 51.15 -17.71
CA LYS C 568 -24.24 50.29 -16.65
C LYS C 568 -24.91 50.63 -15.36
N LEU C 569 -26.13 50.14 -15.27
CA LEU C 569 -27.09 50.20 -14.19
C LEU C 569 -28.20 51.22 -14.27
N ILE C 570 -27.94 52.46 -14.63
CA ILE C 570 -29.06 53.40 -14.52
C ILE C 570 -30.23 52.99 -15.36
N HIS C 571 -29.97 52.64 -16.60
CA HIS C 571 -31.07 52.28 -17.46
C HIS C 571 -31.41 50.82 -17.47
N MET C 572 -31.12 50.08 -16.38
CA MET C 572 -31.57 48.68 -16.34
C MET C 572 -33.07 48.59 -16.51
N GLU C 573 -33.80 49.60 -16.08
CA GLU C 573 -35.23 49.54 -16.27
C GLU C 573 -35.56 49.43 -17.76
N ARG C 574 -34.80 50.11 -18.61
CA ARG C 574 -35.08 50.08 -20.03
C ARG C 574 -34.46 48.85 -20.67
N ASP C 575 -33.29 48.48 -20.20
CA ASP C 575 -32.58 47.39 -20.83
C ASP C 575 -33.25 46.08 -20.48
N LEU C 576 -33.58 45.93 -19.23
CA LEU C 576 -34.24 44.72 -18.82
C LEU C 576 -35.67 44.74 -19.24
N SER C 577 -36.35 45.91 -19.30
CA SER C 577 -37.72 45.87 -19.79
C SER C 577 -37.71 45.36 -21.21
N SER C 578 -36.73 45.80 -22.01
CA SER C 578 -36.66 45.35 -23.37
C SER C 578 -36.48 43.84 -23.41
N GLU C 579 -35.60 43.30 -22.56
CA GLU C 579 -35.40 41.87 -22.52
C GLU C 579 -36.53 41.11 -21.82
N VAL C 580 -37.08 41.72 -20.79
CA VAL C 580 -38.12 41.18 -19.94
C VAL C 580 -39.32 42.09 -19.90
N VAL C 581 -40.33 41.74 -20.65
CA VAL C 581 -41.48 42.61 -20.74
C VAL C 581 -42.35 42.40 -19.52
N GLY C 582 -42.76 43.47 -18.88
CA GLY C 582 -43.58 43.30 -17.70
C GLY C 582 -43.29 44.38 -16.72
N GLN C 583 -43.83 44.26 -15.53
CA GLN C 583 -43.62 45.32 -14.56
C GLN C 583 -42.17 45.62 -14.31
N MET C 584 -41.86 46.91 -14.37
CA MET C 584 -40.51 47.32 -14.09
C MET C 584 -40.19 47.10 -12.65
N ASP C 585 -41.18 46.96 -11.80
CA ASP C 585 -40.92 46.77 -10.39
C ASP C 585 -40.12 45.50 -10.12
N ALA C 586 -40.35 44.47 -10.92
CA ALA C 586 -39.60 43.25 -10.71
C ALA C 586 -38.17 43.54 -11.10
N ILE C 587 -38.05 44.28 -12.18
CA ILE C 587 -36.77 44.68 -12.68
C ILE C 587 -36.05 45.58 -11.70
N LYS C 588 -36.79 46.52 -11.12
CA LYS C 588 -36.26 47.48 -10.17
C LYS C 588 -35.76 46.76 -8.96
N ALA C 589 -36.48 45.74 -8.51
CA ALA C 589 -36.00 45.03 -7.33
C ALA C 589 -34.59 44.54 -7.58
N VAL C 590 -34.35 44.01 -8.77
CA VAL C 590 -33.02 43.57 -9.08
C VAL C 590 -32.06 44.72 -9.24
N SER C 591 -32.44 45.74 -10.02
CA SER C 591 -31.50 46.81 -10.26
C SER C 591 -31.16 47.52 -8.99
N ASN C 592 -32.08 47.54 -8.04
CA ASN C 592 -31.84 48.20 -6.79
C ASN C 592 -30.71 47.50 -6.10
N ALA C 593 -30.80 46.18 -6.04
CA ALA C 593 -29.77 45.39 -5.40
C ALA C 593 -28.43 45.61 -6.04
N VAL C 594 -28.46 45.65 -7.35
CA VAL C 594 -27.24 45.79 -8.07
C VAL C 594 -26.63 47.15 -7.82
N ARG C 595 -27.45 48.17 -7.84
CA ARG C 595 -26.98 49.51 -7.60
C ARG C 595 -26.38 49.59 -6.19
N LEU C 596 -27.00 48.94 -5.21
CA LEU C 596 -26.43 48.93 -3.88
C LEU C 596 -25.08 48.25 -3.87
N SER C 597 -24.92 47.19 -4.63
CA SER C 597 -23.64 46.55 -4.60
C SER C 597 -22.56 47.43 -5.23
N ARG C 598 -22.90 48.14 -6.29
CA ARG C 598 -21.89 48.96 -6.97
C ARG C 598 -21.49 50.16 -6.17
N SER C 599 -22.46 50.74 -5.52
CA SER C 599 -22.24 51.90 -4.69
C SER C 599 -21.59 51.58 -3.36
N GLY C 600 -21.35 50.29 -3.06
CA GLY C 600 -20.72 49.92 -1.81
C GLY C 600 -21.69 50.04 -0.66
N LEU C 601 -22.98 50.05 -0.97
CA LEU C 601 -23.98 50.23 0.05
C LEU C 601 -24.62 48.94 0.49
N ALA C 602 -24.65 47.97 -0.40
CA ALA C 602 -25.32 46.73 -0.05
C ALA C 602 -24.79 46.25 1.28
N ASN C 603 -25.68 45.89 2.19
CA ASN C 603 -25.23 45.42 3.46
C ASN C 603 -24.36 44.20 3.24
N PRO C 604 -23.08 44.19 3.69
CA PRO C 604 -22.13 43.12 3.49
C PRO C 604 -22.58 41.81 4.11
N ARG C 605 -23.61 41.86 4.94
CA ARG C 605 -24.13 40.70 5.59
C ARG C 605 -25.44 40.22 4.98
N GLN C 606 -25.80 40.69 3.80
CA GLN C 606 -27.03 40.14 3.23
C GLN C 606 -27.01 40.09 1.72
N PRO C 607 -26.70 38.94 1.10
CA PRO C 607 -26.64 38.88 -0.33
C PRO C 607 -27.98 39.30 -0.77
N ALA C 608 -28.08 40.13 -1.77
CA ALA C 608 -29.41 40.54 -2.13
C ALA C 608 -30.21 39.34 -2.50
N SER C 609 -31.45 39.30 -2.08
CA SER C 609 -32.26 38.19 -2.45
C SER C 609 -33.72 38.53 -2.64
N PHE C 610 -34.32 37.94 -3.65
CA PHE C 610 -35.72 38.22 -3.88
C PHE C 610 -36.51 36.99 -4.11
N LEU C 611 -37.75 37.03 -3.68
CA LEU C 611 -38.69 35.96 -3.97
C LEU C 611 -39.66 36.40 -5.01
N PHE C 612 -39.70 35.67 -6.10
CA PHE C 612 -40.56 36.01 -7.20
C PHE C 612 -41.81 35.17 -7.16
N LEU C 613 -42.93 35.83 -6.97
CA LEU C 613 -44.20 35.14 -6.91
C LEU C 613 -44.88 35.32 -8.26
N GLY C 614 -45.44 34.25 -8.79
CA GLY C 614 -46.09 34.38 -10.09
C GLY C 614 -46.87 33.16 -10.50
N LEU C 615 -47.15 33.09 -11.79
CA LEU C 615 -47.86 32.01 -12.41
C LEU C 615 -46.85 31.29 -13.27
N SER C 616 -47.13 30.08 -13.67
CA SER C 616 -46.17 29.49 -14.58
C SER C 616 -46.18 30.33 -15.83
N GLY C 617 -45.06 30.40 -16.52
CA GLY C 617 -45.03 31.15 -17.77
C GLY C 617 -44.97 32.66 -17.54
N SER C 618 -44.74 33.07 -16.27
CA SER C 618 -44.67 34.48 -15.91
C SER C 618 -43.34 35.14 -16.23
N GLY C 619 -42.25 34.39 -16.32
CA GLY C 619 -40.97 35.02 -16.57
C GLY C 619 -40.10 35.16 -15.33
N LYS C 620 -40.42 34.43 -14.29
CA LYS C 620 -39.61 34.49 -13.10
C LYS C 620 -38.17 34.11 -13.42
N THR C 621 -38.00 32.96 -14.07
CA THR C 621 -36.67 32.48 -14.39
C THR C 621 -36.09 33.39 -15.43
N GLU C 622 -36.93 33.77 -16.40
CA GLU C 622 -36.52 34.65 -17.48
C GLU C 622 -35.84 35.88 -16.91
N LEU C 623 -36.45 36.50 -15.91
CA LEU C 623 -35.84 37.69 -15.35
C LEU C 623 -34.50 37.34 -14.77
N ALA C 624 -34.43 36.28 -13.98
CA ALA C 624 -33.14 35.95 -13.41
C ALA C 624 -32.10 35.69 -14.49
N LYS C 625 -32.48 35.05 -15.58
CA LYS C 625 -31.50 34.78 -16.61
C LYS C 625 -31.11 36.05 -17.31
N LYS C 626 -32.06 36.93 -17.52
CA LYS C 626 -31.75 38.14 -18.25
C LYS C 626 -30.87 39.04 -17.43
N VAL C 627 -31.02 39.03 -16.10
CA VAL C 627 -30.12 39.86 -15.34
C VAL C 627 -28.77 39.18 -15.32
N ALA C 628 -28.72 37.85 -15.35
CA ALA C 628 -27.42 37.20 -15.46
C ALA C 628 -26.78 37.64 -16.78
N GLY C 629 -27.61 37.76 -17.80
CA GLY C 629 -27.14 38.24 -19.08
C GLY C 629 -26.55 39.64 -18.94
N PHE C 630 -27.38 40.58 -18.49
CA PHE C 630 -26.97 41.98 -18.34
C PHE C 630 -25.74 42.16 -17.45
N LEU C 631 -25.76 41.52 -16.29
CA LEU C 631 -24.74 41.70 -15.27
C LEU C 631 -23.47 40.87 -15.46
N PHE C 632 -23.60 39.60 -15.90
CA PHE C 632 -22.44 38.72 -16.04
C PHE C 632 -22.06 38.48 -17.48
N ASN C 633 -22.82 39.08 -18.40
CA ASN C 633 -22.63 38.92 -19.83
C ASN C 633 -22.82 37.47 -20.22
N ASP C 634 -23.69 36.76 -19.48
CA ASP C 634 -23.98 35.37 -19.75
C ASP C 634 -25.20 34.90 -18.99
N GLU C 635 -26.28 34.68 -19.72
CA GLU C 635 -27.57 34.30 -19.14
C GLU C 635 -27.49 32.96 -18.41
N ASP C 636 -26.52 32.12 -18.78
CA ASP C 636 -26.34 30.81 -18.20
C ASP C 636 -25.22 30.77 -17.16
N MET C 637 -24.69 31.93 -16.78
CA MET C 637 -23.66 31.99 -15.74
C MET C 637 -24.20 31.52 -14.41
N MET C 638 -25.47 31.82 -14.21
CA MET C 638 -26.21 31.57 -13.00
C MET C 638 -26.41 30.11 -12.71
N ILE C 639 -26.59 29.83 -11.44
CA ILE C 639 -26.91 28.46 -11.09
C ILE C 639 -28.37 28.39 -10.69
N ARG C 640 -29.21 27.83 -11.54
CA ARG C 640 -30.59 27.70 -11.15
C ARG C 640 -30.56 26.52 -10.23
N VAL C 641 -31.43 26.43 -9.26
CA VAL C 641 -31.37 25.31 -8.34
C VAL C 641 -32.63 24.51 -8.18
N ASP C 642 -32.46 23.21 -8.29
CA ASP C 642 -33.53 22.26 -8.17
C ASP C 642 -33.94 22.03 -6.72
N CYS C 643 -34.41 23.09 -6.09
CA CYS C 643 -34.78 22.97 -4.70
C CYS C 643 -36.09 22.24 -4.54
N SER C 644 -36.96 22.27 -5.54
CA SER C 644 -38.16 21.49 -5.39
C SER C 644 -37.87 20.00 -5.41
N GLU C 645 -36.76 19.63 -6.04
CA GLU C 645 -36.40 18.24 -6.15
C GLU C 645 -35.61 17.88 -4.92
N LEU C 646 -36.30 17.88 -3.80
CA LEU C 646 -35.57 17.80 -2.56
C LEU C 646 -36.38 17.17 -1.46
N SER C 647 -35.91 16.01 -1.00
CA SER C 647 -36.57 15.22 0.03
C SER C 647 -35.89 15.36 1.37
N GLU C 648 -35.40 14.24 1.88
CA GLU C 648 -34.70 14.23 3.15
C GLU C 648 -33.24 13.83 2.98
N LYS C 649 -32.89 13.41 1.77
CA LYS C 649 -31.52 12.98 1.51
C LYS C 649 -30.65 14.16 1.11
N TYR C 650 -31.31 15.17 0.56
CA TYR C 650 -30.81 16.46 0.06
C TYR C 650 -29.46 17.00 0.55
N ALA C 651 -28.40 16.24 0.55
CA ALA C 651 -27.19 16.77 1.08
C ALA C 651 -26.30 17.34 0.00
N VAL C 652 -25.28 16.61 -0.32
CA VAL C 652 -24.23 16.99 -1.23
C VAL C 652 -24.58 17.35 -2.64
N SER C 653 -25.71 16.87 -3.13
CA SER C 653 -26.13 17.24 -4.47
C SER C 653 -26.64 18.68 -4.41
N LYS C 654 -26.89 19.15 -3.19
CA LYS C 654 -27.40 20.45 -2.88
C LYS C 654 -26.26 21.19 -2.18
N LEU C 655 -26.50 22.42 -1.80
CA LEU C 655 -25.50 23.25 -1.12
C LEU C 655 -24.91 22.62 0.15
N LEU C 656 -25.66 21.71 0.76
CA LEU C 656 -25.28 21.05 1.99
C LEU C 656 -23.93 20.37 1.95
N GLY C 657 -23.50 19.96 0.79
CA GLY C 657 -22.20 19.30 0.74
C GLY C 657 -22.22 17.92 1.41
N THR C 658 -21.04 17.37 1.73
CA THR C 658 -20.93 16.03 2.33
C THR C 658 -19.87 15.96 3.40
N THR C 659 -20.14 15.09 4.34
CA THR C 659 -19.35 14.85 5.52
C THR C 659 -18.13 13.94 5.25
N ALA C 660 -16.92 14.36 5.62
CA ALA C 660 -15.73 13.51 5.42
C ALA C 660 -15.86 12.23 6.23
N GLY C 661 -15.35 11.11 5.73
CA GLY C 661 -15.42 9.83 6.43
C GLY C 661 -16.54 9.00 5.82
N TYR C 662 -17.36 9.66 5.02
CA TYR C 662 -18.47 9.10 4.29
C TYR C 662 -17.98 9.13 2.85
N VAL C 663 -18.56 8.38 1.93
CA VAL C 663 -18.03 8.44 0.58
C VAL C 663 -18.22 9.83 0.02
N GLY C 664 -17.21 10.29 -0.73
CA GLY C 664 -17.18 11.59 -1.43
C GLY C 664 -16.43 12.69 -0.66
N TYR C 665 -15.44 13.29 -1.34
CA TYR C 665 -14.61 14.37 -0.80
C TYR C 665 -14.66 15.52 -1.77
N ASP C 666 -15.78 15.51 -2.47
CA ASP C 666 -16.20 16.42 -3.50
C ASP C 666 -17.60 16.78 -3.11
N GLU C 667 -17.91 18.06 -2.96
CA GLU C 667 -19.23 18.30 -2.43
C GLU C 667 -19.95 19.54 -2.88
N GLY C 668 -21.28 19.45 -2.99
CA GLY C 668 -22.06 20.62 -3.30
C GLY C 668 -21.57 21.12 -4.63
N GLY C 669 -21.17 20.21 -5.50
CA GLY C 669 -20.56 20.56 -6.77
C GLY C 669 -21.33 21.64 -7.47
N PHE C 670 -22.59 21.33 -7.73
CA PHE C 670 -23.49 22.21 -8.43
C PHE C 670 -23.56 23.56 -7.75
N LEU C 671 -23.67 23.57 -6.42
CA LEU C 671 -23.71 24.82 -5.69
C LEU C 671 -22.48 25.24 -4.96
N THR C 672 -22.11 24.54 -3.93
CA THR C 672 -21.05 25.01 -3.08
C THR C 672 -19.73 25.10 -3.81
N ASN C 673 -19.35 24.10 -4.57
CA ASN C 673 -18.06 24.25 -5.22
C ASN C 673 -18.13 25.34 -6.25
N GLN C 674 -19.17 25.35 -7.10
CA GLN C 674 -19.23 26.43 -8.08
C GLN C 674 -19.31 27.81 -7.42
N LEU C 675 -20.02 27.91 -6.29
CA LEU C 675 -20.11 29.17 -5.56
C LEU C 675 -18.76 29.56 -5.03
N GLN C 676 -17.94 28.58 -4.70
CA GLN C 676 -16.61 28.82 -4.22
C GLN C 676 -15.73 29.25 -5.37
N TYR C 677 -15.94 28.62 -6.51
CA TYR C 677 -15.13 28.87 -7.67
C TYR C 677 -15.35 30.24 -8.28
N LYS C 678 -16.60 30.70 -8.33
CA LYS C 678 -16.99 31.98 -8.91
C LYS C 678 -16.91 33.08 -7.83
N PRO C 679 -16.05 34.11 -7.95
CA PRO C 679 -15.88 35.15 -6.95
C PRO C 679 -17.14 35.96 -6.62
N TYR C 680 -18.12 35.96 -7.54
CA TYR C 680 -19.41 36.63 -7.39
C TYR C 680 -20.35 35.86 -8.35
N SER C 681 -21.66 35.88 -8.13
CA SER C 681 -22.56 35.08 -8.95
C SER C 681 -24.04 35.43 -8.83
N VAL C 682 -24.84 34.59 -9.50
CA VAL C 682 -26.30 34.59 -9.52
C VAL C 682 -26.77 33.20 -9.14
N LEU C 683 -27.64 33.13 -8.17
CA LEU C 683 -28.14 31.86 -7.72
C LEU C 683 -29.66 31.87 -7.68
N LEU C 684 -30.29 30.90 -8.31
CA LEU C 684 -31.73 30.88 -8.31
C LEU C 684 -32.32 29.59 -7.84
N PHE C 685 -33.37 29.66 -7.04
CA PHE C 685 -34.02 28.49 -6.54
C PHE C 685 -35.38 28.25 -7.18
N ASP C 686 -35.46 27.12 -7.88
CA ASP C 686 -36.65 26.76 -8.63
C ASP C 686 -37.71 26.08 -7.79
N GLU C 687 -38.85 26.78 -7.66
CA GLU C 687 -39.98 26.28 -6.89
C GLU C 687 -39.62 26.00 -5.44
N VAL C 688 -39.26 27.05 -4.71
CA VAL C 688 -38.86 26.88 -3.32
C VAL C 688 -40.00 26.37 -2.48
N GLU C 689 -41.24 26.65 -2.87
CA GLU C 689 -42.38 26.18 -2.09
C GLU C 689 -42.51 24.67 -2.11
N LYS C 690 -41.85 24.00 -3.07
CA LYS C 690 -41.98 22.57 -3.17
C LYS C 690 -40.81 21.84 -2.52
N ALA C 691 -39.83 22.60 -2.04
CA ALA C 691 -38.64 22.01 -1.44
C ALA C 691 -38.96 21.50 -0.06
N HIS C 692 -38.34 20.40 0.36
CA HIS C 692 -38.53 20.00 1.74
C HIS C 692 -38.07 21.16 2.64
N PRO C 693 -38.82 21.49 3.73
CA PRO C 693 -38.54 22.58 4.64
C PRO C 693 -37.20 22.48 5.32
N ASP C 694 -36.62 21.29 5.39
CA ASP C 694 -35.33 21.26 6.04
C ASP C 694 -34.28 22.00 5.25
N VAL C 695 -34.40 22.07 3.93
CA VAL C 695 -33.38 22.80 3.20
C VAL C 695 -33.75 24.23 3.15
N LEU C 696 -35.04 24.51 3.10
CA LEU C 696 -35.44 25.91 3.12
C LEU C 696 -34.89 26.50 4.43
N THR C 697 -34.86 25.69 5.49
CA THR C 697 -34.25 26.07 6.74
C THR C 697 -32.74 26.26 6.57
N VAL C 698 -32.06 25.34 5.89
CA VAL C 698 -30.61 25.51 5.65
C VAL C 698 -30.31 26.80 4.93
N MET C 699 -31.15 27.14 3.97
CA MET C 699 -30.99 28.36 3.21
C MET C 699 -30.94 29.61 4.07
N LEU C 700 -31.51 29.56 5.27
CA LEU C 700 -31.54 30.70 6.16
C LEU C 700 -30.12 31.18 6.42
N GLN C 701 -29.18 30.22 6.40
CA GLN C 701 -27.76 30.42 6.65
C GLN C 701 -27.16 31.48 5.73
N MET C 702 -27.55 31.45 4.47
CA MET C 702 -27.03 32.42 3.53
C MET C 702 -28.07 33.43 3.12
N LEU C 703 -29.35 33.18 3.42
CA LEU C 703 -30.33 34.21 3.08
C LEU C 703 -30.00 35.41 3.96
N ASP C 704 -29.68 35.17 5.23
CA ASP C 704 -29.17 36.28 6.03
C ASP C 704 -27.72 36.04 5.97
N ASP C 705 -26.91 36.98 6.43
CA ASP C 705 -25.44 36.82 6.50
C ASP C 705 -24.70 36.72 5.16
N GLY C 706 -25.11 35.76 4.35
CA GLY C 706 -24.52 35.42 3.08
C GLY C 706 -23.52 34.29 3.32
N ARG C 707 -23.41 33.88 4.58
CA ARG C 707 -22.47 32.86 4.96
C ARG C 707 -22.79 31.51 4.41
N ILE C 708 -21.77 30.85 3.87
CA ILE C 708 -21.94 29.52 3.33
C ILE C 708 -20.88 28.57 3.87
N THR C 709 -21.29 27.51 4.55
CA THR C 709 -20.32 26.54 5.05
C THR C 709 -20.63 25.16 4.51
N SER C 710 -19.59 24.43 4.09
CA SER C 710 -19.74 23.12 3.47
C SER C 710 -19.63 21.97 4.46
N GLY C 711 -19.81 20.73 3.97
CA GLY C 711 -19.75 19.52 4.79
C GLY C 711 -18.32 19.17 5.18
N GLN C 712 -17.36 19.78 4.50
CA GLN C 712 -15.96 19.58 4.81
C GLN C 712 -15.54 20.73 5.73
N GLY C 713 -16.53 21.53 6.15
CA GLY C 713 -16.35 22.65 7.05
C GLY C 713 -15.75 23.86 6.38
N LYS C 714 -15.83 23.94 5.07
CA LYS C 714 -15.19 25.06 4.41
C LYS C 714 -16.16 26.19 4.30
N THR C 715 -15.66 27.42 4.30
CA THR C 715 -16.56 28.57 4.22
C THR C 715 -16.31 29.44 2.99
N ILE C 716 -17.39 29.85 2.33
CA ILE C 716 -17.33 30.69 1.13
C ILE C 716 -17.83 32.12 1.40
N ASP C 717 -19.01 32.21 1.98
CA ASP C 717 -19.66 33.49 2.30
C ASP C 717 -19.94 34.44 1.15
N CYS C 718 -20.80 34.01 0.25
CA CYS C 718 -21.12 34.79 -0.94
C CYS C 718 -22.09 35.95 -0.75
N SER C 719 -21.74 36.91 0.10
CA SER C 719 -22.65 38.03 0.35
C SER C 719 -22.67 39.00 -0.83
N ASN C 720 -21.74 38.82 -1.76
CA ASN C 720 -21.63 39.64 -2.94
C ASN C 720 -22.38 39.04 -4.13
N CYS C 721 -23.25 38.09 -3.86
CA CYS C 721 -24.03 37.47 -4.91
C CYS C 721 -25.49 37.83 -4.79
N ILE C 722 -26.22 37.62 -5.87
CA ILE C 722 -27.67 37.86 -5.82
C ILE C 722 -28.39 36.53 -5.89
N VAL C 723 -29.42 36.39 -5.07
CA VAL C 723 -30.15 35.17 -5.03
C VAL C 723 -31.63 35.37 -5.37
N ILE C 724 -32.14 34.50 -6.21
CA ILE C 724 -33.52 34.58 -6.59
C ILE C 724 -34.27 33.33 -6.20
N MET C 725 -35.34 33.49 -5.47
CA MET C 725 -36.14 32.35 -5.12
C MET C 725 -37.39 32.45 -5.93
N THR C 726 -37.89 31.36 -6.43
CA THR C 726 -39.13 31.44 -7.17
C THR C 726 -40.19 30.54 -6.64
N SER C 727 -41.44 30.94 -6.82
CA SER C 727 -42.55 30.07 -6.48
C SER C 727 -43.83 30.39 -7.23
N ASN C 728 -44.69 29.39 -7.35
CA ASN C 728 -46.01 29.57 -7.94
C ASN C 728 -47.02 29.36 -6.82
N LEU C 729 -46.54 29.39 -5.60
CA LEU C 729 -47.34 29.20 -4.42
C LEU C 729 -48.54 30.13 -4.32
N GLY C 730 -48.32 31.40 -4.61
CA GLY C 730 -49.38 32.38 -4.53
C GLY C 730 -50.20 32.44 -5.83
N ALA C 731 -49.94 31.53 -6.77
CA ALA C 731 -50.61 31.51 -8.06
C ALA C 731 -52.10 31.42 -7.88
N GLU C 732 -52.56 30.76 -6.82
CA GLU C 732 -53.97 30.59 -6.55
C GLU C 732 -54.68 31.92 -6.39
N PHE C 733 -53.96 32.94 -5.93
CA PHE C 733 -54.56 34.23 -5.74
C PHE C 733 -54.16 35.17 -6.87
N ILE C 734 -53.01 34.91 -7.48
CA ILE C 734 -52.58 35.73 -8.60
C ILE C 734 -53.59 35.50 -9.73
N ASN C 735 -54.01 34.25 -9.87
CA ASN C 735 -55.01 33.80 -10.84
C ASN C 735 -56.41 34.40 -10.61
N SER C 736 -56.59 35.20 -9.54
CA SER C 736 -57.83 35.92 -9.31
C SER C 736 -58.04 36.98 -10.37
N GLN C 737 -56.96 37.32 -11.05
CA GLN C 737 -56.92 38.31 -12.12
C GLN C 737 -57.19 39.71 -11.59
N GLN C 738 -57.04 39.93 -10.28
CA GLN C 738 -57.31 41.25 -9.73
C GLN C 738 -56.18 42.25 -9.98
N GLY C 739 -56.18 42.68 -11.23
CA GLY C 739 -55.21 43.59 -11.85
C GLY C 739 -54.18 42.75 -12.54
N SER C 740 -53.63 43.21 -13.67
CA SER C 740 -52.59 42.38 -14.28
C SER C 740 -51.46 42.32 -13.30
N LYS C 741 -51.27 43.43 -12.62
CA LYS C 741 -50.36 43.57 -11.52
C LYS C 741 -51.27 43.41 -10.35
N ILE C 742 -50.96 42.49 -9.47
CA ILE C 742 -51.89 42.23 -8.40
C ILE C 742 -52.04 43.41 -7.46
N GLN C 743 -53.30 43.74 -7.22
CA GLN C 743 -53.73 44.87 -6.41
C GLN C 743 -53.84 44.57 -4.94
N GLU C 744 -54.23 45.60 -4.19
CA GLU C 744 -54.36 45.55 -2.76
C GLU C 744 -55.28 44.43 -2.37
N SER C 745 -55.08 43.89 -1.17
CA SER C 745 -55.83 42.76 -0.60
C SER C 745 -55.46 41.45 -1.29
N THR C 746 -55.60 41.40 -2.60
CA THR C 746 -55.27 40.19 -3.32
C THR C 746 -53.80 39.90 -3.13
N LYS C 747 -52.96 40.91 -3.26
CA LYS C 747 -51.53 40.70 -3.07
C LYS C 747 -51.24 40.14 -1.69
N ASN C 748 -52.10 40.44 -0.72
CA ASN C 748 -51.89 39.95 0.62
C ASN C 748 -52.21 38.47 0.68
N LEU C 749 -53.13 38.01 -0.18
CA LEU C 749 -53.48 36.60 -0.23
C LEU C 749 -52.39 35.84 -0.97
N VAL C 750 -51.77 36.51 -1.93
CA VAL C 750 -50.69 35.89 -2.69
C VAL C 750 -49.54 35.67 -1.71
N MET C 751 -49.21 36.72 -0.98
CA MET C 751 -48.21 36.69 0.06
C MET C 751 -48.71 35.87 1.23
N GLY C 752 -50.02 35.81 1.41
CA GLY C 752 -50.65 35.04 2.45
C GLY C 752 -50.23 33.60 2.30
N ALA C 753 -50.36 33.05 1.10
CA ALA C 753 -49.98 31.67 0.83
C ALA C 753 -48.52 31.48 1.21
N VAL C 754 -47.70 32.47 0.90
CA VAL C 754 -46.29 32.41 1.22
C VAL C 754 -46.10 32.39 2.73
N ARG C 755 -46.80 33.27 3.42
CA ARG C 755 -46.71 33.40 4.86
C ARG C 755 -47.22 32.17 5.61
N GLN C 756 -48.23 31.51 5.08
CA GLN C 756 -48.76 30.32 5.71
C GLN C 756 -47.90 29.10 5.45
N HIS C 757 -47.32 29.05 4.26
CA HIS C 757 -46.52 27.92 3.83
C HIS C 757 -45.09 27.91 4.38
N PHE C 758 -44.37 29.01 4.21
CA PHE C 758 -42.97 29.06 4.60
C PHE C 758 -42.79 29.51 6.03
N ARG C 759 -41.76 29.01 6.68
CA ARG C 759 -41.48 29.55 7.99
C ARG C 759 -41.23 31.05 7.83
N PRO C 760 -41.77 31.92 8.70
CA PRO C 760 -41.53 33.35 8.72
C PRO C 760 -40.06 33.65 8.64
N GLU C 761 -39.24 32.78 9.20
CA GLU C 761 -37.81 32.94 9.19
C GLU C 761 -37.24 32.97 7.77
N PHE C 762 -37.80 32.16 6.90
CA PHE C 762 -37.37 32.10 5.52
C PHE C 762 -37.68 33.44 4.95
N LEU C 763 -38.92 33.83 5.17
CA LEU C 763 -39.45 35.00 4.56
C LEU C 763 -38.78 36.27 5.04
N ASN C 764 -38.45 36.30 6.32
CA ASN C 764 -37.83 37.42 6.98
C ASN C 764 -36.46 37.76 6.46
N ARG C 765 -35.82 36.81 5.79
CA ARG C 765 -34.48 37.05 5.32
C ARG C 765 -34.41 37.42 3.86
N ILE C 766 -35.55 37.60 3.23
CA ILE C 766 -35.58 37.94 1.82
C ILE C 766 -35.48 39.46 1.71
N SER C 767 -34.66 39.99 0.79
CA SER C 767 -34.53 41.45 0.70
C SER C 767 -35.92 42.00 0.42
N SER C 768 -36.62 41.33 -0.49
CA SER C 768 -38.01 41.66 -0.80
C SER C 768 -38.75 40.51 -1.49
N ILE C 769 -40.04 40.42 -1.19
CA ILE C 769 -40.91 39.46 -1.84
C ILE C 769 -41.70 40.22 -2.87
N VAL C 770 -41.59 39.79 -4.10
CA VAL C 770 -42.13 40.47 -5.25
C VAL C 770 -43.17 39.67 -6.01
N ILE C 771 -44.28 40.29 -6.35
CA ILE C 771 -45.28 39.61 -7.17
C ILE C 771 -45.18 40.17 -8.57
N PHE C 772 -44.98 39.29 -9.56
CA PHE C 772 -44.87 39.70 -10.97
C PHE C 772 -46.24 39.70 -11.63
N ASN C 773 -46.56 40.76 -12.36
CA ASN C 773 -47.83 40.89 -13.07
C ASN C 773 -48.03 39.81 -14.11
N LYS C 774 -49.27 39.39 -14.32
CA LYS C 774 -49.42 38.42 -15.39
C LYS C 774 -48.98 39.14 -16.65
N LEU C 775 -48.27 38.44 -17.51
CA LEU C 775 -47.85 39.10 -18.72
C LEU C 775 -48.99 39.04 -19.72
N SER C 776 -49.89 40.01 -19.60
CA SER C 776 -51.13 40.02 -20.34
C SER C 776 -50.94 40.06 -21.84
N ARG C 777 -51.99 39.72 -22.56
CA ARG C 777 -51.94 39.66 -24.00
C ARG C 777 -51.43 40.96 -24.66
N LYS C 778 -51.82 42.11 -24.12
CA LYS C 778 -51.33 43.35 -24.72
C LYS C 778 -49.81 43.51 -24.58
N ALA C 779 -49.21 42.84 -23.60
CA ALA C 779 -47.79 42.93 -23.33
C ALA C 779 -47.02 41.88 -24.11
N ILE C 780 -47.63 40.71 -24.27
CA ILE C 780 -46.90 39.68 -24.98
C ILE C 780 -46.72 40.09 -26.42
N HIS C 781 -47.53 41.02 -26.88
CA HIS C 781 -47.38 41.57 -28.20
C HIS C 781 -45.90 41.86 -28.45
N LYS C 782 -45.25 42.53 -27.47
CA LYS C 782 -43.87 42.89 -27.62
C LYS C 782 -42.99 41.67 -27.58
N ILE C 783 -43.29 40.74 -26.68
CA ILE C 783 -42.34 39.63 -26.57
C ILE C 783 -42.42 38.76 -27.80
N VAL C 784 -43.55 38.74 -28.47
CA VAL C 784 -43.60 37.94 -29.67
C VAL C 784 -42.64 38.49 -30.70
N ASP C 785 -42.67 39.80 -30.94
CA ASP C 785 -41.71 40.31 -31.93
C ASP C 785 -40.27 40.11 -31.48
N ILE C 786 -40.02 40.30 -30.20
CA ILE C 786 -38.69 40.16 -29.65
C ILE C 786 -38.22 38.74 -29.77
N ARG C 787 -39.10 37.82 -29.43
CA ARG C 787 -38.79 36.42 -29.43
C ARG C 787 -38.48 35.97 -30.82
N LEU C 788 -39.24 36.42 -31.80
CA LEU C 788 -38.93 36.01 -33.14
C LEU C 788 -37.55 36.50 -33.53
N LYS C 789 -37.20 37.70 -33.11
CA LYS C 789 -35.87 38.18 -33.41
C LYS C 789 -34.84 37.21 -32.79
N GLU C 790 -35.03 36.86 -31.51
CA GLU C 790 -34.10 35.98 -30.84
C GLU C 790 -34.02 34.62 -31.52
N ILE C 791 -35.16 34.13 -31.95
CA ILE C 791 -35.22 32.86 -32.61
C ILE C 791 -34.41 32.89 -33.87
N GLU C 792 -34.53 33.93 -34.66
CA GLU C 792 -33.72 33.91 -35.85
C GLU C 792 -32.23 33.98 -35.48
N GLU C 793 -31.90 34.74 -34.45
CA GLU C 793 -30.52 34.88 -34.04
C GLU C 793 -29.92 33.58 -33.51
N ARG C 794 -30.74 32.70 -32.96
CA ARG C 794 -30.21 31.46 -32.40
C ARG C 794 -29.90 30.43 -33.48
N PHE C 795 -30.30 30.67 -34.72
CA PHE C 795 -30.14 29.62 -35.73
C PHE C 795 -28.78 29.56 -36.41
N GLU C 796 -27.78 29.18 -35.64
CA GLU C 796 -26.40 29.04 -36.11
C GLU C 796 -25.94 30.24 -36.93
N GLN C 797 -25.48 29.99 -38.15
CA GLN C 797 -25.00 31.05 -39.04
C GLN C 797 -26.15 31.67 -39.82
N ASN C 798 -26.19 33.00 -39.87
CA ASN C 798 -27.30 33.72 -40.52
C ASN C 798 -27.24 33.76 -42.05
N ASP C 799 -27.37 32.59 -42.68
CA ASP C 799 -27.30 32.42 -44.12
C ASP C 799 -28.55 32.74 -44.94
N LYS C 800 -29.73 32.61 -44.34
CA LYS C 800 -31.02 32.76 -45.00
C LYS C 800 -31.89 33.58 -44.06
N HIS C 801 -32.72 32.88 -43.27
CA HIS C 801 -33.46 33.44 -42.15
C HIS C 801 -34.57 34.41 -42.53
N TYR C 802 -35.49 34.60 -41.62
CA TYR C 802 -36.73 35.30 -41.89
C TYR C 802 -36.72 36.79 -42.05
N LYS C 803 -37.67 37.24 -42.88
CA LYS C 803 -38.06 38.63 -43.06
C LYS C 803 -39.05 39.03 -41.95
N LEU C 804 -39.62 38.00 -41.32
CA LEU C 804 -40.59 38.06 -40.23
C LEU C 804 -41.86 38.85 -40.50
N ASN C 805 -42.41 38.73 -41.69
CA ASN C 805 -43.64 39.44 -41.98
C ASN C 805 -44.86 38.77 -41.36
N LEU C 806 -44.99 38.90 -40.06
CA LEU C 806 -46.12 38.31 -39.37
C LEU C 806 -47.44 38.85 -39.86
N THR C 807 -47.43 40.12 -40.23
CA THR C 807 -48.62 40.85 -40.60
C THR C 807 -49.39 40.92 -39.32
N GLN C 808 -50.40 41.76 -39.24
CA GLN C 808 -51.13 41.78 -37.99
C GLN C 808 -51.78 40.45 -37.69
N GLU C 809 -52.16 39.70 -38.72
CA GLU C 809 -52.83 38.46 -38.46
C GLU C 809 -51.94 37.45 -37.75
N ALA C 810 -50.65 37.32 -38.08
CA ALA C 810 -49.91 36.33 -37.31
C ALA C 810 -49.55 36.92 -35.96
N LYS C 811 -49.42 38.26 -35.87
CA LYS C 811 -49.11 38.82 -34.56
C LYS C 811 -50.27 38.49 -33.64
N ASP C 812 -51.48 38.60 -34.17
CA ASP C 812 -52.70 38.34 -33.42
C ASP C 812 -52.89 36.85 -33.18
N PHE C 813 -52.59 36.01 -34.17
CA PHE C 813 -52.78 34.59 -33.96
C PHE C 813 -51.88 34.15 -32.84
N LEU C 814 -50.65 34.65 -32.83
CA LEU C 814 -49.76 34.22 -31.79
C LEU C 814 -50.25 34.73 -30.46
N ALA C 815 -50.68 35.99 -30.41
CA ALA C 815 -51.15 36.59 -29.17
C ALA C 815 -52.39 35.91 -28.59
N LYS C 816 -53.30 35.49 -29.47
CA LYS C 816 -54.54 34.85 -29.04
C LYS C 816 -54.45 33.35 -28.86
N TYR C 817 -53.56 32.69 -29.59
CA TYR C 817 -53.51 31.25 -29.54
C TYR C 817 -52.42 30.73 -28.62
N GLY C 818 -51.30 31.42 -28.53
CA GLY C 818 -50.17 30.94 -27.76
C GLY C 818 -50.11 31.54 -26.36
N TYR C 819 -51.20 32.14 -25.92
CA TYR C 819 -51.19 32.77 -24.60
C TYR C 819 -52.48 32.66 -23.85
N SER C 820 -52.34 32.41 -22.55
CA SER C 820 -53.48 32.38 -21.65
C SER C 820 -53.12 32.88 -20.29
N ASP C 821 -54.05 33.57 -19.68
CA ASP C 821 -53.86 34.09 -18.34
C ASP C 821 -53.57 32.96 -17.34
N ASP C 822 -53.99 31.75 -17.66
CA ASP C 822 -53.76 30.62 -16.77
C ASP C 822 -52.56 29.74 -17.18
N MET C 823 -51.82 30.12 -18.23
CA MET C 823 -50.70 29.32 -18.71
C MET C 823 -49.47 30.19 -18.89
N GLY C 824 -49.72 31.49 -18.92
CA GLY C 824 -48.69 32.47 -19.14
C GLY C 824 -48.24 32.49 -20.59
N ALA C 825 -46.99 32.95 -20.78
CA ALA C 825 -46.38 33.16 -22.09
C ALA C 825 -45.78 31.89 -22.66
N ARG C 826 -45.65 30.86 -21.83
CA ARG C 826 -45.02 29.64 -22.30
C ARG C 826 -45.55 29.12 -23.65
N PRO C 827 -46.89 28.95 -23.84
CA PRO C 827 -47.45 28.43 -25.06
C PRO C 827 -47.07 29.26 -26.29
N LEU C 828 -46.61 30.52 -26.11
CA LEU C 828 -46.21 31.33 -27.27
C LEU C 828 -45.00 30.75 -27.92
N ASN C 829 -44.08 30.24 -27.11
CA ASN C 829 -42.87 29.71 -27.68
C ASN C 829 -43.19 28.40 -28.31
N ARG C 830 -44.11 27.69 -27.67
CA ARG C 830 -44.50 26.42 -28.22
C ARG C 830 -45.22 26.63 -29.53
N LEU C 831 -46.06 27.65 -29.60
CA LEU C 831 -46.82 27.96 -30.79
C LEU C 831 -45.97 28.41 -31.96
N ILE C 832 -45.04 29.34 -31.71
CA ILE C 832 -44.21 29.79 -32.79
C ILE C 832 -43.47 28.61 -33.37
N GLN C 833 -42.88 27.82 -32.49
CA GLN C 833 -42.17 26.67 -32.98
C GLN C 833 -43.11 25.65 -33.65
N ASN C 834 -44.29 25.41 -33.06
CA ASN C 834 -45.25 24.45 -33.58
C ASN C 834 -45.72 24.77 -34.97
N GLU C 835 -45.83 26.05 -35.28
CA GLU C 835 -46.32 26.43 -36.58
C GLU C 835 -45.29 27.10 -37.45
N ILE C 836 -44.67 28.16 -36.97
CA ILE C 836 -43.74 28.89 -37.81
C ILE C 836 -42.49 28.08 -38.06
N LEU C 837 -41.91 27.52 -37.01
CA LEU C 837 -40.67 26.80 -37.28
C LEU C 837 -40.95 25.46 -37.91
N ASN C 838 -42.02 24.79 -37.54
CA ASN C 838 -42.30 23.52 -38.19
C ASN C 838 -42.56 23.68 -39.69
N LYS C 839 -43.29 24.73 -40.08
CA LYS C 839 -43.52 24.87 -41.50
C LYS C 839 -42.21 25.23 -42.17
N LEU C 840 -41.39 26.00 -41.48
CA LEU C 840 -40.11 26.37 -42.03
C LEU C 840 -39.30 25.14 -42.23
N ALA C 841 -39.35 24.26 -41.23
CA ALA C 841 -38.60 23.03 -41.29
C ALA C 841 -39.00 22.26 -42.53
N LEU C 842 -40.27 22.28 -42.90
CA LEU C 842 -40.67 21.55 -44.10
C LEU C 842 -40.00 22.13 -45.34
N ARG C 843 -39.90 23.46 -45.41
CA ARG C 843 -39.28 24.07 -46.59
C ARG C 843 -37.76 23.77 -46.60
N ILE C 844 -37.18 23.75 -45.40
CA ILE C 844 -35.77 23.43 -45.22
C ILE C 844 -35.54 21.94 -45.43
N LEU C 845 -36.41 21.11 -44.89
CA LEU C 845 -36.35 19.66 -44.99
C LEU C 845 -36.24 19.23 -46.43
N LYS C 846 -37.07 19.83 -47.27
CA LYS C 846 -37.06 19.54 -48.69
C LYS C 846 -35.77 20.04 -49.36
N ASN C 847 -35.01 20.88 -48.65
CA ASN C 847 -33.78 21.52 -49.09
C ASN C 847 -34.04 22.37 -50.29
N GLU C 848 -35.18 23.06 -50.25
CA GLU C 848 -35.57 23.93 -51.33
C GLU C 848 -35.25 25.41 -51.09
N ILE C 849 -35.14 25.86 -49.84
CA ILE C 849 -34.93 27.29 -49.64
C ILE C 849 -33.58 27.72 -50.18
N LYS C 850 -33.57 28.79 -50.97
CA LYS C 850 -32.33 29.27 -51.57
C LYS C 850 -31.79 30.51 -50.84
N ASP C 851 -32.65 31.50 -50.60
CA ASP C 851 -32.24 32.71 -49.92
C ASP C 851 -33.42 33.50 -49.36
N LYS C 852 -33.28 33.83 -48.11
CA LYS C 852 -34.25 34.47 -47.23
C LYS C 852 -35.49 33.62 -47.02
N GLU C 853 -36.20 33.89 -45.95
CA GLU C 853 -37.39 33.12 -45.60
C GLU C 853 -38.52 34.12 -45.27
N THR C 854 -39.78 33.74 -45.42
CA THR C 854 -40.83 34.72 -45.07
C THR C 854 -41.94 34.11 -44.23
N VAL C 855 -42.38 34.87 -43.23
CA VAL C 855 -43.52 34.56 -42.38
C VAL C 855 -44.76 35.21 -42.97
N ASN C 856 -45.89 34.50 -42.98
CA ASN C 856 -47.13 35.06 -43.52
C ASN C 856 -48.33 34.26 -42.99
N VAL C 857 -49.52 34.55 -43.51
CA VAL C 857 -50.74 33.84 -43.15
C VAL C 857 -51.61 33.44 -44.34
N VAL C 858 -52.47 32.45 -44.11
CA VAL C 858 -53.53 32.03 -45.05
C VAL C 858 -54.88 32.18 -44.40
N LEU C 859 -55.74 32.96 -45.03
CA LEU C 859 -57.03 33.25 -44.44
C LEU C 859 -58.15 32.65 -45.27
N GLU C 874 -54.44 29.85 -41.27
CA GLU C 874 -53.93 30.73 -40.23
C GLU C 874 -52.44 31.00 -40.45
N GLU C 875 -51.59 30.68 -39.49
CA GLU C 875 -50.17 30.95 -39.76
C GLU C 875 -49.74 30.13 -40.98
N CYS C 876 -48.94 30.71 -41.86
CA CYS C 876 -48.46 29.98 -43.02
C CYS C 876 -47.25 30.61 -43.69
N LEU C 877 -46.26 29.81 -43.99
CA LEU C 877 -45.07 30.38 -44.58
C LEU C 877 -45.10 30.43 -46.08
N GLU C 878 -44.24 31.27 -46.64
CA GLU C 878 -44.08 31.36 -48.07
C GLU C 878 -43.09 30.36 -48.61
N VAL C 879 -43.11 30.20 -49.90
CA VAL C 879 -42.15 29.39 -50.61
C VAL C 879 -41.49 30.36 -51.56
N LEU C 880 -40.23 30.17 -51.88
CA LEU C 880 -39.61 31.14 -52.75
C LEU C 880 -39.87 30.77 -54.20
N PRO C 881 -39.85 31.75 -55.12
CA PRO C 881 -39.95 31.58 -56.57
C PRO C 881 -38.69 30.93 -57.11
N ASN C 882 -37.69 30.80 -56.24
CA ASN C 882 -36.42 30.23 -56.55
C ASN C 882 -36.39 28.73 -56.26
N HIS C 883 -37.52 28.13 -55.88
CA HIS C 883 -37.49 26.70 -55.61
C HIS C 883 -38.78 25.95 -55.83
N GLU C 884 -38.73 24.64 -55.59
CA GLU C 884 -39.87 23.77 -55.81
C GLU C 884 -40.37 23.21 -54.48
N GLN D 6 44.11 15.58 39.10
CA GLN D 6 45.30 15.50 38.27
C GLN D 6 45.54 14.10 37.73
N PHE D 7 45.46 13.12 38.62
CA PHE D 7 45.72 11.73 38.28
C PHE D 7 44.49 10.86 38.41
N THR D 8 44.42 9.81 37.60
CA THR D 8 43.40 8.79 37.78
C THR D 8 43.78 7.94 38.98
N GLU D 9 42.84 7.17 39.49
CA GLU D 9 43.13 6.30 40.63
C GLU D 9 44.14 5.21 40.26
N ARG D 10 44.15 4.87 38.99
CA ARG D 10 45.01 3.85 38.45
C ARG D 10 46.43 4.38 38.40
N ALA D 11 46.57 5.63 37.94
CA ALA D 11 47.89 6.24 37.87
C ALA D 11 48.47 6.42 39.26
N LEU D 12 47.61 6.82 40.19
CA LEU D 12 48.05 6.99 41.55
C LEU D 12 48.47 5.67 42.13
N THR D 13 47.75 4.59 41.79
CA THR D 13 48.11 3.28 42.29
C THR D 13 49.49 2.89 41.80
N ILE D 14 49.77 3.05 40.52
CA ILE D 14 51.08 2.64 40.02
C ILE D 14 52.20 3.47 40.62
N LEU D 15 52.01 4.77 40.74
CA LEU D 15 53.03 5.59 41.33
C LEU D 15 53.21 5.21 42.80
N THR D 16 52.10 5.09 43.53
CA THR D 16 52.12 4.75 44.94
C THR D 16 52.87 3.45 45.13
N LEU D 17 52.58 2.45 44.29
CA LEU D 17 53.27 1.20 44.41
C LEU D 17 54.75 1.39 44.19
N ALA D 18 55.16 2.25 43.27
CA ALA D 18 56.59 2.42 43.08
C ALA D 18 57.24 2.85 44.38
N GLN D 19 56.57 3.78 45.06
CA GLN D 19 57.06 4.33 46.30
C GLN D 19 57.05 3.28 47.40
N LYS D 20 55.98 2.51 47.49
CA LYS D 20 55.88 1.60 48.60
C LYS D 20 56.72 0.37 48.37
N LEU D 21 56.92 0.00 47.12
CA LEU D 21 57.78 -1.13 46.82
C LEU D 21 59.18 -0.76 47.24
N ALA D 22 59.60 0.49 46.99
CA ALA D 22 60.92 0.90 47.44
C ALA D 22 60.99 0.79 48.96
N SER D 23 59.90 1.11 49.66
CA SER D 23 59.96 0.95 51.11
C SER D 23 60.10 -0.53 51.48
N ASP D 24 59.30 -1.38 50.84
CA ASP D 24 59.28 -2.82 51.14
C ASP D 24 60.58 -3.51 50.77
N HIS D 25 61.26 -3.01 49.74
CA HIS D 25 62.52 -3.61 49.29
C HIS D 25 63.71 -2.93 49.97
N GLN D 26 63.46 -1.99 50.88
CA GLN D 26 64.51 -1.24 51.56
C GLN D 26 65.44 -0.49 50.60
N HIS D 27 64.87 0.27 49.66
CA HIS D 27 65.68 1.02 48.68
C HIS D 27 65.64 2.55 48.93
N PRO D 28 66.81 3.23 48.85
CA PRO D 28 67.02 4.66 49.10
C PRO D 28 66.18 5.59 48.20
N GLN D 29 66.86 6.29 47.28
CA GLN D 29 66.22 7.19 46.32
C GLN D 29 65.41 6.40 45.33
N LEU D 30 64.25 6.92 44.96
CA LEU D 30 63.46 6.21 43.99
C LEU D 30 64.09 6.38 42.62
N GLN D 31 64.12 5.29 41.88
CA GLN D 31 64.64 5.24 40.52
C GLN D 31 63.56 4.81 39.55
N PRO D 32 63.77 4.99 38.23
CA PRO D 32 62.92 4.46 37.17
C PRO D 32 62.64 2.97 37.41
N ILE D 33 63.59 2.29 38.06
CA ILE D 33 63.55 0.89 38.44
C ILE D 33 62.35 0.62 39.34
N HIS D 34 62.06 1.55 40.25
CA HIS D 34 60.97 1.36 41.20
C HIS D 34 59.65 1.56 40.51
N ILE D 35 59.61 2.49 39.56
CA ILE D 35 58.34 2.58 38.85
C ILE D 35 58.20 1.29 38.03
N LEU D 36 59.30 0.81 37.42
CA LEU D 36 59.19 -0.44 36.69
C LEU D 36 58.76 -1.56 37.66
N ALA D 37 59.23 -1.51 38.93
CA ALA D 37 58.82 -2.48 39.93
C ALA D 37 57.33 -2.42 40.13
N ALA D 38 56.76 -1.21 40.10
CA ALA D 38 55.31 -1.03 40.22
C ALA D 38 54.64 -1.72 39.07
N PHE D 39 55.25 -1.62 37.90
CA PHE D 39 54.65 -2.23 36.74
C PHE D 39 54.53 -3.73 36.91
N ILE D 40 55.55 -4.35 37.50
CA ILE D 40 55.53 -5.79 37.65
C ILE D 40 55.15 -6.22 39.07
N GLU D 41 54.47 -5.33 39.80
CA GLU D 41 54.05 -5.57 41.19
C GLU D 41 53.15 -6.77 41.42
N THR D 42 52.37 -7.17 40.42
CA THR D 42 51.43 -8.25 40.62
C THR D 42 51.42 -9.23 39.48
N PRO D 43 51.12 -10.52 39.76
CA PRO D 43 50.97 -11.57 38.78
C PRO D 43 49.67 -11.43 37.98
N GLU D 44 48.73 -10.59 38.45
CA GLU D 44 47.44 -10.47 37.76
C GLU D 44 47.66 -10.10 36.29
N ASP D 45 47.09 -10.88 35.37
CA ASP D 45 47.33 -10.59 33.96
C ASP D 45 46.65 -9.31 33.52
N GLY D 46 45.55 -9.04 34.21
CA GLY D 46 44.71 -7.87 34.02
C GLY D 46 45.49 -6.59 34.28
N SER D 47 46.64 -6.70 34.95
CA SER D 47 47.45 -5.55 35.17
C SER D 47 48.24 -5.33 33.90
N VAL D 48 47.88 -4.26 33.19
CA VAL D 48 48.51 -3.93 31.93
C VAL D 48 50.00 -3.74 32.11
N PRO D 49 50.48 -3.06 33.15
CA PRO D 49 51.89 -2.94 33.40
C PRO D 49 52.64 -4.30 33.52
N TYR D 50 51.95 -5.46 33.76
CA TYR D 50 52.68 -6.72 33.89
C TYR D 50 52.49 -7.74 32.73
N LEU D 51 51.26 -8.28 32.49
CA LEU D 51 51.16 -9.31 31.42
C LEU D 51 50.43 -8.84 30.19
N GLN D 52 49.22 -8.28 30.32
CA GLN D 52 48.55 -7.80 29.10
C GLN D 52 49.10 -6.40 28.83
N ASN D 53 50.39 -6.40 28.55
CA ASN D 53 51.26 -5.27 28.52
C ASN D 53 51.45 -4.59 27.21
N LEU D 54 52.09 -3.44 27.29
CA LEU D 54 52.41 -2.59 26.17
C LEU D 54 53.68 -3.12 25.55
N ILE D 55 54.37 -3.90 26.36
CA ILE D 55 55.59 -4.62 26.01
C ILE D 55 55.20 -5.94 25.36
N GLU D 56 54.48 -6.80 26.12
CA GLU D 56 54.08 -8.14 25.69
C GLU D 56 53.23 -8.22 24.44
N LYS D 57 52.26 -7.31 24.28
CA LYS D 57 51.42 -7.32 23.11
C LYS D 57 51.94 -6.34 22.07
N GLY D 58 53.12 -5.78 22.34
CA GLY D 58 53.74 -4.78 21.51
C GLY D 58 54.91 -5.34 20.72
N ARG D 59 56.07 -5.39 21.36
CA ARG D 59 57.31 -5.80 20.70
C ARG D 59 58.16 -6.83 21.47
N TYR D 60 58.09 -6.83 22.80
CA TYR D 60 59.02 -7.65 23.60
C TYR D 60 58.36 -8.55 24.62
N ASP D 61 59.07 -9.61 24.97
CA ASP D 61 58.65 -10.55 26.00
C ASP D 61 58.59 -9.85 27.36
N TYR D 62 57.42 -9.88 28.02
CA TYR D 62 57.29 -9.25 29.34
C TYR D 62 58.38 -9.75 30.28
N ASP D 63 58.83 -11.01 30.13
CA ASP D 63 59.85 -11.60 30.98
C ASP D 63 61.17 -10.88 30.84
N LEU D 64 61.44 -10.32 29.67
CA LEU D 64 62.66 -9.60 29.41
C LEU D 64 62.65 -8.47 30.40
N PHE D 65 61.55 -7.72 30.37
CA PHE D 65 61.38 -6.57 31.25
C PHE D 65 61.29 -6.98 32.71
N LYS D 66 60.58 -8.07 32.99
CA LYS D 66 60.45 -8.53 34.36
C LYS D 66 61.83 -8.76 34.98
N LYS D 67 62.71 -9.40 34.22
CA LYS D 67 64.05 -9.68 34.70
C LYS D 67 64.92 -8.44 34.75
N VAL D 68 64.68 -7.45 33.87
CA VAL D 68 65.42 -6.20 33.98
C VAL D 68 65.20 -5.62 35.35
N VAL D 69 63.94 -5.59 35.71
CA VAL D 69 63.54 -4.97 36.95
C VAL D 69 63.94 -5.79 38.14
N ASN D 70 63.65 -7.09 38.14
CA ASN D 70 64.02 -7.87 39.30
C ASN D 70 65.53 -7.90 39.48
N ARG D 71 66.28 -7.96 38.39
CA ARG D 71 67.72 -7.92 38.51
C ARG D 71 68.13 -6.64 39.20
N ASN D 72 67.56 -5.52 38.74
CA ASN D 72 67.86 -4.23 39.31
C ASN D 72 67.41 -4.09 40.76
N LEU D 73 66.28 -4.69 41.12
CA LEU D 73 65.81 -4.59 42.48
C LEU D 73 66.75 -5.34 43.43
N VAL D 74 67.28 -6.47 42.97
CA VAL D 74 68.23 -7.23 43.75
C VAL D 74 69.54 -6.47 43.85
N ARG D 75 69.97 -5.91 42.71
CA ARG D 75 71.20 -5.13 42.60
C ARG D 75 71.25 -3.94 43.56
N ILE D 76 70.15 -3.21 43.73
CA ILE D 76 70.14 -2.07 44.65
C ILE D 76 70.28 -2.59 46.08
N PRO D 77 71.28 -2.15 46.87
CA PRO D 77 71.55 -2.65 48.20
C PRO D 77 70.49 -2.28 49.22
N GLN D 78 70.33 -3.17 50.21
CA GLN D 78 69.39 -3.03 51.32
C GLN D 78 69.75 -1.86 52.24
N GLN D 79 68.79 -0.97 52.45
CA GLN D 79 68.96 0.22 53.28
C GLN D 79 68.25 0.15 54.62
N GLN D 80 68.61 1.06 55.52
CA GLN D 80 67.85 1.21 56.74
C GLN D 80 66.43 1.56 56.30
N PRO D 81 65.35 1.02 56.90
CA PRO D 81 63.97 1.37 56.58
C PRO D 81 63.67 2.88 56.56
N ALA D 82 64.34 3.66 57.42
CA ALA D 82 64.09 5.10 57.50
C ALA D 82 64.25 5.83 56.13
N PRO D 83 65.30 5.55 55.32
CA PRO D 83 65.46 6.06 53.96
C PRO D 83 64.82 5.18 52.88
N ALA D 84 64.07 4.16 53.26
CA ALA D 84 63.57 3.26 52.23
C ALA D 84 62.39 3.94 51.53
N GLU D 85 62.73 4.72 50.49
CA GLU D 85 61.89 5.69 49.76
C GLU D 85 62.29 7.08 50.25
N ILE D 86 63.45 7.57 49.83
CA ILE D 86 63.89 8.89 50.29
C ILE D 86 63.14 10.00 49.60
N THR D 87 63.10 9.91 48.29
CA THR D 87 62.52 10.93 47.46
C THR D 87 62.36 10.43 46.03
N PRO D 88 61.38 10.95 45.26
CA PRO D 88 61.27 10.76 43.83
C PRO D 88 62.38 11.50 43.09
N SER D 89 62.95 12.51 43.75
CA SER D 89 63.97 13.34 43.16
C SER D 89 63.50 13.86 41.79
N TYR D 90 64.45 14.35 41.02
CA TYR D 90 64.20 14.82 39.67
C TYR D 90 63.79 13.67 38.77
N ALA D 91 64.20 12.44 39.13
CA ALA D 91 63.95 11.29 38.29
C ALA D 91 62.48 10.96 38.16
N LEU D 92 61.78 10.84 39.29
CA LEU D 92 60.37 10.51 39.20
C LEU D 92 59.61 11.79 39.01
N GLY D 93 60.20 12.92 39.43
CA GLY D 93 59.58 14.20 39.20
C GLY D 93 59.38 14.30 37.71
N LYS D 94 60.46 14.11 36.95
CA LYS D 94 60.42 14.16 35.50
C LYS D 94 59.41 13.19 34.93
N VAL D 95 59.37 11.94 35.41
CA VAL D 95 58.41 10.99 34.84
C VAL D 95 56.98 11.48 35.02
N LEU D 96 56.64 11.96 36.21
CA LEU D 96 55.31 12.47 36.47
C LEU D 96 55.02 13.73 35.66
N GLN D 97 56.01 14.59 35.51
CA GLN D 97 55.85 15.81 34.72
C GLN D 97 55.66 15.43 33.26
N ASP D 98 56.40 14.42 32.80
CA ASP D 98 56.26 13.97 31.44
C ASP D 98 54.88 13.35 31.28
N ALA D 99 54.39 12.64 32.30
CA ALA D 99 53.05 12.07 32.20
C ALA D 99 52.05 13.23 31.98
N ALA D 100 52.27 14.36 32.66
CA ALA D 100 51.44 15.53 32.45
C ALA D 100 51.61 16.08 31.03
N LYS D 101 52.84 16.07 30.49
CA LYS D 101 53.06 16.57 29.13
C LYS D 101 52.29 15.68 28.18
N ILE D 102 52.26 14.39 28.52
CA ILE D 102 51.53 13.42 27.75
C ILE D 102 50.06 13.73 27.83
N GLN D 103 49.53 14.07 29.01
CA GLN D 103 48.12 14.44 29.06
C GLN D 103 47.82 15.54 28.09
N LYS D 104 48.71 16.53 28.01
CA LYS D 104 48.49 17.67 27.15
C LYS D 104 48.48 17.24 25.69
N GLN D 105 49.40 16.35 25.33
CA GLN D 105 49.48 15.82 23.97
C GLN D 105 48.28 14.93 23.63
N GLN D 106 47.82 14.20 24.63
CA GLN D 106 46.73 13.25 24.47
C GLN D 106 45.37 13.86 24.72
N LYS D 107 45.33 15.08 25.27
CA LYS D 107 44.10 15.81 25.57
C LYS D 107 43.29 15.05 26.63
N ASP D 108 44.01 14.43 27.56
CA ASP D 108 43.45 13.64 28.66
C ASP D 108 43.34 14.42 29.97
N SER D 109 42.11 14.53 30.50
CA SER D 109 41.85 15.31 31.72
C SER D 109 42.57 14.79 32.99
N PHE D 110 42.94 13.52 33.00
CA PHE D 110 43.66 12.94 34.15
C PHE D 110 44.86 12.14 33.70
N ILE D 111 45.88 12.05 34.55
CA ILE D 111 47.01 11.19 34.24
C ILE D 111 46.61 9.74 34.30
N ALA D 112 46.85 9.05 33.20
CA ALA D 112 46.53 7.63 33.08
C ALA D 112 47.71 6.81 33.51
N GLN D 113 47.47 5.57 33.90
CA GLN D 113 48.59 4.69 34.25
C GLN D 113 49.45 4.48 33.00
N ASP D 114 48.84 4.67 31.83
CA ASP D 114 49.50 4.52 30.56
C ASP D 114 50.43 5.68 30.32
N HIS D 115 50.13 6.84 30.90
CA HIS D 115 50.97 8.01 30.70
C HIS D 115 52.22 7.75 31.54
N ILE D 116 52.02 7.11 32.69
CA ILE D 116 53.16 6.75 33.54
C ILE D 116 53.97 5.67 32.82
N LEU D 117 53.29 4.68 32.21
CA LEU D 117 54.00 3.64 31.48
C LEU D 117 54.81 4.29 30.37
N PHE D 118 54.19 5.20 29.64
CA PHE D 118 54.85 5.90 28.54
C PHE D 118 56.01 6.71 29.01
N ALA D 119 55.76 7.66 29.92
CA ALA D 119 56.77 8.57 30.42
C ALA D 119 57.93 7.82 31.03
N LEU D 120 57.64 6.75 31.75
CA LEU D 120 58.75 6.05 32.34
C LEU D 120 59.56 5.41 31.24
N PHE D 121 58.87 4.73 30.33
CA PHE D 121 59.52 3.99 29.25
C PHE D 121 60.33 4.94 28.35
N ASN D 122 59.79 6.13 28.09
CA ASN D 122 60.44 7.12 27.24
C ASN D 122 61.78 7.58 27.81
N ASP D 123 61.83 7.70 29.14
CA ASP D 123 63.03 8.13 29.85
C ASP D 123 64.00 6.98 30.07
N SER D 124 63.46 5.81 30.39
CA SER D 124 64.18 4.62 30.78
C SER D 124 64.96 3.90 29.68
N SER D 125 65.93 3.13 30.15
CA SER D 125 66.75 2.24 29.35
C SER D 125 67.27 1.17 30.30
N ILE D 126 67.45 -0.05 29.81
CA ILE D 126 68.02 -1.05 30.70
C ILE D 126 69.39 -0.52 31.12
N GLN D 127 69.68 -0.56 32.43
CA GLN D 127 70.95 -0.02 32.95
C GLN D 127 72.13 -0.99 32.80
N GLN D 128 71.84 -2.24 32.46
CA GLN D 128 72.87 -3.26 32.32
C GLN D 128 72.74 -4.11 31.06
N ILE D 129 73.89 -4.57 30.59
CA ILE D 129 74.10 -5.46 29.45
C ILE D 129 73.32 -6.78 29.45
N PHE D 130 72.81 -7.19 30.60
CA PHE D 130 72.11 -8.46 30.72
C PHE D 130 70.79 -8.53 29.95
N LYS D 131 70.15 -7.39 29.72
CA LYS D 131 68.88 -7.39 28.98
C LYS D 131 68.83 -6.19 28.06
N GLU D 132 68.27 -6.36 26.87
CA GLU D 132 68.17 -5.22 25.99
C GLU D 132 66.80 -5.15 25.35
N ALA D 133 66.29 -3.94 25.23
CA ALA D 133 65.04 -3.73 24.55
C ALA D 133 64.88 -2.27 24.19
N GLN D 134 64.38 -2.04 22.99
CA GLN D 134 64.06 -0.72 22.49
C GLN D 134 62.83 -0.15 23.17
N VAL D 135 62.83 1.16 23.34
CA VAL D 135 61.63 1.77 23.86
C VAL D 135 60.70 1.95 22.69
N ASP D 136 59.95 0.92 22.40
CA ASP D 136 59.13 1.00 21.22
C ASP D 136 57.90 1.79 21.51
N ILE D 137 58.06 3.09 21.32
CA ILE D 137 57.05 4.06 21.66
C ILE D 137 55.75 3.82 20.90
N GLU D 138 55.84 3.56 19.60
CA GLU D 138 54.59 3.37 18.89
C GLU D 138 53.89 2.09 19.33
N ALA D 139 54.63 1.00 19.57
CA ALA D 139 53.96 -0.22 19.99
C ALA D 139 53.29 -0.04 21.34
N ILE D 140 53.95 0.68 22.24
CA ILE D 140 53.32 0.85 23.54
C ILE D 140 52.14 1.77 23.45
N LYS D 141 52.17 2.74 22.53
CA LYS D 141 51.00 3.58 22.37
C LYS D 141 49.88 2.81 21.76
N GLN D 142 50.15 1.97 20.76
CA GLN D 142 49.07 1.22 20.15
C GLN D 142 48.34 0.40 21.19
N GLN D 143 49.10 -0.33 21.98
CA GLN D 143 48.44 -1.18 22.95
C GLN D 143 47.72 -0.38 24.00
N ALA D 144 48.26 0.77 24.38
CA ALA D 144 47.55 1.55 25.37
C ALA D 144 46.23 2.05 24.81
N LEU D 145 46.25 2.48 23.55
CA LEU D 145 45.07 3.06 22.94
C LEU D 145 43.94 2.07 22.73
N GLU D 146 44.28 0.81 22.57
CA GLU D 146 43.28 -0.22 22.36
C GLU D 146 42.62 -0.72 23.66
N LEU D 147 43.09 -0.25 24.82
CA LEU D 147 42.57 -0.72 26.11
C LEU D 147 41.80 0.36 26.89
N ARG D 148 40.73 -0.05 27.59
CA ARG D 148 39.92 0.76 28.54
C ARG D 148 39.07 1.87 27.89
N GLY D 149 39.72 2.66 27.03
CA GLY D 149 39.11 3.73 26.27
C GLY D 149 39.23 3.42 24.79
N TYR D 166 35.51 3.20 27.09
CA TYR D 166 35.29 3.03 25.66
C TYR D 166 34.05 3.81 25.26
N LEU D 167 33.20 3.98 26.26
CA LEU D 167 31.87 4.55 26.14
C LEU D 167 31.82 5.97 25.60
N SER D 168 32.91 6.72 25.65
CA SER D 168 32.85 8.07 25.09
C SER D 168 32.52 8.04 23.58
N LYS D 169 32.70 6.89 22.93
CA LYS D 169 32.40 6.72 21.52
C LYS D 169 31.02 6.13 21.28
N TYR D 170 30.32 5.77 22.35
CA TYR D 170 29.06 5.08 22.17
C TYR D 170 27.89 5.67 22.95
N ALA D 171 28.17 6.12 24.17
CA ALA D 171 27.11 6.58 25.04
C ALA D 171 27.60 7.66 26.01
N ILE D 172 26.72 8.56 26.39
CA ILE D 172 27.10 9.65 27.30
C ILE D 172 27.05 9.28 28.77
N ASP D 173 28.18 9.45 29.46
CA ASP D 173 28.29 9.01 30.83
C ASP D 173 27.59 9.87 31.85
N MET D 174 26.31 9.60 32.03
CA MET D 174 25.47 10.35 32.94
C MET D 174 25.98 10.30 34.34
N THR D 175 26.41 9.14 34.79
CA THR D 175 26.87 9.06 36.17
C THR D 175 28.10 9.94 36.43
N GLU D 176 29.10 9.91 35.58
CA GLU D 176 30.23 10.76 35.91
C GLU D 176 29.81 12.20 35.70
N GLN D 177 29.01 12.47 34.68
CA GLN D 177 28.60 13.83 34.47
C GLN D 177 27.82 14.29 35.69
N ALA D 178 27.08 13.38 36.30
CA ALA D 178 26.37 13.65 37.52
C ALA D 178 27.38 13.97 38.62
N ARG D 179 28.50 13.25 38.68
CA ARG D 179 29.54 13.51 39.68
C ARG D 179 30.08 14.92 39.45
N GLN D 180 30.05 15.35 38.18
CA GLN D 180 30.52 16.66 37.77
C GLN D 180 29.43 17.74 37.86
N GLY D 181 28.26 17.40 38.40
CA GLY D 181 27.17 18.35 38.59
C GLY D 181 26.24 18.58 37.39
N LYS D 182 26.20 17.65 36.44
CA LYS D 182 25.35 17.85 35.27
C LYS D 182 23.96 17.25 35.47
N LEU D 183 23.82 16.49 36.54
CA LEU D 183 22.59 15.79 36.89
C LEU D 183 21.55 16.74 37.43
N ASP D 184 20.30 16.56 37.04
CA ASP D 184 19.22 17.32 37.64
C ASP D 184 18.52 16.41 38.69
N PRO D 185 18.72 16.59 40.02
CA PRO D 185 18.09 15.75 41.03
C PRO D 185 16.59 15.79 40.93
N VAL D 186 15.95 14.65 41.14
CA VAL D 186 14.50 14.61 41.04
C VAL D 186 13.90 14.03 42.28
N ILE D 187 12.68 14.45 42.60
CA ILE D 187 12.00 13.91 43.78
C ILE D 187 10.57 13.46 43.49
N GLY D 188 9.98 12.68 44.39
CA GLY D 188 8.58 12.28 44.28
C GLY D 188 8.38 11.02 43.42
N ARG D 189 9.49 10.52 42.90
CA ARG D 189 9.54 9.34 42.06
C ARG D 189 10.31 8.24 42.72
N GLU D 190 10.44 8.28 44.02
CA GLU D 190 11.26 7.30 44.70
C GLU D 190 10.82 5.87 44.42
N GLU D 191 9.51 5.64 44.31
CA GLU D 191 9.10 4.27 44.02
C GLU D 191 9.42 3.91 42.60
N GLU D 192 9.25 4.85 41.69
CA GLU D 192 9.53 4.57 40.30
C GLU D 192 11.00 4.26 40.13
N ILE D 193 11.82 4.97 40.88
CA ILE D 193 13.25 4.77 40.83
C ILE D 193 13.52 3.39 41.41
N ARG D 194 12.92 3.09 42.56
CA ARG D 194 13.09 1.78 43.16
C ARG D 194 12.63 0.69 42.22
N SER D 195 11.60 0.94 41.45
CA SER D 195 11.13 -0.04 40.52
C SER D 195 12.19 -0.32 39.49
N THR D 196 12.91 0.70 39.02
CA THR D 196 13.92 0.38 38.03
C THR D 196 15.00 -0.40 38.71
N ILE D 197 15.24 -0.13 39.98
CA ILE D 197 16.25 -0.87 40.70
C ILE D 197 15.84 -2.32 40.84
N ARG D 198 14.57 -2.56 41.15
CA ARG D 198 14.11 -3.92 41.29
C ARG D 198 14.26 -4.67 39.99
N VAL D 199 14.03 -3.99 38.89
CA VAL D 199 14.18 -4.67 37.62
C VAL D 199 15.67 -4.86 37.27
N LEU D 200 16.46 -3.84 37.47
CA LEU D 200 17.89 -3.87 37.21
C LEU D 200 18.57 -4.90 38.10
N ALA D 201 17.98 -5.14 39.27
CA ALA D 201 18.48 -6.11 40.22
C ALA D 201 18.11 -7.54 39.84
N ARG D 202 17.35 -7.74 38.74
CA ARG D 202 17.00 -9.09 38.33
C ARG D 202 18.27 -9.77 37.88
N ARG D 203 18.29 -11.09 37.91
CA ARG D 203 19.51 -11.79 37.56
C ARG D 203 19.46 -12.17 36.12
N ILE D 204 18.26 -12.48 35.67
CA ILE D 204 18.13 -12.90 34.30
C ILE D 204 17.61 -11.76 33.44
N LYS D 205 16.46 -11.23 33.78
CA LYS D 205 15.89 -10.21 32.94
C LYS D 205 16.38 -8.80 33.32
N SER D 206 17.57 -8.51 32.84
CA SER D 206 18.30 -7.27 33.16
C SER D 206 17.72 -5.96 32.56
N ASN D 207 16.72 -6.06 31.72
CA ASN D 207 16.22 -4.89 31.00
C ASN D 207 14.89 -4.23 31.45
N PRO D 208 14.91 -3.06 32.10
CA PRO D 208 13.75 -2.21 32.40
C PRO D 208 13.46 -1.25 31.28
N CYS D 209 12.23 -0.77 31.22
CA CYS D 209 11.92 0.38 30.38
C CYS D 209 10.88 1.27 31.01
N LEU D 210 11.08 2.58 30.92
CA LEU D 210 10.09 3.49 31.45
C LEU D 210 9.05 3.83 30.40
N ILE D 211 7.79 3.61 30.72
CA ILE D 211 6.69 3.88 29.80
C ILE D 211 5.65 4.85 30.33
N GLY D 212 5.34 5.87 29.53
CA GLY D 212 4.32 6.81 29.96
C GLY D 212 4.09 7.97 28.99
N GLU D 213 3.61 9.06 29.51
CA GLU D 213 3.37 10.19 28.67
C GLU D 213 4.69 10.90 28.45
N PRO D 214 4.90 11.58 27.36
CA PRO D 214 6.05 12.39 27.22
C PRO D 214 5.83 13.49 28.23
N GLY D 215 6.88 13.95 28.88
CA GLY D 215 6.77 14.98 29.89
C GLY D 215 6.38 14.42 31.26
N ILE D 216 6.19 13.10 31.32
CA ILE D 216 5.82 12.45 32.54
C ILE D 216 7.00 12.42 33.54
N GLY D 217 8.22 12.39 33.02
CA GLY D 217 9.43 12.29 33.83
C GLY D 217 10.24 11.01 33.59
N LYS D 218 10.19 10.44 32.40
CA LYS D 218 10.93 9.20 32.17
C LYS D 218 12.44 9.44 32.24
N THR D 219 12.94 10.50 31.59
CA THR D 219 14.37 10.74 31.62
C THR D 219 14.69 11.10 33.04
N ALA D 220 13.80 11.90 33.64
CA ALA D 220 13.96 12.36 35.01
C ALA D 220 14.10 11.17 35.94
N ILE D 221 13.35 10.10 35.73
CA ILE D 221 13.51 8.89 36.52
C ILE D 221 14.86 8.28 36.28
N ILE D 222 15.30 8.20 35.04
CA ILE D 222 16.63 7.64 34.80
C ILE D 222 17.65 8.49 35.53
N GLU D 223 17.52 9.80 35.48
CA GLU D 223 18.41 10.63 36.25
C GLU D 223 18.18 10.41 37.74
N GLY D 224 16.98 10.06 38.13
CA GLY D 224 16.69 9.71 39.51
C GLY D 224 17.49 8.50 39.90
N VAL D 225 17.63 7.56 38.98
CA VAL D 225 18.44 6.38 39.23
C VAL D 225 19.86 6.87 39.38
N ALA D 226 20.29 7.77 38.49
CA ALA D 226 21.63 8.31 38.61
C ALA D 226 21.79 8.97 39.96
N GLN D 227 20.77 9.66 40.48
CA GLN D 227 20.94 10.30 41.77
C GLN D 227 21.13 9.24 42.82
N ARG D 228 20.37 8.17 42.70
CA ARG D 228 20.49 7.07 43.63
C ARG D 228 21.93 6.53 43.59
N ILE D 229 22.47 6.41 42.37
CA ILE D 229 23.83 5.95 42.18
C ILE D 229 24.83 6.91 42.78
N ILE D 230 24.64 8.20 42.56
CA ILE D 230 25.56 9.21 43.06
C ILE D 230 25.66 9.19 44.57
N ASP D 231 24.54 8.97 45.23
CA ASP D 231 24.52 8.91 46.68
C ASP D 231 24.81 7.50 47.20
N ASP D 232 25.18 6.60 46.28
CA ASP D 232 25.51 5.21 46.51
C ASP D 232 24.38 4.43 47.18
N ASP D 233 23.14 4.85 46.95
CA ASP D 233 21.96 4.22 47.55
C ASP D 233 21.44 3.10 46.66
N VAL D 234 22.34 2.18 46.35
CA VAL D 234 22.03 1.14 45.40
C VAL D 234 22.44 -0.27 45.90
N PRO D 235 21.59 -1.31 45.77
CA PRO D 235 21.87 -2.70 46.13
C PRO D 235 23.12 -3.23 45.46
N THR D 236 23.83 -4.14 46.12
CA THR D 236 25.11 -4.70 45.65
C THR D 236 25.16 -5.09 44.20
N ILE D 237 24.11 -5.68 43.68
CA ILE D 237 24.07 -6.09 42.28
C ILE D 237 24.34 -4.90 41.39
N LEU D 238 23.82 -3.75 41.79
CA LEU D 238 23.88 -2.50 41.09
C LEU D 238 24.74 -1.45 41.82
N GLN D 239 25.27 -1.79 42.98
CA GLN D 239 25.94 -0.81 43.83
C GLN D 239 27.04 -0.01 43.16
N GLY D 240 27.78 -0.65 42.25
CA GLY D 240 28.86 0.00 41.55
C GLY D 240 28.43 0.53 40.19
N ALA D 241 27.12 0.66 39.98
CA ALA D 241 26.61 1.03 38.67
C ALA D 241 26.94 2.41 38.18
N LYS D 242 26.95 2.49 36.85
CA LYS D 242 27.11 3.74 36.13
C LYS D 242 26.14 3.79 34.93
N LEU D 243 25.52 4.95 34.71
CA LEU D 243 24.59 5.17 33.59
C LEU D 243 25.15 5.92 32.38
N PHE D 244 24.88 5.34 31.20
CA PHE D 244 25.34 5.90 29.93
C PHE D 244 24.26 6.04 28.82
N SER D 245 24.03 7.26 28.28
CA SER D 245 22.97 7.48 27.27
C SER D 245 23.37 7.01 25.89
N LEU D 246 22.71 5.97 25.45
CA LEU D 246 22.91 5.20 24.23
C LEU D 246 21.89 5.48 23.12
N ASP D 247 22.36 5.47 21.86
CA ASP D 247 21.55 5.52 20.61
C ASP D 247 21.60 6.82 19.82
N LEU D 248 21.12 6.71 18.59
CA LEU D 248 20.96 7.71 17.55
C LEU D 248 22.27 8.23 16.98
N ALA D 249 23.17 8.64 17.83
CA ALA D 249 24.44 9.12 17.37
C ALA D 249 25.27 7.96 16.84
N ALA D 250 25.96 7.25 17.74
CA ALA D 250 26.77 6.11 17.34
C ALA D 250 25.96 5.05 16.62
N LEU D 251 24.68 4.88 16.99
CA LEU D 251 23.85 3.85 16.38
C LEU D 251 23.24 4.24 15.05
N THR D 252 23.33 5.49 14.66
CA THR D 252 22.75 5.83 13.37
C THR D 252 23.60 6.83 12.62
N ALA D 253 23.93 7.96 13.25
CA ALA D 253 24.73 8.96 12.55
C ALA D 253 26.06 8.32 12.19
N GLY D 254 26.58 7.50 13.09
CA GLY D 254 27.83 6.81 12.93
C GLY D 254 27.70 5.56 12.04
N ALA D 255 27.20 5.73 10.82
CA ALA D 255 26.99 4.59 9.92
C ALA D 255 27.06 4.97 8.45
N LYS D 256 27.87 4.22 7.70
CA LYS D 256 28.10 4.41 6.27
C LYS D 256 28.01 3.07 5.53
N TYR D 257 28.30 2.02 6.27
CA TYR D 257 28.37 0.67 5.73
C TYR D 257 27.23 -0.19 6.24
N LYS D 258 26.93 -1.26 5.52
CA LYS D 258 25.81 -2.13 5.89
C LYS D 258 25.94 -2.79 7.26
N GLY D 259 27.14 -3.10 7.69
CA GLY D 259 27.32 -3.73 8.98
C GLY D 259 27.49 -2.73 10.12
N ASP D 260 27.28 -1.44 9.85
CA ASP D 260 27.48 -0.44 10.89
C ASP D 260 26.42 -0.47 11.99
N PHE D 261 25.31 -1.21 11.79
CA PHE D 261 24.32 -1.37 12.87
C PHE D 261 24.88 -2.28 13.95
N GLU D 262 25.90 -3.06 13.60
CA GLU D 262 26.52 -3.99 14.53
C GLU D 262 27.95 -3.52 14.88
N GLU D 263 28.67 -2.96 13.92
CA GLU D 263 30.00 -2.47 14.26
C GLU D 263 29.76 -1.37 15.25
N ARG D 264 30.62 -1.24 16.25
CA ARG D 264 30.50 -0.24 17.32
C ARG D 264 29.42 -0.66 18.33
N PHE D 265 28.22 -0.93 17.85
CA PHE D 265 27.14 -1.38 18.71
C PHE D 265 27.44 -2.72 19.36
N LYS D 266 27.73 -3.75 18.59
CA LYS D 266 28.08 -5.03 19.20
C LYS D 266 29.32 -4.84 20.01
N GLY D 267 30.23 -4.02 19.48
CA GLY D 267 31.48 -3.75 20.14
C GLY D 267 31.21 -3.30 21.55
N VAL D 268 30.46 -2.22 21.70
CA VAL D 268 30.21 -1.73 23.01
C VAL D 268 29.43 -2.69 23.86
N LEU D 269 28.55 -3.50 23.25
CA LEU D 269 27.83 -4.43 24.08
C LEU D 269 28.81 -5.38 24.72
N LYS D 270 29.81 -5.82 23.96
CA LYS D 270 30.79 -6.73 24.53
C LYS D 270 31.77 -6.02 25.46
N GLU D 271 32.12 -4.78 25.14
CA GLU D 271 33.07 -4.03 25.96
C GLU D 271 32.56 -3.90 27.37
N ILE D 272 31.24 -3.75 27.51
CA ILE D 272 30.67 -3.54 28.82
C ILE D 272 30.22 -4.82 29.52
N GLU D 273 30.41 -6.01 28.94
CA GLU D 273 29.89 -7.16 29.69
C GLU D 273 30.58 -7.40 31.02
N GLU D 274 31.88 -7.24 31.09
CA GLU D 274 32.57 -7.59 32.33
C GLU D 274 33.64 -6.66 32.85
N SER D 275 33.93 -6.89 34.13
CA SER D 275 34.98 -6.25 34.93
C SER D 275 34.79 -4.76 35.23
N LYS D 276 34.54 -3.96 34.20
CA LYS D 276 34.45 -2.51 34.36
C LYS D 276 33.17 -2.06 35.02
N THR D 277 33.09 -2.30 36.31
CA THR D 277 31.96 -2.02 37.19
C THR D 277 30.59 -2.34 36.59
N LEU D 278 29.53 -1.90 37.24
CA LEU D 278 28.20 -2.26 36.78
C LEU D 278 27.69 -1.29 35.71
N ILE D 279 28.25 -1.40 34.55
CA ILE D 279 27.82 -0.50 33.51
C ILE D 279 26.41 -0.76 33.03
N VAL D 280 25.59 0.27 33.06
CA VAL D 280 24.24 0.19 32.59
C VAL D 280 24.04 1.27 31.53
N LEU D 281 23.67 0.86 30.37
CA LEU D 281 23.45 1.84 29.32
C LEU D 281 21.99 2.21 29.35
N PHE D 282 21.63 3.30 28.75
CA PHE D 282 20.22 3.55 28.72
C PHE D 282 19.80 4.20 27.46
N ILE D 283 18.55 4.02 27.13
CA ILE D 283 18.06 4.59 25.91
C ILE D 283 16.91 5.50 26.19
N ASP D 284 17.07 6.75 25.81
CA ASP D 284 16.10 7.79 26.08
C ASP D 284 14.99 7.81 25.03
N GLU D 285 15.34 7.36 23.84
CA GLU D 285 14.45 7.42 22.69
C GLU D 285 14.38 6.02 22.10
N ILE D 286 13.97 5.06 22.92
CA ILE D 286 14.05 3.65 22.54
C ILE D 286 13.13 3.27 21.39
N HIS D 287 12.26 4.18 21.00
CA HIS D 287 11.37 3.95 19.88
C HIS D 287 12.12 3.41 18.66
N MET D 288 13.34 3.90 18.38
CA MET D 288 14.06 3.41 17.21
C MET D 288 14.26 1.90 17.29
N LEU D 289 14.48 1.40 18.49
CA LEU D 289 14.84 0.01 18.69
C LEU D 289 13.66 -0.91 18.58
N MET D 290 13.29 -1.11 17.34
CA MET D 290 12.22 -1.96 16.89
C MET D 290 12.66 -2.29 15.48
N GLY D 291 13.32 -1.29 14.89
CA GLY D 291 13.86 -1.36 13.54
C GLY D 291 12.80 -1.00 12.50
N ASN D 292 13.19 -0.30 11.46
CA ASN D 292 12.21 0.02 10.45
C ASN D 292 12.02 -1.22 9.58
N GLY D 293 11.07 -2.06 9.99
CA GLY D 293 10.86 -3.37 9.36
C GLY D 293 11.77 -4.40 10.06
N LYS D 294 12.19 -4.05 11.25
CA LYS D 294 13.07 -4.85 12.06
C LYS D 294 14.44 -4.98 11.41
N ASP D 295 14.60 -5.99 10.56
CA ASP D 295 15.85 -6.26 9.85
C ASP D 295 17.11 -6.11 10.70
N ASP D 296 17.01 -6.45 11.99
CA ASP D 296 18.08 -6.24 12.96
C ASP D 296 18.79 -4.90 12.86
N ALA D 297 18.04 -3.82 12.78
CA ALA D 297 18.68 -2.50 12.80
C ALA D 297 19.08 -2.18 14.25
N ALA D 298 20.13 -2.86 14.75
CA ALA D 298 20.65 -2.83 16.14
C ALA D 298 19.72 -3.59 17.13
N ASN D 299 18.42 -3.40 16.92
CA ASN D 299 17.30 -3.94 17.68
C ASN D 299 17.26 -5.41 17.99
N ILE D 300 17.76 -6.29 17.13
CA ILE D 300 17.67 -7.70 17.43
C ILE D 300 18.93 -8.18 18.07
N LEU D 301 20.07 -7.70 17.60
CA LEU D 301 21.29 -8.12 18.24
C LEU D 301 21.20 -7.90 19.73
N LYS D 302 20.75 -6.74 20.16
CA LYS D 302 20.66 -6.56 21.59
C LYS D 302 19.93 -7.71 22.33
N PRO D 303 18.61 -7.95 22.16
CA PRO D 303 17.88 -8.99 22.85
C PRO D 303 18.43 -10.37 22.56
N ALA D 304 19.08 -10.53 21.41
CA ALA D 304 19.69 -11.81 21.05
C ALA D 304 20.74 -12.22 22.08
N LEU D 305 21.35 -11.23 22.74
CA LEU D 305 22.42 -11.45 23.70
C LEU D 305 21.90 -11.40 25.16
N SER D 306 20.60 -11.27 25.34
CA SER D 306 19.95 -11.07 26.64
C SER D 306 20.09 -12.15 27.70
N ARG D 307 20.72 -13.27 27.40
CA ARG D 307 20.89 -14.29 28.43
C ARG D 307 21.80 -13.82 29.56
N GLY D 308 22.54 -12.72 29.38
CA GLY D 308 23.35 -12.24 30.49
C GLY D 308 23.94 -10.85 30.32
N GLN D 309 24.37 -10.28 31.44
CA GLN D 309 24.95 -8.95 31.54
C GLN D 309 24.14 -7.95 30.71
N LEU D 310 24.82 -7.08 29.93
CA LEU D 310 24.18 -6.20 28.97
C LEU D 310 22.95 -5.45 29.52
N LYS D 311 23.10 -5.00 30.75
CA LYS D 311 22.07 -4.30 31.44
C LYS D 311 21.84 -2.92 30.87
N VAL D 312 20.62 -2.71 30.39
CA VAL D 312 20.16 -1.48 29.74
C VAL D 312 18.77 -1.06 30.19
N ILE D 313 18.59 0.23 30.47
CA ILE D 313 17.24 0.72 30.75
C ILE D 313 16.75 1.59 29.63
N GLY D 314 15.55 1.35 29.16
CA GLY D 314 15.01 2.14 28.09
C GLY D 314 13.99 3.14 28.58
N ALA D 315 13.43 3.87 27.64
CA ALA D 315 12.39 4.84 27.89
C ALA D 315 11.65 5.13 26.58
N THR D 316 10.33 5.07 26.67
CA THR D 316 9.42 5.27 25.55
C THR D 316 8.09 5.83 26.00
N THR D 317 7.37 6.53 25.13
CA THR D 317 6.05 6.90 25.58
C THR D 317 5.18 5.69 25.43
N ASN D 318 4.05 5.69 26.11
CA ASN D 318 3.05 4.66 26.00
C ASN D 318 2.62 4.32 24.57
N ASN D 319 2.49 5.32 23.72
CA ASN D 319 2.11 5.01 22.35
C ASN D 319 3.31 4.56 21.57
N GLU D 320 4.48 5.10 21.89
CA GLU D 320 5.65 4.60 21.21
C GLU D 320 5.88 3.16 21.64
N TYR D 321 5.56 2.84 22.90
CA TYR D 321 5.68 1.50 23.44
C TYR D 321 4.80 0.62 22.61
N ARG D 322 3.56 1.03 22.47
CA ARG D 322 2.61 0.29 21.68
C ARG D 322 3.18 0.04 20.29
N SER D 323 3.74 1.08 19.68
CA SER D 323 4.32 0.93 18.36
C SER D 323 5.53 0.00 18.31
N ILE D 324 6.44 0.09 19.28
CA ILE D 324 7.60 -0.80 19.23
C ILE D 324 7.20 -2.22 19.52
N VAL D 325 6.13 -2.40 20.29
CA VAL D 325 5.61 -3.73 20.54
C VAL D 325 5.05 -4.31 19.25
N GLU D 326 4.19 -3.54 18.60
CA GLU D 326 3.55 -3.97 17.36
C GLU D 326 4.56 -4.22 16.26
N LYS D 327 5.58 -3.40 16.21
CA LYS D 327 6.61 -3.48 15.20
C LYS D 327 7.76 -4.43 15.54
N ASP D 328 7.68 -5.17 16.64
CA ASP D 328 8.77 -6.06 17.00
C ASP D 328 8.37 -7.42 17.58
N GLY D 329 7.68 -7.44 18.73
CA GLY D 329 7.31 -8.69 19.38
C GLY D 329 8.44 -9.42 20.16
N ALA D 330 9.65 -8.84 20.26
CA ALA D 330 10.77 -9.53 20.90
C ALA D 330 11.41 -8.78 22.06
N PHE D 331 11.72 -7.50 21.90
CA PHE D 331 12.43 -6.77 22.95
C PHE D 331 11.60 -6.80 24.22
N GLU D 332 10.30 -6.89 24.04
CA GLU D 332 9.30 -6.93 25.08
C GLU D 332 9.44 -8.14 25.99
N ARG D 333 10.13 -9.17 25.53
CA ARG D 333 10.35 -10.34 26.34
C ARG D 333 11.52 -10.12 27.28
N ARG D 334 12.29 -9.08 27.00
CA ARG D 334 13.46 -8.78 27.79
C ARG D 334 13.17 -7.59 28.68
N PHE D 335 12.45 -6.62 28.12
CA PHE D 335 12.16 -5.39 28.83
C PHE D 335 10.93 -5.40 29.71
N GLN D 336 11.11 -4.93 30.93
CA GLN D 336 9.98 -4.80 31.84
C GLN D 336 9.25 -3.51 31.65
N LYS D 337 7.96 -3.62 31.42
CA LYS D 337 7.17 -2.43 31.27
C LYS D 337 7.05 -1.75 32.64
N ILE D 338 7.53 -0.51 32.76
CA ILE D 338 7.40 0.21 34.02
C ILE D 338 6.53 1.43 33.79
N GLU D 339 5.35 1.42 34.39
CA GLU D 339 4.41 2.51 34.16
C GLU D 339 4.75 3.74 34.98
N VAL D 340 4.74 4.90 34.34
CA VAL D 340 4.97 6.15 35.07
C VAL D 340 3.71 7.04 35.01
N ALA D 341 3.13 7.34 36.19
CA ALA D 341 1.91 8.17 36.27
C ALA D 341 2.26 9.62 36.55
N GLU D 342 1.43 10.59 36.13
CA GLU D 342 1.77 11.95 36.50
C GLU D 342 1.48 12.13 37.99
N PRO D 343 2.16 13.05 38.67
CA PRO D 343 1.94 13.42 40.05
C PRO D 343 0.67 14.23 40.19
N SER D 344 0.11 14.25 41.38
CA SER D 344 -1.00 15.11 41.67
C SER D 344 -0.51 16.53 41.66
N VAL D 345 -1.42 17.48 41.70
CA VAL D 345 -1.01 18.86 41.72
C VAL D 345 -0.13 19.12 42.92
N ARG D 346 -0.51 18.61 44.09
CA ARG D 346 0.29 18.84 45.28
C ARG D 346 1.67 18.22 45.12
N GLN D 347 1.73 17.04 44.53
CA GLN D 347 3.02 16.41 44.30
C GLN D 347 3.83 17.18 43.28
N THR D 348 3.14 17.74 42.31
CA THR D 348 3.79 18.52 41.30
C THR D 348 4.41 19.70 42.00
N VAL D 349 3.67 20.31 42.90
CA VAL D 349 4.23 21.43 43.61
C VAL D 349 5.46 20.99 44.36
N ALA D 350 5.42 19.83 44.98
CA ALA D 350 6.62 19.41 45.66
C ALA D 350 7.80 19.39 44.71
N ILE D 351 7.62 18.91 43.47
CA ILE D 351 8.82 18.92 42.64
C ILE D 351 9.13 20.35 42.29
N LEU D 352 8.12 21.20 42.20
CA LEU D 352 8.39 22.55 41.82
C LEU D 352 9.26 23.20 42.87
N ARG D 353 9.00 22.87 44.13
CA ARG D 353 9.75 23.42 45.23
C ARG D 353 11.18 22.96 45.17
N GLY D 354 11.39 21.69 44.83
CA GLY D 354 12.74 21.16 44.72
C GLY D 354 13.50 21.87 43.60
N LEU D 355 12.76 22.23 42.57
CA LEU D 355 13.29 22.87 41.39
C LEU D 355 13.32 24.39 41.48
N GLN D 356 12.51 24.95 42.36
CA GLN D 356 12.44 26.40 42.51
C GLN D 356 13.78 27.09 42.57
N PRO D 357 14.75 26.73 43.43
CA PRO D 357 16.00 27.43 43.53
C PRO D 357 16.80 27.27 42.28
N LYS D 358 16.52 26.25 41.49
CA LYS D 358 17.31 26.09 40.30
C LYS D 358 16.88 27.21 39.40
N TYR D 359 15.58 27.47 39.40
CA TYR D 359 15.07 28.50 38.54
C TYR D 359 15.42 29.87 39.05
N GLU D 360 15.47 30.05 40.36
CA GLU D 360 15.83 31.38 40.82
C GLU D 360 17.23 31.69 40.34
N ILE D 361 18.10 30.68 40.43
CA ILE D 361 19.49 30.80 40.00
C ILE D 361 19.61 30.98 38.50
N HIS D 362 18.85 30.18 37.75
CA HIS D 362 18.90 30.21 36.31
C HIS D 362 18.57 31.57 35.76
N HIS D 363 17.62 32.23 36.41
CA HIS D 363 17.15 33.51 35.93
C HIS D 363 17.56 34.73 36.80
N GLY D 364 18.04 34.49 38.01
CA GLY D 364 18.43 35.59 38.92
C GLY D 364 17.22 36.29 39.53
N VAL D 365 16.13 35.57 39.68
CA VAL D 365 14.88 36.17 40.17
C VAL D 365 14.32 35.42 41.35
N ARG D 366 13.64 36.09 42.26
CA ARG D 366 13.02 35.31 43.33
C ARG D 366 11.70 34.75 42.88
N ILE D 367 11.36 33.59 43.40
CA ILE D 367 10.09 32.93 43.13
C ILE D 367 9.31 32.68 44.41
N LEU D 368 8.04 33.01 44.40
CA LEU D 368 7.21 32.82 45.58
C LEU D 368 6.75 31.37 45.71
N ASP D 369 6.58 30.84 46.92
CA ASP D 369 6.04 29.48 46.99
C ASP D 369 4.66 29.45 46.36
N SER D 370 3.92 30.53 46.51
CA SER D 370 2.59 30.64 45.92
C SER D 370 2.66 30.62 44.39
N ALA D 371 3.84 30.93 43.83
CA ALA D 371 4.03 30.90 42.39
C ALA D 371 3.96 29.49 41.94
N LEU D 372 4.53 28.64 42.76
CA LEU D 372 4.65 27.28 42.39
C LEU D 372 3.30 26.64 42.57
N VAL D 373 2.65 26.99 43.66
CA VAL D 373 1.37 26.40 43.94
C VAL D 373 0.38 26.75 42.87
N THR D 374 0.32 28.03 42.53
CA THR D 374 -0.62 28.40 41.55
C THR D 374 -0.23 27.90 40.18
N ALA D 375 1.06 27.78 39.88
CA ALA D 375 1.44 27.30 38.58
C ALA D 375 0.89 25.93 38.36
N ALA D 376 1.03 25.09 39.37
CA ALA D 376 0.55 23.75 39.19
C ALA D 376 -0.96 23.71 38.99
N GLN D 377 -1.73 24.43 39.80
CA GLN D 377 -3.17 24.32 39.58
C GLN D 377 -3.58 24.99 38.27
N LEU D 378 -2.82 26.00 37.85
CA LEU D 378 -3.10 26.70 36.62
C LEU D 378 -2.99 25.73 35.51
N ALA D 379 -1.88 25.02 35.51
CA ALA D 379 -1.63 24.08 34.47
C ALA D 379 -2.73 23.06 34.40
N LYS D 380 -3.17 22.55 35.54
CA LYS D 380 -4.21 21.54 35.47
C LYS D 380 -5.42 22.12 34.76
N ARG D 381 -5.74 23.36 35.08
CA ARG D 381 -6.88 24.03 34.51
C ARG D 381 -6.74 24.42 33.04
N TYR D 382 -5.58 24.91 32.64
CA TYR D 382 -5.46 25.45 31.29
C TYR D 382 -4.49 24.77 30.34
N LEU D 383 -3.82 23.71 30.73
CA LEU D 383 -2.90 23.06 29.81
C LEU D 383 -3.17 21.56 29.63
N PRO D 384 -4.33 21.17 29.06
CA PRO D 384 -4.81 19.80 28.96
C PRO D 384 -3.95 18.92 28.08
N TYR D 385 -3.13 19.54 27.25
CA TYR D 385 -2.30 18.77 26.35
C TYR D 385 -0.90 18.61 26.84
N ARG D 386 -0.68 18.95 28.09
CA ARG D 386 0.64 18.82 28.65
C ARG D 386 0.52 18.15 30.01
N ARG D 387 1.55 17.42 30.43
CA ARG D 387 1.46 16.74 31.71
C ARG D 387 1.88 17.69 32.81
N LEU D 388 1.41 17.44 34.03
CA LEU D 388 1.72 18.36 35.10
C LEU D 388 3.19 18.68 35.34
N PRO D 389 4.13 17.73 35.43
CA PRO D 389 5.52 18.03 35.69
C PRO D 389 5.97 19.15 34.80
N ASP D 390 5.90 18.92 33.50
CA ASP D 390 6.38 19.95 32.61
C ASP D 390 5.50 21.16 32.57
N SER D 391 4.20 20.98 32.63
CA SER D 391 3.35 22.13 32.46
C SER D 391 3.58 23.13 33.55
N ALA D 392 3.65 22.63 34.77
CA ALA D 392 3.84 23.50 35.88
C ALA D 392 5.21 24.16 35.78
N LEU D 393 6.21 23.37 35.38
CA LEU D 393 7.55 23.91 35.23
C LEU D 393 7.61 24.93 34.16
N ASP D 394 6.83 24.75 33.12
CA ASP D 394 6.84 25.73 32.08
C ASP D 394 6.27 26.99 32.64
N LEU D 395 5.23 26.90 33.41
CA LEU D 395 4.71 28.14 33.92
C LEU D 395 5.78 28.83 34.77
N VAL D 396 6.54 28.07 35.54
CA VAL D 396 7.58 28.66 36.36
C VAL D 396 8.74 29.20 35.52
N ASP D 397 9.35 28.36 34.70
CA ASP D 397 10.50 28.73 33.87
C ASP D 397 10.14 29.79 32.85
N ILE D 398 8.91 29.78 32.36
CA ILE D 398 8.50 30.81 31.44
C ILE D 398 8.39 32.12 32.16
N SER D 399 7.72 32.10 33.32
CA SER D 399 7.54 33.33 34.08
C SER D 399 8.87 33.91 34.45
N CYS D 400 9.78 33.03 34.85
CA CYS D 400 11.08 33.46 35.25
C CYS D 400 11.81 34.04 34.08
N ALA D 401 11.73 33.38 32.91
CA ALA D 401 12.36 33.89 31.71
C ALA D 401 11.75 35.23 31.35
N GLY D 402 10.45 35.36 31.54
CA GLY D 402 9.74 36.57 31.25
C GLY D 402 10.39 37.68 32.03
N VAL D 403 10.53 37.45 33.32
CA VAL D 403 11.16 38.40 34.18
C VAL D 403 12.62 38.59 33.81
N ALA D 404 13.33 37.51 33.48
CA ALA D 404 14.75 37.62 33.12
C ALA D 404 14.95 38.58 31.97
N VAL D 405 14.04 38.56 31.00
CA VAL D 405 14.12 39.50 29.91
C VAL D 405 13.77 40.89 30.43
N ALA D 406 12.68 40.97 31.17
CA ALA D 406 12.18 42.21 31.73
C ALA D 406 13.10 42.74 32.84
N ARG D 407 14.02 41.89 33.30
CA ARG D 407 14.98 42.14 34.37
C ARG D 407 15.78 43.38 34.13
N ASP D 408 15.85 43.85 32.87
CA ASP D 408 16.58 45.10 32.61
C ASP D 408 16.03 46.18 33.58
N SER D 409 14.75 46.06 33.97
CA SER D 409 14.15 46.97 34.94
C SER D 409 14.76 46.69 36.32
N GLN D 538 13.91 42.66 38.26
CA GLN D 538 12.83 42.36 39.21
C GLN D 538 12.69 40.86 39.53
N ASN D 539 11.75 40.56 40.42
CA ASN D 539 11.43 39.19 40.86
C ASN D 539 10.18 38.64 40.19
N VAL D 540 9.98 37.33 40.30
CA VAL D 540 8.76 36.70 39.82
C VAL D 540 7.72 36.79 40.90
N VAL D 541 6.53 37.28 40.56
CA VAL D 541 5.48 37.34 41.56
C VAL D 541 4.35 36.45 41.17
N ASP D 542 4.14 35.43 41.98
CA ASP D 542 3.20 34.36 41.80
C ASP D 542 2.20 34.43 40.64
N SER D 543 0.93 34.51 40.99
CA SER D 543 -0.18 34.55 40.08
C SER D 543 -0.14 35.78 39.24
N ASP D 544 0.52 36.81 39.75
CA ASP D 544 0.60 38.04 38.98
C ASP D 544 1.33 37.79 37.67
N THR D 545 2.58 37.36 37.80
CA THR D 545 3.44 37.10 36.69
C THR D 545 2.90 35.92 35.90
N ILE D 546 2.50 34.88 36.61
CA ILE D 546 2.03 33.68 35.97
C ILE D 546 0.75 33.84 35.18
N SER D 547 -0.25 34.52 35.74
CA SER D 547 -1.49 34.66 35.01
C SER D 547 -1.24 35.43 33.74
N GLU D 548 -0.43 36.48 33.82
CA GLU D 548 -0.14 37.26 32.63
C GLU D 548 0.67 36.43 31.65
N THR D 549 1.70 35.76 32.14
CA THR D 549 2.56 34.98 31.30
C THR D 549 1.78 33.91 30.57
N ALA D 550 0.97 33.19 31.31
CA ALA D 550 0.21 32.15 30.70
C ALA D 550 -0.73 32.73 29.69
N ALA D 551 -1.45 33.79 30.03
CA ALA D 551 -2.40 34.31 29.07
C ALA D 551 -1.70 34.73 27.78
N ARG D 552 -0.49 35.27 27.90
CA ARG D 552 0.24 35.70 26.72
C ARG D 552 0.57 34.56 25.78
N LEU D 553 0.78 33.36 26.33
CA LEU D 553 1.18 32.23 25.52
C LEU D 553 0.08 31.22 25.24
N THR D 554 -0.80 31.02 26.21
CA THR D 554 -1.82 30.01 26.17
C THR D 554 -3.15 30.61 25.78
N GLY D 555 -3.24 31.92 25.83
CA GLY D 555 -4.49 32.59 25.64
C GLY D 555 -5.11 32.54 27.00
N ILE D 556 -6.30 33.12 27.13
CA ILE D 556 -7.07 33.24 28.36
C ILE D 556 -6.67 34.47 29.19
N PRO D 557 -6.97 35.68 28.68
CA PRO D 557 -6.71 36.99 29.28
C PRO D 557 -7.60 37.16 30.49
N VAL D 558 -8.50 36.23 30.62
CA VAL D 558 -9.49 36.14 31.65
C VAL D 558 -8.81 36.20 32.99
N LYS D 559 -7.63 35.59 33.09
CA LYS D 559 -6.93 35.55 34.36
C LYS D 559 -6.03 36.76 34.65
N LYS D 560 -5.88 37.69 33.72
CA LYS D 560 -4.95 38.81 33.92
C LYS D 560 -5.39 39.83 34.97
N LEU D 561 -6.71 40.04 35.08
CA LEU D 561 -7.34 41.09 35.89
C LEU D 561 -7.03 42.42 35.20
N SER D 562 -7.98 43.36 35.22
CA SER D 562 -7.78 44.61 34.48
C SER D 562 -7.06 45.68 35.25
N GLU D 563 -6.44 46.59 34.50
CA GLU D 563 -5.82 47.78 35.07
C GLU D 563 -6.89 48.66 35.74
N SER D 564 -8.11 48.47 35.31
CA SER D 564 -9.31 49.14 35.80
C SER D 564 -10.46 48.29 35.30
N GLU D 565 -11.33 47.82 36.19
CA GLU D 565 -12.38 46.94 35.71
C GLU D 565 -13.40 47.69 34.85
N ASN D 566 -13.62 48.97 35.08
CA ASN D 566 -14.52 49.81 34.27
C ASN D 566 -15.36 49.13 33.15
N GLU D 567 -15.04 49.40 31.88
CA GLU D 567 -15.71 48.77 30.76
C GLU D 567 -15.55 47.27 30.85
N LYS D 568 -14.50 46.82 31.54
CA LYS D 568 -14.22 45.39 31.70
C LYS D 568 -15.14 44.81 32.78
N LEU D 569 -16.40 44.69 32.43
CA LEU D 569 -17.49 44.14 33.24
C LEU D 569 -18.07 44.93 34.39
N ILE D 570 -17.79 46.21 34.50
CA ILE D 570 -18.48 47.00 35.52
C ILE D 570 -19.57 47.73 34.79
N HIS D 571 -19.16 48.42 33.75
CA HIS D 571 -20.04 49.22 32.93
C HIS D 571 -20.44 48.42 31.69
N MET D 572 -20.03 47.18 31.64
CA MET D 572 -20.34 46.35 30.48
C MET D 572 -21.82 46.24 30.20
N GLU D 573 -22.68 46.27 31.21
CA GLU D 573 -24.10 46.14 30.92
C GLU D 573 -24.54 47.33 30.07
N ARG D 574 -23.95 48.49 30.34
CA ARG D 574 -24.22 49.72 29.62
C ARG D 574 -23.78 49.53 28.19
N ASP D 575 -22.54 49.10 28.05
CA ASP D 575 -21.91 48.97 26.75
C ASP D 575 -22.68 47.98 25.90
N LEU D 576 -23.10 46.87 26.50
CA LEU D 576 -23.90 45.92 25.79
C LEU D 576 -25.24 46.54 25.42
N SER D 577 -25.86 47.30 26.34
CA SER D 577 -27.16 47.92 26.05
C SER D 577 -27.01 49.03 25.03
N SER D 578 -25.80 49.53 24.86
CA SER D 578 -25.56 50.55 23.87
C SER D 578 -25.51 49.91 22.51
N GLU D 579 -24.91 48.73 22.42
CA GLU D 579 -24.83 48.04 21.13
C GLU D 579 -26.17 47.43 20.74
N VAL D 580 -26.87 46.85 21.71
CA VAL D 580 -28.17 46.27 21.44
C VAL D 580 -29.17 46.82 22.42
N VAL D 581 -30.42 46.93 22.01
CA VAL D 581 -31.43 47.55 22.85
C VAL D 581 -32.39 46.60 23.55
N GLY D 582 -32.58 46.87 24.85
CA GLY D 582 -33.48 46.10 25.70
C GLY D 582 -32.86 44.75 25.88
N GLN D 583 -33.67 43.77 26.25
CA GLN D 583 -33.16 42.42 26.42
C GLN D 583 -32.06 42.47 27.45
N MET D 584 -32.36 43.20 28.53
CA MET D 584 -31.37 43.39 29.56
C MET D 584 -30.99 42.09 30.21
N ASP D 585 -31.87 41.14 30.26
CA ASP D 585 -31.48 39.90 30.89
C ASP D 585 -30.47 39.15 30.03
N ALA D 586 -30.52 39.34 28.72
CA ALA D 586 -29.55 38.68 27.88
C ALA D 586 -28.22 39.32 28.16
N ILE D 587 -28.25 40.63 28.31
CA ILE D 587 -27.09 41.44 28.60
C ILE D 587 -26.47 41.05 29.93
N LYS D 588 -27.32 40.89 30.93
CA LYS D 588 -26.84 40.50 32.24
C LYS D 588 -26.21 39.14 32.17
N ALA D 589 -26.83 38.21 31.42
CA ALA D 589 -26.30 36.85 31.31
C ALA D 589 -24.91 36.89 30.71
N VAL D 590 -24.72 37.73 29.70
CA VAL D 590 -23.41 37.83 29.09
C VAL D 590 -22.40 38.34 30.07
N SER D 591 -22.76 39.42 30.75
CA SER D 591 -21.81 39.99 31.64
C SER D 591 -21.49 38.99 32.74
N ASN D 592 -22.50 38.33 33.27
CA ASN D 592 -22.32 37.42 34.36
C ASN D 592 -21.48 36.25 33.97
N ALA D 593 -21.65 35.79 32.74
CA ALA D 593 -20.88 34.68 32.25
C ALA D 593 -19.43 35.01 32.31
N VAL D 594 -19.12 36.21 31.86
CA VAL D 594 -17.75 36.57 31.79
C VAL D 594 -17.24 36.87 33.19
N ARG D 595 -18.04 37.56 34.00
CA ARG D 595 -17.63 37.93 35.34
C ARG D 595 -17.26 36.72 36.17
N LEU D 596 -18.09 35.67 36.09
CA LEU D 596 -17.77 34.46 36.82
C LEU D 596 -16.53 33.82 36.28
N SER D 597 -16.33 33.91 34.98
CA SER D 597 -15.15 33.31 34.41
C SER D 597 -13.91 34.06 34.92
N ARG D 598 -13.96 35.38 34.85
CA ARG D 598 -12.87 36.28 35.23
C ARG D 598 -12.52 36.18 36.69
N SER D 599 -13.52 35.89 37.49
CA SER D 599 -13.34 35.81 38.91
C SER D 599 -12.88 34.43 39.36
N GLY D 600 -12.87 33.46 38.44
CA GLY D 600 -12.49 32.11 38.81
C GLY D 600 -13.60 31.44 39.61
N LEU D 601 -14.82 31.93 39.45
CA LEU D 601 -15.93 31.43 40.22
C LEU D 601 -16.81 30.46 39.45
N ALA D 602 -16.90 30.63 38.14
CA ALA D 602 -17.77 29.75 37.39
C ALA D 602 -17.34 28.32 37.60
N ASN D 603 -18.29 27.40 37.71
CA ASN D 603 -17.87 26.02 37.84
C ASN D 603 -16.94 25.68 36.70
N PRO D 604 -15.65 25.36 36.95
CA PRO D 604 -14.63 25.17 35.94
C PRO D 604 -14.94 24.09 34.93
N ARG D 605 -15.83 23.18 35.26
CA ARG D 605 -16.15 22.07 34.36
C ARG D 605 -17.15 22.46 33.29
N GLN D 606 -17.71 23.66 33.41
CA GLN D 606 -18.75 24.05 32.49
C GLN D 606 -18.52 25.40 31.79
N PRO D 607 -18.68 25.49 30.46
CA PRO D 607 -18.63 26.74 29.72
C PRO D 607 -19.88 27.50 30.01
N ALA D 608 -19.82 28.81 29.97
CA ALA D 608 -21.07 29.53 30.14
C ALA D 608 -21.98 29.12 29.02
N SER D 609 -23.24 28.82 29.32
CA SER D 609 -24.10 28.38 28.25
C SER D 609 -25.52 28.83 28.32
N PHE D 610 -25.95 29.49 27.27
CA PHE D 610 -27.29 29.99 27.29
C PHE D 610 -28.03 29.74 26.00
N LEU D 611 -29.33 29.54 26.12
CA LEU D 611 -30.16 29.38 24.95
C LEU D 611 -31.03 30.60 24.86
N PHE D 612 -31.05 31.21 23.70
CA PHE D 612 -31.74 32.44 23.48
C PHE D 612 -33.00 32.26 22.65
N LEU D 613 -34.12 32.54 23.31
CA LEU D 613 -35.43 32.42 22.72
C LEU D 613 -36.01 33.75 22.34
N GLY D 614 -36.67 33.77 21.21
CA GLY D 614 -37.35 34.97 20.79
C GLY D 614 -37.48 35.03 19.29
N LEU D 615 -38.18 36.05 18.85
CA LEU D 615 -38.46 36.28 17.45
C LEU D 615 -37.21 36.64 16.65
N SER D 616 -36.99 35.92 15.56
CA SER D 616 -35.87 36.26 14.70
C SER D 616 -35.99 37.71 14.29
N GLY D 617 -34.89 38.44 14.33
CA GLY D 617 -34.90 39.83 13.96
C GLY D 617 -34.87 40.70 15.20
N SER D 618 -34.90 40.05 16.38
CA SER D 618 -34.82 40.68 17.69
C SER D 618 -33.38 40.92 18.18
N GLY D 619 -32.37 40.41 17.43
CA GLY D 619 -30.97 40.58 17.79
C GLY D 619 -30.32 39.36 18.45
N LYS D 620 -30.79 38.16 18.18
CA LYS D 620 -30.17 37.01 18.85
C LYS D 620 -28.74 36.76 18.34
N THR D 621 -28.54 36.77 17.02
CA THR D 621 -27.21 36.61 16.46
C THR D 621 -26.40 37.80 16.79
N GLU D 622 -27.03 38.97 16.62
CA GLU D 622 -26.32 40.19 16.89
C GLU D 622 -25.76 40.14 18.27
N LEU D 623 -26.55 39.70 19.24
CA LEU D 623 -26.04 39.60 20.58
C LEU D 623 -24.77 38.78 20.60
N ALA D 624 -24.82 37.58 20.02
CA ALA D 624 -23.67 36.70 20.06
C ALA D 624 -22.45 37.36 19.45
N LYS D 625 -22.67 38.08 18.38
CA LYS D 625 -21.57 38.70 17.70
C LYS D 625 -21.03 39.83 18.55
N LYS D 626 -21.92 40.56 19.20
CA LYS D 626 -21.50 41.66 20.03
C LYS D 626 -20.80 41.12 21.26
N VAL D 627 -21.14 39.91 21.70
CA VAL D 627 -20.43 39.34 22.83
C VAL D 627 -19.00 39.14 22.42
N ALA D 628 -18.77 38.55 21.24
CA ALA D 628 -17.41 38.34 20.74
C ALA D 628 -16.72 39.69 20.61
N GLY D 629 -17.51 40.68 20.22
CA GLY D 629 -17.02 42.01 20.11
C GLY D 629 -16.38 42.36 21.44
N PHE D 630 -17.15 42.36 22.51
CA PHE D 630 -16.61 42.76 23.80
C PHE D 630 -15.62 41.77 24.41
N LEU D 631 -15.77 40.50 24.08
CA LEU D 631 -14.93 39.44 24.62
C LEU D 631 -13.49 39.56 24.13
N PHE D 632 -13.34 39.77 22.83
CA PHE D 632 -12.04 39.88 22.20
C PHE D 632 -11.72 41.26 21.70
N ASN D 633 -12.66 42.18 21.80
CA ASN D 633 -12.54 43.48 21.15
C ASN D 633 -12.42 43.18 19.67
N ASP D 634 -13.18 42.15 19.23
CA ASP D 634 -13.18 41.69 17.85
C ASP D 634 -14.35 40.77 17.56
N GLU D 635 -15.36 41.32 16.92
CA GLU D 635 -16.61 40.64 16.63
C GLU D 635 -16.51 39.48 15.64
N ASP D 636 -15.36 39.33 14.98
CA ASP D 636 -15.18 38.26 14.02
C ASP D 636 -14.50 37.05 14.62
N MET D 637 -14.19 37.12 15.91
CA MET D 637 -13.57 36.00 16.61
C MET D 637 -14.58 34.96 17.06
N MET D 638 -15.83 35.25 16.78
CA MET D 638 -16.93 34.38 17.14
C MET D 638 -16.87 33.14 16.28
N ILE D 639 -17.31 32.05 16.85
CA ILE D 639 -17.41 30.81 16.13
C ILE D 639 -18.90 30.58 15.93
N ARG D 640 -19.30 30.28 14.73
CA ARG D 640 -20.71 30.10 14.45
C ARG D 640 -20.96 28.92 13.56
N VAL D 641 -21.80 28.03 14.02
CA VAL D 641 -22.05 26.79 13.31
C VAL D 641 -23.50 26.64 12.94
N ASP D 642 -23.74 26.20 11.71
CA ASP D 642 -25.12 26.02 11.37
C ASP D 642 -25.59 24.69 11.86
N CYS D 643 -26.10 24.71 13.06
CA CYS D 643 -26.54 23.51 13.71
C CYS D 643 -27.78 22.90 13.08
N SER D 644 -28.46 23.62 12.19
CA SER D 644 -29.64 23.04 11.59
C SER D 644 -29.29 22.14 10.39
N GLU D 645 -28.03 22.15 9.93
CA GLU D 645 -27.68 21.35 8.75
C GLU D 645 -27.49 19.91 9.10
N LEU D 646 -28.55 19.25 9.50
CA LEU D 646 -28.39 17.92 10.03
C LEU D 646 -29.29 16.79 9.65
N SER D 647 -28.61 15.67 9.60
CA SER D 647 -29.09 14.33 9.43
C SER D 647 -28.11 13.57 10.26
N GLU D 648 -28.24 12.26 10.32
CA GLU D 648 -27.31 11.43 11.05
C GLU D 648 -25.89 11.42 10.44
N LYS D 649 -25.76 11.79 9.17
CA LYS D 649 -24.47 11.69 8.52
C LYS D 649 -23.69 12.95 8.70
N TYR D 650 -23.15 13.13 9.88
CA TYR D 650 -22.53 14.40 10.21
C TYR D 650 -21.24 14.32 10.98
N ALA D 651 -20.79 13.12 11.37
CA ALA D 651 -19.69 13.01 12.34
C ALA D 651 -18.70 14.16 12.32
N VAL D 652 -17.84 14.16 11.32
CA VAL D 652 -16.80 15.13 11.14
C VAL D 652 -17.18 16.57 11.00
N SER D 653 -18.41 16.86 10.62
CA SER D 653 -18.80 18.24 10.46
C SER D 653 -18.96 18.84 11.84
N LYS D 654 -19.08 17.96 12.82
CA LYS D 654 -19.24 18.34 14.18
C LYS D 654 -17.98 17.90 14.86
N LEU D 655 -17.92 18.12 16.15
CA LEU D 655 -16.72 17.83 16.89
C LEU D 655 -16.22 16.38 16.82
N LEU D 656 -17.09 15.44 16.41
CA LEU D 656 -16.71 14.04 16.41
C LEU D 656 -15.52 13.75 15.51
N GLY D 657 -15.40 14.50 14.44
CA GLY D 657 -14.29 14.24 13.55
C GLY D 657 -14.52 13.04 12.65
N THR D 658 -13.59 12.81 11.74
CA THR D 658 -13.59 11.62 10.92
C THR D 658 -13.00 10.63 11.86
N THR D 659 -12.96 9.37 11.51
CA THR D 659 -12.33 8.41 12.41
C THR D 659 -11.06 7.93 11.74
N ALA D 660 -9.96 7.91 12.49
CA ALA D 660 -8.72 7.45 11.89
C ALA D 660 -8.98 6.03 11.41
N GLY D 661 -8.29 5.59 10.37
CA GLY D 661 -8.59 4.28 9.82
C GLY D 661 -9.56 4.38 8.64
N TYR D 662 -10.16 5.55 8.45
CA TYR D 662 -11.08 5.84 7.35
C TYR D 662 -10.56 7.05 6.56
N VAL D 663 -11.02 7.24 5.33
CA VAL D 663 -10.55 8.35 4.50
C VAL D 663 -10.95 9.73 5.05
N GLY D 664 -9.97 10.62 5.14
CA GLY D 664 -10.15 11.98 5.64
C GLY D 664 -9.57 12.08 7.03
N TYR D 665 -8.67 13.03 7.25
CA TYR D 665 -8.03 13.16 8.55
C TYR D 665 -8.02 14.61 9.00
N ASP D 666 -9.07 15.27 8.60
CA ASP D 666 -9.36 16.65 8.94
C ASP D 666 -10.61 16.48 9.76
N GLU D 667 -10.52 16.78 11.04
CA GLU D 667 -11.59 16.35 11.94
C GLU D 667 -12.32 17.43 12.74
N GLY D 668 -13.63 17.64 12.48
CA GLY D 668 -14.35 18.61 13.28
C GLY D 668 -13.72 19.95 13.09
N GLY D 669 -13.26 20.22 11.88
CA GLY D 669 -12.55 21.43 11.61
C GLY D 669 -13.22 22.62 12.25
N PHE D 670 -14.48 22.77 11.93
CA PHE D 670 -15.24 23.88 12.44
C PHE D 670 -15.18 23.96 13.97
N LEU D 671 -15.34 22.82 14.65
CA LEU D 671 -15.32 22.85 16.11
C LEU D 671 -14.04 22.33 16.70
N THR D 672 -13.73 21.09 16.47
CA THR D 672 -12.59 20.46 17.09
C THR D 672 -11.30 21.13 16.76
N ASN D 673 -11.08 21.45 15.51
CA ASN D 673 -9.79 22.05 15.23
C ASN D 673 -9.79 23.46 15.76
N GLN D 674 -10.84 24.21 15.48
CA GLN D 674 -10.87 25.58 15.94
C GLN D 674 -10.81 25.70 17.45
N LEU D 675 -11.48 24.80 18.15
CA LEU D 675 -11.47 24.82 19.61
C LEU D 675 -10.08 24.54 20.12
N GLN D 676 -9.38 23.62 19.46
CA GLN D 676 -8.04 23.30 19.90
C GLN D 676 -7.15 24.52 19.74
N TYR D 677 -7.36 25.25 18.66
CA TYR D 677 -6.52 26.40 18.34
C TYR D 677 -6.85 27.61 19.20
N LYS D 678 -8.13 27.83 19.41
CA LYS D 678 -8.62 28.99 20.12
C LYS D 678 -9.23 28.59 21.45
N PRO D 679 -8.52 28.77 22.58
CA PRO D 679 -8.91 28.28 23.89
C PRO D 679 -10.28 28.77 24.34
N TYR D 680 -10.76 29.86 23.76
CA TYR D 680 -12.07 30.33 24.12
C TYR D 680 -12.62 31.14 22.98
N SER D 681 -13.93 31.26 22.93
CA SER D 681 -14.68 32.08 21.99
C SER D 681 -16.11 32.17 22.44
N VAL D 682 -16.96 32.53 21.50
CA VAL D 682 -18.38 32.50 21.64
C VAL D 682 -18.85 31.57 20.55
N LEU D 683 -19.53 30.50 20.89
CA LEU D 683 -19.99 29.58 19.88
C LEU D 683 -21.49 29.62 19.70
N LEU D 684 -21.88 30.09 18.54
CA LEU D 684 -23.27 30.26 18.19
C LEU D 684 -23.82 29.12 17.37
N PHE D 685 -24.93 28.57 17.83
CA PHE D 685 -25.61 27.51 17.13
C PHE D 685 -26.87 28.05 16.47
N ASP D 686 -26.84 28.07 15.15
CA ASP D 686 -27.88 28.69 14.37
C ASP D 686 -29.18 27.90 14.33
N GLU D 687 -30.02 28.18 15.30
CA GLU D 687 -31.32 27.54 15.48
C GLU D 687 -31.24 26.09 15.87
N VAL D 688 -31.01 25.86 17.17
CA VAL D 688 -30.89 24.52 17.69
C VAL D 688 -32.24 23.84 17.61
N GLU D 689 -33.26 24.67 17.48
CA GLU D 689 -34.63 24.25 17.24
C GLU D 689 -34.72 23.23 16.10
N LYS D 690 -33.90 23.41 15.07
CA LYS D 690 -33.92 22.56 13.91
C LYS D 690 -32.74 21.61 13.82
N ALA D 691 -31.94 21.56 14.86
CA ALA D 691 -30.80 20.66 14.84
C ALA D 691 -31.26 19.25 15.08
N HIS D 692 -30.63 18.29 14.45
CA HIS D 692 -30.95 16.90 14.69
C HIS D 692 -30.57 16.58 16.15
N PRO D 693 -31.40 15.84 16.90
CA PRO D 693 -31.18 15.49 18.29
C PRO D 693 -29.91 14.68 18.54
N ASP D 694 -29.39 14.00 17.52
CA ASP D 694 -28.16 13.28 17.83
C ASP D 694 -27.05 14.26 18.06
N VAL D 695 -27.08 15.35 17.33
CA VAL D 695 -26.03 16.32 17.48
C VAL D 695 -26.21 17.05 18.74
N LEU D 696 -27.45 17.42 19.04
CA LEU D 696 -27.69 18.17 20.26
C LEU D 696 -27.21 17.36 21.47
N THR D 697 -27.40 16.05 21.42
CA THR D 697 -26.94 15.20 22.50
C THR D 697 -25.41 15.30 22.59
N VAL D 698 -24.74 15.30 21.45
CA VAL D 698 -23.30 15.45 21.43
C VAL D 698 -22.88 16.85 21.93
N MET D 699 -23.61 17.89 21.53
CA MET D 699 -23.29 19.26 21.92
C MET D 699 -23.41 19.40 23.43
N LEU D 700 -24.30 18.62 24.03
CA LEU D 700 -24.51 18.56 25.46
C LEU D 700 -23.17 18.37 26.17
N GLN D 701 -22.31 17.55 25.59
CA GLN D 701 -21.05 17.22 26.21
C GLN D 701 -20.18 18.47 26.34
N MET D 702 -20.35 19.43 25.45
CA MET D 702 -19.57 20.62 25.59
C MET D 702 -20.27 21.51 26.58
N LEU D 703 -21.60 21.49 26.49
CA LEU D 703 -22.50 22.32 27.27
C LEU D 703 -22.16 22.25 28.74
N ASP D 704 -21.86 21.04 29.20
CA ASP D 704 -21.45 20.77 30.56
C ASP D 704 -20.57 19.57 30.57
N ASP D 705 -19.74 19.47 31.59
CA ASP D 705 -18.73 18.42 31.67
C ASP D 705 -17.97 18.59 30.39
N GLY D 706 -17.41 19.78 30.17
CA GLY D 706 -16.83 20.23 28.90
C GLY D 706 -15.91 19.29 28.09
N ARG D 707 -15.64 18.07 28.56
CA ARG D 707 -14.80 17.15 27.81
C ARG D 707 -15.36 16.88 26.42
N ILE D 708 -14.47 16.83 25.45
CA ILE D 708 -14.84 16.61 24.04
C ILE D 708 -14.04 15.54 23.34
N THR D 709 -14.65 14.48 22.85
CA THR D 709 -13.78 13.50 22.20
C THR D 709 -13.60 13.81 20.74
N SER D 710 -12.67 13.09 20.14
CA SER D 710 -12.41 13.17 18.73
C SER D 710 -11.97 11.84 18.14
N GLY D 711 -12.37 11.61 16.89
CA GLY D 711 -12.00 10.43 16.12
C GLY D 711 -10.49 10.23 15.92
N GLN D 712 -9.69 11.26 16.27
CA GLN D 712 -8.24 11.18 16.24
C GLN D 712 -7.73 10.31 17.40
N GLY D 713 -8.63 9.99 18.36
CA GLY D 713 -8.30 9.20 19.54
C GLY D 713 -7.96 10.06 20.76
N LYS D 714 -8.05 11.37 20.58
CA LYS D 714 -7.75 12.34 21.62
C LYS D 714 -8.98 13.13 21.94
N THR D 715 -8.82 14.11 22.82
CA THR D 715 -9.91 14.98 23.20
C THR D 715 -9.53 16.45 23.04
N ILE D 716 -10.55 17.30 23.08
CA ILE D 716 -10.40 18.74 23.03
C ILE D 716 -10.59 19.35 24.39
N ASP D 717 -11.72 19.05 24.99
CA ASP D 717 -12.08 19.50 26.32
C ASP D 717 -12.21 21.01 26.43
N CYS D 718 -13.42 21.49 26.18
CA CYS D 718 -13.66 22.90 26.21
C CYS D 718 -13.69 23.39 27.64
N SER D 719 -13.66 24.70 27.79
CA SER D 719 -13.71 25.30 29.08
C SER D 719 -14.32 26.68 29.02
N ASN D 720 -13.57 27.60 28.46
CA ASN D 720 -13.88 29.01 28.53
C ASN D 720 -14.68 29.57 27.36
N CYS D 721 -15.11 28.71 26.46
CA CYS D 721 -15.92 29.19 25.35
C CYS D 721 -17.35 29.39 25.77
N ILE D 722 -17.89 30.55 25.49
CA ILE D 722 -19.27 30.81 25.81
C ILE D 722 -20.09 30.18 24.75
N VAL D 723 -21.14 29.45 25.08
CA VAL D 723 -21.92 28.90 23.99
C VAL D 723 -23.31 29.52 24.00
N ILE D 724 -23.80 29.77 22.80
CA ILE D 724 -25.08 30.37 22.51
C ILE D 724 -25.96 29.57 21.57
N MET D 725 -27.10 29.15 22.07
CA MET D 725 -28.00 28.33 21.28
C MET D 725 -29.23 29.12 20.93
N THR D 726 -29.80 28.95 19.71
CA THR D 726 -31.01 29.73 19.44
C THR D 726 -32.27 28.95 19.04
N SER D 727 -33.43 29.59 19.28
CA SER D 727 -34.75 29.09 18.84
C SER D 727 -35.85 30.16 18.77
N ASN D 728 -36.76 29.96 17.81
CA ASN D 728 -37.96 30.75 17.57
C ASN D 728 -39.20 30.06 17.99
N LEU D 729 -39.09 28.98 18.74
CA LEU D 729 -40.33 28.34 19.17
C LEU D 729 -41.23 29.38 19.81
N GLY D 730 -40.62 30.21 20.66
CA GLY D 730 -41.32 31.24 21.38
C GLY D 730 -42.04 32.24 20.49
N ALA D 731 -41.76 32.27 19.19
CA ALA D 731 -42.41 33.17 18.27
C ALA D 731 -43.92 32.98 18.33
N GLU D 732 -44.38 31.75 18.65
CA GLU D 732 -45.81 31.43 18.74
C GLU D 732 -46.48 32.16 19.89
N PHE D 733 -45.66 32.64 20.81
CA PHE D 733 -46.08 33.36 21.98
C PHE D 733 -45.69 34.84 21.83
N ILE D 734 -44.58 35.11 21.14
CA ILE D 734 -44.14 36.48 20.94
C ILE D 734 -45.21 37.23 20.20
N ASN D 735 -45.78 36.55 19.22
CA ASN D 735 -46.82 37.10 18.37
C ASN D 735 -48.15 37.32 19.09
N SER D 736 -48.18 37.08 20.41
CA SER D 736 -49.34 37.43 21.19
C SER D 736 -49.34 38.93 21.34
N GLN D 737 -48.12 39.50 21.23
CA GLN D 737 -47.86 40.91 21.37
C GLN D 737 -48.32 41.45 22.72
N GLN D 738 -48.43 40.59 23.74
CA GLN D 738 -48.95 41.06 25.02
C GLN D 738 -47.95 41.78 25.88
N GLY D 739 -47.63 43.00 25.46
CA GLY D 739 -46.68 43.86 26.15
C GLY D 739 -45.29 43.64 25.60
N SER D 740 -44.43 44.66 25.72
CA SER D 740 -43.07 44.51 25.20
C SER D 740 -42.23 43.61 26.10
N LYS D 741 -42.66 43.52 27.35
CA LYS D 741 -41.98 42.74 28.36
C LYS D 741 -42.33 41.28 28.22
N ILE D 742 -41.46 40.44 28.73
CA ILE D 742 -41.65 39.00 28.73
C ILE D 742 -42.64 38.66 29.80
N GLN D 743 -43.69 37.95 29.43
CA GLN D 743 -44.72 37.68 30.41
C GLN D 743 -44.53 36.35 31.11
N GLU D 744 -44.94 36.33 32.36
CA GLU D 744 -44.92 35.12 33.15
C GLU D 744 -45.94 34.20 32.55
N SER D 745 -45.79 32.89 32.74
CA SER D 745 -46.72 31.89 32.21
C SER D 745 -46.52 31.76 30.71
N THR D 746 -46.70 32.84 29.97
CA THR D 746 -46.45 32.81 28.55
C THR D 746 -45.06 32.29 28.27
N LYS D 747 -44.05 32.84 28.94
CA LYS D 747 -42.68 32.43 28.75
C LYS D 747 -42.45 31.00 29.21
N ASN D 748 -43.33 30.51 30.07
CA ASN D 748 -43.15 29.21 30.64
C ASN D 748 -43.75 28.21 29.68
N LEU D 749 -44.80 28.63 28.97
CA LEU D 749 -45.42 27.79 27.97
C LEU D 749 -44.41 27.60 26.88
N VAL D 750 -43.66 28.67 26.60
CA VAL D 750 -42.62 28.58 25.60
C VAL D 750 -41.55 27.61 26.01
N MET D 751 -41.00 27.79 27.20
CA MET D 751 -39.93 26.93 27.63
C MET D 751 -40.37 25.49 27.75
N GLY D 752 -41.62 25.29 28.19
CA GLY D 752 -42.18 23.96 28.28
C GLY D 752 -42.17 23.33 26.91
N ALA D 753 -42.72 24.05 25.94
CA ALA D 753 -42.77 23.58 24.57
C ALA D 753 -41.37 23.34 24.03
N VAL D 754 -40.41 24.18 24.41
CA VAL D 754 -39.07 23.96 23.92
C VAL D 754 -38.59 22.63 24.42
N ARG D 755 -38.77 22.34 25.70
CA ARG D 755 -38.36 21.04 26.22
C ARG D 755 -39.05 19.92 25.44
N GLN D 756 -40.32 20.09 25.13
CA GLN D 756 -41.04 19.06 24.38
C GLN D 756 -40.41 18.86 23.00
N HIS D 757 -39.89 19.93 22.44
CA HIS D 757 -39.29 19.91 21.12
C HIS D 757 -37.79 20.10 21.14
N PHE D 758 -37.18 19.84 22.29
CA PHE D 758 -35.74 20.00 22.44
C PHE D 758 -35.34 19.23 23.67
N ARG D 759 -34.44 18.26 23.54
CA ARG D 759 -34.23 17.42 24.70
C ARG D 759 -33.95 18.21 25.97
N PRO D 760 -34.74 18.01 27.04
CA PRO D 760 -34.57 18.69 28.29
C PRO D 760 -33.27 18.30 28.92
N GLU D 761 -32.72 17.16 28.53
CA GLU D 761 -31.44 16.73 29.04
C GLU D 761 -30.39 17.78 28.80
N PHE D 762 -30.51 18.48 27.68
CA PHE D 762 -29.60 19.53 27.29
C PHE D 762 -29.90 20.71 28.20
N LEU D 763 -31.19 20.98 28.31
CA LEU D 763 -31.66 22.13 29.06
C LEU D 763 -31.51 21.92 30.56
N ASN D 764 -31.22 20.70 30.96
CA ASN D 764 -31.01 20.42 32.36
C ASN D 764 -29.54 20.60 32.72
N ARG D 765 -28.71 21.02 31.74
CA ARG D 765 -27.31 21.27 31.97
C ARG D 765 -27.01 22.74 31.68
N ILE D 766 -27.76 23.30 30.74
CA ILE D 766 -27.56 24.66 30.23
C ILE D 766 -27.59 25.67 31.37
N SER D 767 -26.73 26.71 31.30
CA SER D 767 -26.68 27.66 32.41
C SER D 767 -28.05 28.28 32.59
N SER D 768 -28.66 28.68 31.48
CA SER D 768 -30.01 29.24 31.51
C SER D 768 -30.63 29.46 30.15
N ILE D 769 -31.96 29.49 30.13
CA ILE D 769 -32.67 29.92 28.96
C ILE D 769 -32.97 31.40 29.11
N VAL D 770 -32.62 32.14 28.09
CA VAL D 770 -32.76 33.57 28.00
C VAL D 770 -33.84 33.94 27.01
N ILE D 771 -34.74 34.83 27.39
CA ILE D 771 -35.82 35.24 26.50
C ILE D 771 -35.70 36.73 26.19
N PHE D 772 -35.84 37.05 24.91
CA PHE D 772 -35.74 38.41 24.43
C PHE D 772 -37.01 39.24 24.59
N ASN D 773 -36.81 40.54 24.82
CA ASN D 773 -37.87 41.53 24.88
C ASN D 773 -38.33 41.80 23.48
N LYS D 774 -39.60 42.18 23.34
CA LYS D 774 -40.12 42.48 22.03
C LYS D 774 -39.61 43.86 21.67
N LEU D 775 -39.30 44.09 20.41
CA LEU D 775 -38.80 45.40 20.04
C LEU D 775 -39.90 46.40 19.79
N SER D 776 -40.37 46.98 20.88
CA SER D 776 -41.43 47.97 20.86
C SER D 776 -40.95 49.17 20.12
N ARG D 777 -41.85 50.05 19.70
CA ARG D 777 -41.36 51.24 19.04
C ARG D 777 -40.38 51.99 19.93
N LYS D 778 -40.62 52.00 21.24
CA LYS D 778 -39.67 52.63 22.13
C LYS D 778 -38.28 52.05 21.88
N ALA D 779 -38.19 50.72 21.74
CA ALA D 779 -36.88 50.13 21.46
C ALA D 779 -36.37 50.62 20.11
N ILE D 780 -37.28 50.72 19.16
CA ILE D 780 -36.96 51.10 17.80
C ILE D 780 -36.37 52.48 17.75
N HIS D 781 -36.90 53.33 18.60
CA HIS D 781 -36.47 54.71 18.68
C HIS D 781 -34.99 54.84 19.03
N LYS D 782 -34.38 53.75 19.54
CA LYS D 782 -32.96 53.73 19.84
C LYS D 782 -32.27 52.90 18.75
N ILE D 783 -32.91 51.81 18.36
CA ILE D 783 -32.34 50.88 17.40
C ILE D 783 -32.08 51.49 16.06
N VAL D 784 -33.02 52.26 15.57
CA VAL D 784 -32.82 52.87 14.29
C VAL D 784 -31.58 53.69 14.25
N ASP D 785 -31.34 54.49 15.27
CA ASP D 785 -30.16 55.30 15.25
C ASP D 785 -28.93 54.45 15.32
N ILE D 786 -28.99 53.40 16.11
CA ILE D 786 -27.85 52.53 16.24
C ILE D 786 -27.52 51.89 14.91
N ARG D 787 -28.55 51.39 14.25
CA ARG D 787 -28.31 50.71 13.02
C ARG D 787 -27.95 51.64 11.92
N LEU D 788 -28.60 52.77 11.81
CA LEU D 788 -28.22 53.64 10.72
C LEU D 788 -26.80 54.09 10.90
N LYS D 789 -26.40 54.32 12.14
CA LYS D 789 -25.05 54.74 12.38
C LYS D 789 -24.09 53.63 11.96
N GLU D 790 -24.27 52.41 12.46
CA GLU D 790 -23.32 51.36 12.08
C GLU D 790 -23.35 51.09 10.58
N ILE D 791 -24.54 51.09 10.00
CA ILE D 791 -24.66 50.82 8.59
C ILE D 791 -23.85 51.82 7.82
N GLU D 792 -23.99 53.10 8.16
CA GLU D 792 -23.20 54.07 7.47
C GLU D 792 -21.71 53.89 7.67
N GLU D 793 -21.31 53.64 8.90
CA GLU D 793 -19.90 53.51 9.24
C GLU D 793 -19.25 52.38 8.47
N ARG D 794 -20.01 51.33 8.20
CA ARG D 794 -19.52 50.19 7.48
C ARG D 794 -19.43 50.43 5.97
N PHE D 795 -19.87 51.58 5.48
CA PHE D 795 -19.86 51.80 4.03
C PHE D 795 -18.52 52.22 3.47
N GLU D 796 -17.59 51.28 3.43
CA GLU D 796 -16.27 51.55 2.88
C GLU D 796 -15.60 52.74 3.56
N GLN D 797 -15.39 53.80 2.77
CA GLN D 797 -14.71 54.98 3.23
C GLN D 797 -15.61 56.19 3.11
N ASN D 798 -15.30 57.22 3.87
CA ASN D 798 -16.12 58.43 3.87
C ASN D 798 -15.86 59.37 2.71
N ASP D 799 -16.09 58.89 1.48
CA ASP D 799 -15.90 59.75 0.31
C ASP D 799 -17.15 60.58 0.09
N LYS D 800 -18.21 60.15 0.76
CA LYS D 800 -19.51 60.78 0.70
C LYS D 800 -20.19 60.66 2.04
N HIS D 801 -20.93 59.57 2.22
CA HIS D 801 -21.69 59.34 3.45
C HIS D 801 -22.70 60.47 3.65
N TYR D 802 -23.30 60.52 4.81
CA TYR D 802 -24.34 61.48 5.10
C TYR D 802 -24.11 62.42 6.27
N LYS D 803 -24.84 63.53 6.21
CA LYS D 803 -25.01 64.48 7.29
C LYS D 803 -26.12 63.91 8.20
N LEU D 804 -27.01 63.13 7.56
CA LEU D 804 -28.13 62.44 8.20
C LEU D 804 -29.12 63.26 8.97
N ASN D 805 -29.74 64.23 8.33
CA ASN D 805 -30.77 65.03 9.00
C ASN D 805 -32.11 64.28 9.03
N LEU D 806 -32.06 63.10 9.63
CA LEU D 806 -33.13 62.14 9.76
C LEU D 806 -34.24 62.64 10.62
N THR D 807 -33.84 63.28 11.72
CA THR D 807 -34.71 63.74 12.77
C THR D 807 -35.81 62.70 13.06
N GLN D 808 -36.76 63.12 13.87
CA GLN D 808 -37.86 62.28 14.28
C GLN D 808 -38.71 61.89 13.11
N GLU D 809 -38.77 62.75 12.13
CA GLU D 809 -39.62 62.49 11.00
C GLU D 809 -39.18 61.21 10.29
N ALA D 810 -37.87 61.03 10.06
CA ALA D 810 -37.43 59.83 9.40
C ALA D 810 -37.59 58.66 10.32
N LYS D 811 -37.25 58.88 11.59
CA LYS D 811 -37.35 57.82 12.57
C LYS D 811 -38.76 57.28 12.65
N ASP D 812 -39.73 58.16 12.62
CA ASP D 812 -41.09 57.73 12.73
C ASP D 812 -41.49 57.01 11.47
N PHE D 813 -41.09 57.51 10.30
CA PHE D 813 -41.47 56.81 9.09
C PHE D 813 -41.00 55.37 9.25
N LEU D 814 -39.75 55.19 9.62
CA LEU D 814 -39.30 53.82 9.79
C LEU D 814 -40.17 53.07 10.79
N ALA D 815 -40.51 53.72 11.91
CA ALA D 815 -41.33 53.10 12.96
C ALA D 815 -42.78 52.87 12.52
N LYS D 816 -43.20 53.47 11.42
CA LYS D 816 -44.54 53.34 10.92
C LYS D 816 -44.61 52.50 9.65
N TYR D 817 -43.48 52.25 9.01
CA TYR D 817 -43.46 51.55 7.73
C TYR D 817 -42.65 50.26 7.71
N GLY D 818 -41.47 50.24 8.32
CA GLY D 818 -40.67 49.01 8.30
C GLY D 818 -40.91 48.22 9.58
N TYR D 819 -41.74 48.78 10.45
CA TYR D 819 -41.98 48.19 11.74
C TYR D 819 -42.98 47.07 11.79
N SER D 820 -42.57 45.88 11.35
CA SER D 820 -43.48 44.77 11.48
C SER D 820 -43.39 44.16 12.85
N ASP D 821 -44.51 44.14 13.52
CA ASP D 821 -44.62 43.61 14.87
C ASP D 821 -44.22 42.14 14.92
N ASP D 822 -44.31 41.45 13.78
CA ASP D 822 -44.04 40.03 13.75
C ASP D 822 -42.69 39.64 13.16
N MET D 823 -41.80 40.60 12.90
CA MET D 823 -40.47 40.22 12.40
C MET D 823 -39.30 41.02 12.99
N GLY D 824 -39.49 41.58 14.17
CA GLY D 824 -38.43 42.31 14.86
C GLY D 824 -37.96 43.55 14.10
N ALA D 825 -36.66 43.89 14.24
CA ALA D 825 -36.08 45.07 13.60
C ALA D 825 -35.60 44.73 12.20
N ARG D 826 -35.43 43.45 11.93
CA ARG D 826 -35.02 43.04 10.58
C ARG D 826 -35.80 43.75 9.43
N PRO D 827 -37.13 43.94 9.47
CA PRO D 827 -37.87 44.60 8.42
C PRO D 827 -37.56 46.10 8.36
N LEU D 828 -37.03 46.67 9.43
CA LEU D 828 -36.65 48.06 9.39
C LEU D 828 -35.46 48.14 8.49
N ASN D 829 -34.61 47.12 8.55
CA ASN D 829 -33.43 47.12 7.70
C ASN D 829 -33.88 46.98 6.26
N ARG D 830 -34.95 46.23 6.04
CA ARG D 830 -35.47 46.14 4.69
C ARG D 830 -35.93 47.51 4.24
N LEU D 831 -36.59 48.25 5.11
CA LEU D 831 -37.09 49.56 4.76
C LEU D 831 -35.92 50.46 4.42
N ILE D 832 -34.94 50.47 5.31
CA ILE D 832 -33.78 51.31 5.14
C ILE D 832 -33.09 51.04 3.83
N GLN D 833 -32.86 49.77 3.51
CA GLN D 833 -32.17 49.55 2.27
C GLN D 833 -33.10 49.81 1.08
N ASN D 834 -34.38 49.46 1.23
CA ASN D 834 -35.33 49.61 0.15
C ASN D 834 -35.59 51.06 -0.21
N GLU D 835 -35.41 51.95 0.75
CA GLU D 835 -35.65 53.34 0.52
C GLU D 835 -34.37 54.17 0.58
N ILE D 836 -33.67 54.13 1.70
CA ILE D 836 -32.54 55.02 1.86
C ILE D 836 -31.42 54.64 0.94
N LEU D 837 -31.04 53.37 0.95
CA LEU D 837 -29.92 53.02 0.13
C LEU D 837 -30.29 52.97 -1.33
N ASN D 838 -31.48 52.53 -1.67
CA ASN D 838 -31.82 52.50 -3.09
C ASN D 838 -31.77 53.88 -3.71
N LYS D 839 -32.28 54.88 -3.00
CA LYS D 839 -32.25 56.20 -3.59
C LYS D 839 -30.82 56.68 -3.60
N LEU D 840 -30.08 56.38 -2.54
CA LEU D 840 -28.72 56.82 -2.43
C LEU D 840 -27.91 56.28 -3.56
N ALA D 841 -28.04 54.98 -3.78
CA ALA D 841 -27.28 54.33 -4.80
C ALA D 841 -27.57 54.96 -6.13
N LEU D 842 -28.83 55.31 -6.36
CA LEU D 842 -29.13 55.93 -7.63
C LEU D 842 -28.49 57.31 -7.71
N ARG D 843 -28.56 58.09 -6.64
CA ARG D 843 -27.96 59.42 -6.68
C ARG D 843 -26.44 59.30 -6.88
N ILE D 844 -25.83 58.30 -6.25
CA ILE D 844 -24.40 58.10 -6.41
C ILE D 844 -24.11 57.70 -7.83
N LEU D 845 -24.87 56.74 -8.32
CA LEU D 845 -24.75 56.22 -9.66
C LEU D 845 -24.86 57.31 -10.71
N LYS D 846 -25.81 58.22 -10.51
CA LYS D 846 -26.03 59.34 -11.40
C LYS D 846 -25.00 60.46 -11.19
N ASN D 847 -24.09 60.26 -10.25
CA ASN D 847 -23.07 61.21 -9.89
C ASN D 847 -23.65 62.52 -9.42
N GLU D 848 -24.77 62.44 -8.71
CA GLU D 848 -25.46 63.60 -8.16
C GLU D 848 -24.96 63.93 -6.77
N ILE D 849 -24.01 63.15 -6.29
CA ILE D 849 -23.42 63.39 -4.99
C ILE D 849 -21.92 63.49 -5.16
N LYS D 850 -21.36 64.58 -4.65
CA LYS D 850 -19.92 64.77 -4.72
C LYS D 850 -19.30 64.39 -3.38
N ASP D 851 -19.94 64.84 -2.31
CA ASP D 851 -19.53 64.56 -0.93
C ASP D 851 -20.74 64.78 -0.02
N LYS D 852 -20.77 64.09 1.10
CA LYS D 852 -21.86 64.09 2.09
C LYS D 852 -23.24 63.86 1.44
N GLU D 853 -24.31 63.87 2.26
CA GLU D 853 -25.70 63.67 1.79
C GLU D 853 -26.72 63.91 2.91
N THR D 854 -27.94 64.24 2.54
CA THR D 854 -29.02 64.47 3.49
C THR D 854 -30.17 63.50 3.33
N VAL D 855 -31.00 63.39 4.35
CA VAL D 855 -32.19 62.56 4.29
C VAL D 855 -33.37 63.47 4.49
N ASN D 856 -34.24 63.54 3.51
CA ASN D 856 -35.29 64.52 3.58
C ASN D 856 -36.68 63.91 3.48
N VAL D 857 -37.44 64.05 4.54
CA VAL D 857 -38.75 63.44 4.59
C VAL D 857 -39.74 64.12 3.64
N VAL D 858 -40.47 63.29 2.92
CA VAL D 858 -41.43 63.69 1.91
C VAL D 858 -42.87 63.47 2.34
N LEU D 859 -43.67 64.52 2.25
CA LEU D 859 -45.08 64.40 2.64
C LEU D 859 -45.86 65.60 2.13
N GLU D 874 -42.54 59.64 3.28
CA GLU D 874 -41.47 58.99 2.53
C GLU D 874 -40.18 59.78 2.68
N GLU D 875 -39.15 59.42 1.93
CA GLU D 875 -37.88 60.11 2.06
C GLU D 875 -37.25 60.37 0.71
N CYS D 876 -36.41 61.39 0.64
CA CYS D 876 -35.66 61.68 -0.56
C CYS D 876 -34.31 62.27 -0.27
N LEU D 877 -33.49 62.32 -1.30
CA LEU D 877 -32.12 62.81 -1.23
C LEU D 877 -31.94 64.04 -2.08
N GLU D 878 -30.82 64.76 -1.92
CA GLU D 878 -30.58 65.95 -2.72
C GLU D 878 -29.55 65.75 -3.82
N VAL D 879 -29.46 66.77 -4.66
CA VAL D 879 -28.52 66.78 -5.76
C VAL D 879 -27.48 67.84 -5.56
N LEU D 880 -26.23 67.43 -5.60
CA LEU D 880 -25.14 68.36 -5.41
C LEU D 880 -24.75 68.91 -6.81
N PRO D 881 -24.00 68.19 -7.70
CA PRO D 881 -23.85 68.55 -9.09
C PRO D 881 -25.12 68.17 -9.80
N ASN D 882 -25.54 68.92 -10.80
CA ASN D 882 -26.81 68.63 -11.44
C ASN D 882 -26.75 67.60 -12.58
N HIS D 883 -26.43 66.36 -12.22
CA HIS D 883 -26.28 65.27 -13.20
C HIS D 883 -25.27 65.69 -14.26
N GLU D 884 -24.15 66.23 -13.80
CA GLU D 884 -23.10 66.77 -14.65
C GLU D 884 -22.18 65.70 -15.20
N GLN E 6 48.03 -14.34 -6.09
CA GLN E 6 48.61 -13.88 -4.82
C GLN E 6 48.20 -14.79 -3.65
N PHE E 7 48.10 -14.18 -2.48
CA PHE E 7 47.75 -14.87 -1.25
C PHE E 7 46.26 -14.74 -0.91
N THR E 8 45.74 -15.71 -0.16
CA THR E 8 44.36 -15.68 0.34
C THR E 8 44.22 -14.63 1.38
N GLU E 9 42.99 -14.30 1.76
CA GLU E 9 42.76 -13.29 2.78
C GLU E 9 43.38 -13.67 4.14
N ARG E 10 43.51 -14.96 4.40
CA ARG E 10 44.08 -15.37 5.66
C ARG E 10 45.57 -15.15 5.57
N ALA E 11 46.15 -15.65 4.47
CA ALA E 11 47.59 -15.54 4.30
C ALA E 11 48.01 -14.07 4.16
N LEU E 12 47.19 -13.24 3.49
CA LEU E 12 47.48 -11.82 3.32
C LEU E 12 47.47 -11.13 4.65
N THR E 13 46.54 -11.50 5.51
CA THR E 13 46.48 -10.87 6.81
C THR E 13 47.77 -11.14 7.56
N ILE E 14 48.20 -12.39 7.52
CA ILE E 14 49.38 -12.78 8.27
C ILE E 14 50.65 -12.19 7.64
N LEU E 15 50.77 -12.23 6.32
CA LEU E 15 51.94 -11.66 5.66
C LEU E 15 51.99 -10.16 5.94
N THR E 16 50.84 -9.49 5.88
CA THR E 16 50.78 -8.07 6.17
C THR E 16 51.32 -7.85 7.57
N LEU E 17 50.90 -8.69 8.50
CA LEU E 17 51.42 -8.62 9.85
C LEU E 17 52.93 -8.77 9.86
N ALA E 18 53.48 -9.74 9.13
CA ALA E 18 54.93 -9.91 9.14
C ALA E 18 55.65 -8.67 8.67
N GLN E 19 55.09 -8.02 7.66
CA GLN E 19 55.69 -6.81 7.12
C GLN E 19 55.62 -5.73 8.19
N LYS E 20 54.48 -5.67 8.87
CA LYS E 20 54.32 -4.72 9.95
C LYS E 20 55.37 -4.96 11.00
N LEU E 21 55.54 -6.22 11.39
CA LEU E 21 56.47 -6.58 12.45
C LEU E 21 57.89 -6.20 12.07
N ALA E 22 58.28 -6.39 10.80
CA ALA E 22 59.61 -6.01 10.39
C ALA E 22 59.80 -4.51 10.56
N SER E 23 58.76 -3.71 10.25
CA SER E 23 58.96 -2.29 10.40
C SER E 23 58.88 -1.87 11.88
N ASP E 24 58.06 -2.58 12.68
CA ASP E 24 57.91 -2.26 14.09
C ASP E 24 59.20 -2.53 14.80
N HIS E 25 59.87 -3.59 14.36
CA HIS E 25 61.09 -3.98 14.98
C HIS E 25 62.32 -3.33 14.41
N GLN E 26 62.18 -2.35 13.51
CA GLN E 26 63.35 -1.71 12.93
C GLN E 26 64.31 -2.69 12.26
N HIS E 27 63.79 -3.68 11.51
CA HIS E 27 64.71 -4.63 10.89
C HIS E 27 64.87 -4.38 9.40
N PRO E 28 66.11 -4.41 8.86
CA PRO E 28 66.49 -4.13 7.47
C PRO E 28 65.91 -5.09 6.44
N GLN E 29 65.44 -6.23 6.89
CA GLN E 29 64.86 -7.16 5.94
C GLN E 29 63.73 -7.95 6.53
N LEU E 30 62.82 -8.34 5.66
CA LEU E 30 61.76 -9.23 6.03
C LEU E 30 62.40 -10.58 5.86
N GLN E 31 62.26 -11.43 6.84
CA GLN E 31 62.93 -12.72 6.76
C GLN E 31 62.07 -13.73 7.51
N PRO E 32 62.29 -15.06 7.34
CA PRO E 32 61.53 -16.13 7.98
C PRO E 32 61.30 -15.90 9.47
N ILE E 33 62.19 -15.19 10.14
CA ILE E 33 61.99 -14.94 11.57
C ILE E 33 60.68 -14.15 11.76
N HIS E 34 60.48 -13.13 10.90
CA HIS E 34 59.29 -12.28 10.95
C HIS E 34 58.10 -12.96 10.36
N ILE E 35 58.35 -13.81 9.36
CA ILE E 35 57.19 -14.43 8.78
C ILE E 35 56.67 -15.41 9.83
N LEU E 36 57.58 -16.17 10.42
CA LEU E 36 57.16 -17.10 11.45
C LEU E 36 56.53 -16.35 12.60
N ALA E 37 57.07 -15.18 12.97
CA ALA E 37 56.46 -14.41 14.05
C ALA E 37 55.02 -14.09 13.72
N ALA E 38 54.77 -13.68 12.48
CA ALA E 38 53.42 -13.37 12.06
C ALA E 38 52.55 -14.60 12.15
N PHE E 39 53.14 -15.75 11.85
CA PHE E 39 52.45 -17.04 11.90
C PHE E 39 52.38 -17.59 13.35
N ILE E 40 52.75 -16.77 14.34
CA ILE E 40 52.51 -17.08 15.75
C ILE E 40 51.17 -16.45 16.05
N GLU E 41 50.95 -15.28 15.48
CA GLU E 41 49.73 -14.51 15.66
C GLU E 41 49.36 -14.28 17.11
N THR E 42 48.22 -14.83 17.51
CA THR E 42 47.69 -14.62 18.85
C THR E 42 47.33 -15.94 19.51
N PRO E 43 47.02 -15.90 20.81
CA PRO E 43 46.45 -16.99 21.60
C PRO E 43 45.10 -17.54 21.13
N GLU E 44 44.43 -16.96 20.13
CA GLU E 44 43.14 -17.56 19.74
C GLU E 44 43.39 -18.95 19.15
N ASP E 45 42.57 -19.95 19.50
CA ASP E 45 42.81 -21.31 19.00
C ASP E 45 42.62 -21.42 17.49
N GLY E 46 41.91 -20.44 16.92
CA GLY E 46 41.63 -20.35 15.50
C GLY E 46 42.91 -20.07 14.71
N SER E 47 43.98 -19.73 15.43
CA SER E 47 45.24 -19.48 14.80
C SER E 47 45.84 -20.79 14.35
N VAL E 48 45.44 -21.20 13.16
CA VAL E 48 45.92 -22.43 12.55
C VAL E 48 47.44 -22.43 12.46
N PRO E 49 48.10 -21.32 12.19
CA PRO E 49 49.54 -21.26 12.29
C PRO E 49 50.19 -21.55 13.66
N TYR E 50 49.47 -21.31 14.76
CA TYR E 50 50.05 -21.42 16.09
C TYR E 50 49.45 -22.42 17.08
N LEU E 51 48.13 -22.41 17.27
CA LEU E 51 47.55 -23.29 18.30
C LEU E 51 46.94 -24.53 17.70
N GLN E 52 45.78 -24.45 17.03
CA GLN E 52 45.34 -25.70 16.37
C GLN E 52 46.05 -25.82 15.03
N ASN E 53 47.38 -25.96 15.10
CA ASN E 53 48.23 -25.97 13.94
C ASN E 53 48.70 -27.34 13.55
N LEU E 54 49.54 -27.33 12.54
CA LEU E 54 50.06 -28.50 11.87
C LEU E 54 51.30 -29.05 12.59
N ILE E 55 51.65 -28.41 13.71
CA ILE E 55 52.83 -28.71 14.51
C ILE E 55 52.44 -29.35 15.83
N GLU E 56 51.52 -28.71 16.57
CA GLU E 56 51.06 -29.19 17.87
C GLU E 56 50.29 -30.47 17.69
N LYS E 57 49.47 -30.55 16.63
CA LYS E 57 48.74 -31.77 16.39
C LYS E 57 49.67 -32.78 15.70
N GLY E 58 50.88 -32.29 15.40
CA GLY E 58 51.98 -33.02 14.81
C GLY E 58 52.98 -33.46 15.90
N ARG E 59 52.58 -33.32 17.19
CA ARG E 59 53.35 -33.68 18.39
C ARG E 59 54.54 -32.79 18.75
N TYR E 60 54.63 -31.59 18.17
CA TYR E 60 55.69 -30.63 18.49
C TYR E 60 55.17 -29.38 19.18
N ASP E 61 55.95 -28.86 20.11
CA ASP E 61 55.57 -27.75 20.99
C ASP E 61 55.46 -26.36 20.35
N TYR E 62 54.22 -25.85 20.18
CA TYR E 62 54.08 -24.52 19.57
C TYR E 62 54.69 -23.37 20.39
N ASP E 63 54.86 -23.57 21.71
CA ASP E 63 55.38 -22.53 22.57
C ASP E 63 56.85 -22.43 22.28
N LEU E 64 57.48 -23.59 22.08
CA LEU E 64 58.89 -23.64 21.75
C LEU E 64 59.20 -22.82 20.54
N PHE E 65 58.44 -23.03 19.47
CA PHE E 65 58.76 -22.33 18.24
C PHE E 65 58.53 -20.84 18.45
N LYS E 66 57.46 -20.47 19.15
CA LYS E 66 57.25 -19.05 19.44
C LYS E 66 58.42 -18.42 20.16
N LYS E 67 58.88 -19.06 21.22
CA LYS E 67 59.94 -18.50 22.02
C LYS E 67 61.23 -18.39 21.24
N VAL E 68 61.53 -19.36 20.38
CA VAL E 68 62.74 -19.24 19.60
C VAL E 68 62.64 -18.08 18.64
N VAL E 69 61.48 -17.92 18.00
CA VAL E 69 61.31 -16.80 17.08
C VAL E 69 61.48 -15.50 17.85
N ASN E 70 60.90 -15.40 19.04
CA ASN E 70 61.04 -14.17 19.81
C ASN E 70 62.52 -13.92 20.18
N ARG E 71 63.28 -14.98 20.48
CA ARG E 71 64.69 -14.77 20.80
C ARG E 71 65.40 -14.21 19.57
N ASN E 72 64.99 -14.70 18.40
CA ASN E 72 65.57 -14.24 17.16
C ASN E 72 65.20 -12.78 16.89
N LEU E 73 63.93 -12.42 17.13
CA LEU E 73 63.48 -11.06 16.88
C LEU E 73 64.22 -10.05 17.75
N VAL E 74 64.49 -10.43 18.98
CA VAL E 74 65.22 -9.55 19.88
C VAL E 74 66.67 -9.37 19.42
N ARG E 75 67.32 -10.44 18.98
CA ARG E 75 68.72 -10.38 18.56
C ARG E 75 69.03 -9.81 17.16
N ILE E 76 68.05 -9.72 16.25
CA ILE E 76 68.30 -9.16 14.91
C ILE E 76 68.74 -7.68 15.01
N PRO E 77 69.82 -7.25 14.29
CA PRO E 77 70.32 -5.88 14.27
C PRO E 77 69.27 -4.84 13.90
N GLN E 78 69.40 -3.67 14.52
CA GLN E 78 68.45 -2.57 14.39
C GLN E 78 68.81 -1.54 13.34
N GLN E 79 67.80 -0.83 12.85
CA GLN E 79 67.92 0.31 11.93
C GLN E 79 67.06 1.47 12.41
N GLN E 80 67.44 2.72 12.19
CA GLN E 80 66.52 3.76 12.65
C GLN E 80 65.31 3.77 11.68
N PRO E 81 64.20 3.12 12.08
CA PRO E 81 63.07 2.66 11.22
C PRO E 81 63.04 2.87 9.68
N ALA E 82 63.44 4.00 9.14
CA ALA E 82 63.31 4.20 7.70
C ALA E 82 63.96 3.09 6.86
N PRO E 83 65.17 2.54 7.19
CA PRO E 83 65.82 1.45 6.49
C PRO E 83 65.14 0.09 6.71
N ALA E 84 64.09 0.02 7.51
CA ALA E 84 63.50 -1.27 7.74
C ALA E 84 62.91 -1.82 6.43
N GLU E 85 62.88 -3.14 6.29
CA GLU E 85 62.32 -3.83 5.12
C GLU E 85 62.93 -3.45 3.77
N ILE E 86 64.25 -3.40 3.67
CA ILE E 86 64.95 -3.11 2.41
C ILE E 86 64.64 -4.21 1.42
N THR E 87 64.71 -5.43 1.92
CA THR E 87 64.49 -6.59 1.10
C THR E 87 63.78 -7.72 1.84
N PRO E 88 63.06 -8.62 1.12
CA PRO E 88 62.56 -9.90 1.60
C PRO E 88 63.67 -10.96 1.55
N SER E 89 64.80 -10.59 0.94
CA SER E 89 65.89 -11.49 0.73
C SER E 89 65.51 -12.65 -0.15
N TYR E 90 66.45 -13.54 -0.31
CA TYR E 90 66.26 -14.74 -1.07
C TYR E 90 65.65 -15.73 -0.13
N ALA E 91 65.82 -15.45 1.17
CA ALA E 91 65.22 -16.31 2.18
C ALA E 91 63.71 -16.33 1.99
N LEU E 92 63.08 -15.17 1.77
CA LEU E 92 61.66 -15.20 1.55
C LEU E 92 61.31 -15.30 0.10
N GLY E 93 62.22 -14.90 -0.79
CA GLY E 93 61.90 -15.13 -2.18
C GLY E 93 61.60 -16.63 -2.30
N LYS E 94 62.42 -17.46 -1.63
CA LYS E 94 62.19 -18.89 -1.63
C LYS E 94 60.90 -19.26 -0.89
N VAL E 95 60.72 -18.83 0.36
CA VAL E 95 59.51 -19.23 1.10
C VAL E 95 58.20 -18.80 0.46
N LEU E 96 58.12 -17.53 0.08
CA LEU E 96 56.88 -17.02 -0.45
C LEU E 96 56.63 -17.66 -1.82
N GLN E 97 57.68 -17.80 -2.65
CA GLN E 97 57.47 -18.44 -3.94
C GLN E 97 57.16 -19.92 -3.76
N ASP E 98 57.78 -20.57 -2.77
CA ASP E 98 57.50 -21.99 -2.56
C ASP E 98 56.05 -22.18 -2.22
N ALA E 99 55.48 -21.25 -1.47
CA ALA E 99 54.06 -21.36 -1.16
C ALA E 99 53.27 -21.36 -2.47
N ALA E 100 53.68 -20.52 -3.43
CA ALA E 100 53.03 -20.47 -4.72
C ALA E 100 53.18 -21.82 -5.44
N LYS E 101 54.34 -22.48 -5.27
CA LYS E 101 54.55 -23.78 -5.92
C LYS E 101 53.56 -24.80 -5.34
N ILE E 102 53.36 -24.70 -4.03
CA ILE E 102 52.45 -25.60 -3.31
C ILE E 102 51.06 -25.45 -3.88
N GLN E 103 50.67 -24.24 -4.23
CA GLN E 103 49.35 -24.01 -4.79
C GLN E 103 49.08 -24.80 -6.05
N LYS E 104 50.10 -25.10 -6.84
CA LYS E 104 49.80 -25.87 -8.01
C LYS E 104 49.66 -27.31 -7.59
N GLN E 105 50.50 -27.72 -6.64
CA GLN E 105 50.49 -29.09 -6.17
C GLN E 105 49.14 -29.42 -5.51
N GLN E 106 48.59 -28.43 -4.81
CA GLN E 106 47.33 -28.54 -4.08
C GLN E 106 46.09 -28.02 -4.83
N LYS E 107 46.24 -27.66 -6.10
CA LYS E 107 45.15 -27.21 -6.96
C LYS E 107 44.26 -26.01 -6.54
N ASP E 108 44.86 -24.84 -6.28
CA ASP E 108 44.08 -23.63 -5.94
C ASP E 108 44.82 -22.34 -6.35
N SER E 109 44.11 -21.39 -6.96
CA SER E 109 44.74 -20.15 -7.43
C SER E 109 45.30 -19.17 -6.37
N PHE E 110 44.92 -19.29 -5.09
CA PHE E 110 45.46 -18.36 -4.09
C PHE E 110 46.24 -19.05 -2.97
N ILE E 111 47.28 -18.39 -2.45
CA ILE E 111 48.04 -19.06 -1.42
C ILE E 111 47.33 -19.24 -0.11
N ALA E 112 47.13 -20.50 0.24
CA ALA E 112 46.42 -20.84 1.47
C ALA E 112 47.34 -20.60 2.62
N GLN E 113 46.79 -20.28 3.79
CA GLN E 113 47.66 -20.12 4.96
C GLN E 113 48.45 -21.40 5.22
N ASP E 114 47.90 -22.53 4.83
CA ASP E 114 48.53 -23.81 5.06
C ASP E 114 49.69 -24.05 4.10
N HIS E 115 49.61 -23.42 2.95
CA HIS E 115 50.60 -23.62 1.93
C HIS E 115 51.82 -22.80 2.28
N ILE E 116 51.55 -21.60 2.75
CA ILE E 116 52.64 -20.78 3.27
C ILE E 116 53.18 -21.42 4.54
N LEU E 117 52.34 -22.07 5.35
CA LEU E 117 52.88 -22.80 6.47
C LEU E 117 53.81 -23.91 6.00
N PHE E 118 53.47 -24.65 4.93
CA PHE E 118 54.43 -25.66 4.50
C PHE E 118 55.75 -25.03 4.12
N ALA E 119 55.69 -23.92 3.38
CA ALA E 119 56.92 -23.29 2.94
C ALA E 119 57.75 -22.83 4.13
N LEU E 120 57.08 -22.26 5.12
CA LEU E 120 57.77 -21.80 6.30
C LEU E 120 58.38 -22.93 7.06
N PHE E 121 57.64 -24.02 7.19
CA PHE E 121 58.09 -25.14 7.95
C PHE E 121 59.26 -25.83 7.28
N ASN E 122 59.27 -25.85 5.95
CA ASN E 122 60.33 -26.49 5.20
C ASN E 122 61.65 -25.75 5.40
N ASP E 123 61.58 -24.41 5.51
CA ASP E 123 62.77 -23.60 5.72
C ASP E 123 63.05 -23.26 7.19
N SER E 124 62.03 -23.39 8.04
CA SER E 124 62.12 -23.08 9.46
C SER E 124 63.05 -23.99 10.22
N SER E 125 63.72 -23.40 11.18
CA SER E 125 64.61 -24.13 12.06
C SER E 125 64.84 -23.37 13.34
N ILE E 126 65.25 -24.10 14.37
CA ILE E 126 65.70 -23.51 15.60
C ILE E 126 67.20 -23.58 15.71
N GLN E 127 67.82 -22.40 15.64
CA GLN E 127 69.26 -22.27 15.57
C GLN E 127 69.93 -22.26 16.94
N GLN E 128 70.01 -23.46 17.49
CA GLN E 128 70.59 -23.76 18.80
C GLN E 128 71.72 -24.75 18.59
N ILE E 129 72.56 -24.98 19.61
CA ILE E 129 73.67 -25.93 19.47
C ILE E 129 73.17 -27.34 19.15
N PHE E 130 71.95 -27.65 19.59
CA PHE E 130 71.29 -28.89 19.29
C PHE E 130 70.13 -28.51 18.38
N LYS E 131 70.30 -28.67 17.08
CA LYS E 131 69.27 -28.17 16.16
C LYS E 131 67.91 -28.73 16.48
N GLU E 132 66.92 -27.84 16.59
CA GLU E 132 65.55 -28.26 16.83
C GLU E 132 64.74 -27.86 15.60
N ALA E 133 63.61 -28.51 15.38
CA ALA E 133 62.81 -28.18 14.22
C ALA E 133 61.39 -28.65 14.37
N GLN E 134 60.54 -28.15 13.50
CA GLN E 134 59.15 -28.55 13.42
C GLN E 134 59.02 -29.98 13.01
N VAL E 135 57.89 -30.58 13.36
CA VAL E 135 57.63 -31.93 12.91
C VAL E 135 57.79 -31.91 11.42
N ASP E 136 58.33 -32.96 10.84
CA ASP E 136 58.56 -32.92 9.41
C ASP E 136 57.25 -32.82 8.64
N ILE E 137 57.40 -32.51 7.35
CA ILE E 137 56.31 -32.27 6.42
C ILE E 137 55.28 -33.36 6.34
N GLU E 138 55.63 -34.59 6.65
CA GLU E 138 54.64 -35.65 6.55
C GLU E 138 53.51 -35.43 7.58
N ALA E 139 53.86 -34.93 8.76
CA ALA E 139 52.87 -34.71 9.81
C ALA E 139 52.15 -33.41 9.55
N ILE E 140 52.88 -32.48 8.95
CA ILE E 140 52.29 -31.19 8.65
C ILE E 140 51.21 -31.46 7.61
N LYS E 141 51.54 -32.27 6.58
CA LYS E 141 50.57 -32.66 5.57
C LYS E 141 49.45 -33.44 6.19
N GLN E 142 49.74 -34.38 7.07
CA GLN E 142 48.66 -35.13 7.68
C GLN E 142 47.65 -34.16 8.24
N GLN E 143 48.12 -33.21 9.03
CA GLN E 143 47.21 -32.28 9.64
C GLN E 143 46.57 -31.36 8.61
N ALA E 144 47.29 -31.02 7.55
CA ALA E 144 46.78 -30.15 6.50
C ALA E 144 45.70 -30.86 5.67
N LEU E 145 45.66 -32.18 5.76
CA LEU E 145 44.67 -32.94 5.05
C LEU E 145 43.49 -33.23 5.96
N GLU E 146 43.76 -33.45 7.25
CA GLU E 146 42.70 -33.72 8.21
C GLU E 146 41.84 -32.46 8.39
N LEU E 147 42.49 -31.31 8.42
CA LEU E 147 41.80 -30.04 8.53
C LEU E 147 41.64 -29.44 7.15
N ARG E 148 40.40 -29.32 6.68
CA ARG E 148 40.05 -28.76 5.37
C ARG E 148 40.50 -29.60 4.15
N GLY E 149 41.76 -29.97 4.10
CA GLY E 149 42.30 -30.80 3.01
C GLY E 149 41.55 -30.60 1.71
N TYR E 166 37.46 -21.85 11.61
CA TYR E 166 36.56 -22.77 12.30
C TYR E 166 35.23 -22.06 12.54
N LEU E 167 34.48 -22.48 13.56
CA LEU E 167 33.24 -21.81 13.92
C LEU E 167 33.46 -20.79 15.03
N SER E 168 34.71 -20.59 15.37
CA SER E 168 35.02 -19.62 16.39
C SER E 168 34.56 -18.28 15.89
N LYS E 169 33.79 -17.57 16.71
CA LYS E 169 33.19 -16.28 16.39
C LYS E 169 32.11 -16.38 15.31
N TYR E 170 31.61 -17.58 15.04
CA TYR E 170 30.52 -17.76 14.11
C TYR E 170 29.35 -18.50 14.76
N ALA E 171 29.66 -19.46 15.62
CA ALA E 171 28.58 -20.23 16.24
C ALA E 171 28.93 -20.60 17.68
N ILE E 172 27.93 -20.67 18.54
CA ILE E 172 28.17 -21.03 19.93
C ILE E 172 27.86 -22.46 20.22
N ASP E 173 28.83 -23.19 20.73
CA ASP E 173 28.60 -24.60 20.97
C ASP E 173 27.72 -24.78 22.18
N MET E 174 26.41 -24.89 21.92
CA MET E 174 25.41 -24.95 22.98
C MET E 174 25.64 -26.18 23.81
N THR E 175 26.05 -27.26 23.15
CA THR E 175 26.36 -28.47 23.90
C THR E 175 27.60 -28.31 24.79
N GLU E 176 28.57 -27.53 24.38
CA GLU E 176 29.66 -27.35 25.32
C GLU E 176 29.21 -26.43 26.44
N GLN E 177 28.46 -25.39 26.10
CA GLN E 177 28.09 -24.46 27.13
C GLN E 177 27.20 -25.11 28.16
N ALA E 178 26.26 -25.94 27.74
CA ALA E 178 25.38 -26.63 28.68
C ALA E 178 26.18 -27.64 29.49
N ARG E 179 27.15 -28.31 28.87
CA ARG E 179 28.00 -29.25 29.59
C ARG E 179 28.67 -28.53 30.76
N GLN E 180 29.00 -27.26 30.53
CA GLN E 180 29.66 -26.39 31.49
C GLN E 180 28.69 -25.63 32.41
N GLY E 181 27.40 -26.01 32.40
CA GLY E 181 26.41 -25.33 33.23
C GLY E 181 25.89 -24.12 32.47
N LYS E 182 25.45 -23.07 33.19
CA LYS E 182 24.90 -21.84 32.57
C LYS E 182 23.51 -22.01 31.89
N LEU E 183 23.40 -22.99 31.01
CA LEU E 183 22.17 -23.27 30.32
C LEU E 183 21.28 -24.12 31.24
N ASP E 184 20.59 -23.41 32.12
CA ASP E 184 19.73 -23.99 33.14
C ASP E 184 18.78 -25.02 32.50
N PRO E 185 18.46 -26.12 33.20
CA PRO E 185 17.73 -27.25 32.69
C PRO E 185 16.34 -26.93 32.22
N VAL E 186 16.00 -27.51 31.10
CA VAL E 186 14.68 -27.36 30.52
C VAL E 186 13.71 -28.35 31.07
N ILE E 187 12.58 -27.86 31.54
CA ILE E 187 11.60 -28.69 32.18
C ILE E 187 10.24 -28.64 31.49
N GLY E 188 9.64 -29.80 31.21
CA GLY E 188 8.30 -29.81 30.65
C GLY E 188 8.22 -29.71 29.14
N ARG E 189 9.36 -29.66 28.48
CA ARG E 189 9.44 -29.54 27.03
C ARG E 189 9.98 -30.80 26.41
N GLU E 190 9.90 -31.90 27.13
CA GLU E 190 10.44 -33.14 26.65
C GLU E 190 9.81 -33.56 25.32
N GLU E 191 8.52 -33.27 25.13
CA GLU E 191 7.89 -33.62 23.88
C GLU E 191 8.38 -32.76 22.75
N GLU E 192 8.60 -31.49 23.01
CA GLU E 192 9.06 -30.62 21.96
C GLU E 192 10.43 -31.10 21.50
N ILE E 193 11.22 -31.54 22.46
CA ILE E 193 12.55 -32.03 22.18
C ILE E 193 12.44 -33.36 21.45
N ARG E 194 11.58 -34.27 21.91
CA ARG E 194 11.41 -35.52 21.22
C ARG E 194 10.91 -35.31 19.79
N SER E 195 10.03 -34.35 19.60
CA SER E 195 9.51 -34.05 18.28
C SER E 195 10.64 -33.54 17.41
N THR E 196 11.49 -32.70 17.98
CA THR E 196 12.63 -32.15 17.27
C THR E 196 13.48 -33.30 16.80
N ILE E 197 13.73 -34.24 17.70
CA ILE E 197 14.52 -35.40 17.38
C ILE E 197 13.88 -36.25 16.31
N ARG E 198 12.55 -36.48 16.40
CA ARG E 198 11.92 -37.31 15.40
C ARG E 198 12.17 -36.70 14.04
N VAL E 199 12.14 -35.37 13.97
CA VAL E 199 12.38 -34.71 12.72
C VAL E 199 13.85 -34.78 12.30
N LEU E 200 14.78 -34.54 13.23
CA LEU E 200 16.20 -34.55 12.89
C LEU E 200 16.61 -35.92 12.35
N ALA E 201 15.96 -36.97 12.87
CA ALA E 201 16.22 -38.35 12.49
C ALA E 201 15.51 -38.78 11.17
N ARG E 202 14.76 -37.87 10.54
CA ARG E 202 14.05 -38.14 9.27
C ARG E 202 14.96 -38.15 8.06
N ARG E 203 14.42 -38.59 6.93
CA ARG E 203 15.18 -38.53 5.69
C ARG E 203 14.63 -37.39 4.86
N ILE E 204 13.35 -37.11 5.09
CA ILE E 204 12.68 -36.06 4.36
C ILE E 204 12.43 -34.85 5.27
N LYS E 205 12.89 -33.68 4.84
CA LYS E 205 12.74 -32.44 5.63
C LYS E 205 13.21 -32.54 7.09
N SER E 206 14.39 -33.10 7.34
CA SER E 206 14.86 -33.26 8.73
C SER E 206 15.41 -31.99 9.37
N ASN E 207 14.63 -30.91 9.31
CA ASN E 207 15.02 -29.61 9.79
C ASN E 207 13.88 -28.92 10.56
N PRO E 208 13.58 -29.33 11.79
CA PRO E 208 12.45 -28.87 12.55
C PRO E 208 12.63 -27.44 12.93
N CYS E 209 11.55 -26.73 13.06
CA CYS E 209 11.63 -25.37 13.53
C CYS E 209 10.63 -25.13 14.63
N LEU E 210 10.96 -24.31 15.62
CA LEU E 210 10.03 -24.05 16.71
C LEU E 210 9.16 -22.83 16.50
N ILE E 211 7.86 -23.06 16.37
CA ILE E 211 6.91 -22.00 16.09
C ILE E 211 5.91 -21.83 17.20
N GLY E 212 5.77 -20.60 17.69
CA GLY E 212 4.80 -20.38 18.77
C GLY E 212 4.80 -18.98 19.32
N GLU E 213 4.22 -18.81 20.48
CA GLU E 213 4.17 -17.50 21.09
C GLU E 213 5.58 -17.21 21.61
N PRO E 214 6.03 -15.98 21.67
CA PRO E 214 7.31 -15.65 22.24
C PRO E 214 7.18 -15.79 23.74
N GLY E 215 8.28 -16.00 24.44
CA GLY E 215 8.19 -16.04 25.90
C GLY E 215 7.66 -17.36 26.45
N ILE E 216 7.90 -18.44 25.71
CA ILE E 216 7.41 -19.72 26.14
C ILE E 216 8.56 -20.70 26.28
N GLY E 217 9.75 -20.23 25.93
CA GLY E 217 10.95 -21.04 26.03
C GLY E 217 11.38 -21.67 24.74
N LYS E 218 11.14 -21.06 23.59
CA LYS E 218 11.55 -21.71 22.35
C LYS E 218 13.08 -21.86 22.26
N THR E 219 13.85 -20.80 22.54
CA THR E 219 15.30 -21.00 22.53
C THR E 219 15.63 -21.97 23.64
N ALA E 220 14.95 -21.81 24.77
CA ALA E 220 15.21 -22.69 25.90
C ALA E 220 15.02 -24.15 25.49
N ILE E 221 14.02 -24.46 24.66
CA ILE E 221 13.84 -25.83 24.22
C ILE E 221 15.07 -26.32 23.56
N ILE E 222 15.67 -25.48 22.76
CA ILE E 222 16.87 -25.89 22.09
C ILE E 222 18.00 -26.07 23.06
N GLU E 223 18.07 -25.22 24.08
CA GLU E 223 19.09 -25.45 25.07
C GLU E 223 18.81 -26.84 25.64
N GLY E 224 17.53 -27.17 25.80
CA GLY E 224 17.07 -28.47 26.26
C GLY E 224 17.50 -29.57 25.29
N VAL E 225 17.47 -29.27 23.99
CA VAL E 225 17.92 -30.24 23.02
C VAL E 225 19.39 -30.48 23.28
N ALA E 226 20.16 -29.39 23.46
CA ALA E 226 21.59 -29.51 23.70
C ALA E 226 21.83 -30.33 24.93
N GLN E 227 21.03 -30.10 25.96
CA GLN E 227 21.16 -30.82 27.20
C GLN E 227 20.89 -32.29 26.97
N ARG E 228 19.85 -32.58 26.20
CA ARG E 228 19.48 -33.94 25.97
C ARG E 228 20.60 -34.63 25.18
N ILE E 229 21.26 -33.88 24.27
CA ILE E 229 22.37 -34.42 23.50
C ILE E 229 23.54 -34.72 24.40
N ILE E 230 23.86 -33.78 25.26
CA ILE E 230 24.96 -33.97 26.19
C ILE E 230 24.74 -35.17 27.03
N ASP E 231 23.52 -35.34 27.45
CA ASP E 231 23.15 -36.43 28.30
C ASP E 231 22.71 -37.68 27.50
N ASP E 232 23.00 -37.74 26.21
CA ASP E 232 22.70 -38.91 25.38
C ASP E 232 21.28 -39.51 25.40
N ASP E 233 20.24 -38.69 25.45
CA ASP E 233 18.86 -39.20 25.37
C ASP E 233 18.31 -38.97 23.96
N VAL E 234 19.24 -38.98 23.04
CA VAL E 234 19.07 -38.70 21.63
C VAL E 234 19.56 -39.93 20.86
N PRO E 235 19.26 -40.07 19.56
CA PRO E 235 19.64 -41.16 18.68
C PRO E 235 21.10 -41.18 18.41
N THR E 236 21.56 -42.28 17.85
CA THR E 236 22.95 -42.48 17.52
C THR E 236 23.55 -41.28 16.81
N ILE E 237 22.82 -40.78 15.82
CA ILE E 237 23.33 -39.70 15.01
C ILE E 237 23.45 -38.41 15.81
N LEU E 238 22.70 -38.29 16.91
CA LEU E 238 22.80 -37.12 17.74
C LEU E 238 23.75 -37.37 18.90
N GLN E 239 23.90 -38.62 19.31
CA GLN E 239 24.80 -38.91 20.43
C GLN E 239 26.21 -38.50 20.05
N GLY E 240 26.56 -38.70 18.78
CA GLY E 240 27.87 -38.34 18.27
C GLY E 240 27.92 -36.90 17.72
N ALA E 241 26.86 -36.12 17.95
CA ALA E 241 26.71 -34.78 17.40
C ALA E 241 26.98 -33.65 18.36
N LYS E 242 27.07 -32.48 17.76
CA LYS E 242 27.16 -31.20 18.47
C LYS E 242 25.97 -30.32 18.13
N LEU E 243 25.65 -29.38 19.03
CA LEU E 243 24.61 -28.40 18.74
C LEU E 243 25.07 -26.97 19.00
N PHE E 244 24.87 -26.15 17.97
CA PHE E 244 25.27 -24.74 17.97
C PHE E 244 24.18 -23.68 17.88
N SER E 245 24.45 -22.50 18.44
CA SER E 245 23.62 -21.29 18.27
C SER E 245 24.25 -20.40 17.21
N LEU E 246 23.50 -20.12 16.15
CA LEU E 246 24.03 -19.41 14.98
C LEU E 246 23.26 -18.19 14.51
N ASP E 247 23.94 -17.45 13.61
CA ASP E 247 23.45 -16.31 12.84
C ASP E 247 23.32 -14.94 13.50
N LEU E 248 23.05 -13.98 12.63
CA LEU E 248 22.91 -12.56 12.89
C LEU E 248 24.23 -11.96 13.28
N ALA E 249 24.75 -12.25 14.46
CA ALA E 249 26.05 -11.67 14.80
C ALA E 249 27.09 -12.17 13.83
N ALA E 250 26.99 -13.45 13.52
CA ALA E 250 27.91 -14.12 12.63
C ALA E 250 27.74 -13.67 11.18
N LEU E 251 26.64 -12.98 10.89
CA LEU E 251 26.38 -12.61 9.53
C LEU E 251 26.78 -11.18 9.28
N THR E 252 26.26 -10.29 10.11
CA THR E 252 26.47 -8.88 9.87
C THR E 252 27.47 -8.21 10.80
N ALA E 253 27.80 -8.80 11.98
CA ALA E 253 28.69 -8.08 12.86
C ALA E 253 30.10 -8.14 12.29
N GLY E 254 30.32 -9.11 11.42
CA GLY E 254 31.60 -9.31 10.77
C GLY E 254 31.64 -8.73 9.34
N ALA E 255 30.64 -7.92 8.96
CA ALA E 255 30.55 -7.43 7.56
C ALA E 255 30.64 -5.92 7.41
N LYS E 256 31.15 -5.47 6.26
CA LYS E 256 31.17 -4.05 5.89
C LYS E 256 30.52 -3.81 4.51
N TYR E 257 30.85 -4.67 3.55
CA TYR E 257 30.43 -4.46 2.15
C TYR E 257 30.33 -5.71 1.27
N LYS E 258 29.54 -5.60 0.21
CA LYS E 258 29.29 -6.71 -0.71
C LYS E 258 30.54 -7.47 -1.09
N GLY E 259 30.46 -8.78 -0.93
CA GLY E 259 31.49 -9.75 -1.21
C GLY E 259 32.17 -10.28 0.06
N ASP E 260 32.23 -9.47 1.13
CA ASP E 260 32.94 -9.95 2.32
C ASP E 260 32.09 -10.99 3.04
N PHE E 261 30.88 -10.61 3.34
CA PHE E 261 29.93 -11.47 3.98
C PHE E 261 29.69 -12.75 3.24
N GLU E 262 29.41 -12.65 1.96
CA GLU E 262 29.03 -13.84 1.24
C GLU E 262 30.17 -14.83 1.22
N GLU E 263 31.41 -14.37 1.06
CA GLU E 263 32.50 -15.31 1.07
C GLU E 263 32.66 -15.94 2.46
N ARG E 264 32.52 -15.15 3.52
CA ARG E 264 32.67 -15.72 4.85
C ARG E 264 31.57 -16.71 5.16
N PHE E 265 30.38 -16.36 4.71
CA PHE E 265 29.20 -17.13 4.94
C PHE E 265 29.30 -18.46 4.26
N LYS E 266 29.62 -18.44 2.98
CA LYS E 266 29.77 -19.70 2.30
C LYS E 266 30.82 -20.53 3.02
N GLY E 267 31.91 -19.89 3.43
CA GLY E 267 32.97 -20.56 4.14
C GLY E 267 32.45 -21.31 5.36
N VAL E 268 31.76 -20.61 6.25
CA VAL E 268 31.26 -21.30 7.43
C VAL E 268 30.18 -22.30 7.08
N LEU E 269 29.44 -22.09 6.00
CA LEU E 269 28.48 -23.09 5.63
C LEU E 269 29.20 -24.39 5.25
N LYS E 270 30.38 -24.27 4.66
CA LYS E 270 31.09 -25.50 4.32
C LYS E 270 31.66 -26.10 5.62
N GLU E 271 32.06 -25.23 6.55
CA GLU E 271 32.60 -25.67 7.84
C GLU E 271 31.61 -26.61 8.55
N ILE E 272 30.32 -26.38 8.37
CA ILE E 272 29.25 -27.20 8.97
C ILE E 272 28.61 -28.23 8.01
N GLU E 273 29.22 -28.41 6.86
CA GLU E 273 28.76 -29.41 5.92
C GLU E 273 29.74 -30.57 5.95
N GLU E 274 31.03 -30.25 6.01
CA GLU E 274 32.05 -31.28 5.90
C GLU E 274 32.72 -31.80 7.18
N SER E 275 33.04 -33.10 7.14
CA SER E 275 33.90 -33.85 8.07
C SER E 275 33.52 -34.02 9.54
N LYS E 276 33.25 -32.92 10.20
CA LYS E 276 33.11 -32.94 11.65
C LYS E 276 31.82 -33.47 12.18
N THR E 277 31.66 -34.80 12.10
CA THR E 277 30.49 -35.54 12.55
C THR E 277 29.19 -34.79 12.22
N LEU E 278 28.10 -35.19 12.84
CA LEU E 278 26.85 -34.49 12.63
C LEU E 278 26.77 -33.29 13.54
N ILE E 279 26.55 -32.15 12.95
CA ILE E 279 26.36 -30.98 13.73
C ILE E 279 24.99 -30.45 13.44
N VAL E 280 24.24 -30.20 14.48
CA VAL E 280 22.93 -29.66 14.32
C VAL E 280 23.06 -28.20 14.68
N LEU E 281 22.50 -27.38 13.83
CA LEU E 281 22.64 -25.95 13.97
C LEU E 281 21.35 -25.26 14.27
N PHE E 282 21.28 -24.60 15.40
CA PHE E 282 20.08 -23.89 15.75
C PHE E 282 20.15 -22.41 15.48
N ILE E 283 19.20 -21.96 14.71
CA ILE E 283 19.12 -20.56 14.44
C ILE E 283 18.02 -19.96 15.27
N ASP E 284 18.39 -19.01 16.11
CA ASP E 284 17.45 -18.35 17.00
C ASP E 284 16.69 -17.29 16.23
N GLU E 285 17.42 -16.68 15.31
CA GLU E 285 16.93 -15.57 14.54
C GLU E 285 16.53 -16.06 13.17
N ILE E 286 15.55 -16.95 13.08
CA ILE E 286 15.25 -17.52 11.77
C ILE E 286 14.76 -16.43 10.83
N HIS E 287 14.24 -15.32 11.37
CA HIS E 287 13.79 -14.20 10.55
C HIS E 287 14.88 -13.65 9.64
N MET E 288 16.15 -14.01 9.89
CA MET E 288 17.25 -13.58 9.05
C MET E 288 17.09 -14.28 7.67
N LEU E 289 16.37 -15.40 7.67
CA LEU E 289 16.02 -16.21 6.51
C LEU E 289 15.31 -15.25 5.61
N MET E 290 15.57 -15.31 4.30
CA MET E 290 15.09 -14.37 3.28
C MET E 290 16.29 -13.53 2.90
N GLY E 291 17.04 -13.07 3.89
CA GLY E 291 18.24 -12.31 3.65
C GLY E 291 18.10 -10.82 3.85
N ASN E 292 19.23 -10.17 4.03
CA ASN E 292 19.30 -8.73 4.31
C ASN E 292 18.99 -7.91 3.05
N GLY E 293 17.69 -7.86 2.74
CA GLY E 293 17.19 -7.21 1.53
C GLY E 293 17.24 -8.20 0.38
N LYS E 294 17.24 -9.49 0.72
CA LYS E 294 17.34 -10.56 -0.26
C LYS E 294 18.52 -10.24 -1.17
N ASP E 295 18.35 -10.30 -2.50
CA ASP E 295 19.43 -9.91 -3.42
C ASP E 295 20.80 -10.54 -3.05
N ASP E 296 20.78 -11.85 -2.82
CA ASP E 296 21.93 -12.69 -2.40
C ASP E 296 22.50 -12.37 -1.03
N ALA E 297 21.72 -11.74 -0.17
CA ALA E 297 22.15 -11.45 1.18
C ALA E 297 21.98 -12.64 2.11
N ALA E 298 22.84 -13.64 1.92
CA ALA E 298 22.95 -14.90 2.67
C ALA E 298 22.05 -16.00 2.19
N ASN E 299 20.76 -15.74 2.34
CA ASN E 299 19.70 -16.72 2.14
C ASN E 299 20.03 -17.88 1.22
N ILE E 300 20.14 -17.60 -0.08
CA ILE E 300 20.27 -18.62 -1.13
C ILE E 300 21.42 -19.61 -0.95
N LEU E 301 22.44 -19.27 -0.18
CA LEU E 301 23.52 -20.20 -0.04
C LEU E 301 23.06 -21.38 0.80
N LYS E 302 22.12 -21.16 1.71
CA LYS E 302 21.66 -22.25 2.54
C LYS E 302 20.84 -23.31 1.78
N PRO E 303 19.74 -23.00 1.03
CA PRO E 303 18.98 -23.99 0.34
C PRO E 303 19.82 -24.61 -0.77
N ALA E 304 20.82 -23.88 -1.25
CA ALA E 304 21.71 -24.39 -2.27
C ALA E 304 22.42 -25.65 -1.82
N LEU E 305 22.66 -25.77 -0.53
CA LEU E 305 23.40 -26.89 0.03
C LEU E 305 22.48 -27.87 0.75
N SER E 306 21.18 -27.69 0.60
CA SER E 306 20.16 -28.47 1.30
C SER E 306 20.16 -29.98 1.09
N ARG E 307 21.00 -30.48 0.20
CA ARG E 307 21.02 -31.90 -0.06
C ARG E 307 22.05 -32.69 0.74
N GLY E 308 22.69 -32.05 1.73
CA GLY E 308 23.61 -32.81 2.58
C GLY E 308 24.09 -32.09 3.84
N GLN E 309 24.27 -32.89 4.89
CA GLN E 309 24.70 -32.44 6.22
C GLN E 309 23.94 -31.18 6.60
N LEU E 310 24.58 -30.14 7.14
CA LEU E 310 23.86 -28.88 7.35
C LEU E 310 22.49 -29.05 8.01
N LYS E 311 22.38 -29.94 8.98
CA LYS E 311 21.08 -30.18 9.60
C LYS E 311 20.77 -29.01 10.52
N VAL E 312 19.60 -28.41 10.39
CA VAL E 312 19.33 -27.24 11.22
C VAL E 312 18.06 -27.34 11.98
N ILE E 313 17.96 -26.50 12.97
CA ILE E 313 16.78 -26.30 13.74
C ILE E 313 16.46 -24.81 13.65
N GLY E 314 15.24 -24.44 13.35
CA GLY E 314 14.94 -23.02 13.31
C GLY E 314 13.97 -22.66 14.41
N ALA E 315 13.54 -21.41 14.45
CA ALA E 315 12.58 -20.95 15.44
C ALA E 315 12.06 -19.56 15.10
N THR E 316 10.78 -19.36 15.37
CA THR E 316 10.10 -18.11 15.11
C THR E 316 8.82 -17.91 15.89
N THR E 317 8.43 -16.68 16.10
CA THR E 317 7.13 -16.45 16.66
C THR E 317 6.11 -16.79 15.60
N ASN E 318 5.03 -17.43 15.95
CA ASN E 318 3.98 -17.78 15.00
C ASN E 318 3.56 -16.63 14.06
N ASN E 319 3.47 -15.44 14.58
CA ASN E 319 3.11 -14.31 13.74
C ASN E 319 4.25 -14.01 12.78
N GLU E 320 5.47 -14.21 13.26
CA GLU E 320 6.64 -13.97 12.45
C GLU E 320 6.73 -15.05 11.41
N TYR E 321 6.39 -16.29 11.79
CA TYR E 321 6.48 -17.43 10.91
C TYR E 321 5.70 -17.09 9.69
N ARG E 322 4.48 -16.69 9.91
CA ARG E 322 3.66 -16.33 8.80
C ARG E 322 4.33 -15.28 7.95
N SER E 323 4.80 -14.18 8.53
CA SER E 323 5.37 -13.17 7.66
C SER E 323 6.65 -13.62 6.96
N ILE E 324 7.44 -14.46 7.59
CA ILE E 324 8.68 -14.93 7.02
C ILE E 324 8.37 -15.84 5.86
N VAL E 325 7.46 -16.75 6.13
CA VAL E 325 7.02 -17.74 5.18
C VAL E 325 6.33 -17.17 3.98
N GLU E 326 5.41 -16.25 4.20
CA GLU E 326 4.69 -15.70 3.07
C GLU E 326 5.62 -14.85 2.21
N LYS E 327 6.59 -14.17 2.83
CA LYS E 327 7.56 -13.37 2.08
C LYS E 327 8.60 -14.25 1.35
N ASP E 328 8.86 -15.45 1.91
CA ASP E 328 9.82 -16.42 1.36
C ASP E 328 9.19 -17.40 0.37
N GLY E 329 8.34 -18.31 0.86
CA GLY E 329 7.69 -19.33 0.04
C GLY E 329 8.52 -20.59 -0.27
N ALA E 330 9.76 -20.69 0.21
CA ALA E 330 10.60 -21.85 -0.09
C ALA E 330 10.72 -22.75 1.12
N PHE E 331 10.90 -22.13 2.26
CA PHE E 331 11.13 -22.91 3.44
C PHE E 331 9.88 -23.50 4.04
N GLU E 332 8.71 -23.14 3.50
CA GLU E 332 7.48 -23.80 3.93
C GLU E 332 7.52 -25.27 3.47
N ARG E 333 8.42 -25.55 2.52
CA ARG E 333 8.59 -26.88 1.99
C ARG E 333 9.88 -27.51 2.47
N ARG E 334 10.91 -26.70 2.67
CA ARG E 334 12.20 -27.23 3.07
C ARG E 334 12.31 -27.57 4.57
N PHE E 335 11.58 -26.82 5.41
CA PHE E 335 11.61 -26.99 6.87
C PHE E 335 10.40 -27.72 7.42
N GLN E 336 10.55 -28.26 8.64
CA GLN E 336 9.42 -28.89 9.32
C GLN E 336 8.89 -28.09 10.50
N LYS E 337 7.69 -27.59 10.33
CA LYS E 337 7.06 -26.79 11.35
C LYS E 337 6.78 -27.62 12.61
N ILE E 338 7.37 -27.23 13.75
CA ILE E 338 7.13 -27.84 15.06
C ILE E 338 6.52 -26.80 15.97
N GLU E 339 5.38 -27.07 16.57
CA GLU E 339 4.78 -26.05 17.41
C GLU E 339 5.15 -26.13 18.86
N VAL E 340 5.23 -24.97 19.49
CA VAL E 340 5.48 -24.85 20.92
C VAL E 340 4.37 -24.00 21.54
N ALA E 341 3.84 -24.41 22.69
CA ALA E 341 2.73 -23.67 23.31
C ALA E 341 2.87 -23.56 24.82
N GLU E 342 1.98 -22.79 25.43
CA GLU E 342 2.02 -22.61 26.87
C GLU E 342 1.61 -23.89 27.62
N PRO E 343 2.19 -24.15 28.80
CA PRO E 343 1.86 -25.16 29.79
C PRO E 343 0.67 -24.74 30.63
N SER E 344 0.12 -25.68 31.38
CA SER E 344 -0.86 -25.36 32.40
C SER E 344 -0.16 -24.75 33.59
N VAL E 345 -0.93 -24.19 34.52
CA VAL E 345 -0.34 -23.66 35.74
C VAL E 345 0.37 -24.74 36.50
N ARG E 346 -0.21 -25.91 36.61
CA ARG E 346 0.45 -26.96 37.35
C ARG E 346 1.78 -27.28 36.71
N GLN E 347 1.80 -27.35 35.39
CA GLN E 347 3.04 -27.62 34.68
C GLN E 347 4.01 -26.47 34.85
N THR E 348 3.49 -25.26 34.86
CA THR E 348 4.34 -24.12 35.02
C THR E 348 4.99 -24.21 36.38
N VAL E 349 4.21 -24.54 37.39
CA VAL E 349 4.78 -24.64 38.70
C VAL E 349 5.86 -25.68 38.68
N ALA E 350 5.64 -26.79 38.00
CA ALA E 350 6.70 -27.76 37.93
C ALA E 350 7.98 -27.16 37.35
N ILE E 351 7.88 -26.29 36.33
CA ILE E 351 9.16 -25.78 35.84
C ILE E 351 9.70 -24.82 36.87
N LEU E 352 8.81 -24.14 37.56
CA LEU E 352 9.27 -23.18 38.51
C LEU E 352 9.99 -23.90 39.63
N ARG E 353 9.50 -25.07 40.03
CA ARG E 353 10.10 -25.83 41.09
C ARG E 353 11.46 -26.33 40.72
N GLY E 354 11.59 -26.85 39.50
CA GLY E 354 12.90 -27.32 39.10
C GLY E 354 13.87 -26.17 39.04
N LEU E 355 13.36 -25.00 38.69
CA LEU E 355 14.16 -23.80 38.61
C LEU E 355 14.21 -23.04 39.91
N GLN E 356 13.38 -23.38 40.88
CA GLN E 356 13.43 -22.63 42.12
C GLN E 356 14.84 -22.54 42.67
N PRO E 357 15.62 -23.63 42.81
CA PRO E 357 17.00 -23.58 43.27
C PRO E 357 17.82 -22.61 42.46
N LYS E 358 17.50 -22.42 41.20
CA LYS E 358 18.28 -21.53 40.40
C LYS E 358 17.98 -20.14 40.84
N TYR E 359 16.72 -19.89 41.13
CA TYR E 359 16.34 -18.57 41.55
C TYR E 359 16.83 -18.29 42.96
N GLU E 360 16.87 -19.32 43.78
CA GLU E 360 17.34 -19.13 45.13
C GLU E 360 18.80 -18.72 45.06
N ILE E 361 19.54 -19.36 44.14
CA ILE E 361 20.94 -19.06 43.87
C ILE E 361 21.17 -17.72 43.22
N HIS E 362 20.34 -17.41 42.23
CA HIS E 362 20.46 -16.18 41.49
C HIS E 362 20.38 -15.00 42.41
N HIS E 363 19.52 -15.11 43.40
CA HIS E 363 19.30 -14.02 44.29
C HIS E 363 19.87 -14.18 45.70
N GLY E 364 20.13 -15.40 46.15
CA GLY E 364 20.61 -15.63 47.51
C GLY E 364 19.49 -15.68 48.56
N VAL E 365 18.36 -16.27 48.21
CA VAL E 365 17.25 -16.34 49.15
C VAL E 365 16.33 -17.51 48.96
N ARG E 366 15.84 -18.06 50.06
CA ARG E 366 14.86 -19.14 50.01
C ARG E 366 13.56 -18.67 49.35
N ILE E 367 12.91 -19.55 48.62
CA ILE E 367 11.64 -19.21 48.00
C ILE E 367 10.52 -20.12 48.47
N LEU E 368 9.38 -19.56 48.89
CA LEU E 368 8.33 -20.48 49.29
C LEU E 368 7.82 -21.24 48.08
N ASP E 369 7.51 -22.52 48.24
CA ASP E 369 6.95 -23.25 47.09
C ASP E 369 5.64 -22.62 46.65
N SER E 370 4.90 -22.11 47.62
CA SER E 370 3.64 -21.48 47.36
C SER E 370 3.79 -20.21 46.54
N ALA E 371 5.01 -19.68 46.45
CA ALA E 371 5.26 -18.49 45.68
C ALA E 371 5.35 -18.84 44.23
N LEU E 372 5.64 -20.09 43.95
CA LEU E 372 5.79 -20.48 42.58
C LEU E 372 4.37 -20.67 42.11
N VAL E 373 3.58 -21.21 43.02
CA VAL E 373 2.19 -21.45 42.76
C VAL E 373 1.50 -20.14 42.54
N THR E 374 1.74 -19.20 43.45
CA THR E 374 1.10 -17.93 43.32
C THR E 374 1.55 -17.21 42.07
N ALA E 375 2.85 -17.22 41.77
CA ALA E 375 3.30 -16.54 40.57
C ALA E 375 2.64 -17.09 39.33
N ALA E 376 2.55 -18.42 39.23
CA ALA E 376 1.94 -19.00 38.05
C ALA E 376 0.45 -18.69 37.98
N GLN E 377 -0.24 -18.75 39.12
CA GLN E 377 -1.66 -18.47 39.11
C GLN E 377 -1.90 -17.03 38.75
N LEU E 378 -1.08 -16.15 39.29
CA LEU E 378 -1.19 -14.74 39.04
C LEU E 378 -0.96 -14.44 37.59
N ALA E 379 0.12 -14.99 37.05
CA ALA E 379 0.42 -14.71 35.68
C ALA E 379 -0.74 -15.13 34.80
N LYS E 380 -1.26 -16.33 35.03
CA LYS E 380 -2.37 -16.78 34.21
C LYS E 380 -3.60 -15.92 34.38
N ARG E 381 -3.98 -15.70 35.62
CA ARG E 381 -5.22 -15.04 35.92
C ARG E 381 -5.27 -13.57 35.55
N TYR E 382 -4.17 -12.85 35.76
CA TYR E 382 -4.23 -11.41 35.56
C TYR E 382 -3.18 -10.76 34.65
N LEU E 383 -2.26 -11.50 34.04
CA LEU E 383 -1.25 -10.85 33.21
C LEU E 383 -1.24 -11.33 31.75
N PRO E 384 -2.35 -11.21 30.99
CA PRO E 384 -2.57 -11.78 29.66
C PRO E 384 -1.63 -11.25 28.59
N TYR E 385 -1.00 -10.13 28.87
CA TYR E 385 -0.08 -9.49 27.97
C TYR E 385 1.20 -10.29 27.73
N ARG E 386 1.51 -11.23 28.62
CA ARG E 386 2.74 -12.00 28.48
C ARG E 386 2.46 -13.48 28.72
N ARG E 387 3.09 -14.33 27.92
CA ARG E 387 2.85 -15.77 27.99
C ARG E 387 3.24 -16.36 29.32
N LEU E 388 2.46 -17.35 29.77
CA LEU E 388 2.64 -17.92 31.09
C LEU E 388 4.03 -18.39 31.48
N PRO E 389 4.76 -19.23 30.74
CA PRO E 389 6.07 -19.68 31.12
C PRO E 389 6.89 -18.50 31.57
N ASP E 390 7.13 -17.54 30.68
CA ASP E 390 7.94 -16.44 31.14
C ASP E 390 7.25 -15.52 32.09
N SER E 391 5.96 -15.31 31.95
CA SER E 391 5.33 -14.36 32.83
C SER E 391 5.50 -14.84 34.26
N ALA E 392 5.27 -16.13 34.50
CA ALA E 392 5.44 -16.66 35.84
C ALA E 392 6.91 -16.61 36.23
N LEU E 393 7.82 -16.92 35.31
CA LEU E 393 9.25 -16.88 35.59
C LEU E 393 9.68 -15.47 35.86
N ASP E 394 9.08 -14.53 35.16
CA ASP E 394 9.38 -13.14 35.35
C ASP E 394 8.87 -12.79 36.71
N LEU E 395 7.68 -13.26 37.08
CA LEU E 395 7.23 -12.96 38.42
C LEU E 395 8.19 -13.54 39.42
N VAL E 396 8.75 -14.70 39.15
CA VAL E 396 9.71 -15.21 40.11
C VAL E 396 10.98 -14.36 40.14
N ASP E 397 11.59 -14.05 38.98
CA ASP E 397 12.83 -13.26 38.92
C ASP E 397 12.59 -11.87 39.50
N ILE E 398 11.45 -11.27 39.16
CA ILE E 398 11.05 -9.96 39.63
C ILE E 398 10.80 -9.98 41.10
N SER E 399 10.03 -10.94 41.57
CA SER E 399 9.73 -10.99 42.97
C SER E 399 10.96 -11.24 43.75
N CYS E 400 11.85 -12.05 43.21
CA CYS E 400 13.08 -12.34 43.88
C CYS E 400 13.91 -11.09 43.90
N ALA E 401 13.93 -10.33 42.81
CA ALA E 401 14.67 -9.08 42.76
C ALA E 401 14.08 -8.07 43.72
N GLY E 402 12.76 -8.03 43.83
CA GLY E 402 12.10 -7.14 44.76
C GLY E 402 12.56 -7.52 46.14
N VAL E 403 12.62 -8.81 46.36
CA VAL E 403 13.12 -9.34 47.59
C VAL E 403 14.59 -9.03 47.70
N ALA E 404 15.36 -9.10 46.62
CA ALA E 404 16.77 -8.78 46.73
C ALA E 404 16.90 -7.38 47.24
N VAL E 405 16.05 -6.49 46.79
CA VAL E 405 16.10 -5.15 47.31
C VAL E 405 15.74 -5.24 48.79
N ALA E 406 14.72 -6.02 49.14
CA ALA E 406 14.36 -6.23 50.54
C ALA E 406 15.51 -6.86 51.37
N ARG E 407 16.29 -7.75 50.80
CA ARG E 407 17.38 -8.35 51.53
C ARG E 407 18.50 -7.36 51.63
N ASP E 408 18.57 -6.53 50.61
CA ASP E 408 19.53 -5.48 50.59
C ASP E 408 18.93 -4.30 51.31
N SER E 409 17.69 -4.49 51.85
CA SER E 409 17.14 -3.44 52.65
C SER E 409 17.84 -3.54 53.96
N LYS E 410 18.57 -4.65 54.22
CA LYS E 410 19.42 -4.62 55.39
C LYS E 410 20.20 -3.30 55.20
N PRO E 411 21.04 -3.11 54.16
CA PRO E 411 21.61 -1.83 53.86
C PRO E 411 20.60 -0.69 53.75
N GLU E 412 19.41 -0.87 53.21
CA GLU E 412 18.57 0.35 53.19
C GLU E 412 18.22 0.85 54.61
N GLU E 413 17.96 -0.06 55.56
CA GLU E 413 17.65 0.32 56.93
C GLU E 413 18.92 0.74 57.62
N LEU E 414 19.98 -0.02 57.39
CA LEU E 414 21.24 0.28 58.02
C LEU E 414 21.67 1.62 57.48
N ASP E 415 21.38 1.86 56.20
CA ASP E 415 21.74 3.10 55.55
C ASP E 415 20.79 4.20 55.97
N SER E 416 19.53 3.89 56.28
CA SER E 416 18.65 4.95 56.76
C SER E 416 19.24 5.46 58.07
N LYS E 417 19.72 4.52 58.89
CA LYS E 417 20.40 4.88 60.11
C LYS E 417 21.73 5.54 59.76
N GLU E 418 22.39 5.09 58.68
CA GLU E 418 23.60 5.75 58.22
C GLU E 418 23.27 7.18 57.80
N ARG E 419 22.06 7.45 57.28
CA ARG E 419 21.73 8.80 56.89
C ARG E 419 21.71 9.64 58.13
N GLN E 420 21.23 9.06 59.24
CA GLN E 420 21.27 9.79 60.49
C GLN E 420 22.76 9.98 60.83
N LEU E 421 23.58 8.95 60.57
CA LEU E 421 25.02 9.05 60.78
C LEU E 421 25.64 10.08 59.87
N GLN E 422 25.10 10.29 58.68
CA GLN E 422 25.62 11.29 57.78
C GLN E 422 25.15 12.67 58.18
N LEU E 423 23.96 12.80 58.78
CA LEU E 423 23.57 14.11 59.25
C LEU E 423 24.59 14.48 60.31
N ILE E 424 24.95 13.48 61.11
CA ILE E 424 25.96 13.56 62.14
C ILE E 424 27.35 13.79 61.58
N GLN E 425 27.75 13.03 60.54
CA GLN E 425 29.06 13.22 59.95
C GLN E 425 29.20 14.62 59.43
N VAL E 426 28.17 15.11 58.74
CA VAL E 426 28.21 16.45 58.20
C VAL E 426 28.28 17.46 59.31
N GLU E 427 27.46 17.31 60.35
CA GLU E 427 27.54 18.25 61.46
C GLU E 427 28.96 18.20 62.03
N ILE E 428 29.50 17.00 62.21
CA ILE E 428 30.84 16.90 62.75
C ILE E 428 31.87 17.55 61.85
N LYS E 429 31.85 17.26 60.56
CA LYS E 429 32.85 17.83 59.66
C LYS E 429 32.72 19.33 59.58
N ALA E 430 31.48 19.82 59.61
CA ALA E 430 31.21 21.25 59.58
C ALA E 430 31.79 21.94 60.79
N LEU E 431 31.77 21.24 61.93
CA LEU E 431 32.23 21.75 63.20
C LEU E 431 33.63 21.25 63.64
N GLU E 432 34.18 20.27 62.92
CA GLU E 432 35.43 19.59 63.27
C GLU E 432 36.64 20.51 63.48
N ARG E 433 36.86 21.48 62.58
CA ARG E 433 37.99 22.41 62.73
C ARG E 433 37.61 23.84 62.39
N ASP E 434 37.89 24.74 63.32
CA ASP E 434 37.63 26.17 63.21
C ASP E 434 38.37 26.90 64.33
N GLU E 435 38.34 28.22 64.29
CA GLU E 435 38.97 29.05 65.33
C GLU E 435 38.33 28.81 66.70
N ASP E 436 37.03 28.55 66.69
CA ASP E 436 36.28 28.30 67.91
C ASP E 436 35.91 26.83 68.07
N ALA E 437 36.70 25.92 67.49
CA ALA E 437 36.43 24.48 67.58
C ALA E 437 36.35 23.99 69.02
N ASP E 438 37.03 24.68 69.93
CA ASP E 438 37.06 24.29 71.34
C ASP E 438 35.91 24.89 72.14
N SER E 439 35.10 25.72 71.49
CA SER E 439 33.94 26.33 72.15
C SER E 439 32.79 25.36 72.09
N THR E 440 31.89 25.42 73.06
CA THR E 440 30.68 24.59 73.05
C THR E 440 29.78 24.93 71.84
N THR E 441 30.10 26.05 71.19
CA THR E 441 29.45 26.50 69.98
C THR E 441 29.58 25.45 68.87
N LYS E 442 30.79 24.88 68.75
CA LYS E 442 31.13 23.93 67.70
C LYS E 442 31.35 22.53 68.26
N ASP E 443 31.77 22.45 69.52
CA ASP E 443 32.09 21.21 70.20
C ASP E 443 30.83 20.36 70.41
N ARG E 444 29.64 20.94 70.14
CA ARG E 444 28.37 20.23 70.22
C ARG E 444 28.38 19.00 69.30
N LEU E 445 29.34 18.95 68.36
CA LEU E 445 29.49 17.82 67.49
C LEU E 445 29.71 16.54 68.30
N LYS E 446 30.17 16.65 69.57
CA LYS E 446 30.36 15.49 70.40
C LYS E 446 29.03 14.80 70.67
N LEU E 447 27.95 15.57 70.75
CA LEU E 447 26.65 14.98 71.03
C LEU E 447 26.23 14.21 69.79
N ALA E 448 26.55 14.80 68.64
CA ALA E 448 26.24 14.13 67.38
C ALA E 448 27.04 12.83 67.36
N ARG E 449 28.29 12.89 67.82
CA ARG E 449 29.20 11.75 67.92
C ARG E 449 28.67 10.67 68.90
N GLN E 450 28.01 11.07 69.99
CA GLN E 450 27.46 10.07 70.91
C GLN E 450 26.42 9.24 70.17
N LYS E 451 25.63 9.92 69.33
CA LYS E 451 24.64 9.23 68.53
C LYS E 451 25.35 8.45 67.43
N GLU E 452 26.43 9.02 66.89
CA GLU E 452 27.17 8.34 65.85
C GLU E 452 27.54 6.96 66.34
N ALA E 453 28.18 6.94 67.51
CA ALA E 453 28.63 5.71 68.09
C ALA E 453 27.47 4.79 68.42
N SER E 454 26.37 5.32 68.94
CA SER E 454 25.27 4.47 69.32
C SER E 454 24.72 3.72 68.10
N LEU E 455 24.57 4.44 66.99
CA LEU E 455 24.07 3.80 65.80
C LEU E 455 25.09 2.82 65.26
N GLN E 456 26.37 3.18 65.25
CA GLN E 456 27.39 2.27 64.73
C GLN E 456 27.47 0.99 65.55
N GLU E 457 27.30 1.09 66.86
CA GLU E 457 27.34 -0.10 67.69
C GLU E 457 26.26 -1.10 67.27
N GLU E 458 25.08 -0.62 66.89
CA GLU E 458 24.05 -1.54 66.40
C GLU E 458 24.32 -1.95 64.94
N LEU E 459 24.59 -0.94 64.11
CA LEU E 459 24.69 -1.12 62.68
C LEU E 459 25.85 -1.95 62.23
N GLU E 460 26.99 -1.79 62.87
CA GLU E 460 28.14 -2.51 62.41
C GLU E 460 27.95 -4.01 62.55
N PRO E 461 27.49 -4.59 63.67
CA PRO E 461 27.28 -6.01 63.75
C PRO E 461 26.11 -6.46 62.89
N LEU E 462 25.15 -5.58 62.62
CA LEU E 462 24.09 -6.03 61.73
C LEU E 462 24.61 -6.09 60.30
N ARG E 463 25.48 -5.15 59.96
CA ARG E 463 26.09 -5.08 58.64
C ARG E 463 27.06 -6.22 58.44
N GLN E 464 27.88 -6.48 59.46
CA GLN E 464 28.84 -7.55 59.36
C GLN E 464 28.08 -8.85 59.23
N ARG E 465 26.98 -8.97 59.98
CA ARG E 465 26.19 -10.18 59.89
C ARG E 465 25.61 -10.29 58.51
N TYR E 466 25.06 -9.21 57.96
CA TYR E 466 24.55 -9.23 56.60
C TYR E 466 25.62 -9.79 55.66
N ASN E 467 26.84 -9.27 55.75
CA ASN E 467 27.87 -9.79 54.90
C ASN E 467 28.14 -11.28 55.17
N GLU E 468 28.12 -11.72 56.43
CA GLU E 468 28.36 -13.14 56.72
C GLU E 468 27.28 -14.01 56.11
N GLU E 469 26.06 -13.54 56.20
CA GLU E 469 24.91 -14.26 55.72
C GLU E 469 25.02 -14.37 54.21
N LYS E 470 25.47 -13.28 53.59
CA LYS E 470 25.67 -13.24 52.17
C LYS E 470 26.80 -14.17 51.77
N HIS E 471 27.87 -14.22 52.56
CA HIS E 471 29.00 -15.07 52.24
C HIS E 471 28.58 -16.52 52.40
N GLY E 472 27.64 -16.77 53.33
CA GLY E 472 27.08 -18.11 53.50
C GLY E 472 26.45 -18.51 52.16
N HIS E 473 25.65 -17.61 51.60
CA HIS E 473 25.00 -17.89 50.33
C HIS E 473 25.99 -17.92 49.17
N GLU E 474 27.03 -17.11 49.24
CA GLU E 474 28.04 -17.13 48.20
C GLU E 474 28.63 -18.51 48.17
N GLU E 475 29.00 -19.03 49.34
CA GLU E 475 29.57 -20.36 49.41
C GLU E 475 28.53 -21.39 48.96
N LEU E 476 27.24 -21.22 49.32
CA LEU E 476 26.24 -22.18 48.86
C LEU E 476 26.18 -22.21 47.34
N THR E 477 26.30 -21.03 46.73
CA THR E 477 26.28 -20.93 45.28
C THR E 477 27.46 -21.62 44.65
N GLN E 478 28.64 -21.32 45.18
CA GLN E 478 29.86 -21.87 44.62
C GLN E 478 29.93 -23.37 44.84
N ALA E 479 29.52 -23.79 46.03
CA ALA E 479 29.52 -25.19 46.41
C ALA E 479 28.56 -25.94 45.53
N LYS E 480 27.36 -25.40 45.35
CA LYS E 480 26.37 -26.03 44.52
C LYS E 480 26.84 -26.05 43.08
N LYS E 481 27.42 -24.95 42.60
CA LYS E 481 27.88 -24.94 41.22
C LYS E 481 28.83 -26.08 40.99
N LYS E 482 29.80 -26.25 41.88
CA LYS E 482 30.75 -27.33 41.69
C LYS E 482 30.06 -28.66 41.85
N LEU E 483 29.13 -28.76 42.80
CA LEU E 483 28.44 -30.02 43.02
C LEU E 483 27.84 -30.43 41.68
N ASP E 484 27.16 -29.48 41.03
CA ASP E 484 26.49 -29.73 39.78
C ASP E 484 27.43 -30.02 38.62
N GLU E 485 28.59 -29.36 38.56
CA GLU E 485 29.50 -29.66 37.46
C GLU E 485 29.94 -31.10 37.56
N LEU E 486 30.21 -31.50 38.81
CA LEU E 486 30.68 -32.83 39.07
C LEU E 486 29.55 -33.82 38.80
N GLU E 487 28.31 -33.42 39.11
CA GLU E 487 27.18 -34.29 38.84
C GLU E 487 26.97 -34.45 37.34
N ASN E 488 27.22 -33.44 36.51
CA ASN E 488 27.04 -33.68 35.08
C ASN E 488 28.10 -34.67 34.62
N LYS E 489 29.31 -34.60 35.18
CA LYS E 489 30.31 -35.58 34.79
C LYS E 489 29.82 -36.94 35.24
N ALA E 490 29.23 -36.99 36.44
CA ALA E 490 28.69 -38.25 36.91
C ALA E 490 27.57 -38.72 36.01
N LEU E 491 26.74 -37.82 35.52
CA LEU E 491 25.63 -38.22 34.66
C LEU E 491 26.17 -38.82 33.38
N ASP E 492 27.22 -38.19 32.84
CA ASP E 492 27.88 -38.69 31.65
C ASP E 492 28.23 -40.13 31.95
N ALA E 493 28.91 -40.33 33.08
CA ALA E 493 29.33 -41.63 33.53
C ALA E 493 28.21 -42.59 33.85
N GLU E 494 27.10 -42.14 34.41
CA GLU E 494 26.05 -43.06 34.78
C GLU E 494 25.44 -43.68 33.57
N ARG E 495 25.25 -42.88 32.57
CA ARG E 495 24.66 -43.35 31.35
C ARG E 495 25.54 -44.33 30.62
N ARG E 496 26.85 -44.11 30.61
CA ARG E 496 27.74 -45.04 29.92
C ARG E 496 28.54 -45.97 30.83
N TYR E 497 28.35 -45.88 32.15
CA TYR E 497 29.06 -46.70 33.13
C TYR E 497 30.59 -46.56 33.04
N ASP E 498 31.05 -45.33 33.33
CA ASP E 498 32.48 -44.91 33.29
C ASP E 498 33.40 -45.67 34.25
N THR E 499 32.97 -45.79 35.52
CA THR E 499 33.71 -46.42 36.63
C THR E 499 34.96 -45.69 37.15
N ALA E 500 35.39 -44.58 36.52
CA ALA E 500 36.68 -44.03 36.91
C ALA E 500 36.72 -42.52 37.08
N THR E 501 36.62 -41.78 35.97
CA THR E 501 36.84 -40.35 36.05
C THR E 501 35.72 -39.69 36.81
N ALA E 502 34.53 -40.26 36.71
CA ALA E 502 33.44 -39.73 37.49
C ALA E 502 33.43 -40.33 38.87
N ALA E 503 33.83 -41.60 38.97
CA ALA E 503 33.77 -42.28 40.24
C ALA E 503 34.68 -41.54 41.23
N ASP E 504 35.82 -41.03 40.73
CA ASP E 504 36.79 -40.25 41.50
C ASP E 504 36.27 -38.89 42.00
N LEU E 505 35.16 -38.44 41.45
CA LEU E 505 34.55 -37.18 41.80
C LEU E 505 33.35 -37.43 42.67
N ARG E 506 32.61 -38.47 42.33
CA ARG E 506 31.48 -38.87 43.13
C ARG E 506 32.05 -39.20 44.50
N TYR E 507 33.21 -39.84 44.47
CA TYR E 507 33.98 -40.11 45.64
C TYR E 507 34.37 -38.84 46.33
N PHE E 508 33.84 -38.64 47.52
CA PHE E 508 34.16 -37.52 48.38
C PHE E 508 33.79 -36.14 47.86
N ALA E 509 34.25 -35.72 46.69
CA ALA E 509 33.90 -34.37 46.29
C ALA E 509 32.38 -34.18 46.29
N ILE E 510 31.62 -35.13 45.78
CA ILE E 510 30.18 -34.94 45.86
C ILE E 510 29.62 -34.87 47.30
N PRO E 511 29.75 -35.89 48.17
CA PRO E 511 29.19 -35.82 49.51
C PRO E 511 29.88 -34.79 50.41
N ASP E 512 31.13 -34.41 50.12
CA ASP E 512 31.76 -33.41 50.95
C ASP E 512 31.15 -32.07 50.66
N ILE E 513 30.90 -31.80 49.38
CA ILE E 513 30.28 -30.55 49.02
C ILE E 513 28.87 -30.54 49.58
N LYS E 514 28.15 -31.64 49.42
CA LYS E 514 26.80 -31.73 49.95
C LYS E 514 26.81 -31.44 51.44
N LYS E 515 27.73 -32.05 52.18
CA LYS E 515 27.83 -31.81 53.61
C LYS E 515 28.18 -30.37 53.90
N GLN E 516 29.00 -29.71 53.08
CA GLN E 516 29.31 -28.32 53.37
C GLN E 516 28.04 -27.50 53.21
N ILE E 517 27.23 -27.84 52.24
CA ILE E 517 25.98 -27.14 52.04
C ILE E 517 25.09 -27.33 53.27
N GLU E 518 25.04 -28.57 53.78
CA GLU E 518 24.27 -28.85 54.98
C GLU E 518 24.83 -28.07 56.18
N LYS E 519 26.15 -27.93 56.28
CA LYS E 519 26.75 -27.18 57.37
C LYS E 519 26.36 -25.70 57.25
N LEU E 520 26.29 -25.21 56.02
CA LEU E 520 25.87 -23.84 55.82
C LEU E 520 24.40 -23.70 56.27
N GLU E 521 23.59 -24.74 56.03
CA GLU E 521 22.22 -24.69 56.53
C GLU E 521 22.26 -24.54 58.05
N ASP E 522 23.12 -25.31 58.71
CA ASP E 522 23.23 -25.17 60.17
C ASP E 522 23.60 -23.74 60.55
N GLN E 523 24.41 -23.04 59.73
CA GLN E 523 24.77 -21.65 60.02
C GLN E 523 23.53 -20.75 59.96
N VAL E 524 22.50 -21.14 59.19
CA VAL E 524 21.26 -20.37 59.14
C VAL E 524 20.72 -20.33 60.53
N ALA E 525 20.79 -21.47 61.21
CA ALA E 525 20.47 -21.55 62.63
C ALA E 525 19.23 -20.78 63.03
N GLU E 526 18.06 -21.23 62.66
CA GLU E 526 16.87 -20.48 63.02
C GLU E 526 16.85 -20.26 64.53
N GLU E 527 16.40 -19.08 64.97
CA GLU E 527 16.42 -18.75 66.39
C GLU E 527 15.18 -18.01 66.88
N GLU E 528 15.01 -17.98 68.19
CA GLU E 528 13.84 -17.34 68.79
C GLU E 528 13.66 -15.87 68.44
N ARG E 529 14.75 -15.11 68.32
CA ARG E 529 14.59 -13.70 68.01
C ARG E 529 14.26 -13.45 66.53
N ARG E 530 14.41 -14.48 65.70
CA ARG E 530 14.13 -14.35 64.28
C ARG E 530 14.19 -15.70 63.58
N ALA E 531 13.19 -15.98 62.76
CA ALA E 531 13.33 -17.19 61.97
C ALA E 531 14.54 -16.95 61.09
N GLY E 532 15.53 -17.79 61.25
CA GLY E 532 16.82 -17.66 60.58
C GLY E 532 17.75 -16.76 61.38
N ALA E 533 18.86 -17.31 61.92
CA ALA E 533 19.92 -16.44 62.42
C ALA E 533 20.42 -15.68 61.20
N ASN E 534 20.42 -16.35 60.03
CA ASN E 534 20.79 -15.66 58.80
C ASN E 534 19.56 -14.86 58.35
N SER E 535 19.35 -13.76 59.05
CA SER E 535 18.17 -12.92 58.99
C SER E 535 17.88 -12.23 57.65
N MET E 536 18.89 -12.07 56.80
CA MET E 536 18.63 -11.49 55.48
C MET E 536 17.83 -12.46 54.62
N ILE E 537 17.62 -13.71 55.04
CA ILE E 537 16.85 -14.59 54.18
C ILE E 537 15.39 -14.25 54.24
N GLN E 538 15.02 -13.26 53.49
CA GLN E 538 13.66 -12.81 53.43
C GLN E 538 12.95 -13.72 52.45
N ASN E 539 12.64 -14.91 52.93
CA ASN E 539 12.07 -15.99 52.15
C ASN E 539 11.00 -15.39 51.27
N VAL E 540 11.14 -15.57 49.96
CA VAL E 540 10.23 -14.89 49.05
C VAL E 540 8.80 -15.28 49.38
N VAL E 541 7.97 -14.25 49.62
CA VAL E 541 6.62 -14.50 50.08
C VAL E 541 5.58 -14.59 48.98
N ASP E 542 4.95 -15.74 48.96
CA ASP E 542 3.94 -16.08 48.01
C ASP E 542 2.90 -15.01 47.76
N SER E 543 2.43 -14.46 48.84
CA SER E 543 1.44 -13.45 48.89
C SER E 543 2.07 -12.07 48.85
N ASP E 544 2.59 -11.59 49.96
CA ASP E 544 3.15 -10.24 49.97
C ASP E 544 4.20 -9.95 48.89
N THR E 545 5.11 -10.86 48.59
CA THR E 545 6.11 -10.48 47.61
C THR E 545 5.54 -10.50 46.23
N ILE E 546 4.82 -11.56 45.90
CA ILE E 546 4.35 -11.65 44.53
C ILE E 546 3.34 -10.56 44.29
N SER E 547 2.42 -10.36 45.23
CA SER E 547 1.42 -9.34 45.07
C SER E 547 2.03 -7.97 44.99
N GLU E 548 2.94 -7.63 45.90
CA GLU E 548 3.47 -6.28 45.92
C GLU E 548 4.32 -5.99 44.71
N THR E 549 5.19 -6.90 44.34
CA THR E 549 6.03 -6.57 43.23
C THR E 549 5.24 -6.57 41.95
N ALA E 550 4.25 -7.47 41.86
CA ALA E 550 3.43 -7.48 40.70
C ALA E 550 2.62 -6.21 40.64
N ALA E 551 2.09 -5.77 41.76
CA ALA E 551 1.28 -4.56 41.80
C ALA E 551 2.06 -3.35 41.36
N ARG E 552 3.31 -3.27 41.73
CA ARG E 552 4.07 -2.12 41.34
C ARG E 552 4.21 -2.05 39.81
N LEU E 553 4.22 -3.21 39.17
CA LEU E 553 4.32 -3.29 37.72
C LEU E 553 2.99 -3.46 36.96
N THR E 554 1.99 -4.05 37.60
CA THR E 554 0.71 -4.37 36.96
C THR E 554 -0.46 -3.71 37.68
N GLY E 555 -0.18 -2.89 38.67
CA GLY E 555 -1.21 -2.19 39.40
C GLY E 555 -1.91 -3.09 40.40
N ILE E 556 -2.78 -3.92 39.86
CA ILE E 556 -3.61 -4.85 40.61
C ILE E 556 -3.80 -4.55 42.10
N PRO E 557 -4.39 -3.39 42.50
CA PRO E 557 -4.66 -3.08 43.88
C PRO E 557 -5.59 -4.10 44.51
N VAL E 558 -6.37 -4.79 43.68
CA VAL E 558 -7.26 -5.81 44.20
C VAL E 558 -6.51 -6.97 44.86
N LYS E 559 -5.22 -7.13 44.56
CA LYS E 559 -4.43 -8.21 45.15
C LYS E 559 -3.69 -7.79 46.44
N LYS E 560 -3.81 -6.53 46.85
CA LYS E 560 -3.05 -6.04 48.00
C LYS E 560 -3.49 -6.56 49.37
N LEU E 561 -4.80 -6.65 49.64
CA LEU E 561 -5.29 -7.08 50.96
C LEU E 561 -4.73 -6.23 52.12
N SER E 562 -4.73 -4.92 51.90
CA SER E 562 -4.22 -3.91 52.84
C SER E 562 -4.87 -3.81 54.21
N GLU E 563 -4.05 -3.56 55.21
CA GLU E 563 -4.49 -3.35 56.58
C GLU E 563 -5.42 -2.12 56.73
N SER E 564 -5.47 -1.30 55.70
CA SER E 564 -6.28 -0.11 55.68
C SER E 564 -7.68 -0.34 55.16
N GLU E 565 -8.09 -1.62 54.98
CA GLU E 565 -9.44 -2.01 54.52
C GLU E 565 -10.53 -1.32 55.29
N ASN E 566 -10.28 -0.96 56.54
CA ASN E 566 -11.27 -0.25 57.32
C ASN E 566 -11.80 0.91 56.49
N GLU E 567 -10.89 1.64 55.84
CA GLU E 567 -11.29 2.75 55.00
C GLU E 567 -11.36 2.25 53.58
N LYS E 568 -10.43 1.37 53.23
CA LYS E 568 -10.32 0.88 51.88
C LYS E 568 -11.32 -0.25 51.66
N LEU E 569 -12.58 0.16 51.52
CA LEU E 569 -13.80 -0.63 51.33
C LEU E 569 -14.75 -0.74 52.50
N ILE E 570 -14.30 -1.03 53.70
CA ILE E 570 -15.31 -1.19 54.75
C ILE E 570 -16.12 0.07 54.98
N HIS E 571 -15.47 1.22 55.05
CA HIS E 571 -16.21 2.46 55.21
C HIS E 571 -16.50 3.11 53.87
N MET E 572 -16.39 2.37 52.77
CA MET E 572 -16.64 2.94 51.46
C MET E 572 -18.00 3.54 51.31
N GLU E 573 -19.04 2.86 51.78
CA GLU E 573 -20.36 3.42 51.59
C GLU E 573 -20.46 4.76 52.31
N ARG E 574 -19.85 4.83 53.49
CA ARG E 574 -19.86 6.06 54.27
C ARG E 574 -19.15 7.15 53.51
N ASP E 575 -17.94 6.82 53.08
CA ASP E 575 -17.13 7.79 52.41
C ASP E 575 -17.86 8.29 51.18
N LEU E 576 -18.44 7.38 50.43
CA LEU E 576 -19.17 7.80 49.27
C LEU E 576 -20.38 8.59 49.62
N SER E 577 -21.07 8.27 50.71
CA SER E 577 -22.25 9.03 51.08
C SER E 577 -21.90 10.46 51.51
N SER E 578 -20.63 10.73 51.81
CA SER E 578 -20.25 12.09 52.17
C SER E 578 -20.01 12.91 50.91
N GLU E 579 -19.93 12.22 49.78
CA GLU E 579 -19.70 12.82 48.48
C GLU E 579 -21.01 12.85 47.71
N VAL E 580 -21.75 11.75 47.84
CA VAL E 580 -22.99 11.52 47.15
C VAL E 580 -24.14 11.50 48.11
N VAL E 581 -25.12 12.32 47.84
CA VAL E 581 -26.25 12.40 48.73
C VAL E 581 -27.29 11.38 48.36
N GLY E 582 -27.71 10.61 49.35
CA GLY E 582 -28.70 9.58 49.11
C GLY E 582 -28.15 8.59 48.11
N GLN E 583 -29.03 8.08 47.27
CA GLN E 583 -28.70 7.07 46.27
C GLN E 583 -27.97 5.93 46.94
N MET E 584 -28.50 5.56 48.09
CA MET E 584 -27.90 4.56 48.94
C MET E 584 -27.68 3.25 48.22
N ASP E 585 -28.66 2.81 47.47
CA ASP E 585 -28.51 1.54 46.78
C ASP E 585 -27.43 1.59 45.72
N ALA E 586 -27.31 2.72 45.03
CA ALA E 586 -26.31 2.85 43.99
C ALA E 586 -24.92 2.80 44.59
N ILE E 587 -24.78 3.45 45.74
CA ILE E 587 -23.51 3.48 46.43
C ILE E 587 -23.16 2.06 46.81
N LYS E 588 -24.14 1.34 47.34
CA LYS E 588 -23.96 -0.03 47.75
C LYS E 588 -23.63 -0.91 46.57
N ALA E 589 -24.28 -0.71 45.44
CA ALA E 589 -24.05 -1.56 44.29
C ALA E 589 -22.60 -1.53 43.85
N VAL E 590 -22.03 -0.34 43.78
CA VAL E 590 -20.66 -0.29 43.35
C VAL E 590 -19.77 -0.87 44.40
N SER E 591 -20.05 -0.51 45.64
CA SER E 591 -19.24 -0.94 46.75
C SER E 591 -19.22 -2.45 46.79
N ASN E 592 -20.34 -3.06 46.56
CA ASN E 592 -20.41 -4.49 46.60
C ASN E 592 -19.50 -5.11 45.56
N ALA E 593 -19.51 -4.56 44.36
CA ALA E 593 -18.68 -5.13 43.33
C ALA E 593 -17.21 -5.05 43.66
N VAL E 594 -16.79 -3.91 44.19
CA VAL E 594 -15.38 -3.79 44.48
C VAL E 594 -14.99 -4.64 45.67
N ARG E 595 -15.93 -4.92 46.55
CA ARG E 595 -15.64 -5.81 47.64
C ARG E 595 -15.35 -7.21 47.11
N LEU E 596 -16.07 -7.64 46.07
CA LEU E 596 -15.78 -8.95 45.48
C LEU E 596 -14.43 -8.93 44.77
N SER E 597 -14.11 -7.81 44.16
CA SER E 597 -12.84 -7.71 43.44
C SER E 597 -11.70 -7.90 44.43
N ARG E 598 -11.66 -7.03 45.43
CA ARG E 598 -10.61 -7.07 46.44
C ARG E 598 -10.59 -8.38 47.23
N SER E 599 -11.74 -9.02 47.39
CA SER E 599 -11.79 -10.26 48.12
C SER E 599 -11.41 -11.47 47.29
N GLY E 600 -11.20 -11.27 45.99
CA GLY E 600 -10.87 -12.37 45.09
C GLY E 600 -12.10 -13.16 44.69
N LEU E 601 -13.27 -12.58 44.93
CA LEU E 601 -14.52 -13.24 44.66
C LEU E 601 -15.08 -12.83 43.32
N ALA E 602 -14.62 -11.71 42.82
CA ALA E 602 -15.11 -11.33 41.52
C ALA E 602 -14.66 -12.40 40.57
N ASN E 603 -15.52 -12.78 39.64
CA ASN E 603 -15.15 -13.79 38.68
C ASN E 603 -14.36 -13.17 37.54
N PRO E 604 -13.07 -13.53 37.32
CA PRO E 604 -12.19 -12.98 36.29
C PRO E 604 -12.80 -12.91 34.89
N ARG E 605 -13.86 -13.65 34.64
CA ARG E 605 -14.46 -13.63 33.32
C ARG E 605 -15.18 -12.30 33.03
N GLN E 606 -15.47 -11.50 34.05
CA GLN E 606 -16.27 -10.30 33.81
C GLN E 606 -15.96 -9.09 34.71
N PRO E 607 -15.95 -7.85 34.16
CA PRO E 607 -15.77 -6.59 34.86
C PRO E 607 -17.00 -6.25 35.68
N ALA E 608 -16.85 -5.40 36.67
CA ALA E 608 -18.05 -5.00 37.40
C ALA E 608 -18.93 -4.27 36.43
N SER E 609 -20.26 -4.45 36.45
CA SER E 609 -21.07 -3.71 35.49
C SER E 609 -22.43 -3.20 35.94
N PHE E 610 -22.62 -1.88 35.97
CA PHE E 610 -23.91 -1.37 36.42
C PHE E 610 -24.53 -0.37 35.50
N LEU E 611 -25.86 -0.41 35.40
CA LEU E 611 -26.59 0.57 34.59
C LEU E 611 -27.34 1.59 35.43
N PHE E 612 -26.95 2.84 35.32
CA PHE E 612 -27.50 3.91 36.12
C PHE E 612 -28.66 4.63 35.45
N LEU E 613 -29.85 4.42 36.00
CA LEU E 613 -31.09 5.00 35.46
C LEU E 613 -31.72 6.00 36.43
N GLY E 614 -32.39 7.04 35.91
CA GLY E 614 -33.08 8.00 36.77
C GLY E 614 -33.02 9.42 36.21
N LEU E 615 -33.49 10.38 37.00
CA LEU E 615 -33.52 11.79 36.62
C LEU E 615 -32.11 12.32 36.38
N SER E 616 -31.90 13.06 35.31
CA SER E 616 -30.58 13.63 35.14
C SER E 616 -30.42 14.56 36.32
N GLY E 617 -29.24 14.61 36.91
CA GLY E 617 -29.02 15.47 38.06
C GLY E 617 -29.30 14.70 39.34
N SER E 618 -29.48 13.39 39.22
CA SER E 618 -29.66 12.51 40.35
C SER E 618 -28.31 12.02 40.90
N GLY E 619 -27.21 12.37 40.23
CA GLY E 619 -25.87 11.98 40.66
C GLY E 619 -25.37 10.67 40.05
N LYS E 620 -25.83 10.34 38.84
CA LYS E 620 -25.43 9.10 38.20
C LYS E 620 -23.96 9.14 37.79
N THR E 621 -23.56 10.18 37.06
CA THR E 621 -22.17 10.25 36.65
C THR E 621 -21.36 10.77 37.79
N GLU E 622 -22.00 11.50 38.69
CA GLU E 622 -21.27 11.98 39.83
C GLU E 622 -20.86 10.78 40.65
N LEU E 623 -21.77 9.82 40.86
CA LEU E 623 -21.38 8.65 41.61
C LEU E 623 -20.25 7.98 40.93
N ALA E 624 -20.38 7.78 39.63
CA ALA E 624 -19.33 7.10 38.92
C ALA E 624 -17.99 7.83 39.10
N LYS E 625 -18.00 9.15 39.06
CA LYS E 625 -16.75 9.86 39.25
C LYS E 625 -16.25 9.70 40.66
N LYS E 626 -17.17 9.70 41.61
CA LYS E 626 -16.76 9.62 43.00
C LYS E 626 -16.20 8.28 43.33
N VAL E 627 -16.68 7.22 42.66
CA VAL E 627 -16.07 5.95 42.97
C VAL E 627 -14.70 5.91 42.31
N ALA E 628 -14.50 6.58 41.18
CA ALA E 628 -13.13 6.64 40.64
C ALA E 628 -12.25 7.34 41.66
N GLY E 629 -12.83 8.35 42.28
CA GLY E 629 -12.16 9.08 43.31
C GLY E 629 -11.76 8.12 44.40
N PHE E 630 -12.74 7.57 45.08
CA PHE E 630 -12.49 6.67 46.20
C PHE E 630 -11.58 5.51 45.86
N LEU E 631 -11.91 4.80 44.80
CA LEU E 631 -11.24 3.57 44.42
C LEU E 631 -9.80 3.75 43.98
N PHE E 632 -9.50 4.83 43.28
CA PHE E 632 -8.15 5.02 42.80
C PHE E 632 -7.52 6.28 43.35
N ASN E 633 -8.23 6.95 44.25
CA ASN E 633 -7.82 8.22 44.85
C ASN E 633 -7.66 9.27 43.78
N ASP E 634 -8.49 9.19 42.73
CA ASP E 634 -8.41 10.16 41.66
C ASP E 634 -9.61 10.10 40.70
N GLU E 635 -10.47 11.09 40.80
CA GLU E 635 -11.70 11.12 40.00
C GLU E 635 -11.38 11.27 38.51
N ASP E 636 -10.23 11.83 38.20
CA ASP E 636 -9.84 12.11 36.83
C ASP E 636 -9.36 10.87 36.12
N MET E 637 -9.21 9.77 36.85
CA MET E 637 -8.86 8.52 36.20
C MET E 637 -10.06 7.90 35.55
N MET E 638 -11.24 8.50 35.73
CA MET E 638 -12.40 7.96 35.09
C MET E 638 -12.31 8.00 33.60
N ILE E 639 -12.39 6.84 32.99
CA ILE E 639 -12.35 6.80 31.57
C ILE E 639 -13.77 6.98 31.13
N ARG E 640 -14.21 8.20 31.09
CA ARG E 640 -15.58 8.35 30.71
C ARG E 640 -15.62 8.04 29.26
N VAL E 641 -16.58 7.25 28.90
CA VAL E 641 -16.74 6.85 27.55
C VAL E 641 -17.91 7.62 27.03
N ASP E 642 -17.62 8.54 26.17
CA ASP E 642 -18.62 9.47 25.72
C ASP E 642 -19.43 8.80 24.62
N CYS E 643 -20.23 7.84 25.01
CA CYS E 643 -20.92 6.94 24.11
C CYS E 643 -21.83 7.60 23.12
N SER E 644 -22.51 8.69 23.49
CA SER E 644 -23.35 9.34 22.48
C SER E 644 -22.49 9.98 21.40
N GLU E 645 -21.20 10.19 21.68
CA GLU E 645 -20.33 10.83 20.71
C GLU E 645 -19.81 9.72 19.83
N LEU E 646 -20.72 9.20 19.01
CA LEU E 646 -20.41 7.99 18.29
C LEU E 646 -21.19 7.64 17.04
N SER E 647 -20.45 7.38 15.98
CA SER E 647 -20.97 6.93 14.70
C SER E 647 -20.60 5.47 14.51
N GLU E 648 -21.10 4.90 13.44
CA GLU E 648 -20.78 3.54 13.01
C GLU E 648 -19.30 3.33 12.68
N LYS E 649 -18.51 4.42 12.60
CA LYS E 649 -17.11 4.26 12.26
C LYS E 649 -16.40 3.69 13.47
N TYR E 650 -16.86 4.13 14.64
CA TYR E 650 -16.40 3.69 15.93
C TYR E 650 -14.93 3.48 16.20
N ALA E 651 -14.45 2.39 15.64
CA ALA E 651 -13.18 1.74 15.86
C ALA E 651 -12.18 2.51 16.70
N VAL E 652 -11.49 3.45 16.07
CA VAL E 652 -10.40 4.17 16.68
C VAL E 652 -10.72 5.00 17.87
N SER E 653 -11.89 5.62 17.84
CA SER E 653 -12.29 6.56 18.85
C SER E 653 -12.61 5.87 20.15
N LYS E 654 -12.70 4.54 20.14
CA LYS E 654 -13.08 3.83 21.33
C LYS E 654 -12.15 2.65 21.65
N LEU E 655 -12.68 1.44 21.46
CA LEU E 655 -11.99 0.19 21.76
C LEU E 655 -11.26 -0.55 20.62
N LEU E 656 -11.57 -0.32 19.35
CA LEU E 656 -10.96 -1.25 18.40
C LEU E 656 -9.71 -0.74 17.81
N GLY E 657 -9.68 0.50 17.46
CA GLY E 657 -8.50 0.92 16.76
C GLY E 657 -8.60 0.63 15.29
N THR E 658 -7.69 1.21 14.56
CA THR E 658 -7.61 1.08 13.13
C THR E 658 -7.31 -0.35 12.76
N THR E 659 -8.03 -0.91 11.81
CA THR E 659 -7.66 -2.25 11.40
C THR E 659 -6.21 -2.14 10.97
N ALA E 660 -5.35 -2.97 11.51
CA ALA E 660 -3.96 -2.85 11.14
C ALA E 660 -3.83 -2.86 9.63
N GLY E 661 -2.96 -2.00 9.11
CA GLY E 661 -2.71 -1.87 7.68
C GLY E 661 -3.43 -0.68 7.04
N TYR E 662 -4.35 -0.09 7.80
CA TYR E 662 -5.12 1.07 7.37
C TYR E 662 -4.45 2.31 7.98
N VAL E 663 -4.51 3.44 7.30
CA VAL E 663 -3.83 4.64 7.80
C VAL E 663 -4.42 5.20 9.08
N GLY E 664 -3.55 5.44 10.04
CA GLY E 664 -3.89 5.96 11.35
C GLY E 664 -3.48 4.90 12.35
N TYR E 665 -2.29 5.05 12.91
CA TYR E 665 -1.70 4.02 13.75
C TYR E 665 -1.80 4.36 15.22
N ASP E 666 -2.80 5.18 15.48
CA ASP E 666 -3.30 5.62 16.77
C ASP E 666 -4.57 4.78 16.93
N GLU E 667 -4.48 3.71 17.69
CA GLU E 667 -5.55 2.70 17.60
C GLU E 667 -6.34 2.33 18.87
N GLY E 668 -7.49 2.97 19.12
CA GLY E 668 -8.25 2.63 20.33
C GLY E 668 -7.70 3.43 21.48
N GLY E 669 -7.02 4.51 21.08
CA GLY E 669 -6.35 5.45 21.95
C GLY E 669 -7.21 5.81 23.13
N PHE E 670 -8.44 6.20 22.84
CA PHE E 670 -9.36 6.64 23.85
C PHE E 670 -9.68 5.59 24.91
N LEU E 671 -10.03 4.34 24.52
CA LEU E 671 -10.36 3.38 25.58
C LEU E 671 -9.40 2.21 25.71
N THR E 672 -9.20 1.47 24.63
CA THR E 672 -8.41 0.26 24.77
C THR E 672 -7.01 0.54 25.13
N ASN E 673 -6.43 1.52 24.49
CA ASN E 673 -5.06 1.78 24.77
C ASN E 673 -4.96 2.29 26.19
N GLN E 674 -6.00 2.93 26.70
CA GLN E 674 -5.85 3.40 28.05
C GLN E 674 -5.76 2.21 28.96
N LEU E 675 -6.53 1.16 28.69
CA LEU E 675 -6.48 -0.04 29.52
C LEU E 675 -5.18 -0.81 29.27
N GLN E 676 -4.70 -0.76 28.03
CA GLN E 676 -3.46 -1.41 27.65
C GLN E 676 -2.34 -0.82 28.49
N TYR E 677 -2.38 0.51 28.60
CA TYR E 677 -1.39 1.25 29.33
C TYR E 677 -1.64 1.15 30.83
N LYS E 678 -2.90 1.20 31.20
CA LYS E 678 -3.33 1.23 32.58
C LYS E 678 -4.18 0.02 32.86
N PRO E 679 -3.55 -1.11 33.19
CA PRO E 679 -4.20 -2.41 33.35
C PRO E 679 -5.69 -2.30 33.60
N TYR E 680 -6.10 -1.64 34.67
CA TYR E 680 -7.52 -1.42 34.81
C TYR E 680 -7.84 -0.15 35.54
N SER E 681 -9.05 0.29 35.28
CA SER E 681 -9.66 1.45 35.87
C SER E 681 -11.16 1.29 35.78
N VAL E 682 -11.84 2.39 35.85
CA VAL E 682 -13.28 2.43 35.73
C VAL E 682 -13.66 3.24 34.52
N LEU E 683 -14.63 2.74 33.80
CA LEU E 683 -15.10 3.35 32.59
C LEU E 683 -16.57 3.72 32.73
N LEU E 684 -16.93 4.85 32.18
CA LEU E 684 -18.31 5.35 32.28
C LEU E 684 -18.95 5.62 30.94
N PHE E 685 -20.00 4.90 30.63
CA PHE E 685 -20.61 4.97 29.33
C PHE E 685 -21.78 5.94 29.32
N ASP E 686 -21.49 7.13 28.81
CA ASP E 686 -22.40 8.25 28.85
C ASP E 686 -23.54 8.17 27.86
N GLU E 687 -24.77 8.14 28.38
CA GLU E 687 -25.96 8.13 27.51
C GLU E 687 -25.87 7.05 26.48
N VAL E 688 -25.86 5.81 26.94
CA VAL E 688 -25.70 4.68 26.04
C VAL E 688 -26.87 4.55 25.07
N GLU E 689 -27.98 5.20 25.39
CA GLU E 689 -29.17 5.21 24.57
C GLU E 689 -28.87 5.75 23.18
N LYS E 690 -27.92 6.68 23.10
CA LYS E 690 -27.63 7.32 21.83
C LYS E 690 -26.36 6.82 21.19
N ALA E 691 -25.78 5.78 21.75
CA ALA E 691 -24.60 5.20 21.17
C ALA E 691 -25.03 4.54 19.89
N HIS E 692 -24.16 4.49 18.89
CA HIS E 692 -24.61 3.80 17.71
C HIS E 692 -24.89 2.32 18.07
N PRO E 693 -26.02 1.72 17.67
CA PRO E 693 -26.40 0.33 17.91
C PRO E 693 -25.36 -0.71 17.53
N ASP E 694 -24.56 -0.44 16.52
CA ASP E 694 -23.59 -1.43 16.12
C ASP E 694 -22.48 -1.48 17.13
N VAL E 695 -22.29 -0.35 17.76
CA VAL E 695 -21.26 -0.22 18.72
C VAL E 695 -21.68 -0.78 20.02
N LEU E 696 -22.94 -0.50 20.37
CA LEU E 696 -23.45 -1.03 21.60
C LEU E 696 -23.29 -2.53 21.55
N THR E 697 -23.55 -3.09 20.38
CA THR E 697 -23.41 -4.51 20.22
C THR E 697 -21.95 -4.98 20.34
N VAL E 698 -20.99 -4.39 19.62
CA VAL E 698 -19.61 -4.88 19.73
C VAL E 698 -18.99 -4.70 21.13
N MET E 699 -19.41 -3.68 21.87
CA MET E 699 -18.87 -3.46 23.21
C MET E 699 -19.26 -4.59 24.17
N LEU E 700 -20.20 -5.41 23.74
CA LEU E 700 -20.60 -6.55 24.54
C LEU E 700 -19.45 -7.50 24.75
N GLN E 701 -18.42 -7.47 23.88
CA GLN E 701 -17.29 -8.36 24.08
C GLN E 701 -16.58 -8.07 25.38
N MET E 702 -16.79 -6.88 25.94
CA MET E 702 -16.17 -6.51 27.17
C MET E 702 -17.21 -6.61 28.30
N LEU E 703 -18.48 -6.33 27.99
CA LEU E 703 -19.56 -6.37 29.00
C LEU E 703 -19.61 -7.69 29.79
N ASP E 704 -19.40 -8.80 29.08
CA ASP E 704 -19.30 -10.14 29.70
C ASP E 704 -18.31 -10.85 28.86
N ASP E 705 -17.77 -11.97 29.34
CA ASP E 705 -16.66 -12.58 28.63
C ASP E 705 -15.72 -11.43 28.36
N GLY E 706 -15.29 -10.76 29.44
CA GLY E 706 -14.50 -9.53 29.43
C GLY E 706 -13.28 -9.55 28.52
N ARG E 707 -13.52 -9.62 27.22
CA ARG E 707 -12.48 -9.66 26.24
C ARG E 707 -12.33 -8.31 25.60
N ILE E 708 -11.12 -7.99 25.22
CA ILE E 708 -10.95 -6.75 24.46
C ILE E 708 -10.06 -6.95 23.27
N THR E 709 -10.63 -7.41 22.16
CA THR E 709 -9.82 -7.61 20.98
C THR E 709 -9.90 -6.40 20.08
N SER E 710 -8.72 -5.91 19.73
CA SER E 710 -8.50 -4.75 18.91
C SER E 710 -8.24 -5.01 17.44
N GLY E 711 -8.33 -3.93 16.66
CA GLY E 711 -7.98 -3.87 15.24
C GLY E 711 -6.47 -3.98 15.06
N GLN E 712 -5.74 -3.82 16.17
CA GLN E 712 -4.28 -3.93 16.23
C GLN E 712 -3.93 -5.40 16.07
N GLY E 713 -4.92 -6.27 16.29
CA GLY E 713 -4.71 -7.71 16.27
C GLY E 713 -4.26 -8.16 17.64
N LYS E 714 -4.40 -7.27 18.62
CA LYS E 714 -3.97 -7.57 19.97
C LYS E 714 -5.18 -7.64 20.87
N THR E 715 -5.02 -8.32 21.99
CA THR E 715 -6.11 -8.41 22.94
C THR E 715 -5.68 -7.99 24.35
N ILE E 716 -6.51 -7.18 24.99
CA ILE E 716 -6.23 -6.72 26.35
C ILE E 716 -6.98 -7.55 27.39
N ASP E 717 -8.25 -7.83 27.12
CA ASP E 717 -9.10 -8.59 28.04
C ASP E 717 -9.16 -8.04 29.45
N CYS E 718 -9.28 -6.75 29.61
CA CYS E 718 -9.30 -6.22 30.95
C CYS E 718 -10.59 -6.36 31.71
N SER E 719 -10.82 -7.57 32.16
CA SER E 719 -11.99 -7.94 32.93
C SER E 719 -11.90 -7.42 34.35
N ASN E 720 -10.76 -6.86 34.70
CA ASN E 720 -10.53 -6.34 36.02
C ASN E 720 -11.12 -4.94 36.18
N CYS E 721 -11.55 -4.35 35.07
CA CYS E 721 -12.11 -3.02 35.13
C CYS E 721 -13.52 -3.02 35.66
N ILE E 722 -14.00 -1.82 35.85
CA ILE E 722 -15.35 -1.54 36.28
C ILE E 722 -16.05 -0.73 35.22
N VAL E 723 -17.24 -1.12 34.80
CA VAL E 723 -17.92 -0.29 33.86
C VAL E 723 -19.26 0.17 34.43
N ILE E 724 -19.57 1.41 34.15
CA ILE E 724 -20.83 1.99 34.55
C ILE E 724 -21.51 2.57 33.34
N MET E 725 -22.73 2.18 33.11
CA MET E 725 -23.45 2.67 31.97
C MET E 725 -24.47 3.61 32.45
N THR E 726 -24.74 4.65 31.70
CA THR E 726 -25.76 5.58 32.10
C THR E 726 -26.81 5.78 31.05
N SER E 727 -27.99 6.13 31.51
CA SER E 727 -29.13 6.42 30.67
C SER E 727 -30.17 7.29 31.38
N ASN E 728 -30.95 8.03 30.61
CA ASN E 728 -32.04 8.84 31.15
C ASN E 728 -33.37 8.23 30.84
N LEU E 729 -33.31 7.00 30.40
CA LEU E 729 -34.44 6.17 30.09
C LEU E 729 -35.45 6.12 31.22
N GLY E 730 -34.94 5.97 32.44
CA GLY E 730 -35.79 5.87 33.61
C GLY E 730 -36.36 7.21 34.08
N ALA E 731 -35.94 8.31 33.46
CA ALA E 731 -36.39 9.63 33.87
C ALA E 731 -37.91 9.72 33.72
N GLU E 732 -38.47 9.04 32.73
CA GLU E 732 -39.89 9.10 32.50
C GLU E 732 -40.71 8.52 33.63
N PHE E 733 -40.09 7.70 34.47
CA PHE E 733 -40.83 7.04 35.52
C PHE E 733 -40.50 7.69 36.85
N ILE E 734 -39.28 8.20 37.00
CA ILE E 734 -38.95 8.92 38.23
C ILE E 734 -39.83 10.17 38.27
N ASN E 735 -40.19 10.66 37.08
CA ASN E 735 -41.05 11.81 36.90
C ASN E 735 -42.50 11.51 37.31
N SER E 736 -42.79 10.28 37.75
CA SER E 736 -44.08 9.96 38.32
C SER E 736 -44.20 10.65 39.67
N GLN E 737 -43.04 10.95 40.25
CA GLN E 737 -42.89 11.59 41.55
C GLN E 737 -43.63 10.87 42.65
N GLN E 738 -43.77 9.55 42.55
CA GLN E 738 -44.48 8.83 43.60
C GLN E 738 -43.59 8.56 44.81
N GLY E 739 -43.32 9.62 45.55
CA GLY E 739 -42.42 9.59 46.70
C GLY E 739 -41.01 9.88 46.20
N SER E 740 -40.06 10.09 47.11
CA SER E 740 -38.73 10.38 46.61
C SER E 740 -38.01 9.08 46.23
N LYS E 741 -38.37 8.01 46.90
CA LYS E 741 -37.74 6.74 46.62
C LYS E 741 -38.59 6.01 45.62
N ILE E 742 -37.96 5.49 44.59
CA ILE E 742 -38.71 4.80 43.57
C ILE E 742 -39.13 3.44 44.08
N GLN E 743 -40.38 3.13 43.87
CA GLN E 743 -40.99 1.91 44.33
C GLN E 743 -41.08 0.88 43.21
N GLU E 744 -41.49 -0.33 43.59
CA GLU E 744 -41.71 -1.39 42.64
C GLU E 744 -42.79 -0.89 41.70
N SER E 745 -42.99 -1.59 40.58
CA SER E 745 -43.95 -1.20 39.53
C SER E 745 -43.35 -0.03 38.74
N THR E 746 -43.00 1.06 39.41
CA THR E 746 -42.36 2.16 38.75
C THR E 746 -41.05 1.66 38.18
N LYS E 747 -40.29 0.93 38.99
CA LYS E 747 -39.04 0.36 38.50
C LYS E 747 -39.30 -0.63 37.38
N ASN E 748 -40.44 -1.30 37.41
CA ASN E 748 -40.70 -2.25 36.36
C ASN E 748 -40.91 -1.51 35.05
N LEU E 749 -41.52 -0.33 35.11
CA LEU E 749 -41.74 0.47 33.92
C LEU E 749 -40.40 0.93 33.38
N VAL E 750 -39.49 1.23 34.30
CA VAL E 750 -38.17 1.65 33.90
C VAL E 750 -37.53 0.51 33.15
N MET E 751 -37.58 -0.67 33.73
CA MET E 751 -36.98 -1.84 33.14
C MET E 751 -37.68 -2.23 31.84
N GLY E 752 -38.98 -1.95 31.76
CA GLY E 752 -39.71 -2.19 30.53
C GLY E 752 -39.03 -1.38 29.45
N ALA E 753 -38.89 -0.09 29.71
CA ALA E 753 -38.23 0.81 28.78
C ALA E 753 -36.79 0.35 28.53
N VAL E 754 -36.12 -0.18 29.55
CA VAL E 754 -34.75 -0.64 29.34
C VAL E 754 -34.75 -1.71 28.29
N ARG E 755 -35.68 -2.65 28.40
CA ARG E 755 -35.83 -3.74 27.44
C ARG E 755 -36.21 -3.24 26.06
N GLN E 756 -36.95 -2.14 25.98
CA GLN E 756 -37.29 -1.60 24.67
C GLN E 756 -36.02 -1.08 23.98
N HIS E 757 -35.15 -0.45 24.77
CA HIS E 757 -33.92 0.13 24.25
C HIS E 757 -32.78 -0.85 24.04
N PHE E 758 -32.61 -1.79 24.96
CA PHE E 758 -31.49 -2.69 24.91
C PHE E 758 -31.95 -4.12 24.91
N ARG E 759 -31.17 -4.96 24.26
CA ARG E 759 -31.51 -6.35 24.16
C ARG E 759 -31.03 -7.14 25.39
N PRO E 760 -31.59 -8.33 25.69
CA PRO E 760 -31.12 -9.29 26.69
C PRO E 760 -29.61 -9.54 26.57
N GLU E 761 -29.09 -9.36 25.36
CA GLU E 761 -27.68 -9.53 25.03
C GLU E 761 -26.82 -8.51 25.75
N PHE E 762 -27.45 -7.53 26.38
CA PHE E 762 -26.83 -6.53 27.21
C PHE E 762 -27.36 -6.71 28.61
N LEU E 763 -28.67 -6.72 28.68
CA LEU E 763 -29.36 -6.59 29.94
C LEU E 763 -29.16 -7.69 30.93
N ASN E 764 -28.88 -8.90 30.48
CA ASN E 764 -28.73 -9.98 31.42
C ASN E 764 -27.24 -10.19 31.76
N ARG E 765 -26.37 -9.34 31.21
CA ARG E 765 -24.93 -9.43 31.40
C ARG E 765 -24.45 -8.40 32.42
N ILE E 766 -25.22 -7.33 32.54
CA ILE E 766 -24.94 -6.24 33.47
C ILE E 766 -25.05 -6.78 34.90
N SER E 767 -24.11 -6.43 35.81
CA SER E 767 -24.16 -6.97 37.17
C SER E 767 -25.50 -6.60 37.78
N SER E 768 -25.91 -5.36 37.57
CA SER E 768 -27.23 -4.94 37.99
C SER E 768 -27.67 -3.65 37.36
N ILE E 769 -28.95 -3.55 37.13
CA ILE E 769 -29.53 -2.29 36.75
C ILE E 769 -29.67 -1.56 38.07
N VAL E 770 -29.26 -0.31 38.09
CA VAL E 770 -29.32 0.53 39.26
C VAL E 770 -30.24 1.69 39.00
N ILE E 771 -31.28 1.81 39.81
CA ILE E 771 -32.23 2.87 39.59
C ILE E 771 -32.13 3.89 40.72
N PHE E 772 -31.83 5.12 40.33
CA PHE E 772 -31.61 6.25 41.22
C PHE E 772 -32.89 6.87 41.69
N ASN E 773 -32.87 7.36 42.90
CA ASN E 773 -34.01 8.00 43.55
C ASN E 773 -34.00 9.51 43.43
N LYS E 774 -35.15 10.12 43.73
CA LYS E 774 -35.24 11.55 43.80
C LYS E 774 -34.75 11.94 45.17
N LEU E 775 -34.12 13.10 45.32
CA LEU E 775 -33.72 13.44 46.66
C LEU E 775 -34.87 13.94 47.53
N SER E 776 -34.83 13.55 48.79
CA SER E 776 -35.74 14.08 49.78
C SER E 776 -35.47 15.54 49.95
N ARG E 777 -36.46 16.29 50.34
CA ARG E 777 -36.22 17.69 50.59
C ARG E 777 -35.06 17.84 51.58
N LYS E 778 -34.97 16.94 52.57
CA LYS E 778 -33.87 17.07 53.54
C LYS E 778 -32.56 16.69 52.88
N ALA E 779 -32.65 15.90 51.83
CA ALA E 779 -31.48 15.45 51.15
C ALA E 779 -31.00 16.56 50.27
N ILE E 780 -31.91 17.33 49.68
CA ILE E 780 -31.32 18.38 48.89
C ILE E 780 -30.73 19.39 49.85
N HIS E 781 -31.30 19.51 51.04
CA HIS E 781 -30.72 20.44 51.99
C HIS E 781 -29.26 20.03 52.16
N LYS E 782 -29.04 18.73 52.37
CA LYS E 782 -27.69 18.21 52.49
C LYS E 782 -26.85 18.49 51.23
N ILE E 783 -27.38 18.23 50.03
CA ILE E 783 -26.52 18.43 48.86
C ILE E 783 -26.15 19.86 48.69
N VAL E 784 -27.05 20.76 49.06
CA VAL E 784 -26.75 22.15 48.96
C VAL E 784 -25.58 22.50 49.83
N ASP E 785 -25.61 22.02 51.07
CA ASP E 785 -24.51 22.32 51.96
C ASP E 785 -23.21 21.84 51.36
N ILE E 786 -23.22 20.60 50.89
CA ILE E 786 -22.03 20.03 50.35
C ILE E 786 -21.51 20.78 49.16
N ARG E 787 -22.38 21.08 48.23
CA ARG E 787 -21.92 21.72 47.03
C ARG E 787 -21.39 23.08 47.28
N LEU E 788 -22.01 23.81 48.18
CA LEU E 788 -21.54 25.15 48.41
C LEU E 788 -20.13 25.10 48.96
N LYS E 789 -19.89 24.12 49.83
CA LYS E 789 -18.58 23.99 50.39
C LYS E 789 -17.60 23.54 49.33
N GLU E 790 -17.98 22.57 48.51
CA GLU E 790 -17.07 22.08 47.49
C GLU E 790 -16.70 23.14 46.48
N ILE E 791 -17.65 23.98 46.15
CA ILE E 791 -17.36 25.02 45.19
C ILE E 791 -16.34 25.97 45.75
N GLU E 792 -16.57 26.45 46.97
CA GLU E 792 -15.59 27.36 47.52
C GLU E 792 -14.26 26.68 47.75
N GLU E 793 -14.28 25.43 48.20
CA GLU E 793 -13.04 24.75 48.45
C GLU E 793 -12.25 24.61 47.16
N ARG E 794 -12.94 24.34 46.06
CA ARG E 794 -12.27 24.25 44.79
C ARG E 794 -11.85 25.59 44.21
N PHE E 795 -12.54 26.66 44.55
CA PHE E 795 -12.23 27.99 44.04
C PHE E 795 -10.77 28.38 43.94
N GLU E 796 -10.08 27.87 42.92
CA GLU E 796 -8.71 28.21 42.58
C GLU E 796 -7.93 28.52 43.83
N GLN E 797 -7.45 29.76 43.90
CA GLN E 797 -6.82 30.27 45.09
C GLN E 797 -7.93 30.83 45.93
N ASN E 798 -7.99 30.48 47.20
CA ASN E 798 -9.05 31.01 48.03
C ASN E 798 -8.73 32.43 48.50
N ASP E 799 -8.68 33.34 47.54
CA ASP E 799 -8.32 34.73 47.75
C ASP E 799 -9.45 35.48 48.42
N LYS E 800 -10.65 35.00 48.18
CA LYS E 800 -11.85 35.59 48.71
C LYS E 800 -12.31 34.55 49.69
N HIS E 801 -13.13 34.87 50.66
CA HIS E 801 -13.54 33.77 51.54
C HIS E 801 -14.82 34.00 52.29
N TYR E 802 -15.76 33.10 52.09
CA TYR E 802 -17.03 33.22 52.75
C TYR E 802 -17.02 32.79 54.19
N LYS E 803 -17.78 33.54 55.00
CA LYS E 803 -18.11 33.10 56.36
C LYS E 803 -18.98 31.87 56.19
N LEU E 804 -19.67 31.87 55.06
CA LEU E 804 -20.55 30.85 54.56
C LEU E 804 -21.70 30.64 55.52
N ASN E 805 -22.26 31.75 55.99
CA ASN E 805 -23.41 31.75 56.90
C ASN E 805 -24.67 31.41 56.16
N LEU E 806 -24.72 30.18 55.72
CA LEU E 806 -25.82 29.67 54.97
C LEU E 806 -27.03 29.57 55.83
N THR E 807 -26.78 29.37 57.13
CA THR E 807 -27.82 29.21 58.10
C THR E 807 -28.93 28.34 57.54
N GLN E 808 -30.06 28.32 58.21
CA GLN E 808 -31.17 27.57 57.68
C GLN E 808 -31.70 28.28 56.44
N GLU E 809 -31.69 29.60 56.49
CA GLU E 809 -32.31 30.44 55.50
C GLU E 809 -31.67 30.48 54.11
N ALA E 810 -30.35 30.57 53.98
CA ALA E 810 -29.85 30.63 52.61
C ALA E 810 -30.12 29.29 51.98
N LYS E 811 -29.93 28.26 52.78
CA LYS E 811 -30.13 26.91 52.30
C LYS E 811 -31.58 26.74 51.91
N ASP E 812 -32.50 27.25 52.75
CA ASP E 812 -33.90 27.17 52.41
C ASP E 812 -34.21 27.97 51.19
N PHE E 813 -33.60 29.13 51.00
CA PHE E 813 -33.95 29.86 49.81
C PHE E 813 -33.58 29.05 48.60
N LEU E 814 -32.44 28.40 48.62
CA LEU E 814 -32.10 27.63 47.44
C LEU E 814 -33.06 26.47 47.26
N ALA E 815 -33.37 25.78 48.35
CA ALA E 815 -34.24 24.63 48.26
C ALA E 815 -35.65 25.03 47.87
N LYS E 816 -36.19 26.04 48.51
CA LYS E 816 -37.55 26.44 48.27
C LYS E 816 -37.70 27.12 46.95
N TYR E 817 -36.73 27.95 46.58
CA TYR E 817 -36.82 28.63 45.31
C TYR E 817 -36.67 27.66 44.17
N GLY E 818 -35.79 26.68 44.32
CA GLY E 818 -35.53 25.80 43.21
C GLY E 818 -36.03 24.36 43.28
N TYR E 819 -36.65 23.86 44.37
CA TYR E 819 -36.88 22.42 44.36
C TYR E 819 -38.06 21.87 43.61
N SER E 820 -38.02 21.97 42.30
CA SER E 820 -38.98 21.27 41.49
C SER E 820 -38.61 19.81 41.51
N ASP E 821 -39.57 18.96 41.65
CA ASP E 821 -39.30 17.54 41.64
C ASP E 821 -38.72 16.98 40.35
N ASP E 822 -38.76 17.72 39.25
CA ASP E 822 -38.19 17.21 38.01
C ASP E 822 -36.85 17.87 37.66
N MET E 823 -36.30 18.65 38.59
CA MET E 823 -35.12 19.47 38.27
C MET E 823 -33.70 18.85 38.21
N GLY E 824 -33.38 17.86 39.04
CA GLY E 824 -31.99 17.39 39.14
C GLY E 824 -31.25 18.34 40.10
N ALA E 825 -30.21 17.95 40.80
CA ALA E 825 -29.60 18.93 41.74
C ALA E 825 -28.87 20.05 41.02
N ARG E 826 -28.52 19.84 39.78
CA ARG E 826 -27.75 20.82 39.05
C ARG E 826 -28.37 22.21 39.02
N PRO E 827 -29.68 22.40 38.87
CA PRO E 827 -30.28 23.71 38.92
C PRO E 827 -30.11 24.39 40.26
N LEU E 828 -29.89 23.65 41.33
CA LEU E 828 -29.71 24.32 42.61
C LEU E 828 -28.33 24.92 42.58
N ASN E 829 -27.43 24.20 41.93
CA ASN E 829 -26.06 24.62 41.86
C ASN E 829 -26.02 25.80 40.90
N ARG E 830 -26.77 25.70 39.82
CA ARG E 830 -26.79 26.80 38.88
C ARG E 830 -27.42 27.98 39.55
N LEU E 831 -28.45 27.74 40.34
CA LEU E 831 -29.15 28.80 41.02
C LEU E 831 -28.21 29.54 41.90
N ILE E 832 -27.45 28.87 42.75
CA ILE E 832 -26.56 29.66 43.56
C ILE E 832 -25.54 30.42 42.73
N GLN E 833 -25.12 29.85 41.60
CA GLN E 833 -24.17 30.60 40.80
C GLN E 833 -24.84 31.84 40.22
N ASN E 834 -26.08 31.68 39.81
CA ASN E 834 -26.86 32.73 39.20
C ASN E 834 -27.45 33.69 40.23
N GLU E 835 -27.68 33.19 41.42
CA GLU E 835 -28.30 33.98 42.46
C GLU E 835 -27.30 34.85 43.19
N ILE E 836 -26.20 34.24 43.60
CA ILE E 836 -25.20 34.91 44.41
C ILE E 836 -23.84 35.00 43.80
N LEU E 837 -23.36 33.93 43.22
CA LEU E 837 -21.98 33.93 42.89
C LEU E 837 -21.69 35.00 41.85
N ASN E 838 -22.57 35.15 40.86
CA ASN E 838 -22.37 36.21 39.88
C ASN E 838 -22.36 37.60 40.52
N LYS E 839 -23.09 37.75 41.62
CA LYS E 839 -23.11 39.01 42.33
C LYS E 839 -21.78 39.16 42.97
N LEU E 840 -21.25 38.05 43.49
CA LEU E 840 -19.94 38.06 44.12
C LEU E 840 -18.93 38.50 43.12
N ALA E 841 -18.98 37.92 41.94
CA ALA E 841 -18.00 38.29 40.94
C ALA E 841 -18.04 39.78 40.72
N LEU E 842 -19.23 40.34 40.65
CA LEU E 842 -19.29 41.77 40.46
C LEU E 842 -18.75 42.49 41.68
N ARG E 843 -19.06 42.01 42.87
CA ARG E 843 -18.60 42.68 44.06
C ARG E 843 -17.07 42.66 44.09
N ILE E 844 -16.49 41.58 43.61
CA ILE E 844 -15.07 41.49 43.54
C ILE E 844 -14.52 42.49 42.56
N LEU E 845 -15.12 42.54 41.38
CA LEU E 845 -14.67 43.43 40.34
C LEU E 845 -14.79 44.89 40.75
N LYS E 846 -15.81 45.21 41.53
CA LYS E 846 -16.00 46.56 42.04
C LYS E 846 -15.18 46.84 43.29
N ASN E 847 -14.41 45.85 43.73
CA ASN E 847 -13.60 45.89 44.93
C ASN E 847 -14.45 45.98 46.19
N GLU E 848 -15.72 45.60 46.10
CA GLU E 848 -16.61 45.53 47.23
C GLU E 848 -16.14 44.37 48.10
N ILE E 849 -15.58 43.36 47.42
CA ILE E 849 -14.96 42.21 48.11
C ILE E 849 -13.49 42.04 47.72
N LYS E 850 -12.59 42.48 48.60
CA LYS E 850 -11.15 42.39 48.37
C LYS E 850 -10.66 41.06 48.93
N ASP E 851 -11.19 40.73 50.10
CA ASP E 851 -10.88 39.54 50.88
C ASP E 851 -12.12 39.16 51.68
N LYS E 852 -12.09 37.98 52.28
CA LYS E 852 -13.24 37.47 53.04
C LYS E 852 -14.50 37.58 52.19
N GLU E 853 -15.66 37.30 52.79
CA GLU E 853 -17.01 37.43 52.22
C GLU E 853 -18.02 36.87 53.24
N THR E 854 -19.29 37.20 53.12
CA THR E 854 -20.30 36.58 53.95
C THR E 854 -21.48 36.08 53.16
N VAL E 855 -22.43 35.62 53.90
CA VAL E 855 -23.69 35.17 53.40
C VAL E 855 -24.67 35.96 54.18
N ASN E 856 -25.70 36.39 53.50
CA ASN E 856 -26.74 37.15 54.12
C ASN E 856 -27.97 36.82 53.33
N VAL E 857 -29.11 36.84 53.98
CA VAL E 857 -30.35 36.51 53.31
C VAL E 857 -31.31 37.68 53.29
N VAL E 858 -31.72 38.06 52.09
CA VAL E 858 -32.59 39.21 51.90
C VAL E 858 -33.85 38.89 51.13
N LEU E 859 -34.99 38.89 51.79
CA LEU E 859 -36.19 38.60 51.03
C LEU E 859 -36.64 39.89 50.35
N GLU E 874 -36.95 36.38 46.32
CA GLU E 874 -35.98 37.45 46.41
C GLU E 874 -34.74 37.04 47.21
N GLU E 875 -33.56 37.56 46.80
CA GLU E 875 -32.28 37.30 47.46
C GLU E 875 -31.22 38.33 47.02
N CYS E 876 -30.19 38.55 47.86
CA CYS E 876 -29.09 39.45 47.53
C CYS E 876 -27.76 39.03 48.20
N LEU E 877 -26.72 39.84 48.01
CA LEU E 877 -25.40 39.59 48.58
C LEU E 877 -24.74 40.85 49.16
N GLU E 878 -24.36 40.75 50.43
CA GLU E 878 -23.68 41.79 51.20
C GLU E 878 -22.27 42.06 50.67
N VAL E 879 -21.73 43.22 51.02
CA VAL E 879 -20.40 43.66 50.61
C VAL E 879 -19.46 43.97 51.75
N LEU E 880 -18.20 44.20 51.40
CA LEU E 880 -17.19 44.61 52.34
C LEU E 880 -16.67 45.91 51.72
N PRO E 881 -17.57 46.90 51.65
CA PRO E 881 -17.55 48.11 50.82
C PRO E 881 -16.32 48.99 50.97
N ASN E 882 -15.51 48.72 51.98
CA ASN E 882 -14.33 49.49 52.25
C ASN E 882 -13.13 48.78 51.63
N HIS E 883 -13.44 47.81 50.77
CA HIS E 883 -12.48 46.96 50.07
C HIS E 883 -11.80 46.08 51.09
N GLU E 884 -12.65 45.49 51.92
CA GLU E 884 -12.28 44.58 52.97
C GLU E 884 -12.53 43.16 52.50
N GLN F 6 33.72 -48.70 -18.89
CA GLN F 6 33.27 -48.72 -20.28
C GLN F 6 33.23 -47.32 -20.89
N PHE F 7 33.03 -47.28 -22.21
CA PHE F 7 33.07 -46.03 -22.97
C PHE F 7 31.72 -45.58 -23.53
N THR F 8 31.57 -44.26 -23.63
CA THR F 8 30.43 -43.64 -24.31
C THR F 8 30.62 -43.78 -25.79
N GLU F 9 29.60 -43.47 -26.56
CA GLU F 9 29.77 -43.53 -28.01
C GLU F 9 30.83 -42.55 -28.48
N ARG F 10 30.89 -41.37 -27.86
CA ARG F 10 31.89 -40.40 -28.30
C ARG F 10 33.29 -40.90 -27.98
N ALA F 11 33.48 -41.43 -26.78
CA ALA F 11 34.78 -41.89 -26.37
C ALA F 11 35.23 -43.12 -27.09
N LEU F 12 34.30 -44.04 -27.32
CA LEU F 12 34.60 -45.28 -27.97
C LEU F 12 34.96 -44.95 -29.40
N THR F 13 34.27 -43.97 -30.00
CA THR F 13 34.62 -43.57 -31.36
C THR F 13 36.06 -43.10 -31.38
N ILE F 14 36.46 -42.26 -30.41
CA ILE F 14 37.85 -41.81 -30.39
C ILE F 14 38.83 -42.96 -30.21
N LEU F 15 38.51 -43.89 -29.32
CA LEU F 15 39.35 -45.06 -29.11
C LEU F 15 39.48 -45.84 -30.42
N THR F 16 38.32 -46.13 -31.03
CA THR F 16 38.23 -46.91 -32.25
C THR F 16 39.02 -46.24 -33.35
N LEU F 17 38.86 -44.93 -33.49
CA LEU F 17 39.58 -44.18 -34.49
C LEU F 17 41.07 -44.20 -34.22
N ALA F 18 41.48 -44.15 -32.96
CA ALA F 18 42.90 -44.17 -32.70
C ALA F 18 43.47 -45.48 -33.24
N GLN F 19 42.76 -46.58 -32.98
CA GLN F 19 43.20 -47.89 -33.43
C GLN F 19 43.19 -47.96 -34.94
N LYS F 20 42.15 -47.38 -35.53
CA LYS F 20 41.99 -47.32 -36.96
C LYS F 20 43.18 -46.63 -37.56
N LEU F 21 43.56 -45.49 -37.00
CA LEU F 21 44.67 -44.72 -37.50
C LEU F 21 45.98 -45.48 -37.40
N ALA F 22 46.22 -46.22 -36.32
CA ALA F 22 47.47 -46.97 -36.31
C ALA F 22 47.47 -47.96 -37.48
N SER F 23 46.31 -48.59 -37.74
CA SER F 23 46.26 -49.54 -38.85
C SER F 23 46.39 -48.85 -40.21
N ASP F 24 45.71 -47.71 -40.39
CA ASP F 24 45.72 -46.95 -41.64
C ASP F 24 47.11 -46.47 -42.01
N HIS F 25 47.90 -46.14 -40.98
CA HIS F 25 49.25 -45.67 -41.19
C HIS F 25 50.29 -46.78 -41.00
N GLN F 26 49.84 -48.03 -40.83
CA GLN F 26 50.70 -49.20 -40.61
C GLN F 26 51.66 -49.07 -39.44
N HIS F 27 51.23 -48.41 -38.37
CA HIS F 27 52.09 -48.23 -37.21
C HIS F 27 52.05 -49.42 -36.25
N PRO F 28 53.21 -49.92 -35.72
CA PRO F 28 53.37 -51.05 -34.80
C PRO F 28 52.84 -50.76 -33.40
N GLN F 29 52.55 -49.50 -33.14
CA GLN F 29 52.12 -49.10 -31.84
C GLN F 29 51.11 -47.98 -31.92
N LEU F 30 50.07 -48.09 -31.13
CA LEU F 30 49.08 -47.04 -31.04
C LEU F 30 49.56 -46.11 -29.95
N GLN F 31 49.71 -44.84 -30.27
CA GLN F 31 50.26 -43.85 -29.34
C GLN F 31 49.26 -42.71 -29.09
N PRO F 32 49.44 -41.88 -28.04
CA PRO F 32 48.67 -40.68 -27.81
C PRO F 32 48.58 -39.85 -29.08
N ILE F 33 49.58 -39.91 -29.92
CA ILE F 33 49.56 -39.17 -31.15
C ILE F 33 48.37 -39.58 -32.01
N HIS F 34 48.05 -40.88 -32.01
CA HIS F 34 46.95 -41.36 -32.82
C HIS F 34 45.65 -41.01 -32.14
N ILE F 35 45.61 -41.02 -30.80
CA ILE F 35 44.34 -40.69 -30.18
C ILE F 35 44.08 -39.19 -30.37
N LEU F 36 45.16 -38.40 -30.38
CA LEU F 36 45.04 -36.98 -30.63
C LEU F 36 44.55 -36.79 -32.07
N ALA F 37 45.11 -37.60 -32.98
CA ALA F 37 44.69 -37.59 -34.37
C ALA F 37 43.22 -38.01 -34.50
N ALA F 38 42.79 -38.97 -33.66
CA ALA F 38 41.43 -39.47 -33.62
C ALA F 38 40.46 -38.36 -33.26
N PHE F 39 40.87 -37.45 -32.40
CA PHE F 39 40.00 -36.33 -32.07
C PHE F 39 39.88 -35.38 -33.24
N ILE F 40 40.97 -35.14 -33.96
CA ILE F 40 40.86 -34.14 -35.03
C ILE F 40 40.43 -34.75 -36.36
N GLU F 41 39.18 -35.24 -36.34
CA GLU F 41 38.51 -35.89 -37.46
C GLU F 41 38.36 -34.96 -38.66
N THR F 42 38.02 -33.71 -38.35
CA THR F 42 37.81 -32.66 -39.34
C THR F 42 38.48 -31.40 -38.82
N PRO F 43 38.63 -30.36 -39.64
CA PRO F 43 39.08 -29.05 -39.25
C PRO F 43 37.92 -28.12 -38.81
N GLU F 44 36.75 -28.67 -38.49
CA GLU F 44 35.58 -27.87 -38.15
C GLU F 44 35.69 -26.97 -36.91
N ASP F 45 35.43 -25.68 -37.10
CA ASP F 45 35.51 -24.65 -36.06
C ASP F 45 34.58 -24.90 -34.88
N GLY F 46 33.40 -25.47 -35.16
CA GLY F 46 32.42 -25.75 -34.12
C GLY F 46 32.55 -27.15 -33.50
N SER F 47 33.57 -27.93 -33.89
CA SER F 47 33.69 -29.29 -33.40
C SER F 47 34.50 -29.39 -32.10
N VAL F 48 33.92 -30.05 -31.09
CA VAL F 48 34.60 -30.25 -29.82
C VAL F 48 35.89 -31.05 -29.98
N PRO F 49 35.93 -32.11 -30.77
CA PRO F 49 37.16 -32.82 -31.06
C PRO F 49 38.28 -31.95 -31.73
N TYR F 50 37.97 -30.76 -32.29
CA TYR F 50 39.03 -29.95 -32.93
C TYR F 50 39.24 -28.52 -32.32
N LEU F 51 38.22 -27.65 -32.33
CA LEU F 51 38.40 -26.27 -31.80
C LEU F 51 37.51 -25.84 -30.65
N GLN F 52 36.52 -26.65 -30.30
CA GLN F 52 35.70 -26.33 -29.13
C GLN F 52 36.25 -27.22 -28.01
N ASN F 53 37.39 -27.84 -28.34
CA ASN F 53 38.15 -28.81 -27.58
C ASN F 53 38.73 -28.26 -26.33
N LEU F 54 38.81 -29.13 -25.35
CA LEU F 54 39.36 -28.80 -24.08
C LEU F 54 40.85 -28.38 -24.21
N ILE F 55 41.56 -28.98 -25.18
CA ILE F 55 42.96 -28.66 -25.45
C ILE F 55 43.11 -27.25 -25.99
N GLU F 56 42.23 -26.86 -26.92
CA GLU F 56 42.27 -25.53 -27.53
C GLU F 56 41.99 -24.45 -26.53
N LYS F 57 41.01 -24.71 -25.68
CA LYS F 57 40.64 -23.72 -24.70
C LYS F 57 41.54 -23.80 -23.47
N GLY F 58 42.17 -24.97 -23.29
CA GLY F 58 43.03 -25.30 -22.17
C GLY F 58 44.42 -24.71 -22.28
N ARG F 59 45.22 -25.19 -23.24
CA ARG F 59 46.57 -24.70 -23.35
C ARG F 59 47.14 -24.63 -24.77
N TYR F 60 47.25 -25.77 -25.48
CA TYR F 60 47.94 -25.70 -26.77
C TYR F 60 47.02 -25.49 -27.99
N ASP F 61 47.32 -24.45 -28.77
CA ASP F 61 46.61 -24.09 -30.01
C ASP F 61 46.51 -25.21 -31.02
N TYR F 62 45.34 -25.34 -31.65
CA TYR F 62 45.17 -26.38 -32.66
C TYR F 62 45.89 -26.24 -33.98
N ASP F 63 46.28 -25.05 -34.40
CA ASP F 63 47.06 -24.98 -35.62
C ASP F 63 48.41 -25.58 -35.27
N LEU F 64 48.86 -25.32 -34.04
CA LEU F 64 50.11 -25.91 -33.61
C LEU F 64 49.95 -27.42 -33.30
N PHE F 65 48.79 -27.80 -32.74
CA PHE F 65 48.47 -29.18 -32.36
C PHE F 65 48.55 -30.11 -33.54
N LYS F 66 47.88 -29.75 -34.63
CA LYS F 66 47.84 -30.62 -35.79
C LYS F 66 49.24 -30.80 -36.35
N LYS F 67 50.13 -29.81 -36.13
CA LYS F 67 51.48 -29.93 -36.61
C LYS F 67 52.19 -30.94 -35.74
N VAL F 68 51.97 -30.86 -34.43
CA VAL F 68 52.57 -31.83 -33.52
C VAL F 68 52.11 -33.24 -33.81
N VAL F 69 50.82 -33.42 -33.99
CA VAL F 69 50.30 -34.74 -34.25
C VAL F 69 50.80 -35.28 -35.58
N ASN F 70 50.71 -34.48 -36.63
CA ASN F 70 51.13 -34.95 -37.93
C ASN F 70 52.63 -35.23 -37.98
N ARG F 71 53.43 -34.41 -37.29
CA ARG F 71 54.86 -34.65 -37.29
C ARG F 71 55.15 -36.00 -36.66
N ASN F 72 54.42 -36.34 -35.60
CA ASN F 72 54.66 -37.61 -34.98
C ASN F 72 54.10 -38.75 -35.80
N LEU F 73 52.97 -38.56 -36.49
CA LEU F 73 52.46 -39.66 -37.30
C LEU F 73 53.50 -40.02 -38.38
N VAL F 74 54.19 -39.01 -38.90
CA VAL F 74 55.25 -39.24 -39.89
C VAL F 74 56.47 -39.93 -39.27
N ARG F 75 56.89 -39.49 -38.07
CA ARG F 75 58.05 -40.04 -37.37
C ARG F 75 57.85 -41.50 -36.91
N ILE F 76 56.62 -41.87 -36.54
CA ILE F 76 56.34 -43.23 -36.09
C ILE F 76 56.50 -44.18 -37.29
N PRO F 77 57.31 -45.26 -37.18
CA PRO F 77 57.62 -46.17 -38.27
C PRO F 77 56.46 -47.03 -38.72
N GLN F 78 56.53 -47.45 -39.97
CA GLN F 78 55.56 -48.36 -40.60
C GLN F 78 55.89 -49.85 -40.45
N GLN F 79 54.86 -50.66 -40.66
CA GLN F 79 54.86 -52.11 -40.70
C GLN F 79 54.19 -52.57 -41.99
N GLN F 80 54.13 -53.87 -42.21
CA GLN F 80 53.42 -54.39 -43.37
C GLN F 80 52.02 -54.75 -42.87
N PRO F 81 51.12 -53.76 -42.93
CA PRO F 81 49.84 -53.67 -42.16
C PRO F 81 49.45 -54.68 -41.05
N ALA F 82 49.61 -55.99 -41.24
CA ALA F 82 49.17 -56.93 -40.21
C ALA F 82 49.79 -56.67 -38.81
N PRO F 83 51.09 -56.32 -38.65
CA PRO F 83 51.74 -56.00 -37.38
C PRO F 83 51.30 -54.67 -36.76
N ALA F 84 50.41 -53.91 -37.40
CA ALA F 84 50.05 -52.64 -36.82
C ALA F 84 49.43 -52.84 -35.42
N GLU F 85 49.67 -51.89 -34.53
CA GLU F 85 49.15 -51.90 -33.15
C GLU F 85 49.48 -53.14 -32.34
N ILE F 86 50.75 -53.47 -32.20
CA ILE F 86 51.16 -54.61 -31.39
C ILE F 86 50.83 -54.22 -29.97
N THR F 87 51.18 -52.97 -29.63
CA THR F 87 50.91 -52.39 -28.33
C THR F 87 50.19 -51.04 -28.45
N PRO F 88 49.51 -50.57 -27.39
CA PRO F 88 48.92 -49.25 -27.21
C PRO F 88 49.86 -48.31 -26.48
N SER F 89 51.10 -48.76 -26.30
CA SER F 89 52.08 -48.12 -25.45
C SER F 89 51.61 -48.12 -24.03
N TYR F 90 52.54 -47.84 -23.12
CA TYR F 90 52.16 -47.67 -21.74
C TYR F 90 51.22 -46.49 -21.67
N ALA F 91 51.44 -45.54 -22.59
CA ALA F 91 50.72 -44.29 -22.62
C ALA F 91 49.25 -44.45 -22.91
N LEU F 92 48.81 -45.18 -23.94
CA LEU F 92 47.36 -45.22 -24.07
C LEU F 92 46.75 -46.20 -23.12
N GLY F 93 47.53 -47.19 -22.70
CA GLY F 93 47.01 -48.09 -21.70
C GLY F 93 46.59 -47.21 -20.52
N LYS F 94 47.55 -46.41 -20.04
CA LYS F 94 47.32 -45.51 -18.92
C LYS F 94 46.26 -44.45 -19.22
N VAL F 95 46.30 -43.77 -20.37
CA VAL F 95 45.31 -42.74 -20.68
C VAL F 95 43.88 -43.25 -20.72
N LEU F 96 43.66 -44.37 -21.38
CA LEU F 96 42.31 -44.88 -21.45
C LEU F 96 41.84 -45.32 -20.06
N GLN F 97 42.71 -45.92 -19.26
CA GLN F 97 42.30 -46.30 -17.91
C GLN F 97 42.16 -45.05 -17.04
N ASP F 98 42.99 -44.05 -17.28
CA ASP F 98 42.91 -42.83 -16.51
C ASP F 98 41.61 -42.16 -16.86
N ALA F 99 41.16 -42.28 -18.11
CA ALA F 99 39.89 -41.69 -18.50
C ALA F 99 38.79 -42.27 -17.59
N ALA F 100 38.90 -43.59 -17.27
CA ALA F 100 37.95 -44.16 -16.31
C ALA F 100 38.12 -43.49 -14.95
N LYS F 101 39.37 -43.23 -14.55
CA LYS F 101 39.65 -42.54 -13.29
C LYS F 101 38.98 -41.17 -13.29
N ILE F 102 39.01 -40.51 -14.45
CA ILE F 102 38.41 -39.20 -14.58
C ILE F 102 36.90 -39.33 -14.40
N GLN F 103 36.30 -40.41 -14.94
CA GLN F 103 34.87 -40.63 -14.72
C GLN F 103 34.61 -40.60 -13.24
N LYS F 104 35.46 -41.31 -12.49
CA LYS F 104 35.28 -41.43 -11.06
C LYS F 104 35.44 -40.09 -10.35
N GLN F 105 36.36 -39.25 -10.84
CA GLN F 105 36.53 -37.92 -10.26
C GLN F 105 35.29 -37.06 -10.50
N GLN F 106 34.69 -37.20 -11.70
CA GLN F 106 33.49 -36.44 -12.06
C GLN F 106 32.18 -37.14 -11.70
N LYS F 107 32.26 -38.41 -11.29
CA LYS F 107 31.12 -39.27 -10.96
C LYS F 107 30.23 -39.57 -12.18
N ASP F 108 30.88 -39.75 -13.33
CA ASP F 108 30.21 -40.07 -14.60
C ASP F 108 30.10 -41.59 -14.81
N SER F 109 29.01 -42.04 -15.45
CA SER F 109 28.78 -43.47 -15.70
C SER F 109 29.73 -44.15 -16.70
N PHE F 110 30.04 -43.46 -17.79
CA PHE F 110 30.89 -43.99 -18.87
C PHE F 110 31.99 -43.03 -19.26
N ILE F 111 33.07 -43.55 -19.87
CA ILE F 111 34.14 -42.69 -20.32
C ILE F 111 33.71 -41.80 -21.47
N ALA F 112 33.87 -40.51 -21.28
CA ALA F 112 33.55 -39.47 -22.26
C ALA F 112 34.78 -39.14 -23.08
N GLN F 113 34.58 -38.55 -24.26
CA GLN F 113 35.75 -38.12 -25.03
C GLN F 113 36.43 -37.03 -24.23
N ASP F 114 35.63 -36.35 -23.40
CA ASP F 114 36.06 -35.28 -22.53
C ASP F 114 37.05 -35.85 -21.54
N HIS F 115 36.77 -37.08 -21.05
CA HIS F 115 37.57 -37.77 -20.04
C HIS F 115 38.87 -38.22 -20.64
N ILE F 116 38.80 -38.62 -21.90
CA ILE F 116 40.02 -39.01 -22.59
C ILE F 116 40.92 -37.78 -22.66
N LEU F 117 40.34 -36.61 -22.97
CA LEU F 117 41.13 -35.39 -23.00
C LEU F 117 41.73 -35.09 -21.60
N PHE F 118 40.99 -35.33 -20.51
CA PHE F 118 41.56 -35.12 -19.17
C PHE F 118 42.71 -36.07 -18.92
N ALA F 119 42.54 -37.31 -19.33
CA ALA F 119 43.56 -38.30 -19.18
C ALA F 119 44.79 -37.89 -19.99
N LEU F 120 44.56 -37.37 -21.18
CA LEU F 120 45.64 -36.89 -22.00
C LEU F 120 46.30 -35.71 -21.33
N PHE F 121 45.56 -34.80 -20.71
CA PHE F 121 46.27 -33.71 -20.05
C PHE F 121 47.21 -34.26 -18.98
N ASN F 122 46.76 -35.25 -18.19
CA ASN F 122 47.63 -35.80 -17.15
C ASN F 122 48.90 -36.44 -17.74
N ASP F 123 48.75 -37.05 -18.91
CA ASP F 123 49.85 -37.71 -19.61
C ASP F 123 50.29 -37.05 -20.92
N SER F 124 49.96 -35.78 -21.18
CA SER F 124 50.35 -35.21 -22.47
C SER F 124 51.72 -34.59 -22.47
N SER F 125 52.62 -35.25 -23.18
CA SER F 125 54.01 -34.85 -23.31
C SER F 125 54.54 -35.26 -24.68
N ILE F 126 55.07 -34.31 -25.43
CA ILE F 126 55.58 -34.54 -26.78
C ILE F 126 57.09 -34.54 -26.84
N GLN F 127 57.68 -35.66 -27.27
CA GLN F 127 59.13 -35.80 -27.33
C GLN F 127 59.78 -34.76 -28.23
N GLN F 128 60.73 -34.05 -27.66
CA GLN F 128 61.50 -32.95 -28.25
C GLN F 128 62.55 -32.55 -27.22
N ILE F 129 63.56 -31.78 -27.61
CA ILE F 129 64.54 -31.28 -26.66
C ILE F 129 63.81 -30.43 -25.61
N PHE F 130 62.92 -29.60 -26.11
CA PHE F 130 62.05 -28.75 -25.32
C PHE F 130 60.65 -29.31 -25.51
N LYS F 131 60.26 -30.24 -24.64
CA LYS F 131 59.01 -30.99 -24.81
C LYS F 131 57.75 -30.15 -24.72
N GLU F 132 56.75 -30.50 -25.53
CA GLU F 132 55.46 -29.80 -25.44
C GLU F 132 54.65 -30.55 -24.39
N ALA F 133 53.75 -29.87 -23.70
CA ALA F 133 52.89 -30.56 -22.73
C ALA F 133 51.67 -29.73 -22.39
N GLN F 134 50.65 -30.39 -21.84
CA GLN F 134 49.48 -29.64 -21.34
C GLN F 134 49.60 -29.50 -19.83
N VAL F 135 48.88 -28.54 -19.25
CA VAL F 135 48.82 -28.42 -17.81
C VAL F 135 48.26 -29.74 -17.30
N ASP F 136 48.77 -30.24 -16.19
CA ASP F 136 48.33 -31.56 -15.71
C ASP F 136 46.81 -31.79 -15.82
N ILE F 137 46.03 -30.87 -15.28
CA ILE F 137 44.59 -31.02 -15.28
C ILE F 137 43.86 -29.73 -14.91
N GLU F 138 44.56 -28.76 -14.32
CA GLU F 138 43.81 -27.56 -13.89
C GLU F 138 42.94 -26.89 -14.97
N ALA F 139 43.53 -26.60 -16.13
CA ALA F 139 42.78 -25.88 -17.15
C ALA F 139 41.62 -26.70 -17.66
N ILE F 140 41.83 -27.98 -17.88
CA ILE F 140 40.75 -28.80 -18.40
C ILE F 140 39.58 -28.95 -17.47
N LYS F 141 39.76 -28.93 -16.15
CA LYS F 141 38.56 -28.98 -15.33
C LYS F 141 37.70 -27.76 -15.69
N GLN F 142 38.34 -26.59 -15.78
CA GLN F 142 37.58 -25.40 -16.13
C GLN F 142 37.05 -25.50 -17.56
N GLN F 143 37.83 -26.06 -18.46
CA GLN F 143 37.38 -26.10 -19.83
C GLN F 143 36.19 -27.03 -19.99
N ALA F 144 36.09 -28.07 -19.17
CA ALA F 144 34.95 -28.96 -19.24
C ALA F 144 33.68 -28.14 -18.96
N LEU F 145 33.77 -27.20 -18.01
CA LEU F 145 32.63 -26.33 -17.68
C LEU F 145 32.27 -25.44 -18.88
N GLU F 146 33.27 -25.11 -19.68
CA GLU F 146 33.07 -24.23 -20.83
C GLU F 146 32.44 -24.97 -22.04
N LEU F 147 32.13 -26.26 -21.89
CA LEU F 147 31.43 -27.02 -22.91
C LEU F 147 29.95 -26.87 -22.57
N ARG F 148 29.03 -27.14 -23.49
CA ARG F 148 27.61 -27.02 -23.10
C ARG F 148 27.28 -27.91 -21.90
N GLY F 149 27.89 -29.09 -21.85
CA GLY F 149 27.69 -30.10 -20.81
C GLY F 149 26.65 -29.70 -19.79
N TYR F 166 28.33 -25.32 -19.15
CA TYR F 166 27.88 -24.88 -17.85
C TYR F 166 26.48 -25.31 -17.55
N LEU F 167 25.85 -26.00 -18.46
CA LEU F 167 24.49 -26.36 -18.15
C LEU F 167 24.42 -27.16 -16.87
N SER F 168 25.23 -28.21 -16.76
CA SER F 168 25.28 -29.05 -15.57
C SER F 168 25.78 -28.30 -14.33
N LYS F 169 26.36 -27.12 -14.50
CA LYS F 169 26.83 -26.31 -13.40
C LYS F 169 25.62 -25.64 -12.77
N TYR F 170 24.70 -25.21 -13.62
CA TYR F 170 23.54 -24.48 -13.18
C TYR F 170 22.24 -25.29 -13.23
N ALA F 171 22.31 -26.51 -13.75
CA ALA F 171 21.13 -27.32 -13.90
C ALA F 171 21.35 -28.80 -13.69
N ILE F 172 20.29 -29.49 -13.34
CA ILE F 172 20.34 -30.94 -13.21
C ILE F 172 19.75 -31.64 -14.41
N ASP F 173 20.54 -32.49 -15.03
CA ASP F 173 19.99 -33.16 -16.17
C ASP F 173 19.01 -34.18 -15.66
N MET F 174 17.75 -33.80 -15.74
CA MET F 174 16.68 -34.59 -15.19
C MET F 174 16.61 -35.92 -15.88
N THR F 175 16.81 -35.93 -17.20
CA THR F 175 16.75 -37.22 -17.86
C THR F 175 17.98 -38.07 -17.54
N GLU F 176 19.11 -37.45 -17.30
CA GLU F 176 20.25 -38.29 -16.97
C GLU F 176 20.00 -38.89 -15.61
N GLN F 177 19.59 -38.06 -14.66
CA GLN F 177 19.38 -38.55 -13.33
C GLN F 177 18.22 -39.52 -13.28
N ALA F 178 17.15 -39.21 -14.00
CA ALA F 178 16.00 -40.11 -14.01
C ALA F 178 16.42 -41.46 -14.55
N ARG F 179 17.30 -41.45 -15.55
CA ARG F 179 17.78 -42.68 -16.15
C ARG F 179 18.70 -43.44 -15.21
N GLN F 180 19.57 -42.70 -14.51
CA GLN F 180 20.55 -43.27 -13.60
C GLN F 180 19.91 -43.89 -12.36
N GLY F 181 19.03 -43.14 -11.71
CA GLY F 181 18.43 -43.58 -10.47
C GLY F 181 18.04 -42.40 -9.60
N LYS F 182 17.83 -42.65 -8.31
CA LYS F 182 17.42 -41.60 -7.36
C LYS F 182 16.10 -40.96 -7.76
N LEU F 183 15.25 -41.71 -8.44
CA LEU F 183 13.97 -41.20 -8.88
C LEU F 183 12.86 -42.18 -8.59
N ASP F 184 11.89 -41.69 -7.86
CA ASP F 184 10.75 -42.45 -7.44
C ASP F 184 9.81 -42.84 -8.56
N PRO F 185 9.09 -43.96 -8.43
CA PRO F 185 8.07 -44.43 -9.34
C PRO F 185 6.82 -43.60 -9.21
N VAL F 186 6.87 -42.42 -9.81
CA VAL F 186 5.76 -41.51 -9.74
C VAL F 186 4.54 -42.08 -10.44
N ILE F 187 3.43 -42.17 -9.70
CA ILE F 187 2.19 -42.75 -10.25
C ILE F 187 0.96 -41.92 -9.94
N GLY F 188 -0.08 -42.06 -10.77
CA GLY F 188 -1.35 -41.38 -10.54
C GLY F 188 -1.36 -40.03 -11.25
N ARG F 189 -0.23 -39.72 -11.86
CA ARG F 189 -0.01 -38.49 -12.59
C ARG F 189 0.05 -38.73 -14.06
N GLU F 190 -0.25 -39.93 -14.50
CA GLU F 190 -0.16 -40.25 -15.91
C GLU F 190 -1.01 -39.32 -16.76
N GLU F 191 -2.16 -38.89 -16.25
CA GLU F 191 -3.01 -37.99 -17.01
C GLU F 191 -2.29 -36.67 -17.24
N GLU F 192 -1.64 -36.21 -16.18
CA GLU F 192 -0.97 -34.93 -16.15
C GLU F 192 0.34 -34.99 -16.92
N ILE F 193 1.01 -36.13 -16.87
CA ILE F 193 2.25 -36.31 -17.60
C ILE F 193 1.93 -36.25 -19.08
N ARG F 194 0.89 -36.96 -19.49
CA ARG F 194 0.52 -36.96 -20.89
C ARG F 194 0.01 -35.58 -21.31
N SER F 195 -0.69 -34.87 -20.40
CA SER F 195 -1.20 -33.53 -20.71
C SER F 195 -0.03 -32.57 -20.90
N THR F 196 0.98 -32.71 -20.07
CA THR F 196 2.16 -31.86 -20.13
C THR F 196 2.85 -32.07 -21.47
N ILE F 197 2.98 -33.34 -21.86
CA ILE F 197 3.59 -33.67 -23.14
C ILE F 197 2.74 -33.08 -24.25
N ARG F 198 1.43 -33.24 -24.15
CA ARG F 198 0.52 -32.66 -25.12
C ARG F 198 0.80 -31.18 -25.26
N VAL F 199 1.02 -30.48 -24.16
CA VAL F 199 1.31 -29.08 -24.30
C VAL F 199 2.62 -28.86 -25.02
N LEU F 200 3.63 -29.66 -24.73
CA LEU F 200 4.90 -29.50 -25.42
C LEU F 200 4.70 -29.71 -26.93
N ALA F 201 3.68 -30.50 -27.29
CA ALA F 201 3.31 -30.75 -28.69
C ALA F 201 2.50 -29.59 -29.33
N ARG F 202 2.14 -28.56 -28.54
CA ARG F 202 1.40 -27.38 -29.01
C ARG F 202 2.30 -26.54 -29.87
N ARG F 203 1.74 -25.56 -30.59
CA ARG F 203 2.59 -24.70 -31.39
C ARG F 203 2.65 -23.30 -30.82
N ILE F 204 1.56 -22.86 -30.20
CA ILE F 204 1.60 -21.50 -29.69
C ILE F 204 1.87 -21.52 -28.18
N LYS F 205 0.90 -21.98 -27.39
CA LYS F 205 1.14 -22.05 -25.95
C LYS F 205 1.77 -23.41 -25.64
N SER F 206 3.04 -23.53 -26.00
CA SER F 206 3.78 -24.80 -25.97
C SER F 206 4.61 -25.05 -24.76
N ASN F 207 4.40 -24.26 -23.75
CA ASN F 207 5.15 -24.36 -22.52
C ASN F 207 4.20 -24.62 -21.35
N PRO F 208 3.96 -25.86 -20.98
CA PRO F 208 2.98 -26.19 -19.98
C PRO F 208 3.38 -25.63 -18.68
N CYS F 209 2.39 -25.38 -17.85
CA CYS F 209 2.60 -24.92 -16.51
C CYS F 209 1.77 -25.67 -15.52
N LEU F 210 2.40 -26.13 -14.46
CA LEU F 210 1.70 -26.90 -13.45
C LEU F 210 1.19 -26.00 -12.30
N ILE F 211 -0.14 -25.96 -12.11
CA ILE F 211 -0.75 -25.06 -11.12
C ILE F 211 -1.55 -25.72 -9.98
N GLY F 212 -1.29 -25.27 -8.74
CA GLY F 212 -2.02 -25.80 -7.58
C GLY F 212 -1.44 -25.45 -6.21
N GLU F 213 -1.54 -26.41 -5.31
CA GLU F 213 -1.00 -26.33 -3.96
C GLU F 213 0.52 -26.55 -4.15
N PRO F 214 1.43 -25.99 -3.35
CA PRO F 214 2.85 -26.33 -3.41
C PRO F 214 2.99 -27.73 -2.85
N GLY F 215 3.97 -28.51 -3.30
CA GLY F 215 4.11 -29.84 -2.69
C GLY F 215 3.10 -30.83 -3.22
N ILE F 216 2.82 -30.80 -4.50
CA ILE F 216 1.78 -31.67 -5.00
C ILE F 216 2.26 -32.64 -6.04
N GLY F 217 3.56 -32.70 -6.25
CA GLY F 217 4.06 -33.58 -7.27
C GLY F 217 4.20 -32.87 -8.59
N LYS F 218 4.35 -31.55 -8.61
CA LYS F 218 4.50 -30.89 -9.88
C LYS F 218 5.83 -31.33 -10.46
N THR F 219 6.87 -31.38 -9.62
CA THR F 219 8.15 -31.79 -10.11
C THR F 219 8.01 -33.24 -10.46
N ALA F 220 7.30 -33.99 -9.62
CA ALA F 220 7.11 -35.41 -9.87
C ALA F 220 6.51 -35.63 -11.27
N ILE F 221 5.59 -34.76 -11.70
CA ILE F 221 5.05 -34.87 -13.05
C ILE F 221 6.17 -34.68 -14.03
N ILE F 222 7.00 -33.68 -13.81
CA ILE F 222 8.11 -33.39 -14.71
C ILE F 222 9.07 -34.55 -14.77
N GLU F 223 9.34 -35.14 -13.63
CA GLU F 223 10.22 -36.28 -13.57
C GLU F 223 9.60 -37.41 -14.35
N GLY F 224 8.28 -37.56 -14.24
CA GLY F 224 7.55 -38.57 -14.99
C GLY F 224 7.73 -38.33 -16.47
N VAL F 225 7.71 -37.05 -16.87
CA VAL F 225 7.92 -36.72 -18.27
C VAL F 225 9.34 -37.12 -18.65
N ALA F 226 10.31 -36.84 -17.78
CA ALA F 226 11.69 -37.21 -18.07
C ALA F 226 11.78 -38.68 -18.31
N GLN F 227 11.07 -39.47 -17.52
CA GLN F 227 11.12 -40.90 -17.71
C GLN F 227 10.54 -41.26 -19.05
N ARG F 228 9.46 -40.61 -19.43
CA ARG F 228 8.87 -40.95 -20.70
C ARG F 228 9.79 -40.56 -21.84
N ILE F 229 10.52 -39.44 -21.70
CA ILE F 229 11.47 -39.05 -22.73
C ILE F 229 12.55 -40.09 -22.83
N ILE F 230 13.08 -40.51 -21.70
CA ILE F 230 14.12 -41.51 -21.62
C ILE F 230 13.69 -42.83 -22.26
N ASP F 231 12.43 -43.19 -22.02
CA ASP F 231 11.83 -44.41 -22.52
C ASP F 231 11.39 -44.27 -23.99
N ASP F 232 11.46 -43.04 -24.53
CA ASP F 232 10.95 -42.66 -25.85
C ASP F 232 9.43 -42.79 -25.95
N ASP F 233 8.74 -42.82 -24.82
CA ASP F 233 7.28 -42.94 -24.80
C ASP F 233 6.63 -41.57 -24.86
N VAL F 234 6.95 -40.88 -25.93
CA VAL F 234 6.54 -39.53 -26.26
C VAL F 234 6.19 -39.51 -27.76
N PRO F 235 5.43 -38.53 -28.26
CA PRO F 235 4.99 -38.43 -29.64
C PRO F 235 6.03 -38.06 -30.67
N THR F 236 7.02 -38.94 -30.82
CA THR F 236 8.07 -38.87 -31.84
C THR F 236 9.01 -37.67 -31.74
N ILE F 237 8.46 -36.49 -31.87
CA ILE F 237 9.26 -35.28 -31.86
C ILE F 237 9.98 -35.15 -30.54
N LEU F 238 9.25 -35.40 -29.48
CA LEU F 238 9.80 -35.32 -28.15
C LEU F 238 10.80 -36.47 -27.86
N GLN F 239 10.95 -37.46 -28.76
CA GLN F 239 11.90 -38.54 -28.50
C GLN F 239 13.30 -37.99 -28.56
N GLY F 240 13.44 -36.86 -29.25
CA GLY F 240 14.72 -36.21 -29.39
C GLY F 240 14.93 -35.15 -28.32
N ALA F 241 14.09 -35.14 -27.27
CA ALA F 241 14.10 -34.15 -26.20
C ALA F 241 14.94 -34.52 -25.00
N LYS F 242 15.15 -33.51 -24.16
CA LYS F 242 15.89 -33.71 -22.91
C LYS F 242 15.49 -32.69 -21.82
N LEU F 243 15.20 -33.16 -20.60
CA LEU F 243 14.84 -32.28 -19.47
C LEU F 243 15.93 -31.90 -18.47
N PHE F 244 15.97 -30.59 -18.16
CA PHE F 244 16.88 -30.03 -17.17
C PHE F 244 16.25 -29.10 -16.14
N SER F 245 16.65 -29.25 -14.88
CA SER F 245 16.21 -28.35 -13.84
C SER F 245 17.16 -27.23 -13.72
N LEU F 246 16.80 -26.05 -14.16
CA LEU F 246 17.72 -24.92 -14.16
C LEU F 246 17.38 -24.05 -12.97
N ASP F 247 18.18 -24.11 -11.90
CA ASP F 247 17.76 -23.40 -10.68
C ASP F 247 18.87 -23.21 -9.61
N LEU F 248 18.50 -22.51 -8.54
CA LEU F 248 19.29 -22.18 -7.34
C LEU F 248 20.62 -21.53 -7.65
N ALA F 249 21.52 -22.33 -8.22
CA ALA F 249 22.80 -21.83 -8.67
C ALA F 249 22.55 -20.90 -9.81
N ALA F 250 21.59 -21.32 -10.64
CA ALA F 250 21.16 -20.62 -11.82
C ALA F 250 20.57 -19.30 -11.46
N LEU F 251 19.91 -19.27 -10.32
CA LEU F 251 19.22 -18.08 -9.92
C LEU F 251 20.19 -17.08 -9.34
N THR F 252 20.94 -17.53 -8.34
CA THR F 252 21.88 -16.66 -7.65
C THR F 252 23.19 -17.31 -7.19
N ALA F 253 23.08 -18.48 -6.55
CA ALA F 253 24.19 -19.04 -5.76
C ALA F 253 25.47 -19.32 -6.55
N GLY F 254 25.37 -19.50 -7.87
CA GLY F 254 26.53 -19.79 -8.70
C GLY F 254 27.20 -18.53 -9.26
N ALA F 255 26.99 -17.39 -8.59
CA ALA F 255 27.53 -16.10 -9.03
C ALA F 255 27.68 -15.10 -7.89
N LYS F 256 28.34 -13.95 -8.15
CA LYS F 256 28.42 -12.97 -7.07
C LYS F 256 28.60 -11.48 -7.47
N TYR F 257 28.54 -11.16 -8.76
CA TYR F 257 28.73 -9.76 -9.17
C TYR F 257 27.52 -9.18 -9.89
N LYS F 258 27.37 -7.87 -9.80
CA LYS F 258 26.31 -7.24 -10.55
C LYS F 258 26.54 -7.51 -12.03
N GLY F 259 25.51 -7.99 -12.71
CA GLY F 259 25.60 -8.31 -14.13
C GLY F 259 25.81 -9.80 -14.40
N ASP F 260 26.21 -10.57 -13.38
CA ASP F 260 26.41 -12.00 -13.58
C ASP F 260 25.13 -12.69 -14.00
N PHE F 261 23.97 -12.16 -13.59
CA PHE F 261 22.74 -12.82 -13.97
C PHE F 261 22.63 -12.87 -15.46
N GLU F 262 22.76 -11.72 -16.11
CA GLU F 262 22.61 -11.68 -17.54
C GLU F 262 23.65 -12.58 -18.20
N GLU F 263 24.86 -12.63 -17.64
CA GLU F 263 25.92 -13.43 -18.22
C GLU F 263 25.68 -14.95 -18.12
N ARG F 264 25.24 -15.45 -16.97
CA ARG F 264 25.00 -16.89 -16.91
C ARG F 264 23.68 -17.28 -17.55
N PHE F 265 22.73 -16.34 -17.52
CA PHE F 265 21.42 -16.54 -18.08
C PHE F 265 21.56 -16.61 -19.59
N LYS F 266 22.12 -15.54 -20.20
CA LYS F 266 22.36 -15.54 -21.64
C LYS F 266 23.71 -16.16 -21.89
N GLY F 267 23.77 -17.42 -21.59
CA GLY F 267 24.94 -18.24 -21.60
C GLY F 267 24.41 -19.62 -21.51
N VAL F 268 23.96 -20.02 -20.34
CA VAL F 268 23.41 -21.34 -20.21
C VAL F 268 22.18 -21.44 -21.09
N LEU F 269 21.30 -20.42 -21.12
CA LEU F 269 20.15 -20.55 -21.99
C LEU F 269 20.56 -20.65 -23.44
N LYS F 270 21.59 -19.92 -23.83
CA LYS F 270 22.03 -19.95 -25.22
C LYS F 270 22.57 -21.33 -25.58
N GLU F 271 23.27 -21.95 -24.63
CA GLU F 271 23.82 -23.28 -24.82
C GLU F 271 22.69 -24.28 -24.98
N ILE F 272 21.69 -24.14 -24.12
CA ILE F 272 20.51 -24.99 -24.11
C ILE F 272 19.71 -24.90 -25.37
N GLU F 273 19.55 -23.68 -25.85
CA GLU F 273 18.79 -23.38 -27.02
C GLU F 273 19.17 -24.18 -28.28
N GLU F 274 20.44 -24.57 -28.44
CA GLU F 274 20.80 -25.22 -29.70
C GLU F 274 21.53 -26.57 -29.63
N SER F 275 21.32 -27.36 -30.71
CA SER F 275 22.00 -28.63 -31.03
C SER F 275 21.74 -29.82 -30.13
N LYS F 276 21.96 -29.66 -28.84
CA LYS F 276 21.90 -30.78 -27.91
C LYS F 276 20.52 -31.21 -27.50
N THR F 277 19.80 -31.82 -28.43
CA THR F 277 18.43 -32.30 -28.22
C THR F 277 17.40 -31.20 -28.03
N LEU F 278 16.15 -31.58 -28.11
CA LEU F 278 15.04 -30.65 -27.94
C LEU F 278 14.92 -30.40 -26.45
N ILE F 279 15.77 -29.53 -25.95
CA ILE F 279 15.79 -29.32 -24.53
C ILE F 279 14.61 -28.57 -24.02
N VAL F 280 14.05 -29.17 -22.98
CA VAL F 280 12.95 -28.64 -22.25
C VAL F 280 13.48 -28.32 -20.85
N LEU F 281 13.26 -27.12 -20.37
CA LEU F 281 13.79 -26.75 -19.06
C LEU F 281 12.71 -26.64 -18.04
N PHE F 282 13.09 -26.67 -16.79
CA PHE F 282 12.10 -26.35 -15.79
C PHE F 282 12.72 -25.71 -14.58
N ILE F 283 11.87 -25.10 -13.78
CA ILE F 283 12.24 -24.38 -12.58
C ILE F 283 11.72 -25.15 -11.36
N ASP F 284 12.51 -25.29 -10.29
CA ASP F 284 12.03 -25.95 -9.07
C ASP F 284 11.44 -24.94 -8.06
N GLU F 285 11.91 -23.68 -8.11
CA GLU F 285 11.38 -22.62 -7.25
C GLU F 285 10.17 -21.94 -7.91
N ILE F 286 9.82 -22.45 -9.08
CA ILE F 286 8.69 -22.15 -9.97
C ILE F 286 8.06 -20.75 -10.00
N HIS F 287 7.68 -20.19 -8.85
CA HIS F 287 7.06 -18.88 -8.77
C HIS F 287 8.10 -17.87 -9.13
N MET F 288 9.32 -18.34 -9.01
CA MET F 288 10.56 -17.69 -9.23
C MET F 288 10.67 -17.00 -10.55
N LEU F 289 9.85 -17.37 -11.52
CA LEU F 289 9.88 -16.66 -12.78
C LEU F 289 9.60 -15.17 -12.51
N MET F 290 8.85 -14.89 -11.44
CA MET F 290 8.56 -13.53 -11.04
C MET F 290 9.78 -13.00 -10.27
N GLY F 291 10.87 -12.82 -11.00
CA GLY F 291 12.17 -12.45 -10.46
C GLY F 291 13.28 -13.03 -11.35
N ASN F 292 13.08 -14.25 -11.86
CA ASN F 292 14.04 -14.90 -12.76
C ASN F 292 13.73 -14.59 -14.23
N GLY F 293 12.57 -14.01 -14.45
CA GLY F 293 12.09 -13.57 -15.74
C GLY F 293 12.18 -12.06 -15.69
N LYS F 294 11.10 -11.42 -15.23
CA LYS F 294 11.05 -9.96 -15.11
C LYS F 294 11.47 -9.29 -16.42
N ASP F 295 12.55 -8.53 -16.40
CA ASP F 295 13.06 -7.81 -17.55
C ASP F 295 13.33 -8.77 -18.70
N ASP F 296 13.65 -10.01 -18.35
CA ASP F 296 13.97 -11.08 -19.24
C ASP F 296 12.85 -12.09 -19.35
N ALA F 297 11.63 -11.71 -18.97
CA ALA F 297 10.48 -12.61 -19.04
C ALA F 297 10.31 -13.17 -20.44
N ALA F 298 10.67 -12.38 -21.45
CA ALA F 298 10.60 -12.87 -22.80
C ALA F 298 11.87 -13.62 -23.12
N ASN F 299 13.00 -13.02 -22.76
CA ASN F 299 14.35 -13.49 -23.12
C ASN F 299 14.65 -14.86 -22.58
N ILE F 300 14.04 -15.19 -21.46
CA ILE F 300 14.16 -16.47 -20.82
C ILE F 300 13.64 -17.59 -21.73
N LEU F 301 12.76 -17.24 -22.66
CA LEU F 301 12.14 -18.21 -23.52
C LEU F 301 11.68 -17.75 -24.89
N LYS F 302 10.83 -16.74 -24.94
CA LYS F 302 10.18 -16.43 -26.20
C LYS F 302 11.11 -16.47 -27.43
N PRO F 303 12.20 -15.70 -27.52
CA PRO F 303 13.05 -15.70 -28.69
C PRO F 303 13.85 -17.00 -28.81
N ALA F 304 13.99 -17.75 -27.71
CA ALA F 304 14.76 -18.98 -27.74
C ALA F 304 13.90 -20.09 -28.33
N LEU F 305 12.61 -19.95 -28.09
CA LEU F 305 11.65 -20.84 -28.69
C LEU F 305 11.49 -20.45 -30.14
N SER F 306 11.32 -19.14 -30.37
CA SER F 306 11.08 -18.61 -31.71
C SER F 306 12.22 -18.94 -32.66
N ARG F 307 13.47 -18.88 -32.17
CA ARG F 307 14.64 -19.19 -32.97
C ARG F 307 14.97 -20.69 -33.06
N GLY F 308 14.19 -21.55 -32.41
CA GLY F 308 14.54 -22.95 -32.42
C GLY F 308 13.56 -23.83 -31.65
N GLN F 309 14.06 -24.45 -30.60
CA GLN F 309 13.24 -25.35 -29.81
C GLN F 309 13.28 -25.15 -28.30
N LEU F 310 13.64 -23.97 -27.79
CA LEU F 310 13.69 -23.98 -26.33
C LEU F 310 12.30 -24.05 -25.76
N LYS F 311 12.03 -25.07 -24.97
CA LYS F 311 10.71 -25.18 -24.35
C LYS F 311 10.89 -25.30 -22.87
N VAL F 312 9.88 -24.95 -22.12
CA VAL F 312 10.00 -25.10 -20.68
C VAL F 312 8.75 -25.69 -20.06
N ILE F 313 8.88 -26.28 -18.89
CA ILE F 313 7.73 -26.69 -18.13
C ILE F 313 7.72 -25.80 -16.90
N GLY F 314 6.71 -24.99 -16.77
CA GLY F 314 6.64 -24.08 -15.67
C GLY F 314 5.76 -24.66 -14.59
N ALA F 315 5.59 -23.88 -13.55
CA ALA F 315 4.77 -24.28 -12.45
C ALA F 315 4.54 -23.08 -11.58
N THR F 316 3.48 -23.11 -10.80
CA THR F 316 3.18 -22.04 -9.86
C THR F 316 2.08 -22.43 -8.90
N THR F 317 2.02 -21.85 -7.73
CA THR F 317 0.85 -22.15 -6.94
C THR F 317 -0.30 -21.38 -7.49
N ASN F 318 -1.50 -21.68 -7.02
CA ASN F 318 -2.69 -20.95 -7.46
C ASN F 318 -2.57 -19.45 -7.25
N ASN F 319 -1.99 -19.05 -6.13
CA ASN F 319 -1.90 -17.63 -5.83
C ASN F 319 -0.82 -17.03 -6.69
N GLU F 320 0.28 -17.76 -6.82
CA GLU F 320 1.38 -17.28 -7.61
C GLU F 320 1.00 -17.19 -9.09
N TYR F 321 0.14 -18.10 -9.56
CA TYR F 321 -0.32 -18.08 -10.94
C TYR F 321 -1.03 -16.76 -11.15
N ARG F 322 -1.96 -16.47 -10.26
CA ARG F 322 -2.68 -15.23 -10.42
C ARG F 322 -1.70 -14.08 -10.42
N SER F 323 -0.71 -14.13 -9.55
CA SER F 323 0.25 -13.05 -9.49
C SER F 323 1.07 -12.91 -10.78
N ILE F 324 1.52 -14.01 -11.39
CA ILE F 324 2.34 -13.87 -12.59
C ILE F 324 1.49 -13.34 -13.74
N VAL F 325 0.22 -13.66 -13.71
CA VAL F 325 -0.69 -13.16 -14.71
C VAL F 325 -1.03 -11.69 -14.51
N GLU F 326 -1.33 -11.30 -13.27
CA GLU F 326 -1.65 -9.91 -12.94
C GLU F 326 -0.44 -9.01 -13.13
N LYS F 327 0.74 -9.55 -12.83
CA LYS F 327 1.99 -8.84 -12.97
C LYS F 327 2.36 -8.68 -14.43
N ASP F 328 2.27 -9.76 -15.19
CA ASP F 328 2.70 -9.75 -16.57
C ASP F 328 1.58 -10.19 -17.51
N GLY F 329 1.21 -11.46 -17.46
CA GLY F 329 0.17 -11.97 -18.33
C GLY F 329 0.67 -12.45 -19.69
N ALA F 330 1.89 -12.09 -20.09
CA ALA F 330 2.44 -12.53 -21.37
C ALA F 330 2.66 -14.03 -21.33
N PHE F 331 2.74 -14.53 -20.11
CA PHE F 331 2.93 -15.92 -19.85
C PHE F 331 1.71 -16.71 -20.31
N GLU F 332 0.56 -16.05 -20.47
CA GLU F 332 -0.63 -16.76 -20.92
C GLU F 332 -0.69 -16.82 -22.44
N ARG F 333 0.33 -16.31 -23.11
CA ARG F 333 0.45 -16.37 -24.55
C ARG F 333 1.54 -17.38 -24.87
N ARG F 334 2.52 -17.43 -23.99
CA ARG F 334 3.67 -18.31 -24.09
C ARG F 334 3.44 -19.72 -23.48
N PHE F 335 2.69 -19.79 -22.37
CA PHE F 335 2.47 -21.00 -21.59
C PHE F 335 1.03 -21.50 -21.58
N GLN F 336 0.88 -22.78 -21.25
CA GLN F 336 -0.44 -23.38 -21.10
C GLN F 336 -0.69 -23.88 -19.69
N LYS F 337 -1.62 -23.22 -19.04
CA LYS F 337 -2.02 -23.50 -17.67
C LYS F 337 -2.55 -24.95 -17.54
N ILE F 338 -2.01 -25.72 -16.58
CA ILE F 338 -2.46 -27.09 -16.28
C ILE F 338 -2.82 -27.26 -14.81
N GLU F 339 -4.03 -27.72 -14.53
CA GLU F 339 -4.39 -27.93 -13.12
C GLU F 339 -3.75 -29.23 -12.66
N VAL F 340 -3.26 -29.25 -11.42
CA VAL F 340 -2.73 -30.49 -10.86
C VAL F 340 -3.56 -30.96 -9.67
N ALA F 341 -4.08 -32.18 -9.76
CA ALA F 341 -5.00 -32.78 -8.79
C ALA F 341 -4.40 -33.22 -7.46
N GLU F 342 -5.23 -33.25 -6.42
CA GLU F 342 -4.86 -33.91 -5.17
C GLU F 342 -5.42 -35.32 -5.26
N PRO F 343 -4.64 -36.37 -4.96
CA PRO F 343 -5.08 -37.74 -5.02
C PRO F 343 -6.05 -38.07 -3.91
N SER F 344 -6.88 -39.06 -4.17
CA SER F 344 -7.78 -39.65 -3.20
C SER F 344 -7.01 -40.46 -2.21
N VAL F 345 -7.67 -40.92 -1.14
CA VAL F 345 -6.97 -41.76 -0.19
C VAL F 345 -6.46 -42.99 -0.92
N ARG F 346 -7.28 -43.58 -1.78
CA ARG F 346 -6.83 -44.74 -2.55
C ARG F 346 -5.55 -44.45 -3.32
N GLN F 347 -5.56 -43.36 -4.06
CA GLN F 347 -4.41 -43.02 -4.86
C GLN F 347 -3.21 -42.72 -4.00
N THR F 348 -3.44 -42.06 -2.88
CA THR F 348 -2.38 -41.72 -1.96
C THR F 348 -1.74 -42.97 -1.44
N VAL F 349 -2.57 -43.93 -1.07
CA VAL F 349 -2.07 -45.17 -0.57
C VAL F 349 -1.30 -45.88 -1.66
N ALA F 350 -1.80 -45.87 -2.89
CA ALA F 350 -1.07 -46.52 -3.95
C ALA F 350 0.33 -45.92 -4.06
N ILE F 351 0.42 -44.61 -3.92
CA ILE F 351 1.70 -43.94 -3.97
C ILE F 351 2.56 -44.38 -2.82
N LEU F 352 1.98 -44.41 -1.63
CA LEU F 352 2.74 -44.81 -0.48
C LEU F 352 3.21 -46.24 -0.61
N ARG F 353 2.39 -47.13 -1.17
CA ARG F 353 2.75 -48.53 -1.36
C ARG F 353 3.91 -48.66 -2.30
N GLY F 354 3.91 -47.87 -3.37
CA GLY F 354 5.00 -47.92 -4.31
C GLY F 354 6.30 -47.52 -3.64
N LEU F 355 6.20 -46.57 -2.72
CA LEU F 355 7.36 -46.06 -2.02
C LEU F 355 7.56 -46.69 -0.65
N GLN F 356 6.64 -47.51 -0.20
CA GLN F 356 6.76 -48.17 1.08
C GLN F 356 8.13 -48.75 1.32
N PRO F 357 8.75 -49.54 0.40
CA PRO F 357 10.07 -50.10 0.63
C PRO F 357 11.13 -49.02 0.70
N LYS F 358 10.86 -47.86 0.14
CA LYS F 358 11.84 -46.81 0.21
C LYS F 358 11.88 -46.37 1.64
N TYR F 359 10.70 -46.24 2.21
CA TYR F 359 10.53 -45.78 3.57
C TYR F 359 11.07 -46.83 4.53
N GLU F 360 10.84 -48.11 4.23
CA GLU F 360 11.35 -49.14 5.11
C GLU F 360 12.87 -49.08 5.11
N ILE F 361 13.47 -48.87 3.92
CA ILE F 361 14.92 -48.74 3.76
C ILE F 361 15.44 -47.50 4.45
N HIS F 362 14.72 -46.41 4.34
CA HIS F 362 15.14 -45.17 4.97
C HIS F 362 15.42 -45.35 6.44
N HIS F 363 14.55 -46.09 7.13
CA HIS F 363 14.74 -46.24 8.56
C HIS F 363 15.02 -47.66 9.06
N GLY F 364 15.03 -48.65 8.19
CA GLY F 364 15.28 -50.02 8.66
C GLY F 364 14.10 -50.44 9.52
N VAL F 365 12.92 -50.04 9.11
CA VAL F 365 11.72 -50.25 9.91
C VAL F 365 10.66 -50.95 9.10
N ARG F 366 9.92 -51.86 9.71
CA ARG F 366 8.85 -52.50 8.95
C ARG F 366 7.65 -51.58 8.90
N ILE F 367 6.95 -51.53 7.77
CA ILE F 367 5.75 -50.69 7.71
C ILE F 367 4.51 -51.48 7.32
N LEU F 368 3.46 -51.40 8.12
CA LEU F 368 2.25 -52.14 7.79
C LEU F 368 1.53 -51.53 6.59
N ASP F 369 0.95 -52.36 5.72
CA ASP F 369 0.18 -51.76 4.61
C ASP F 369 -0.94 -50.90 5.14
N SER F 370 -1.56 -51.39 6.21
CA SER F 370 -2.65 -50.69 6.84
C SER F 370 -2.21 -49.37 7.46
N ALA F 371 -0.88 -49.15 7.60
CA ALA F 371 -0.34 -47.91 8.12
C ALA F 371 -0.30 -46.88 7.03
N LEU F 372 -0.35 -47.32 5.79
CA LEU F 372 -0.28 -46.38 4.71
C LEU F 372 -1.71 -45.94 4.52
N VAL F 373 -2.60 -46.91 4.70
CA VAL F 373 -4.01 -46.62 4.60
C VAL F 373 -4.41 -45.71 5.73
N THR F 374 -4.04 -46.11 6.94
CA THR F 374 -4.39 -45.33 8.08
C THR F 374 -3.75 -43.96 8.04
N ALA F 375 -2.46 -43.87 7.69
CA ALA F 375 -1.83 -42.56 7.66
C ALA F 375 -2.54 -41.65 6.67
N ALA F 376 -2.92 -42.18 5.51
CA ALA F 376 -3.63 -41.36 4.53
C ALA F 376 -4.99 -40.94 5.05
N GLN F 377 -5.70 -41.86 5.70
CA GLN F 377 -7.00 -41.51 6.22
C GLN F 377 -6.87 -40.46 7.31
N LEU F 378 -5.89 -40.63 8.17
CA LEU F 378 -5.71 -39.70 9.24
C LEU F 378 -5.27 -38.36 8.75
N ALA F 379 -4.35 -38.33 7.81
CA ALA F 379 -3.87 -37.06 7.36
C ALA F 379 -5.03 -36.23 6.85
N LYS F 380 -5.93 -36.86 6.11
CA LYS F 380 -7.04 -36.06 5.64
C LYS F 380 -7.93 -35.67 6.81
N ARG F 381 -8.16 -36.59 7.75
CA ARG F 381 -9.05 -36.31 8.87
C ARG F 381 -8.52 -35.33 9.91
N TYR F 382 -7.22 -35.29 10.17
CA TYR F 382 -6.79 -34.37 11.20
C TYR F 382 -6.15 -33.12 10.60
N LEU F 383 -5.64 -33.20 9.37
CA LEU F 383 -5.08 -32.06 8.66
C LEU F 383 -5.64 -31.97 7.25
N PRO F 384 -6.94 -31.74 7.07
CA PRO F 384 -7.60 -31.75 5.78
C PRO F 384 -7.08 -30.66 4.85
N TYR F 385 -6.49 -29.61 5.41
CA TYR F 385 -5.96 -28.48 4.65
C TYR F 385 -4.48 -28.65 4.32
N ARG F 386 -3.92 -29.82 4.60
CA ARG F 386 -2.53 -30.04 4.26
C ARG F 386 -2.48 -31.06 3.17
N ARG F 387 -1.49 -30.94 2.30
CA ARG F 387 -1.40 -31.87 1.21
C ARG F 387 -1.45 -33.29 1.68
N LEU F 388 -2.43 -34.04 1.19
CA LEU F 388 -2.61 -35.41 1.65
C LEU F 388 -1.41 -36.33 1.49
N PRO F 389 -0.77 -36.46 0.32
CA PRO F 389 0.33 -37.40 0.23
C PRO F 389 1.55 -36.95 1.00
N ASP F 390 1.71 -35.66 1.20
CA ASP F 390 2.86 -35.28 2.00
C ASP F 390 2.59 -35.54 3.43
N SER F 391 1.39 -35.20 3.85
CA SER F 391 1.06 -35.32 5.24
C SER F 391 1.06 -36.78 5.63
N ALA F 392 0.51 -37.62 4.77
CA ALA F 392 0.48 -39.03 5.07
C ALA F 392 1.90 -39.54 5.20
N LEU F 393 2.76 -39.10 4.29
CA LEU F 393 4.13 -39.52 4.35
C LEU F 393 4.86 -38.96 5.51
N ASP F 394 4.69 -37.70 5.82
CA ASP F 394 5.38 -37.12 6.93
C ASP F 394 4.99 -37.85 8.18
N LEU F 395 3.73 -38.16 8.32
CA LEU F 395 3.29 -38.87 9.48
C LEU F 395 4.09 -40.17 9.57
N VAL F 396 4.21 -40.88 8.46
CA VAL F 396 4.97 -42.11 8.46
C VAL F 396 6.47 -41.89 8.70
N ASP F 397 7.14 -41.00 7.95
CA ASP F 397 8.60 -40.81 8.06
C ASP F 397 8.96 -40.29 9.45
N ILE F 398 8.10 -39.46 10.04
CA ILE F 398 8.31 -38.96 11.38
C ILE F 398 8.22 -40.10 12.37
N SER F 399 7.19 -40.93 12.24
CA SER F 399 7.03 -42.02 13.17
C SER F 399 8.08 -43.11 12.97
N CYS F 400 8.57 -43.25 11.74
CA CYS F 400 9.59 -44.23 11.44
C CYS F 400 10.85 -43.78 12.13
N ALA F 401 11.13 -42.49 11.97
CA ALA F 401 12.30 -41.91 12.58
C ALA F 401 12.19 -42.07 14.08
N GLY F 402 11.00 -41.84 14.63
CA GLY F 402 10.74 -41.94 16.05
C GLY F 402 11.10 -43.32 16.59
N VAL F 403 10.53 -44.37 16.02
CA VAL F 403 10.85 -45.68 16.55
C VAL F 403 12.32 -46.00 16.32
N ALA F 404 12.90 -45.53 15.22
CA ALA F 404 14.30 -45.80 14.99
C ALA F 404 15.13 -45.22 16.12
N VAL F 405 14.76 -44.04 16.61
CA VAL F 405 15.48 -43.43 17.71
C VAL F 405 15.37 -44.26 18.96
N ALA F 406 14.17 -44.71 19.27
CA ALA F 406 13.96 -45.48 20.48
C ALA F 406 14.85 -46.72 20.48
N ARG F 407 14.97 -47.32 19.31
CA ARG F 407 15.74 -48.53 19.13
C ARG F 407 17.23 -48.34 19.20
N ASP F 408 17.71 -47.11 19.29
CA ASP F 408 19.14 -46.91 19.42
C ASP F 408 19.65 -47.39 20.78
N SER F 409 18.80 -47.31 21.81
CA SER F 409 19.27 -47.67 23.14
C SER F 409 18.36 -48.54 23.99
N LYS F 410 17.05 -48.56 23.75
CA LYS F 410 16.14 -49.25 24.69
C LYS F 410 16.56 -48.93 26.14
N PRO F 411 16.67 -47.63 26.47
CA PRO F 411 17.22 -47.14 27.70
C PRO F 411 16.47 -47.59 28.92
N GLU F 412 15.20 -47.93 28.76
CA GLU F 412 14.38 -48.36 29.87
C GLU F 412 15.01 -49.53 30.60
N GLU F 413 15.78 -50.32 29.87
CA GLU F 413 16.44 -51.46 30.45
C GLU F 413 17.92 -51.20 30.52
N LEU F 414 18.47 -50.61 29.46
CA LEU F 414 19.90 -50.43 29.43
C LEU F 414 20.39 -49.26 30.26
N ASP F 415 19.73 -48.11 30.17
CA ASP F 415 20.16 -46.93 30.89
C ASP F 415 19.90 -47.19 32.35
N SER F 416 18.78 -47.83 32.65
CA SER F 416 18.50 -48.10 34.04
C SER F 416 19.61 -48.94 34.65
N LYS F 417 20.02 -50.03 33.97
CA LYS F 417 21.07 -50.86 34.55
C LYS F 417 22.42 -50.15 34.57
N GLU F 418 22.75 -49.40 33.52
CA GLU F 418 24.03 -48.70 33.47
C GLU F 418 24.12 -47.67 34.60
N ARG F 419 23.01 -46.99 34.89
CA ARG F 419 23.00 -46.05 36.00
C ARG F 419 23.18 -46.78 37.30
N GLN F 420 22.50 -47.90 37.46
CA GLN F 420 22.62 -48.64 38.70
C GLN F 420 24.06 -49.09 38.88
N LEU F 421 24.69 -49.52 37.79
CA LEU F 421 26.07 -49.94 37.86
C LEU F 421 26.98 -48.80 38.26
N GLN F 422 26.77 -47.61 37.72
CA GLN F 422 27.62 -46.50 38.11
C GLN F 422 27.36 -46.09 39.55
N LEU F 423 26.10 -46.17 39.99
CA LEU F 423 25.81 -45.80 41.37
C LEU F 423 26.58 -46.73 42.28
N ILE F 424 26.68 -47.99 41.86
CA ILE F 424 27.50 -48.94 42.57
C ILE F 424 28.95 -48.50 42.54
N GLN F 425 29.45 -48.01 41.40
CA GLN F 425 30.85 -47.57 41.33
C GLN F 425 31.11 -46.44 42.30
N VAL F 426 30.11 -45.62 42.53
CA VAL F 426 30.27 -44.55 43.47
C VAL F 426 30.42 -45.14 44.85
N GLU F 427 29.51 -46.05 45.20
CA GLU F 427 29.58 -46.71 46.48
C GLU F 427 30.93 -47.40 46.59
N ILE F 428 31.39 -47.99 45.50
CA ILE F 428 32.67 -48.64 45.54
C ILE F 428 33.76 -47.67 45.85
N LYS F 429 33.84 -46.53 45.21
CA LYS F 429 34.98 -45.73 45.56
C LYS F 429 34.81 -45.13 46.96
N ALA F 430 33.58 -44.79 47.31
CA ALA F 430 33.23 -44.19 48.60
C ALA F 430 33.59 -45.10 49.77
N LEU F 431 33.50 -46.41 49.55
CA LEU F 431 33.79 -47.39 50.58
C LEU F 431 35.21 -48.01 50.42
N GLU F 432 35.65 -48.25 49.18
CA GLU F 432 36.95 -48.86 48.83
C GLU F 432 38.14 -47.98 49.15
N ARG F 433 38.09 -46.71 48.72
CA ARG F 433 39.25 -45.84 48.89
C ARG F 433 39.28 -45.20 50.26
N ASP F 434 39.56 -46.02 51.24
CA ASP F 434 39.52 -45.63 52.64
C ASP F 434 40.35 -46.55 53.53
N GLU F 435 40.49 -46.15 54.79
CA GLU F 435 41.12 -46.96 55.82
C GLU F 435 40.01 -47.72 56.51
N ASP F 436 38.81 -47.12 56.50
CA ASP F 436 37.62 -47.77 57.05
C ASP F 436 37.20 -48.88 56.11
N ALA F 437 37.84 -48.95 54.95
CA ALA F 437 37.63 -49.98 53.94
C ALA F 437 37.84 -51.37 54.54
N ASP F 438 38.67 -51.46 55.59
CA ASP F 438 38.94 -52.74 56.23
C ASP F 438 37.94 -53.08 57.35
N SER F 439 37.06 -52.13 57.67
CA SER F 439 36.02 -52.27 58.67
C SER F 439 34.76 -52.68 57.95
N THR F 440 33.85 -53.38 58.62
CA THR F 440 32.58 -53.70 57.98
C THR F 440 31.78 -52.43 57.68
N THR F 441 32.18 -51.31 58.31
CA THR F 441 31.61 -49.99 58.08
C THR F 441 31.58 -49.71 56.59
N LYS F 442 32.66 -50.05 55.91
CA LYS F 442 32.77 -49.83 54.49
C LYS F 442 32.85 -51.16 53.72
N ASP F 443 33.34 -52.24 54.36
CA ASP F 443 33.49 -53.54 53.67
C ASP F 443 32.16 -54.15 53.28
N ARG F 444 31.06 -53.60 53.83
CA ARG F 444 29.70 -53.95 53.41
C ARG F 444 29.54 -53.77 51.89
N LEU F 445 30.46 -53.01 51.30
CA LEU F 445 30.58 -52.74 49.88
C LEU F 445 30.52 -53.97 49.04
N LYS F 446 31.03 -55.09 49.54
CA LYS F 446 31.04 -56.30 48.75
C LYS F 446 29.63 -56.62 48.22
N LEU F 447 28.58 -56.24 48.96
CA LEU F 447 27.23 -56.53 48.53
C LEU F 447 26.93 -55.76 47.25
N ALA F 448 27.44 -54.54 47.16
CA ALA F 448 27.19 -53.71 45.99
C ALA F 448 27.93 -54.31 44.82
N ARG F 449 29.12 -54.84 45.09
CA ARG F 449 29.93 -55.44 44.04
C ARG F 449 29.20 -56.67 43.48
N GLN F 450 28.52 -57.40 44.35
CA GLN F 450 27.76 -58.56 43.90
C GLN F 450 26.62 -58.10 43.00
N LYS F 451 25.98 -56.99 43.37
CA LYS F 451 24.92 -56.44 42.56
C LYS F 451 25.49 -55.97 41.22
N GLU F 452 26.71 -55.43 41.24
CA GLU F 452 27.35 -54.95 40.02
C GLU F 452 27.43 -56.10 39.05
N ALA F 453 27.95 -57.22 39.55
CA ALA F 453 28.12 -58.38 38.70
C ALA F 453 26.79 -58.84 38.14
N SER F 454 25.73 -58.83 38.96
CA SER F 454 24.44 -59.27 38.46
C SER F 454 23.98 -58.35 37.34
N LEU F 455 24.14 -57.06 37.52
CA LEU F 455 23.73 -56.12 36.50
C LEU F 455 24.56 -56.26 35.24
N GLN F 456 25.87 -56.51 35.37
CA GLN F 456 26.70 -56.65 34.19
C GLN F 456 26.27 -57.88 33.39
N GLU F 457 25.95 -58.96 34.10
CA GLU F 457 25.54 -60.20 33.47
C GLU F 457 24.16 -60.11 32.83
N GLU F 458 23.25 -59.33 33.40
CA GLU F 458 21.94 -59.17 32.78
C GLU F 458 22.05 -58.21 31.58
N LEU F 459 22.80 -57.15 31.78
CA LEU F 459 22.94 -56.09 30.81
C LEU F 459 23.62 -56.51 29.53
N GLU F 460 24.76 -57.16 29.61
CA GLU F 460 25.45 -57.51 28.40
C GLU F 460 24.60 -58.32 27.41
N PRO F 461 23.83 -59.35 27.81
CA PRO F 461 23.00 -60.05 26.88
C PRO F 461 21.83 -59.21 26.41
N LEU F 462 21.39 -58.23 27.21
CA LEU F 462 20.33 -57.39 26.66
C LEU F 462 20.91 -56.57 25.56
N ARG F 463 22.09 -56.03 25.84
CA ARG F 463 22.81 -55.20 24.91
C ARG F 463 23.07 -55.94 23.61
N GLN F 464 23.61 -57.14 23.72
CA GLN F 464 23.89 -57.86 22.51
C GLN F 464 22.62 -58.31 21.83
N ARG F 465 21.60 -58.67 22.59
CA ARG F 465 20.35 -59.07 21.96
C ARG F 465 19.85 -57.92 21.14
N TYR F 466 19.93 -56.72 21.69
CA TYR F 466 19.44 -55.55 20.99
C TYR F 466 20.27 -55.31 19.76
N ASN F 467 21.58 -55.53 19.85
CA ASN F 467 22.41 -55.36 18.68
C ASN F 467 21.97 -56.34 17.61
N GLU F 468 21.63 -57.57 18.00
CA GLU F 468 21.19 -58.55 17.01
C GLU F 468 19.89 -58.09 16.37
N GLU F 469 18.98 -57.50 17.16
CA GLU F 469 17.72 -57.06 16.59
C GLU F 469 18.04 -55.95 15.57
N LYS F 470 19.00 -55.08 15.92
CA LYS F 470 19.39 -54.00 15.02
C LYS F 470 19.99 -54.55 13.75
N HIS F 471 20.80 -55.59 13.89
CA HIS F 471 21.45 -56.15 12.73
C HIS F 471 20.40 -56.75 11.81
N GLY F 472 19.36 -57.39 12.37
CA GLY F 472 18.34 -57.96 11.51
C GLY F 472 17.73 -56.86 10.62
N HIS F 473 17.53 -55.68 11.19
CA HIS F 473 16.99 -54.57 10.43
C HIS F 473 18.00 -54.06 9.40
N GLU F 474 19.28 -54.05 9.76
CA GLU F 474 20.31 -53.62 8.82
C GLU F 474 20.36 -54.58 7.63
N GLU F 475 20.21 -55.87 7.90
CA GLU F 475 20.24 -56.87 6.83
C GLU F 475 19.06 -56.64 5.90
N LEU F 476 17.88 -56.37 6.48
CA LEU F 476 16.72 -56.11 5.65
C LEU F 476 16.88 -54.85 4.85
N THR F 477 17.48 -53.84 5.46
CA THR F 477 17.69 -52.59 4.80
C THR F 477 18.51 -52.81 3.55
N GLN F 478 19.61 -53.52 3.72
CA GLN F 478 20.50 -53.72 2.61
C GLN F 478 19.93 -54.67 1.59
N ALA F 479 19.21 -55.69 2.03
CA ALA F 479 18.68 -56.62 1.05
C ALA F 479 17.68 -55.90 0.17
N LYS F 480 16.85 -55.06 0.78
CA LYS F 480 15.86 -54.34 0.01
C LYS F 480 16.55 -53.35 -0.89
N LYS F 481 17.60 -52.70 -0.38
CA LYS F 481 18.35 -51.74 -1.18
C LYS F 481 18.92 -52.44 -2.40
N LYS F 482 19.55 -53.59 -2.20
CA LYS F 482 20.16 -54.32 -3.30
C LYS F 482 19.13 -54.68 -4.33
N LEU F 483 17.95 -55.10 -3.88
CA LEU F 483 16.95 -55.49 -4.83
C LEU F 483 16.62 -54.28 -5.69
N ASP F 484 16.37 -53.14 -5.06
CA ASP F 484 16.03 -51.97 -5.83
C ASP F 484 17.13 -51.58 -6.80
N GLU F 485 18.40 -51.74 -6.42
CA GLU F 485 19.45 -51.40 -7.36
C GLU F 485 19.37 -52.32 -8.56
N LEU F 486 19.06 -53.59 -8.33
CA LEU F 486 18.97 -54.52 -9.44
C LEU F 486 17.81 -54.09 -10.34
N GLU F 487 16.74 -53.61 -9.72
CA GLU F 487 15.58 -53.15 -10.46
C GLU F 487 15.91 -51.92 -11.27
N ASN F 488 16.67 -51.02 -10.68
CA ASN F 488 17.01 -49.81 -11.39
C ASN F 488 17.78 -50.17 -12.64
N LYS F 489 18.68 -51.13 -12.49
CA LYS F 489 19.49 -51.58 -13.58
C LYS F 489 18.64 -52.30 -14.61
N ALA F 490 17.67 -53.10 -14.14
CA ALA F 490 16.79 -53.83 -15.02
C ALA F 490 16.01 -52.88 -15.87
N LEU F 491 15.53 -51.81 -15.27
CA LEU F 491 14.73 -50.85 -16.00
C LEU F 491 15.55 -50.19 -17.08
N ASP F 492 16.83 -49.92 -16.80
CA ASP F 492 17.59 -49.30 -17.87
C ASP F 492 17.81 -50.34 -18.95
N ALA F 493 18.11 -51.58 -18.56
CA ALA F 493 18.35 -52.60 -19.55
C ALA F 493 17.13 -52.78 -20.43
N GLU F 494 15.94 -52.72 -19.84
CA GLU F 494 14.73 -52.88 -20.62
C GLU F 494 14.55 -51.76 -21.63
N ARG F 495 14.79 -50.51 -21.22
CA ARG F 495 14.64 -49.42 -22.20
C ARG F 495 15.73 -49.45 -23.27
N ARG F 496 16.86 -50.08 -22.98
CA ARG F 496 17.92 -50.22 -23.96
C ARG F 496 17.65 -51.43 -24.83
N TYR F 497 16.63 -52.22 -24.46
CA TYR F 497 16.31 -53.50 -25.07
C TYR F 497 17.52 -54.44 -24.95
N ASP F 498 18.28 -54.24 -23.86
CA ASP F 498 19.44 -55.02 -23.57
C ASP F 498 19.04 -56.29 -22.91
N THR F 499 18.62 -57.20 -23.75
CA THR F 499 18.11 -58.47 -23.33
C THR F 499 19.06 -59.16 -22.36
N ALA F 500 20.36 -59.10 -22.65
CA ALA F 500 21.32 -59.81 -21.84
C ALA F 500 21.32 -59.34 -20.40
N THR F 501 21.37 -58.03 -20.16
CA THR F 501 21.45 -57.68 -18.76
C THR F 501 20.07 -57.61 -18.17
N ALA F 502 19.05 -57.46 -19.01
CA ALA F 502 17.72 -57.48 -18.49
C ALA F 502 17.50 -58.87 -17.90
N ALA F 503 17.96 -59.90 -18.62
CA ALA F 503 17.90 -61.29 -18.18
C ALA F 503 18.76 -61.51 -16.95
N ASP F 504 19.96 -60.89 -16.89
CA ASP F 504 20.83 -61.07 -15.72
C ASP F 504 20.11 -60.66 -14.45
N LEU F 505 19.26 -59.65 -14.56
CA LEU F 505 18.56 -59.12 -13.43
C LEU F 505 17.20 -59.79 -13.18
N ARG F 506 16.39 -59.95 -14.22
CA ARG F 506 15.05 -60.50 -14.06
C ARG F 506 15.07 -61.95 -13.62
N TYR F 507 16.06 -62.67 -14.08
CA TYR F 507 16.19 -64.06 -13.78
C TYR F 507 17.32 -64.22 -12.81
N PHE F 508 17.07 -64.96 -11.76
CA PHE F 508 18.05 -65.23 -10.72
C PHE F 508 18.43 -64.04 -9.84
N ALA F 509 18.98 -62.96 -10.39
CA ALA F 509 19.46 -61.91 -9.48
C ALA F 509 18.36 -61.26 -8.65
N ILE F 510 17.31 -60.76 -9.30
CA ILE F 510 16.26 -60.17 -8.50
C ILE F 510 15.58 -61.22 -7.63
N PRO F 511 15.15 -62.40 -8.16
CA PRO F 511 14.59 -63.49 -7.37
C PRO F 511 15.47 -63.89 -6.19
N ASP F 512 16.79 -63.81 -6.35
CA ASP F 512 17.71 -64.16 -5.29
C ASP F 512 17.55 -63.19 -4.16
N ILE F 513 17.66 -61.91 -4.46
CA ILE F 513 17.57 -60.96 -3.40
C ILE F 513 16.17 -61.04 -2.80
N LYS F 514 15.16 -61.19 -3.64
CA LYS F 514 13.80 -61.30 -3.16
C LYS F 514 13.71 -62.39 -2.10
N LYS F 515 14.23 -63.57 -2.41
CA LYS F 515 14.20 -64.66 -1.47
C LYS F 515 15.02 -64.35 -0.22
N GLN F 516 16.14 -63.64 -0.38
CA GLN F 516 16.92 -63.31 0.80
C GLN F 516 16.11 -62.43 1.71
N ILE F 517 15.36 -61.50 1.14
CA ILE F 517 14.55 -60.60 1.93
C ILE F 517 13.51 -61.40 2.68
N GLU F 518 12.87 -62.33 1.99
CA GLU F 518 11.85 -63.15 2.64
C GLU F 518 12.47 -63.94 3.79
N LYS F 519 13.68 -64.46 3.57
CA LYS F 519 14.33 -65.22 4.63
C LYS F 519 14.65 -64.32 5.79
N LEU F 520 15.12 -63.10 5.49
CA LEU F 520 15.48 -62.17 6.52
C LEU F 520 14.25 -61.75 7.32
N GLU F 521 13.10 -61.66 6.66
CA GLU F 521 11.91 -61.32 7.39
C GLU F 521 11.56 -62.47 8.34
N ASP F 522 11.75 -63.71 7.89
CA ASP F 522 11.47 -64.85 8.74
C ASP F 522 12.47 -64.96 9.89
N GLN F 523 13.67 -64.39 9.73
CA GLN F 523 14.69 -64.38 10.78
C GLN F 523 14.23 -63.62 12.01
N VAL F 524 13.13 -62.86 11.89
CA VAL F 524 12.56 -62.16 13.02
C VAL F 524 12.22 -63.17 14.12
N ALA F 525 12.04 -64.44 13.71
CA ALA F 525 11.76 -65.58 14.55
C ALA F 525 10.47 -65.44 15.31
N GLU F 526 9.38 -65.29 14.60
CA GLU F 526 8.07 -65.15 15.21
C GLU F 526 7.77 -66.30 16.16
N GLU F 527 7.25 -65.96 17.34
CA GLU F 527 6.91 -66.95 18.35
C GLU F 527 5.48 -66.70 18.78
N GLU F 528 4.84 -67.68 19.39
CA GLU F 528 3.45 -67.47 19.82
C GLU F 528 3.31 -66.27 20.77
N ARG F 529 4.34 -65.98 21.56
CA ARG F 529 4.27 -64.87 22.52
C ARG F 529 4.27 -63.48 21.86
N ARG F 530 4.83 -63.34 20.64
CA ARG F 530 4.92 -62.01 20.00
C ARG F 530 5.39 -62.09 18.54
N ALA F 531 5.23 -60.98 17.80
CA ALA F 531 5.65 -60.92 16.40
C ALA F 531 7.16 -60.80 16.23
N GLY F 532 7.85 -61.87 16.57
CA GLY F 532 9.30 -61.97 16.54
C GLY F 532 9.82 -62.53 17.84
N ALA F 533 11.01 -63.12 17.83
CA ALA F 533 11.58 -63.58 19.10
C ALA F 533 12.09 -62.36 19.82
N ASN F 534 12.29 -61.31 19.03
CA ASN F 534 12.80 -59.99 19.32
C ASN F 534 11.93 -59.26 20.35
N SER F 535 12.56 -58.53 21.27
CA SER F 535 11.82 -57.81 22.29
C SER F 535 11.35 -56.43 21.87
N MET F 536 11.97 -55.85 20.85
CA MET F 536 11.62 -54.51 20.43
C MET F 536 10.75 -54.59 19.18
N ILE F 537 9.96 -53.55 18.90
CA ILE F 537 9.08 -53.56 17.74
C ILE F 537 9.69 -53.09 16.41
N GLN F 538 10.26 -51.88 16.37
CA GLN F 538 10.83 -51.30 15.14
C GLN F 538 9.94 -51.56 13.92
N ASN F 539 8.74 -51.01 13.99
CA ASN F 539 7.72 -51.20 12.99
C ASN F 539 6.80 -50.02 13.02
N VAL F 540 6.03 -49.86 11.96
CA VAL F 540 5.02 -48.84 11.92
C VAL F 540 3.66 -49.47 11.93
N VAL F 541 3.07 -49.43 13.10
CA VAL F 541 1.79 -50.04 13.34
C VAL F 541 0.70 -49.07 12.97
N ASP F 542 -0.22 -49.56 12.17
CA ASP F 542 -1.28 -48.78 11.56
C ASP F 542 -1.98 -47.79 12.45
N SER F 543 -2.38 -48.19 13.62
CA SER F 543 -2.99 -47.22 14.49
C SER F 543 -2.01 -46.88 15.60
N ASP F 544 -1.50 -47.84 16.34
CA ASP F 544 -0.66 -47.46 17.46
C ASP F 544 0.47 -46.46 17.10
N THR F 545 1.25 -46.73 16.06
CA THR F 545 2.37 -45.87 15.75
C THR F 545 1.92 -44.56 15.14
N ILE F 546 1.07 -44.70 14.16
CA ILE F 546 0.61 -43.60 13.38
C ILE F 546 -0.37 -42.67 14.11
N SER F 547 -1.34 -43.23 14.82
CA SER F 547 -2.29 -42.42 15.56
C SER F 547 -1.54 -41.68 16.66
N GLU F 548 -0.60 -42.37 17.32
CA GLU F 548 0.18 -41.73 18.35
C GLU F 548 0.96 -40.57 17.79
N THR F 549 1.63 -40.80 16.66
CA THR F 549 2.43 -39.77 16.09
C THR F 549 1.54 -38.59 15.70
N ALA F 550 0.37 -38.86 15.10
CA ALA F 550 -0.52 -37.80 14.69
C ALA F 550 -0.90 -36.94 15.87
N ALA F 551 -1.19 -37.57 17.01
CA ALA F 551 -1.55 -36.85 18.21
C ALA F 551 -0.37 -36.04 18.72
N ARG F 552 0.83 -36.63 18.71
CA ARG F 552 1.98 -35.90 19.21
C ARG F 552 2.23 -34.66 18.36
N LEU F 553 1.98 -34.77 17.06
CA LEU F 553 2.19 -33.67 16.14
C LEU F 553 1.09 -32.60 16.18
N THR F 554 -0.18 -33.00 16.36
CA THR F 554 -1.28 -32.04 16.31
C THR F 554 -2.21 -31.95 17.52
N GLY F 555 -1.93 -32.67 18.60
CA GLY F 555 -2.72 -32.59 19.82
C GLY F 555 -4.00 -33.41 19.80
N ILE F 556 -4.93 -33.04 18.91
CA ILE F 556 -6.21 -33.75 18.80
C ILE F 556 -6.29 -34.74 17.63
N PRO F 557 -6.41 -36.05 17.90
CA PRO F 557 -6.57 -37.12 16.93
C PRO F 557 -8.05 -37.51 16.68
N VAL F 558 -8.82 -36.74 15.90
CA VAL F 558 -10.27 -37.03 15.69
C VAL F 558 -10.66 -38.47 15.31
N LYS F 559 -9.75 -39.24 14.74
CA LYS F 559 -10.09 -40.62 14.34
C LYS F 559 -9.41 -41.65 15.25
N LYS F 560 -8.88 -41.21 16.39
CA LYS F 560 -8.26 -42.10 17.36
C LYS F 560 -9.18 -43.18 17.85
N LEU F 561 -10.46 -42.85 17.99
CA LEU F 561 -11.44 -43.78 18.53
C LEU F 561 -10.99 -44.22 19.90
N SER F 562 -10.74 -43.23 20.76
CA SER F 562 -10.29 -43.46 22.13
C SER F 562 -11.18 -44.53 22.73
N GLU F 563 -10.60 -45.40 23.54
CA GLU F 563 -11.35 -46.50 24.11
C GLU F 563 -12.69 -46.12 24.74
N SER F 564 -12.75 -45.02 25.49
CA SER F 564 -13.97 -44.68 26.20
C SER F 564 -15.07 -44.03 25.36
N GLU F 565 -15.43 -44.67 24.23
CA GLU F 565 -16.51 -44.23 23.32
C GLU F 565 -17.82 -44.28 24.04
N ASN F 566 -17.91 -45.19 25.03
CA ASN F 566 -19.13 -45.37 25.80
C ASN F 566 -19.56 -44.06 26.39
N GLU F 567 -18.60 -43.22 26.80
CA GLU F 567 -18.99 -41.93 27.30
C GLU F 567 -18.79 -40.96 26.17
N LYS F 568 -17.70 -41.15 25.42
CA LYS F 568 -17.35 -40.27 24.34
C LYS F 568 -18.15 -40.49 23.09
N LEU F 569 -19.39 -39.96 23.10
CA LEU F 569 -20.41 -40.00 22.04
C LEU F 569 -21.56 -40.95 22.31
N ILE F 570 -21.30 -42.13 22.82
CA ILE F 570 -22.41 -43.04 23.11
C ILE F 570 -23.30 -42.54 24.26
N HIS F 571 -22.72 -42.23 25.42
CA HIS F 571 -23.48 -41.68 26.54
C HIS F 571 -23.20 -40.19 26.66
N MET F 572 -22.91 -39.57 25.53
CA MET F 572 -22.69 -38.14 25.52
C MET F 572 -23.90 -37.43 26.05
N GLU F 573 -25.09 -37.97 25.82
CA GLU F 573 -26.31 -37.38 26.31
C GLU F 573 -26.22 -37.18 27.82
N ARG F 574 -25.61 -38.14 28.53
CA ARG F 574 -25.50 -38.05 29.98
C ARG F 574 -24.44 -37.06 30.38
N ASP F 575 -23.36 -37.01 29.62
CA ASP F 575 -22.33 -36.07 30.00
C ASP F 575 -22.87 -34.66 29.77
N LEU F 576 -23.55 -34.49 28.64
CA LEU F 576 -24.13 -33.21 28.33
C LEU F 576 -25.19 -32.89 29.32
N SER F 577 -26.00 -33.87 29.76
CA SER F 577 -27.05 -33.63 30.75
C SER F 577 -26.46 -33.18 32.08
N SER F 578 -25.29 -33.72 32.43
CA SER F 578 -24.65 -33.38 33.67
C SER F 578 -24.15 -31.95 33.64
N GLU F 579 -23.53 -31.55 32.52
CA GLU F 579 -23.00 -30.20 32.41
C GLU F 579 -24.08 -29.18 32.07
N VAL F 580 -25.03 -29.60 31.25
CA VAL F 580 -26.14 -28.80 30.80
C VAL F 580 -27.38 -29.47 31.33
N VAL F 581 -28.02 -28.88 32.30
CA VAL F 581 -29.10 -29.61 32.93
C VAL F 581 -30.40 -29.16 32.31
N GLY F 582 -31.23 -30.10 31.90
CA GLY F 582 -32.43 -29.74 31.19
C GLY F 582 -32.03 -29.58 29.74
N GLN F 583 -32.89 -28.96 28.94
CA GLN F 583 -32.66 -28.84 27.49
C GLN F 583 -32.40 -30.22 26.88
N MET F 584 -33.15 -31.22 27.35
CA MET F 584 -32.97 -32.58 26.90
C MET F 584 -33.21 -32.73 25.41
N ASP F 585 -34.17 -31.98 24.87
CA ASP F 585 -34.46 -32.08 23.44
C ASP F 585 -33.23 -31.68 22.62
N ALA F 586 -32.57 -30.60 23.06
CA ALA F 586 -31.41 -30.07 22.35
C ALA F 586 -30.26 -31.01 22.49
N ILE F 587 -30.11 -31.58 23.67
CA ILE F 587 -29.02 -32.50 23.93
C ILE F 587 -29.15 -33.72 23.03
N LYS F 588 -30.37 -34.24 22.89
CA LYS F 588 -30.59 -35.38 22.01
C LYS F 588 -30.32 -35.01 20.56
N ALA F 589 -30.71 -33.80 20.15
CA ALA F 589 -30.42 -33.38 18.78
C ALA F 589 -28.91 -33.37 18.55
N VAL F 590 -28.17 -32.85 19.55
CA VAL F 590 -26.73 -32.81 19.49
C VAL F 590 -26.13 -34.17 19.46
N SER F 591 -26.63 -35.07 20.29
CA SER F 591 -26.10 -36.41 20.36
C SER F 591 -26.17 -37.08 18.99
N ASN F 592 -27.27 -36.93 18.30
CA ASN F 592 -27.35 -37.54 16.99
C ASN F 592 -26.31 -36.94 16.04
N ALA F 593 -26.14 -35.63 16.13
CA ALA F 593 -25.21 -34.92 15.27
C ALA F 593 -23.77 -35.33 15.43
N VAL F 594 -23.34 -35.42 16.68
CA VAL F 594 -21.93 -35.69 16.92
C VAL F 594 -21.63 -37.13 16.60
N ARG F 595 -22.62 -38.01 16.76
CA ARG F 595 -22.42 -39.40 16.43
C ARG F 595 -22.23 -39.51 14.93
N LEU F 596 -23.01 -38.77 14.16
CA LEU F 596 -22.81 -38.84 12.72
C LEU F 596 -21.42 -38.30 12.35
N SER F 597 -20.98 -37.23 13.01
CA SER F 597 -19.70 -36.65 12.65
C SER F 597 -18.50 -37.52 13.00
N ARG F 598 -18.61 -38.35 14.03
CA ARG F 598 -17.47 -39.19 14.41
C ARG F 598 -17.58 -40.63 13.97
N SER F 599 -18.78 -41.08 13.65
CA SER F 599 -18.96 -42.42 13.12
C SER F 599 -18.48 -42.44 11.68
N GLY F 600 -18.39 -41.25 11.10
CA GLY F 600 -18.00 -41.05 9.72
C GLY F 600 -19.21 -41.00 8.81
N LEU F 601 -20.41 -41.23 9.36
CA LEU F 601 -21.61 -41.21 8.55
C LEU F 601 -21.98 -39.85 8.06
N ALA F 602 -21.67 -38.81 8.83
CA ALA F 602 -21.99 -37.50 8.31
C ALA F 602 -21.27 -37.49 6.99
N ASN F 603 -21.98 -37.24 5.91
CA ASN F 603 -21.31 -37.37 4.65
C ASN F 603 -20.17 -36.37 4.57
N PRO F 604 -18.95 -36.78 4.15
CA PRO F 604 -17.75 -35.94 4.02
C PRO F 604 -17.99 -34.65 3.24
N ARG F 605 -19.03 -34.61 2.41
CA ARG F 605 -19.35 -33.44 1.63
C ARG F 605 -19.77 -32.27 2.53
N GLN F 606 -20.15 -32.56 3.79
CA GLN F 606 -20.68 -31.55 4.67
C GLN F 606 -20.34 -31.64 6.17
N PRO F 607 -19.72 -30.61 6.77
CA PRO F 607 -19.47 -30.48 8.19
C PRO F 607 -20.81 -30.45 8.88
N ALA F 608 -20.93 -31.05 10.06
CA ALA F 608 -22.23 -30.95 10.72
C ALA F 608 -22.48 -29.51 11.11
N SER F 609 -23.73 -29.05 11.02
CA SER F 609 -24.01 -27.69 11.44
C SER F 609 -25.41 -27.46 12.00
N PHE F 610 -25.48 -26.71 13.10
CA PHE F 610 -26.76 -26.48 13.75
C PHE F 610 -27.03 -25.06 14.11
N LEU F 611 -28.30 -24.70 14.15
CA LEU F 611 -28.73 -23.39 14.61
C LEU F 611 -29.43 -23.48 15.94
N PHE F 612 -28.83 -22.89 16.95
CA PHE F 612 -29.34 -22.94 18.30
C PHE F 612 -30.18 -21.74 18.67
N LEU F 613 -31.47 -21.95 18.76
CA LEU F 613 -32.42 -20.88 19.03
C LEU F 613 -32.98 -20.94 20.42
N GLY F 614 -33.17 -19.78 21.05
CA GLY F 614 -33.73 -19.82 22.39
C GLY F 614 -33.81 -18.48 23.09
N LEU F 615 -33.80 -18.56 24.42
CA LEU F 615 -33.89 -17.40 25.27
C LEU F 615 -32.55 -17.20 25.97
N SER F 616 -32.25 -15.97 26.35
CA SER F 616 -31.02 -15.74 27.11
C SER F 616 -31.08 -16.50 28.42
N GLY F 617 -29.96 -17.08 28.82
CA GLY F 617 -29.86 -17.84 30.06
C GLY F 617 -30.34 -19.29 29.92
N SER F 618 -30.78 -19.66 28.70
CA SER F 618 -31.28 -21.00 28.39
C SER F 618 -30.20 -22.06 28.34
N GLY F 619 -28.96 -21.62 28.18
CA GLY F 619 -27.85 -22.54 28.06
C GLY F 619 -27.57 -22.90 26.61
N LYS F 620 -28.22 -22.27 25.65
CA LYS F 620 -27.90 -22.63 24.27
C LYS F 620 -26.41 -22.50 23.89
N THR F 621 -25.64 -21.58 24.50
CA THR F 621 -24.24 -21.51 24.09
C THR F 621 -23.47 -22.38 25.04
N GLU F 622 -24.09 -22.68 26.18
CA GLU F 622 -23.44 -23.52 27.16
C GLU F 622 -23.36 -24.88 26.54
N LEU F 623 -24.45 -25.29 25.90
CA LEU F 623 -24.46 -26.59 25.29
C LEU F 623 -23.40 -26.65 24.24
N ALA F 624 -23.34 -25.65 23.35
CA ALA F 624 -22.32 -25.70 22.33
C ALA F 624 -20.90 -25.75 22.94
N LYS F 625 -20.66 -24.99 24.01
CA LYS F 625 -19.35 -25.01 24.62
C LYS F 625 -19.08 -26.35 25.24
N LYS F 626 -20.11 -26.99 25.80
CA LYS F 626 -19.92 -28.27 26.43
C LYS F 626 -19.68 -29.33 25.38
N VAL F 627 -20.19 -29.13 24.18
CA VAL F 627 -19.87 -30.04 23.11
C VAL F 627 -18.37 -29.94 22.82
N ALA F 628 -17.84 -28.72 22.72
CA ALA F 628 -16.40 -28.57 22.50
C ALA F 628 -15.62 -29.14 23.70
N GLY F 629 -16.17 -28.91 24.88
CA GLY F 629 -15.57 -29.42 26.07
C GLY F 629 -15.42 -30.90 25.92
N PHE F 630 -16.53 -31.55 25.75
CA PHE F 630 -16.65 -32.97 25.62
C PHE F 630 -15.81 -33.61 24.52
N LEU F 631 -15.92 -33.08 23.31
CA LEU F 631 -15.27 -33.68 22.16
C LEU F 631 -13.77 -33.53 22.18
N PHE F 632 -13.28 -32.44 22.73
CA PHE F 632 -11.86 -32.17 22.73
C PHE F 632 -11.24 -32.16 24.11
N ASN F 633 -12.07 -32.36 25.13
CA ASN F 633 -11.67 -32.23 26.52
C ASN F 633 -11.16 -30.82 26.73
N ASP F 634 -11.78 -29.86 26.05
CA ASP F 634 -11.35 -28.48 26.15
C ASP F 634 -12.37 -27.49 25.63
N GLU F 635 -13.02 -26.77 26.50
CA GLU F 635 -14.05 -25.83 26.07
C GLU F 635 -13.41 -24.66 25.30
N ASP F 636 -12.10 -24.43 25.50
CA ASP F 636 -11.41 -23.34 24.84
C ASP F 636 -10.99 -23.77 23.44
N MET F 637 -11.33 -25.00 23.06
CA MET F 637 -11.09 -25.47 21.72
C MET F 637 -11.96 -24.64 20.76
N MET F 638 -13.11 -24.15 21.27
CA MET F 638 -14.08 -23.43 20.45
C MET F 638 -13.57 -22.13 19.87
N ILE F 639 -13.95 -21.90 18.63
CA ILE F 639 -13.64 -20.66 17.95
C ILE F 639 -14.91 -19.83 17.83
N ARG F 640 -14.87 -18.60 18.32
CA ARG F 640 -16.07 -17.76 18.30
C ARG F 640 -16.07 -16.78 17.14
N VAL F 641 -17.24 -16.54 16.57
CA VAL F 641 -17.36 -15.55 15.51
C VAL F 641 -18.42 -14.48 15.78
N ASP F 642 -17.97 -13.23 15.81
CA ASP F 642 -18.95 -12.18 16.03
C ASP F 642 -19.59 -11.80 14.73
N CYS F 643 -20.67 -12.49 14.46
CA CYS F 643 -21.47 -12.34 13.27
C CYS F 643 -22.39 -11.10 13.29
N SER F 644 -22.48 -10.43 14.45
CA SER F 644 -23.33 -9.25 14.55
C SER F 644 -22.49 -8.01 14.23
N GLU F 645 -21.19 -8.10 14.49
CA GLU F 645 -20.30 -6.99 14.15
C GLU F 645 -20.02 -7.12 12.68
N LEU F 646 -20.91 -6.56 11.89
CA LEU F 646 -20.84 -6.77 10.46
C LEU F 646 -21.14 -5.57 9.59
N SER F 647 -20.22 -5.36 8.67
CA SER F 647 -20.25 -4.31 7.68
C SER F 647 -19.45 -4.80 6.50
N GLU F 648 -19.36 -3.99 5.48
CA GLU F 648 -18.61 -4.27 4.26
C GLU F 648 -17.13 -4.64 4.50
N LYS F 649 -16.61 -4.40 5.71
CA LYS F 649 -15.23 -4.71 6.01
C LYS F 649 -14.95 -6.21 6.07
N TYR F 650 -16.02 -7.01 6.26
CA TYR F 650 -16.00 -8.49 6.39
C TYR F 650 -14.79 -9.26 5.80
N ALA F 651 -13.59 -9.00 6.30
CA ALA F 651 -12.36 -9.61 5.80
C ALA F 651 -11.59 -10.35 6.88
N VAL F 652 -10.65 -9.64 7.54
CA VAL F 652 -9.70 -10.27 8.47
C VAL F 652 -10.35 -10.84 9.71
N SER F 653 -11.48 -10.26 10.07
CA SER F 653 -12.29 -10.67 11.19
C SER F 653 -13.23 -11.82 10.84
N LYS F 654 -13.32 -12.16 9.55
CA LYS F 654 -14.25 -13.16 9.07
C LYS F 654 -13.47 -14.34 8.48
N LEU F 655 -14.19 -15.26 7.83
CA LEU F 655 -13.60 -16.47 7.28
C LEU F 655 -12.87 -16.28 5.94
N LEU F 656 -12.91 -15.07 5.37
CA LEU F 656 -12.24 -14.83 4.09
C LEU F 656 -10.85 -14.21 4.24
N GLY F 657 -10.70 -13.32 5.21
CA GLY F 657 -9.46 -12.63 5.36
C GLY F 657 -9.34 -11.49 4.38
N THR F 658 -8.27 -10.73 4.49
CA THR F 658 -8.03 -9.71 3.50
C THR F 658 -7.27 -10.44 2.44
N THR F 659 -6.85 -9.73 1.44
CA THR F 659 -6.24 -10.37 0.28
C THR F 659 -4.81 -9.98 0.05
N ALA F 660 -3.99 -10.95 -0.29
CA ALA F 660 -2.60 -10.67 -0.58
C ALA F 660 -2.54 -9.50 -1.56
N GLY F 661 -1.67 -8.54 -1.29
CA GLY F 661 -1.53 -7.33 -2.09
C GLY F 661 -2.09 -6.13 -1.32
N TYR F 662 -2.94 -6.42 -0.35
CA TYR F 662 -3.49 -5.40 0.54
C TYR F 662 -2.50 -5.19 1.65
N VAL F 663 -2.55 -4.05 2.31
CA VAL F 663 -1.61 -3.82 3.39
C VAL F 663 -2.06 -4.56 4.65
N GLY F 664 -1.14 -5.29 5.26
CA GLY F 664 -1.41 -6.07 6.47
C GLY F 664 -1.35 -7.55 6.16
N TYR F 665 -0.88 -8.35 7.12
CA TYR F 665 -0.73 -9.78 6.87
C TYR F 665 -1.73 -10.64 7.61
N ASP F 666 -2.69 -10.03 8.29
CA ASP F 666 -3.66 -10.81 9.03
C ASP F 666 -4.78 -11.29 8.14
N GLU F 667 -4.42 -12.14 7.21
CA GLU F 667 -5.36 -12.59 6.19
C GLU F 667 -6.28 -13.67 6.77
N GLY F 668 -7.21 -13.15 7.57
CA GLY F 668 -8.14 -13.94 8.33
C GLY F 668 -7.46 -14.27 9.64
N GLY F 669 -6.61 -13.33 10.07
CA GLY F 669 -5.83 -13.46 11.29
C GLY F 669 -6.67 -13.69 12.55
N PHE F 670 -7.96 -13.40 12.49
CA PHE F 670 -8.81 -13.63 13.64
C PHE F 670 -9.55 -14.97 13.57
N LEU F 671 -9.59 -15.60 12.38
CA LEU F 671 -10.30 -16.87 12.17
C LEU F 671 -9.63 -17.91 11.28
N THR F 672 -9.14 -17.52 10.10
CA THR F 672 -8.70 -18.53 9.14
C THR F 672 -7.45 -19.20 9.65
N ASN F 673 -6.64 -18.41 10.33
CA ASN F 673 -5.41 -18.95 10.86
C ASN F 673 -5.72 -19.83 12.05
N GLN F 674 -6.77 -19.49 12.79
CA GLN F 674 -7.16 -20.27 13.96
C GLN F 674 -7.77 -21.57 13.54
N LEU F 675 -8.53 -21.55 12.45
CA LEU F 675 -9.13 -22.75 11.93
C LEU F 675 -8.07 -23.72 11.45
N GLN F 676 -7.00 -23.24 10.83
CA GLN F 676 -5.94 -24.17 10.47
C GLN F 676 -5.10 -24.56 11.70
N TYR F 677 -4.91 -23.60 12.63
CA TYR F 677 -4.13 -23.84 13.84
C TYR F 677 -4.78 -24.96 14.64
N LYS F 678 -6.09 -24.92 14.75
CA LYS F 678 -6.86 -25.95 15.41
C LYS F 678 -7.74 -26.54 14.32
N PRO F 679 -7.19 -27.48 13.50
CA PRO F 679 -7.72 -27.98 12.22
C PRO F 679 -9.22 -28.26 12.24
N TYR F 680 -9.75 -28.59 13.40
CA TYR F 680 -11.16 -28.83 13.58
C TYR F 680 -11.48 -28.56 15.03
N SER F 681 -12.70 -28.14 15.25
CA SER F 681 -13.21 -27.78 16.54
C SER F 681 -14.72 -27.70 16.47
N VAL F 682 -15.27 -26.79 17.24
CA VAL F 682 -16.61 -26.36 17.11
C VAL F 682 -16.46 -24.87 16.80
N LEU F 683 -17.00 -24.45 15.68
CA LEU F 683 -16.93 -23.06 15.30
C LEU F 683 -18.28 -22.52 15.65
N LEU F 684 -18.33 -21.46 16.41
CA LEU F 684 -19.60 -20.97 16.80
C LEU F 684 -19.76 -19.51 16.51
N PHE F 685 -20.89 -19.20 15.94
CA PHE F 685 -21.29 -17.87 15.59
C PHE F 685 -22.26 -17.41 16.62
N ASP F 686 -22.15 -16.15 16.94
CA ASP F 686 -23.02 -15.55 17.91
C ASP F 686 -24.40 -15.30 17.32
N GLU F 687 -25.01 -14.17 17.62
CA GLU F 687 -26.38 -13.91 17.23
C GLU F 687 -26.52 -13.64 15.75
N VAL F 688 -26.60 -14.72 14.98
CA VAL F 688 -26.63 -14.69 13.52
C VAL F 688 -27.81 -13.96 12.94
N GLU F 689 -28.83 -13.72 13.73
CA GLU F 689 -29.98 -12.95 13.26
C GLU F 689 -29.56 -11.54 12.82
N LYS F 690 -28.41 -11.09 13.31
CA LYS F 690 -27.88 -9.77 13.04
C LYS F 690 -26.94 -9.79 11.81
N ALA F 691 -26.70 -10.98 11.26
CA ALA F 691 -25.80 -11.20 10.14
C ALA F 691 -26.45 -10.79 8.83
N HIS F 692 -25.62 -10.53 7.83
CA HIS F 692 -26.03 -10.14 6.50
C HIS F 692 -25.36 -11.06 5.48
N PRO F 693 -25.87 -11.17 4.23
CA PRO F 693 -25.32 -11.92 3.10
C PRO F 693 -23.82 -11.71 2.90
N ASP F 694 -23.33 -10.55 3.34
CA ASP F 694 -21.91 -10.20 3.27
C ASP F 694 -21.05 -11.34 3.81
N VAL F 695 -21.56 -11.99 4.86
CA VAL F 695 -20.89 -13.12 5.47
C VAL F 695 -21.74 -14.37 5.42
N LEU F 696 -23.05 -14.25 5.29
CA LEU F 696 -23.86 -15.47 5.29
C LEU F 696 -23.50 -16.31 4.08
N THR F 697 -23.13 -15.67 2.97
CA THR F 697 -22.77 -16.39 1.75
C THR F 697 -21.35 -16.94 1.81
N VAL F 698 -20.67 -16.73 2.94
CA VAL F 698 -19.35 -17.23 3.24
C VAL F 698 -19.54 -18.37 4.21
N MET F 699 -20.36 -18.13 5.23
CA MET F 699 -20.68 -19.17 6.20
C MET F 699 -21.22 -20.35 5.41
N LEU F 700 -22.03 -20.06 4.41
CA LEU F 700 -22.57 -21.04 3.48
C LEU F 700 -21.50 -21.94 2.88
N GLN F 701 -20.34 -21.35 2.55
CA GLN F 701 -19.25 -22.07 1.92
C GLN F 701 -18.61 -23.00 2.94
N MET F 702 -18.85 -22.71 4.21
CA MET F 702 -18.41 -23.57 5.28
C MET F 702 -19.50 -24.60 5.63
N LEU F 703 -20.78 -24.22 5.49
CA LEU F 703 -21.89 -25.11 5.87
C LEU F 703 -21.83 -26.40 5.09
N ASP F 704 -21.45 -26.34 3.82
CA ASP F 704 -21.28 -27.57 3.07
C ASP F 704 -20.14 -27.37 2.10
N ASP F 705 -19.44 -28.45 1.73
CA ASP F 705 -18.27 -28.33 0.87
C ASP F 705 -17.38 -27.27 1.43
N GLY F 706 -16.95 -27.44 2.69
CA GLY F 706 -16.24 -26.45 3.51
C GLY F 706 -14.92 -25.81 3.02
N ARG F 707 -14.71 -25.75 1.72
CA ARG F 707 -13.44 -25.37 1.16
C ARG F 707 -13.33 -23.87 0.95
N ILE F 708 -13.38 -23.11 2.03
CA ILE F 708 -13.28 -21.67 1.84
C ILE F 708 -11.87 -21.25 1.57
N THR F 709 -11.67 -20.59 0.45
CA THR F 709 -10.34 -20.14 0.12
C THR F 709 -10.21 -18.71 0.59
N SER F 710 -9.18 -18.49 1.40
CA SER F 710 -8.88 -17.23 1.99
C SER F 710 -8.17 -16.35 1.00
N GLY F 711 -7.98 -15.10 1.36
CA GLY F 711 -7.21 -14.17 0.54
C GLY F 711 -5.70 -14.50 0.47
N GLN F 712 -5.26 -15.56 1.19
CA GLN F 712 -3.87 -16.04 1.15
C GLN F 712 -3.71 -16.95 -0.04
N GLY F 713 -4.85 -17.42 -0.55
CA GLY F 713 -4.92 -18.43 -1.60
C GLY F 713 -5.02 -19.81 -0.97
N LYS F 714 -4.81 -19.85 0.35
CA LYS F 714 -4.86 -21.06 1.15
C LYS F 714 -6.31 -21.33 1.57
N THR F 715 -6.66 -22.61 1.74
CA THR F 715 -8.04 -23.01 2.00
C THR F 715 -8.30 -23.61 3.40
N ILE F 716 -9.43 -23.22 4.00
CA ILE F 716 -9.82 -23.73 5.33
C ILE F 716 -10.10 -25.24 5.31
N ASP F 717 -10.80 -25.71 4.28
CA ASP F 717 -11.15 -27.14 4.13
C ASP F 717 -11.87 -27.72 5.34
N CYS F 718 -12.91 -27.02 5.79
CA CYS F 718 -13.68 -27.46 6.93
C CYS F 718 -14.33 -28.80 6.65
N SER F 719 -14.12 -29.73 7.58
CA SER F 719 -14.64 -31.08 7.45
C SER F 719 -15.24 -31.56 8.77
N ASN F 720 -14.37 -31.93 9.70
CA ASN F 720 -14.77 -32.49 11.00
C ASN F 720 -15.45 -31.46 11.89
N CYS F 721 -15.10 -30.19 11.69
CA CYS F 721 -15.59 -29.14 12.57
C CYS F 721 -17.09 -28.98 12.55
N ILE F 722 -17.66 -28.94 13.73
CA ILE F 722 -19.09 -28.75 13.86
C ILE F 722 -19.32 -27.27 13.88
N VAL F 723 -20.25 -26.79 13.08
CA VAL F 723 -20.47 -25.37 13.06
C VAL F 723 -21.81 -24.99 13.65
N ILE F 724 -21.77 -24.16 14.68
CA ILE F 724 -22.97 -23.76 15.39
C ILE F 724 -23.32 -22.30 15.19
N MET F 725 -24.54 -22.04 14.81
CA MET F 725 -25.03 -20.71 14.65
C MET F 725 -25.90 -20.50 15.86
N THR F 726 -25.94 -19.31 16.45
CA THR F 726 -26.83 -19.18 17.58
C THR F 726 -27.73 -17.96 17.43
N SER F 727 -28.91 -17.98 18.06
CA SER F 727 -29.74 -16.77 18.04
C SER F 727 -30.93 -16.72 19.03
N ASN F 728 -31.22 -15.51 19.52
CA ASN F 728 -32.42 -15.23 20.31
C ASN F 728 -33.58 -14.77 19.44
N LEU F 729 -33.44 -14.91 18.13
CA LEU F 729 -34.48 -14.57 17.15
C LEU F 729 -35.78 -15.20 17.54
N GLY F 730 -35.72 -16.48 17.89
CA GLY F 730 -36.89 -17.25 18.21
C GLY F 730 -37.56 -16.79 19.48
N ALA F 731 -36.89 -15.95 20.28
CA ALA F 731 -37.44 -15.45 21.51
C ALA F 731 -38.76 -14.79 21.26
N GLU F 732 -38.95 -14.24 20.07
CA GLU F 732 -40.18 -13.56 19.71
C GLU F 732 -41.41 -14.44 19.94
N PHE F 733 -41.24 -15.76 19.87
CA PHE F 733 -42.34 -16.68 20.04
C PHE F 733 -42.06 -17.58 21.24
N ILE F 734 -40.79 -17.90 21.45
CA ILE F 734 -40.37 -18.82 22.48
C ILE F 734 -40.71 -18.24 23.84
N ASN F 735 -40.54 -16.92 23.99
CA ASN F 735 -40.81 -16.22 25.25
C ASN F 735 -42.30 -16.17 25.58
N SER F 736 -43.16 -16.87 24.81
CA SER F 736 -44.56 -17.01 25.18
C SER F 736 -44.67 -17.77 26.48
N GLN F 737 -43.62 -18.55 26.78
CA GLN F 737 -43.52 -19.38 27.96
C GLN F 737 -44.69 -20.36 28.07
N GLN F 738 -45.27 -20.79 26.94
CA GLN F 738 -46.40 -21.72 27.03
C GLN F 738 -45.96 -23.16 27.23
N GLY F 739 -45.50 -23.41 28.45
CA GLY F 739 -44.93 -24.67 28.88
C GLY F 739 -43.43 -24.54 28.73
N SER F 740 -42.65 -25.28 29.52
CA SER F 740 -41.22 -25.12 29.35
C SER F 740 -40.76 -25.72 28.04
N LYS F 741 -41.46 -26.76 27.61
CA LYS F 741 -41.14 -27.45 26.37
C LYS F 741 -41.84 -26.71 25.24
N ILE F 742 -41.07 -26.24 24.26
CA ILE F 742 -41.68 -25.43 23.22
C ILE F 742 -42.49 -26.32 22.29
N GLN F 743 -43.72 -25.91 22.03
CA GLN F 743 -44.67 -26.69 21.25
C GLN F 743 -44.67 -26.36 19.77
N GLU F 744 -45.13 -27.32 18.96
CA GLU F 744 -45.30 -27.03 17.55
C GLU F 744 -46.36 -25.96 17.48
N SER F 745 -46.11 -24.98 16.62
CA SER F 745 -46.89 -23.77 16.36
C SER F 745 -45.91 -22.66 16.65
N THR F 746 -45.55 -22.55 17.91
CA THR F 746 -44.55 -21.62 18.36
C THR F 746 -43.29 -21.87 17.57
N LYS F 747 -42.89 -23.14 17.48
CA LYS F 747 -41.69 -23.47 16.75
C LYS F 747 -41.80 -23.14 15.27
N ASN F 748 -43.00 -23.24 14.70
CA ASN F 748 -43.14 -22.96 13.29
C ASN F 748 -43.04 -21.45 13.06
N LEU F 749 -43.49 -20.68 14.04
CA LEU F 749 -43.39 -19.24 13.93
C LEU F 749 -41.93 -18.85 13.99
N VAL F 750 -41.18 -19.56 14.81
CA VAL F 750 -39.76 -19.31 14.91
C VAL F 750 -39.14 -19.63 13.57
N MET F 751 -39.46 -20.80 13.04
CA MET F 751 -38.94 -21.24 11.76
C MET F 751 -39.23 -20.21 10.69
N GLY F 752 -40.45 -19.70 10.67
CA GLY F 752 -40.83 -18.69 9.70
C GLY F 752 -39.88 -17.52 9.83
N ALA F 753 -39.78 -16.98 11.04
CA ALA F 753 -38.93 -15.83 11.28
C ALA F 753 -37.47 -16.13 10.91
N VAL F 754 -37.01 -17.35 11.14
CA VAL F 754 -35.64 -17.64 10.78
C VAL F 754 -35.51 -17.53 9.26
N ARG F 755 -36.45 -18.11 8.53
CA ARG F 755 -36.39 -18.03 7.07
C ARG F 755 -36.53 -16.59 6.58
N GLN F 756 -37.21 -15.74 7.33
CA GLN F 756 -37.29 -14.34 6.92
C GLN F 756 -35.92 -13.68 7.02
N HIS F 757 -35.17 -14.04 8.06
CA HIS F 757 -33.86 -13.46 8.31
C HIS F 757 -32.73 -14.01 7.44
N PHE F 758 -32.78 -15.29 7.09
CA PHE F 758 -31.67 -15.85 6.32
C PHE F 758 -32.18 -16.43 5.03
N ARG F 759 -31.34 -16.44 4.01
CA ARG F 759 -31.79 -17.04 2.77
C ARG F 759 -32.22 -18.45 3.13
N PRO F 760 -33.39 -18.95 2.72
CA PRO F 760 -33.84 -20.27 3.08
C PRO F 760 -32.87 -21.32 2.59
N GLU F 761 -32.15 -21.02 1.53
CA GLU F 761 -31.19 -21.98 1.03
C GLU F 761 -30.01 -22.08 1.99
N PHE F 762 -29.66 -20.95 2.62
CA PHE F 762 -28.58 -20.95 3.59
C PHE F 762 -28.97 -21.91 4.68
N LEU F 763 -30.19 -21.72 5.14
CA LEU F 763 -30.75 -22.51 6.21
C LEU F 763 -30.87 -23.97 5.85
N ASN F 764 -31.11 -24.27 4.58
CA ASN F 764 -31.25 -25.64 4.12
C ASN F 764 -29.93 -26.39 4.12
N ARG F 765 -28.82 -25.69 4.37
CA ARG F 765 -27.53 -26.35 4.43
C ARG F 765 -27.17 -26.59 5.90
N ILE F 766 -28.05 -26.20 6.81
CA ILE F 766 -27.82 -26.43 8.22
C ILE F 766 -28.38 -27.82 8.49
N SER F 767 -27.63 -28.67 9.20
CA SER F 767 -28.06 -30.04 9.44
C SER F 767 -29.39 -30.03 10.17
N SER F 768 -29.51 -29.15 11.15
CA SER F 768 -30.78 -28.98 11.86
C SER F 768 -30.87 -27.67 12.62
N ILE F 769 -32.08 -27.16 12.70
CA ILE F 769 -32.36 -26.01 13.52
C ILE F 769 -32.93 -26.53 14.82
N VAL F 770 -32.34 -26.09 15.91
CA VAL F 770 -32.65 -26.57 17.24
C VAL F 770 -33.26 -25.49 18.10
N ILE F 771 -34.41 -25.79 18.69
CA ILE F 771 -35.05 -24.85 19.58
C ILE F 771 -34.98 -25.30 21.02
N PHE F 772 -34.41 -24.43 21.83
CA PHE F 772 -34.20 -24.63 23.25
C PHE F 772 -35.45 -24.31 24.04
N ASN F 773 -35.59 -25.00 25.15
CA ASN F 773 -36.72 -24.89 26.04
C ASN F 773 -36.51 -23.88 27.15
N LYS F 774 -37.59 -23.51 27.83
CA LYS F 774 -37.41 -22.64 28.97
C LYS F 774 -36.54 -23.42 29.93
N LEU F 775 -35.50 -22.83 30.46
CA LEU F 775 -34.75 -23.62 31.40
C LEU F 775 -35.67 -23.86 32.59
N SER F 776 -36.01 -25.13 32.83
CA SER F 776 -36.94 -25.48 33.91
C SER F 776 -36.36 -25.26 35.26
N ARG F 777 -37.20 -24.89 36.20
CA ARG F 777 -36.75 -24.74 37.56
C ARG F 777 -36.23 -26.05 38.14
N LYS F 778 -36.71 -27.19 37.64
CA LYS F 778 -36.22 -28.45 38.21
C LYS F 778 -34.76 -28.64 37.82
N ALA F 779 -34.36 -28.01 36.72
CA ALA F 779 -33.01 -28.10 36.20
C ALA F 779 -32.15 -27.11 36.92
N ILE F 780 -32.69 -25.93 37.10
CA ILE F 780 -31.95 -24.84 37.70
C ILE F 780 -31.57 -25.23 39.10
N HIS F 781 -32.49 -25.91 39.78
CA HIS F 781 -32.32 -26.37 41.15
C HIS F 781 -31.08 -27.26 41.30
N LYS F 782 -30.58 -27.82 40.21
CA LYS F 782 -29.38 -28.64 40.21
C LYS F 782 -28.19 -27.83 39.63
N ILE F 783 -28.48 -26.97 38.66
CA ILE F 783 -27.47 -26.17 37.98
C ILE F 783 -26.74 -25.29 38.94
N VAL F 784 -27.46 -24.71 39.85
CA VAL F 784 -26.83 -23.85 40.80
C VAL F 784 -25.82 -24.55 41.69
N ASP F 785 -25.94 -25.86 41.87
CA ASP F 785 -24.97 -26.53 42.70
C ASP F 785 -23.71 -26.64 41.91
N ILE F 786 -23.89 -26.89 40.62
CA ILE F 786 -22.73 -27.03 39.76
C ILE F 786 -22.02 -25.71 39.74
N ARG F 787 -22.78 -24.65 39.52
CA ARG F 787 -22.18 -23.35 39.43
C ARG F 787 -21.51 -22.97 40.72
N LEU F 788 -22.17 -23.17 41.85
CA LEU F 788 -21.57 -22.77 43.09
C LEU F 788 -20.30 -23.53 43.38
N LYS F 789 -20.27 -24.80 43.05
CA LYS F 789 -19.07 -25.56 43.25
C LYS F 789 -17.95 -24.95 42.40
N GLU F 790 -18.21 -24.72 41.11
CA GLU F 790 -17.18 -24.19 40.23
C GLU F 790 -16.77 -22.77 40.60
N ILE F 791 -17.73 -21.98 41.04
CA ILE F 791 -17.44 -20.62 41.40
C ILE F 791 -16.44 -20.63 42.52
N GLU F 792 -16.66 -21.46 43.52
CA GLU F 792 -15.71 -21.49 44.60
C GLU F 792 -14.38 -22.07 44.20
N GLU F 793 -14.40 -23.16 43.45
CA GLU F 793 -13.16 -23.81 43.11
C GLU F 793 -12.24 -22.96 42.26
N ARG F 794 -12.81 -22.10 41.45
CA ARG F 794 -12.01 -21.28 40.57
C ARG F 794 -11.41 -20.07 41.26
N PHE F 795 -11.74 -19.82 42.54
CA PHE F 795 -11.21 -18.64 43.21
C PHE F 795 -9.83 -18.89 43.80
N GLU F 796 -8.85 -19.03 42.93
CA GLU F 796 -7.49 -19.35 43.33
C GLU F 796 -7.47 -20.54 44.26
N GLN F 797 -6.92 -20.36 45.46
CA GLN F 797 -6.79 -21.45 46.43
C GLN F 797 -7.85 -21.37 47.50
N ASN F 798 -8.18 -22.51 48.09
CA ASN F 798 -9.16 -22.52 49.17
C ASN F 798 -8.59 -22.08 50.52
N ASP F 799 -8.15 -20.82 50.55
CA ASP F 799 -7.61 -20.16 51.72
C ASP F 799 -8.75 -19.42 52.42
N LYS F 800 -9.84 -19.29 51.69
CA LYS F 800 -11.08 -18.67 52.12
C LYS F 800 -12.19 -19.58 51.66
N HIS F 801 -12.97 -19.13 50.68
CA HIS F 801 -14.08 -19.90 50.12
C HIS F 801 -15.11 -20.23 51.19
N TYR F 802 -16.09 -21.02 50.82
CA TYR F 802 -17.08 -21.46 51.80
C TYR F 802 -16.92 -22.94 52.02
N LYS F 803 -17.54 -23.41 53.11
CA LYS F 803 -17.72 -24.84 53.34
C LYS F 803 -18.77 -25.29 52.32
N LEU F 804 -19.53 -24.29 51.88
CA LEU F 804 -20.57 -24.27 50.88
C LEU F 804 -21.74 -25.15 51.22
N ASN F 805 -22.15 -25.12 52.49
CA ASN F 805 -23.31 -25.90 52.86
C ASN F 805 -24.57 -25.24 52.44
N LEU F 806 -24.92 -25.44 51.19
CA LEU F 806 -26.06 -24.81 50.61
C LEU F 806 -27.36 -25.28 51.26
N THR F 807 -27.27 -26.42 51.98
CA THR F 807 -28.40 -27.00 52.63
C THR F 807 -29.63 -26.91 51.74
N GLN F 808 -30.77 -27.20 52.30
CA GLN F 808 -31.98 -27.07 51.53
C GLN F 808 -32.27 -25.59 51.32
N GLU F 809 -31.98 -24.82 52.35
CA GLU F 809 -32.35 -23.42 52.39
C GLU F 809 -31.60 -22.50 51.45
N ALA F 810 -30.27 -22.58 51.31
CA ALA F 810 -29.65 -21.60 50.43
C ALA F 810 -30.11 -21.88 49.03
N LYS F 811 -30.21 -23.18 48.73
CA LYS F 811 -30.66 -23.58 47.42
C LYS F 811 -32.06 -23.02 47.14
N ASP F 812 -32.95 -23.13 48.12
CA ASP F 812 -34.30 -22.66 47.93
C ASP F 812 -34.42 -21.14 47.95
N PHE F 813 -33.63 -20.44 48.75
CA PHE F 813 -33.66 -18.99 48.70
C PHE F 813 -33.32 -18.57 47.29
N LEU F 814 -32.21 -19.12 46.79
CA LEU F 814 -31.73 -18.82 45.46
C LEU F 814 -32.86 -19.06 44.46
N ALA F 815 -33.61 -20.14 44.64
CA ALA F 815 -34.73 -20.41 43.75
C ALA F 815 -35.86 -19.42 43.82
N LYS F 816 -36.37 -19.21 45.03
CA LYS F 816 -37.51 -18.36 45.24
C LYS F 816 -37.25 -16.92 44.83
N TYR F 817 -36.02 -16.49 45.03
CA TYR F 817 -35.61 -15.15 44.73
C TYR F 817 -34.82 -15.01 43.42
N GLY F 818 -34.85 -16.01 42.55
CA GLY F 818 -34.04 -15.84 41.34
C GLY F 818 -34.28 -16.75 40.12
N TYR F 819 -35.02 -17.86 40.20
CA TYR F 819 -35.15 -18.70 38.98
C TYR F 819 -36.15 -18.13 37.96
N SER F 820 -35.79 -16.99 37.37
CA SER F 820 -36.66 -16.30 36.43
C SER F 820 -36.77 -16.99 35.10
N ASP F 821 -37.99 -17.09 34.66
CA ASP F 821 -38.38 -17.66 33.38
C ASP F 821 -37.75 -16.91 32.21
N ASP F 822 -37.41 -15.63 32.42
CA ASP F 822 -36.88 -14.80 31.36
C ASP F 822 -35.35 -14.59 31.38
N MET F 823 -34.64 -15.16 32.37
CA MET F 823 -33.19 -14.97 32.38
C MET F 823 -32.44 -16.27 32.67
N GLY F 824 -33.17 -17.33 32.95
CA GLY F 824 -32.58 -18.64 33.17
C GLY F 824 -31.58 -18.63 34.31
N ALA F 825 -30.35 -19.03 33.98
CA ALA F 825 -29.28 -19.10 34.97
C ALA F 825 -28.63 -17.73 35.27
N ARG F 826 -28.84 -16.75 34.42
CA ARG F 826 -28.15 -15.48 34.64
C ARG F 826 -28.48 -14.69 35.92
N PRO F 827 -29.73 -14.58 36.40
CA PRO F 827 -30.08 -13.82 37.57
C PRO F 827 -29.57 -14.51 38.81
N LEU F 828 -29.13 -15.75 38.67
CA LEU F 828 -28.66 -16.49 39.81
C LEU F 828 -27.25 -16.14 39.97
N ASN F 829 -26.55 -15.99 38.86
CA ASN F 829 -25.18 -15.55 38.98
C ASN F 829 -25.22 -14.25 39.79
N ARG F 830 -26.15 -13.36 39.38
CA ARG F 830 -26.30 -12.10 40.07
C ARG F 830 -26.72 -12.28 41.51
N LEU F 831 -27.72 -13.11 41.79
CA LEU F 831 -28.18 -13.30 43.16
C LEU F 831 -27.05 -13.74 44.04
N ILE F 832 -26.31 -14.71 43.57
CA ILE F 832 -25.23 -15.26 44.33
C ILE F 832 -24.26 -14.17 44.66
N GLN F 833 -23.91 -13.38 43.68
CA GLN F 833 -23.00 -12.31 43.97
C GLN F 833 -23.61 -11.30 44.92
N ASN F 834 -24.87 -10.96 44.70
CA ASN F 834 -25.59 -9.97 45.46
C ASN F 834 -25.71 -10.31 46.92
N GLU F 835 -25.82 -11.59 47.19
CA GLU F 835 -26.02 -12.02 48.55
C GLU F 835 -24.87 -12.84 49.07
N ILE F 836 -24.61 -13.95 48.41
CA ILE F 836 -23.67 -14.91 48.90
C ILE F 836 -22.26 -14.36 48.90
N LEU F 837 -21.84 -13.79 47.79
CA LEU F 837 -20.48 -13.31 47.76
C LEU F 837 -20.34 -11.97 48.42
N ASN F 838 -21.35 -11.11 48.32
CA ASN F 838 -21.21 -9.82 48.99
C ASN F 838 -21.05 -10.02 50.48
N LYS F 839 -21.83 -10.91 51.07
CA LYS F 839 -21.68 -11.08 52.49
C LYS F 839 -20.34 -11.70 52.79
N LEU F 840 -19.91 -12.63 51.95
CA LEU F 840 -18.63 -13.23 52.19
C LEU F 840 -17.57 -12.17 52.20
N ALA F 841 -17.58 -11.32 51.19
CA ALA F 841 -16.58 -10.28 51.08
C ALA F 841 -16.59 -9.46 52.33
N LEU F 842 -17.77 -9.15 52.84
CA LEU F 842 -17.81 -8.36 54.05
C LEU F 842 -17.22 -9.13 55.22
N ARG F 843 -17.48 -10.42 55.31
CA ARG F 843 -16.92 -11.14 56.44
C ARG F 843 -15.40 -11.23 56.29
N ILE F 844 -14.92 -11.29 55.05
CA ILE F 844 -13.50 -11.34 54.85
C ILE F 844 -12.86 -10.01 55.21
N LEU F 845 -13.43 -8.93 54.72
CA LEU F 845 -12.88 -7.60 54.96
C LEU F 845 -12.89 -7.24 56.42
N LYS F 846 -13.92 -7.67 57.12
CA LYS F 846 -14.03 -7.36 58.54
C LYS F 846 -13.19 -8.28 59.39
N ASN F 847 -12.43 -9.16 58.75
CA ASN F 847 -11.58 -10.12 59.42
C ASN F 847 -12.36 -11.05 60.32
N GLU F 848 -13.52 -11.49 59.83
CA GLU F 848 -14.38 -12.43 60.54
C GLU F 848 -14.10 -13.87 60.12
N ILE F 849 -13.32 -14.02 59.05
CA ILE F 849 -12.95 -15.32 58.48
C ILE F 849 -11.47 -15.56 58.35
N LYS F 850 -10.99 -16.66 58.89
CA LYS F 850 -9.59 -17.03 58.69
C LYS F 850 -9.49 -17.92 57.44
N ASP F 851 -10.46 -18.81 57.32
CA ASP F 851 -10.56 -19.82 56.25
C ASP F 851 -12.00 -20.35 56.21
N LYS F 852 -12.47 -20.81 55.03
CA LYS F 852 -13.82 -21.35 54.83
C LYS F 852 -14.91 -20.39 55.35
N GLU F 853 -16.18 -20.86 55.35
CA GLU F 853 -17.34 -20.10 55.89
C GLU F 853 -18.62 -20.95 55.86
N THR F 854 -19.53 -20.68 56.77
CA THR F 854 -20.81 -21.37 56.84
C THR F 854 -21.88 -20.72 55.97
N VAL F 855 -22.90 -21.51 55.62
CA VAL F 855 -23.98 -21.04 54.74
C VAL F 855 -25.40 -21.27 55.26
N ASN F 856 -26.29 -20.26 55.17
CA ASN F 856 -27.68 -20.44 55.59
C ASN F 856 -28.60 -19.28 55.15
N VAL F 857 -29.89 -19.41 55.50
CA VAL F 857 -30.95 -18.42 55.22
C VAL F 857 -31.76 -18.14 56.50
N VAL F 858 -31.92 -16.87 56.85
CA VAL F 858 -32.65 -16.50 58.06
C VAL F 858 -33.68 -15.42 57.82
N LEU F 859 -34.94 -15.71 58.10
CA LEU F 859 -36.00 -14.73 57.91
C LEU F 859 -36.41 -14.14 59.24
N GLU F 874 -34.80 -14.66 52.93
CA GLU F 874 -33.79 -13.70 53.34
C GLU F 874 -32.46 -14.40 53.58
N GLU F 875 -31.61 -14.40 52.55
CA GLU F 875 -30.32 -15.08 52.59
C GLU F 875 -29.56 -14.60 53.79
N CYS F 876 -28.90 -15.52 54.47
CA CYS F 876 -28.15 -15.16 55.64
C CYS F 876 -26.89 -15.93 55.78
N LEU F 877 -25.90 -15.49 55.06
CA LEU F 877 -24.63 -16.10 55.18
C LEU F 877 -24.22 -15.93 56.61
N GLU F 878 -23.82 -16.98 57.25
CA GLU F 878 -23.39 -16.86 58.63
C GLU F 878 -22.00 -16.33 58.72
N VAL F 879 -21.55 -16.14 59.94
CA VAL F 879 -20.22 -15.61 60.15
C VAL F 879 -19.32 -16.46 61.06
N LEU F 880 -18.08 -16.67 60.63
CA LEU F 880 -17.10 -17.40 61.43
C LEU F 880 -16.54 -16.57 62.58
N PRO F 881 -15.96 -17.22 63.60
CA PRO F 881 -15.22 -16.57 64.66
C PRO F 881 -14.14 -15.71 64.05
N ASN F 882 -13.83 -14.62 64.72
CA ASN F 882 -12.85 -13.65 64.24
C ASN F 882 -11.54 -14.26 63.76
N HIS F 883 -11.00 -13.66 62.70
CA HIS F 883 -9.76 -14.06 62.07
C HIS F 883 -8.64 -14.16 63.08
N GLU F 884 -7.89 -15.25 63.00
CA GLU F 884 -6.76 -15.50 63.88
C GLU F 884 -5.45 -15.12 63.21
N UNK G 1 38.85 -3.43 -1.92
CA UNK G 1 37.78 -2.81 -2.69
C UNK G 1 36.58 -2.53 -1.81
N UNK G 2 36.13 -1.28 -1.84
CA UNK G 2 34.96 -0.86 -1.08
C UNK G 2 33.69 -1.61 -1.46
N UNK G 3 33.63 -2.09 -2.69
CA UNK G 3 32.47 -2.83 -3.20
C UNK G 3 31.17 -2.06 -2.96
N UNK G 4 30.18 -2.68 -2.31
CA UNK G 4 28.89 -2.02 -2.10
C UNK G 4 28.33 -2.12 -0.70
N UNK G 5 28.03 -0.97 -0.13
CA UNK G 5 27.42 -0.88 1.18
C UNK G 5 26.34 0.19 1.11
N UNK G 6 26.43 1.28 1.89
CA UNK G 6 25.49 2.38 1.68
C UNK G 6 24.00 1.99 1.65
N UNK G 7 23.39 1.58 2.78
CA UNK G 7 22.03 1.08 2.88
C UNK G 7 20.98 2.03 2.32
N UNK G 8 19.97 1.43 1.68
CA UNK G 8 18.86 2.10 1.03
C UNK G 8 17.84 2.82 1.89
N UNK G 9 17.08 3.72 1.25
CA UNK G 9 15.99 4.45 1.89
C UNK G 9 14.73 4.50 0.98
N UNK G 10 13.90 3.43 1.02
CA UNK G 10 12.70 3.18 0.22
C UNK G 10 11.54 4.05 0.68
N UNK G 11 10.39 3.89 0.01
CA UNK G 11 9.17 4.63 0.32
C UNK G 11 8.01 3.70 0.67
N UNK G 12 6.91 4.25 1.20
CA UNK G 12 5.72 3.45 1.54
C UNK G 12 4.41 4.25 1.61
N UNK G 13 3.26 3.55 1.47
CA UNK G 13 1.93 4.16 1.60
C UNK G 13 0.82 3.12 1.81
N UNK G 14 -0.38 3.58 2.20
CA UNK G 14 -1.56 2.73 2.37
C UNK G 14 -2.80 3.31 1.67
N UNK G 15 -3.94 2.59 1.75
CA UNK G 15 -5.21 2.98 1.11
C UNK G 15 -6.20 3.78 1.97
N UNK G 16 -7.18 3.07 2.59
CA UNK G 16 -8.31 3.58 3.44
C UNK G 16 -9.72 3.60 2.78
N UNK G 17 -10.76 3.01 3.44
CA UNK G 17 -12.19 2.96 3.12
C UNK G 17 -12.97 4.17 3.60
N UNK G 18 -14.23 4.28 3.20
CA UNK G 18 -15.11 5.32 3.74
C UNK G 18 -16.60 5.14 3.40
N UNK G 19 -17.12 3.96 3.68
CA UNK G 19 -18.54 3.64 3.40
C UNK G 19 -19.49 4.46 4.26
N UNK G 20 -20.73 4.61 3.79
CA UNK G 20 -21.76 5.37 4.45
C UNK G 20 -22.99 4.63 4.87
N UNK G 21 -23.23 3.49 4.26
CA UNK G 21 -24.37 2.63 4.56
C UNK G 21 -25.75 3.18 4.20
N UNK G 22 -25.91 4.48 4.01
CA UNK G 22 -27.23 5.04 3.70
C UNK G 22 -28.22 4.80 4.83
N UNK G 23 -28.88 3.65 4.79
CA UNK G 23 -29.92 3.22 5.73
C UNK G 23 -31.01 4.25 5.95
N UNK G 24 -31.51 4.86 4.89
CA UNK G 24 -32.57 5.83 5.08
C UNK G 24 -33.88 5.12 5.42
N UNK G 25 -34.72 5.78 6.19
CA UNK G 25 -36.01 5.20 6.50
C UNK G 25 -37.04 5.70 5.52
N UNK G 26 -37.75 4.77 4.90
CA UNK G 26 -38.75 5.11 3.91
C UNK G 26 -39.82 4.04 3.90
N UNK G 27 -40.99 4.35 3.33
CA UNK G 27 -42.07 3.37 3.23
C UNK G 27 -42.37 2.79 4.61
N UNK G 28 -42.62 3.71 5.54
CA UNK G 28 -42.80 3.35 6.93
C UNK G 28 -43.81 4.27 7.59
PG AGS H . -2.11 -11.30 -23.88
S1G AGS H . -2.02 -13.15 -22.95
O2G AGS H . -0.99 -11.17 -25.08
O3G AGS H . -2.00 -10.13 -22.97
PB AGS H . -4.01 -10.39 -25.51
O1B AGS H . -2.71 -9.86 -25.98
O2B AGS H . -5.19 -9.56 -25.08
O3B AGS H . -3.63 -11.40 -24.35
PA AGS H . -5.11 -10.56 -27.84
O1A AGS H . -4.04 -9.56 -28.13
O2A AGS H . -6.49 -10.05 -27.59
O3A AGS H . -4.55 -11.37 -26.60
O5' AGS H . -5.09 -11.78 -28.88
C5' AGS H . -5.89 -12.96 -28.86
C4' AGS H . -5.00 -14.02 -29.53
O4' AGS H . -5.56 -14.56 -30.71
C3' AGS H . -3.67 -13.45 -29.93
O3' AGS H . -2.69 -14.39 -29.46
C2' AGS H . -3.71 -13.28 -31.44
O2' AGS H . -2.53 -13.76 -32.06
C1' AGS H . -4.81 -14.22 -31.88
N9 AGS H . -5.75 -13.54 -32.78
C8 AGS H . -6.91 -13.05 -32.34
N7 AGS H . -7.61 -12.47 -33.34
C5 AGS H . -6.89 -12.63 -34.45
C6 AGS H . -7.12 -12.24 -35.84
N6 AGS H . -8.25 -11.57 -36.09
N1 AGS H . -6.18 -12.56 -36.75
C2 AGS H . -5.06 -13.24 -36.37
N3 AGS H . -4.78 -13.62 -35.09
C4 AGS H . -5.65 -13.34 -34.10
PG AGS I . -40.70 -28.44 0.40
S1G AGS I . -41.31 -30.38 0.68
O2G AGS I . -39.25 -28.33 -0.32
O3G AGS I . -40.73 -27.60 1.62
PB AGS I . -41.96 -28.44 -2.01
O1B AGS I . -40.82 -27.70 -2.67
O2B AGS I . -43.37 -28.39 -2.50
O3B AGS I . -41.95 -27.99 -0.49
PA AGS I . -41.22 -30.35 -3.52
O1A AGS I . -40.21 -29.28 -3.84
O2A AGS I . -42.46 -30.54 -4.35
O3A AGS I . -41.57 -29.96 -2.04
O5' AGS I . -40.49 -31.75 -3.26
C5' AGS I . -41.15 -32.99 -3.11
C4' AGS I . -40.08 -33.96 -2.65
O4' AGS I . -40.56 -35.30 -2.70
C3' AGS I . -38.88 -33.91 -3.56
O3' AGS I . -37.71 -33.95 -2.73
C2' AGS I . -39.05 -35.09 -4.52
O2' AGS I . -37.90 -35.91 -4.70
C1' AGS I . -40.07 -35.96 -3.87
N9 AGS I . -41.14 -36.22 -4.85
C8 AGS I . -42.44 -36.21 -4.56
N7 AGS I . -43.19 -36.48 -5.64
C5 AGS I . -42.36 -36.69 -6.66
C6 AGS I . -42.56 -37.03 -8.07
N6 AGS I . -43.82 -37.18 -8.51
N1 AGS I . -41.43 -37.17 -8.84
C2 AGS I . -40.21 -36.99 -8.31
N3 AGS I . -39.96 -36.66 -7.02
C4 AGS I . -41.00 -36.51 -6.15
PG AGS J . -4.49 20.12 -21.39
S1G AGS J . -5.63 19.34 -22.92
O2G AGS J . -3.09 20.76 -21.89
O3G AGS J . -4.28 19.22 -20.24
PB AGS J . -5.03 22.63 -21.31
O1B AGS J . -3.54 22.68 -21.09
O2B AGS J . -5.95 23.64 -20.70
O3B AGS J . -5.55 21.21 -20.95
PA AGS J . -3.89 23.00 -23.53
O1A AGS J . -3.19 21.67 -23.59
O2A AGS J . -3.29 24.21 -22.85
O3A AGS J . -5.25 22.66 -22.85
O5' AGS J . -4.51 23.45 -24.93
C5' AGS J . -5.84 23.17 -25.35
C4' AGS J . -5.68 22.55 -26.72
O4' AGS J . -6.06 23.36 -27.80
C3' AGS J . -4.24 22.22 -26.97
O3' AGS J . -4.29 21.00 -27.75
C2' AGS J . -3.69 23.44 -27.67
O2' AGS J . -2.79 23.11 -28.73
C1' AGS J . -4.91 24.06 -28.30
N9 AGS J . -5.09 25.45 -27.91
C8 AGS J . -5.77 25.85 -26.82
N7 AGS J . -5.78 27.19 -26.70
C5 AGS J . -5.13 27.66 -27.74
C6 AGS J . -4.81 29.02 -28.17
N6 AGS J . -5.25 30.02 -27.40
N1 AGS J . -4.13 29.16 -29.31
C2 AGS J . -3.71 28.08 -30.01
N3 AGS J . -3.96 26.81 -29.66
C4 AGS J . -4.65 26.54 -28.55
PG AGS K . -46.92 0.36 -22.66
S1G AGS K . -45.29 1.61 -22.36
O2G AGS K . -48.34 1.10 -22.42
O3G AGS K . -46.87 -0.92 -21.91
PB AGS K . -47.88 0.34 -25.06
O1B AGS K . -47.54 1.56 -25.86
O2B AGS K . -49.10 0.25 -24.25
O3B AGS K . -46.62 0.03 -24.19
PA AGS K . -47.34 -0.59 -27.43
O1A AGS K . -45.94 -1.11 -27.24
O2A AGS K . -47.56 0.82 -27.91
O3A AGS K . -48.04 -0.85 -26.05
O5' AGS K . -48.24 -1.54 -28.35
C5' AGS K . -47.63 -2.30 -29.40
C4' AGS K . -48.53 -3.49 -29.64
O4' AGS K . -49.93 -3.21 -29.57
C3' AGS K . -48.28 -3.93 -31.06
O3' AGS K . -47.12 -4.79 -31.07
C2' AGS K . -49.59 -4.53 -31.52
O2' AGS K . -49.74 -5.87 -31.09
C1' AGS K . -50.59 -3.68 -30.78
N9 AGS K . -51.00 -2.52 -31.59
C8 AGS K . -52.14 -1.84 -31.39
N7 AGS K . -52.29 -0.81 -32.25
C5 AGS K . -51.19 -0.77 -32.99
C6 AGS K . -50.77 0.10 -34.10
N6 AGS K . -51.55 1.15 -34.43
N1 AGS K . -49.59 -0.20 -34.66
C2 AGS K . -48.86 -1.26 -34.25
N3 AGS K . -49.20 -2.10 -33.25
C4 AGS K . -50.34 -1.91 -32.58
PG AGS L . 3.52 31.10 4.89
S1G AGS L . 2.00 31.03 3.50
O2G AGS L . 4.72 32.09 4.48
O3G AGS L . 4.05 29.79 5.31
PB AGS L . 3.44 32.71 6.93
O1B AGS L . 4.86 32.26 6.90
O2B AGS L . 2.70 33.01 8.20
O3B AGS L . 2.64 31.66 6.09
PA AGS L . 4.67 34.71 6.04
O1A AGS L . 5.56 33.68 5.38
O2A AGS L . 5.00 35.18 7.43
O3A AGS L . 3.30 33.97 6.05
O5' AGS L . 4.25 35.92 5.12
C5' AGS L . 4.01 37.25 5.56
C4' AGS L . 4.33 38.07 4.33
O4' AGS L . 4.07 39.45 4.46
C3' AGS L . 5.81 37.97 4.04
O3' AGS L . 5.92 37.80 2.62
C2' AGS L . 6.43 39.24 4.59
O2' AGS L . 7.37 39.81 3.69
C1' AGS L . 5.28 40.20 4.68
N9 AGS L . 5.18 40.79 6.01
C8 AGS L . 6.08 41.63 6.57
N7 AGS L . 5.71 42.00 7.80
C5 AGS L . 4.55 41.40 8.08
C6 AGS L . 3.63 41.41 9.22
N6 AGS L . 3.91 42.13 10.32
N1 AGS L . 2.52 40.64 9.11
C2 AGS L . 2.27 39.92 8.00
N3 AGS L . 3.06 39.88 6.91
C4 AGS L . 4.20 40.60 6.89
PG AGS M . -41.72 28.05 -14.36
S1G AGS M . -43.04 26.62 -15.06
O2G AGS M . -40.19 27.72 -14.76
O3G AGS M . -41.83 28.35 -12.92
PB AGS M . -41.29 30.41 -15.32
O1B AGS M . -40.23 30.17 -14.27
O2B AGS M . -41.98 31.74 -15.46
O3B AGS M . -42.36 29.29 -15.13
PA AGS M . -39.73 31.10 -17.30
O1A AGS M . -38.52 30.29 -17.73
O2A AGS M . -39.61 32.27 -16.34
O3A AGS M . -40.70 30.03 -16.72
O5' AGS M . -40.64 31.51 -18.56
C5' AGS M . -40.24 32.46 -19.54
C4' AGS M . -40.73 31.91 -20.88
O4' AGS M . -41.86 32.58 -21.40
C3' AGS M . -39.61 32.17 -21.85
O3' AGS M . -39.49 31.02 -22.69
C2' AGS M . -39.96 33.47 -22.54
O2' AGS M . -39.86 33.37 -23.95
C1' AGS M . -41.42 33.69 -22.21
N9 AGS M . -41.52 34.91 -21.38
C8 AGS M . -42.14 34.93 -20.20
N7 AGS M . -42.10 36.15 -19.64
C5 AGS M . -41.42 36.94 -20.46
C6 AGS M . -41.04 38.34 -20.39
N6 AGS M . -41.40 39.00 -19.28
N1 AGS M . -40.35 38.85 -21.43
C2 AGS M . -40.04 38.07 -22.50
N3 AGS M . -40.34 36.76 -22.61
C4 AGS M . -41.04 36.14 -21.64
PG AGS N . 10.21 12.21 27.19
S1G AGS N . 10.84 12.93 25.37
O2G AGS N . 10.79 10.74 27.53
O3G AGS N . 8.75 12.21 27.38
PB AGS N . 10.48 13.26 29.58
O1B AGS N . 11.46 12.29 30.16
O2B AGS N . 9.01 13.25 29.81
O3B AGS N . 10.83 13.39 28.05
PA AGS N . 11.07 14.39 31.67
O1A AGS N . 12.31 13.53 31.82
O2A AGS N . 9.76 13.89 32.21
O3A AGS N . 10.96 14.60 30.13
O5' AGS N . 11.21 15.94 31.98
C5' AGS N . 12.42 16.70 31.94
C4' AGS N . 12.02 17.90 32.78
O4' AGS N . 11.02 17.60 33.75
C3' AGS N . 13.22 18.42 33.51
O3' AGS N . 13.39 19.78 33.07
C2' AGS N . 12.94 18.24 34.98
O2' AGS N . 13.20 19.41 35.74
C1' AGS N . 11.45 18.04 35.05
N9 AGS N . 11.06 17.01 36.03
C8 AGS N . 9.92 16.34 35.93
N7 AGS N . 9.73 15.47 36.93
C5 AGS N . 10.77 15.57 37.74
C6 AGS N . 11.14 14.88 38.97
N6 AGS N . 10.30 13.96 39.48
N1 AGS N . 12.31 15.25 39.52
C2 AGS N . 13.10 16.19 38.95
N3 AGS N . 12.81 16.85 37.82
C4 AGS N . 11.67 16.60 37.16
PG AGS O . -31.01 33.98 13.54
S1G AGS O . -30.66 33.61 15.53
O2G AGS O . -31.51 32.65 12.78
O3G AGS O . -29.90 34.61 12.81
PB AGS O . -31.65 36.24 14.66
O1B AGS O . -30.43 35.78 15.35
O3B AGS O . -32.14 35.10 13.71
PA AGS O . -31.13 38.57 14.68
O1A AGS O . -29.75 38.45 15.30
O2A AGS O . -32.33 38.47 15.59
O3A AGS O . -31.21 37.38 13.71
O5' AGS O . -31.33 39.71 13.62
C5' AGS O . -30.30 40.64 13.33
C4' AGS O . -31.08 41.93 13.16
O4' AGS O . -31.49 42.55 14.36
C3' AGS O . -30.16 42.88 12.45
O3' AGS O . -30.65 42.99 11.12
C2' AGS O . -30.16 44.15 13.27
O2' AGS O . -30.39 45.32 12.51
C1' AGS O . -31.35 43.97 14.17
N9 AGS O . -31.11 44.65 15.44
C8 AGS O . -31.99 43.70 15.89
N7 AGS O . -32.35 43.64 17.17
C5 AGS O . -31.75 44.56 17.75
C6 AGS O . -31.70 45.03 19.15
N6 AGS O . -32.43 44.39 20.08
N1 AGS O . -30.90 46.08 19.39
C2 AGS O . -30.19 46.65 18.39
N3 AGS O . -30.22 46.24 17.11
C4 AGS O . -30.96 45.21 16.70
PG AGS P . 12.05 -15.63 22.20
S1G AGS P . 13.89 -16.16 23.00
O2G AGS P . 11.74 -16.38 20.79
O3G AGS P . 11.82 -14.19 22.05
PB AGS P . 11.54 -17.58 23.88
O1B AGS P . 12.68 -18.03 23.00
O2B AGS P . 10.27 -18.36 23.96
O3B AGS P . 11.16 -16.14 23.42
PA AGS P . 13.61 -17.95 25.40
O1A AGS P . 13.45 -19.22 24.60
O2A AGS P . 14.65 -16.91 25.06
O3A AGS P . 12.14 -17.38 25.32
O5' AGS P . 13.73 -18.25 26.97
C5' AGS P . 12.75 -17.94 27.96
C4' AGS P . 13.52 -17.96 29.27
O4' AGS P . 12.80 -18.55 30.35
C3' AGS P . 14.80 -18.77 29.12
O3' AGS P . 15.89 -17.86 29.33
C2' AGS P . 14.72 -19.92 30.11
O2' AGS P . 15.74 -19.85 31.10
C1' AGS P . 13.41 -19.75 30.82
N9 AGS P . 12.51 -20.89 30.56
C8 AGS P . 11.39 -20.80 29.82
N7 AGS P . 10.73 -21.99 29.76
C5 AGS P . 11.44 -22.87 30.46
C6 AGS P . 11.28 -24.30 30.77
N6 AGS P . 10.21 -24.95 30.29
N1 AGS P . 12.22 -24.88 31.55
C2 AGS P . 13.28 -24.16 31.99
N3 AGS P . 13.50 -22.86 31.75
C4 AGS P . 12.62 -22.15 31.00
PG AGS Q . -26.23 12.31 32.51
S1G AGS Q . -25.26 13.04 30.84
O2G AGS Q . -25.99 10.73 32.73
O3G AGS Q . -27.67 12.61 32.56
PB AGS Q . -26.02 13.05 35.00
O1B AGS Q . -25.34 11.84 35.56
O2B AGS Q . -27.49 13.34 35.10
O3B AGS Q . -25.49 13.24 33.55
PA AGS Q . -25.46 13.82 37.26
O1A AGS Q . -24.45 12.69 37.43
O2A AGS Q . -26.90 13.56 37.62
O3A AGS Q . -25.35 14.19 35.76
O5' AGS Q . -25.04 15.27 37.76
C5' AGS Q . -23.71 15.75 37.93
C4' AGS Q . -23.95 16.93 38.85
O4' AGS Q . -25.09 16.77 39.69
C3' AGS Q . -22.76 17.10 39.75
O3' AGS Q . -22.27 18.44 39.49
C2' AGS Q . -23.24 16.85 41.16
O2' AGS Q . -22.82 17.86 42.06
C1' AGS Q . -24.73 16.97 41.06
N9 AGS Q . -25.44 15.96 41.89
C8 AGS Q . -26.67 15.56 41.59
N7 AGS Q . -27.15 14.66 42.48
C5 AGS Q . -26.21 14.45 43.37
C6 AGS Q . -26.14 13.59 44.55
N6 AGS Q . -27.20 12.83 44.86
N1 AGS Q . -24.98 13.65 45.25
C2 AGS Q . -23.96 14.45 44.86
N3 AGS Q . -23.98 15.26 43.78
C4 AGS Q . -25.06 15.32 43.01
PG AGS R . 7.65 -27.88 -5.18
S1G AGS R . 8.35 -28.44 -3.33
O2G AGS R . 8.56 -28.42 -6.41
O3G AGS R . 7.35 -26.44 -5.33
PB AGS R . 6.02 -29.86 -5.94
O1B AGS R . 7.16 -29.99 -6.93
O2B AGS R . 4.61 -29.80 -6.38
O3B AGS R . 6.25 -28.62 -5.01
PA AGS R . 7.10 -32.14 -5.52
O1A AGS R . 8.39 -31.62 -4.92
O2A AGS R . 6.91 -32.32 -7.02
O3A AGS R . 6.04 -31.12 -5.01
O5' AGS R . 6.56 -33.44 -4.77
C5' AGS R . 5.94 -33.50 -3.48
C4' AGS R . 6.45 -34.81 -2.87
O4' AGS R . 5.56 -35.92 -2.99
C3' AGS R . 7.72 -35.23 -3.56
O3' AGS R . 8.66 -35.54 -2.51
C2' AGS R . 7.35 -36.40 -4.45
O2' AGS R . 8.33 -37.43 -4.48
C1' AGS R . 6.14 -36.97 -3.78
N9 AGS R . 5.11 -37.40 -4.75
C8 AGS R . 4.15 -36.56 -5.15
N7 AGS R . 3.33 -37.16 -6.03
C5 AGS R . 3.77 -38.40 -6.20
C6 AGS R . 3.28 -39.50 -7.02
N6 AGS R . 2.19 -39.27 -7.75
N1 AGS R . 3.96 -40.67 -6.96
C2 AGS R . 5.06 -40.77 -6.17
N3 AGS R . 5.56 -39.79 -5.39
C4 AGS R . 4.95 -38.58 -5.37
PG AGS S . -25.15 -14.95 25.11
S1G AGS S . -25.80 -13.05 25.58
O2G AGS S . -23.63 -14.99 24.57
O3G AGS S . -26.03 -15.72 24.20
PB AGS S . -26.48 -16.58 26.74
O1B AGS S . -26.92 -16.93 25.35
O2B AGS S . -27.43 -16.15 27.83
O3B AGS S . -25.34 -15.50 26.59
PA AGS S . -26.47 -19.03 27.73
O1A AGS S . -25.87 -20.14 26.89
O2A AGS S . -27.96 -18.83 27.74
O3A AGS S . -25.64 -17.77 27.32
O5' AGS S . -25.98 -19.12 29.25
C5' AGS S . -24.63 -19.40 29.63
C4' AGS S . -24.61 -19.25 31.14
O4' AGS S . -25.78 -19.72 31.81
C3' AGS S . -23.46 -20.09 31.66
O3' AGS S . -22.72 -19.27 32.61
C2' AGS S . -24.10 -21.35 32.21
O2' AGS S . -23.48 -21.84 33.40
C1' AGS S . -25.49 -20.93 32.56
N9 AGS S . -26.45 -21.98 32.18
C8 AGS S . -27.55 -21.74 31.44
N7 AGS S . -28.27 -22.85 31.22
C5 AGS S . -27.62 -23.86 31.79
C6 AGS S . -27.89 -25.29 31.89
N6 AGS S . -28.99 -25.80 31.29
N1 AGS S . -27.00 -26.03 32.59
C2 AGS S . -25.91 -25.46 33.16
N3 AGS S . -25.61 -24.16 33.10
C4 AGS S . -26.43 -23.30 32.43
#